data_8WG1
#
_entry.id   8WG1
#
_cell.length_a   290.693
_cell.length_b   102.708
_cell.length_c   104.529
_cell.angle_alpha   90.00
_cell.angle_beta   90.00
_cell.angle_gamma   90.00
#
_symmetry.space_group_name_H-M   'P 21 21 2'
#
loop_
_entity.id
_entity.type
_entity.pdbx_description
1 polymer 'Candidate alpha-glucosidase Glycoside hydrolase family 97'
2 branched alpha-D-glucopyranose-(1-6)-alpha-D-glucopyranose-(1-4)-beta-D-glucopyranose
3 non-polymer 'CALCIUM ION'
4 non-polymer 1,2-ETHANEDIOL
5 non-polymer 'MAGNESIUM ION'
6 water water
#
_entity_poly.entity_id   1
_entity_poly.type   'polypeptide(L)'
_entity_poly.pdbx_seq_one_letter_code
;SDLKSPDGNFLMHFSLEADGTPVYKLIYKGKDVIKASKLGFTLKNDNKSLLNDFKIEDTKTSSFDENWKPVWGEVSSIRN
NYNELAVSLSQKETDRKMIIRFRLFDDGLGFRYEFPQQNNLIYFTIKEERTQFAMAGDHTAYWIPGDYDTQEYNYSTSKL
SEIRGLMEKAYTKGNASQTSFSPTGVQTSLMMKSQDGLYINLHEAALINYSCMHLNLDDKNFVFESWLTPDSHGDKGKMQ
APCKTPWRTVIVSDDARNILASKLTYNLNEPSKIQETSWIKPTKYVGVWWEMISGKSTWSYTDEFPSVQLGVTDFSKAKP
NRKHGATTANVKRYIDFAAKNGFDAVLVEGWNEGWEDWIGHEKDYVFDFVTPYPDFDIKGLNEYAHAKKVKLIMHHETSG
AVRNYERHMDAAYKLMKQYGYDAVKSGYVGNILPLGETHYSQWTNNHYQYAIEKAADYQIMVNAHEAVRPTGIARTYPNL
IGNEAARGTQYQAFGNDRNNANHVTILPFTRLIGGPMDYTPGIFEMDVTNGSHVNATIANQLALYVTMYSPLQMAADFPE
NYERFADAFQFIKDVAVDWDDSRYLEAEPGQYITVARKAKGTDNWFLGNVNGETARVSNIDLGFLEKGKKYTAVIYADAK
DANYKTNTQAYTIRKVVVTSNSKLSQFSASGGGYAISFYPVADAA
;
_entity_poly.pdbx_strand_id   A,B,C,D
#
loop_
_chem_comp.id
_chem_comp.type
_chem_comp.name
_chem_comp.formula
BGC D-saccharide, beta linking beta-D-glucopyranose 'C6 H12 O6'
CA non-polymer 'CALCIUM ION' 'Ca 2'
EDO non-polymer 1,2-ETHANEDIOL 'C2 H6 O2'
GLC D-saccharide, alpha linking alpha-D-glucopyranose 'C6 H12 O6'
MG non-polymer 'MAGNESIUM ION' 'Mg 2'
#
# COMPACT_ATOMS: atom_id res chain seq x y z
N SER A 1 -3.18 -2.97 69.30
CA SER A 1 -1.75 -3.32 69.03
C SER A 1 -1.64 -4.46 67.99
N ASP A 2 -2.03 -5.72 68.29
CA ASP A 2 -1.76 -6.86 67.41
C ASP A 2 -3.05 -7.43 66.80
N LEU A 3 -3.01 -7.81 65.52
CA LEU A 3 -4.18 -8.40 64.86
C LEU A 3 -3.79 -9.69 64.10
N LYS A 4 -4.68 -10.67 64.14
CA LYS A 4 -4.39 -11.98 63.57
C LYS A 4 -5.54 -12.32 62.64
N SER A 5 -5.21 -12.99 61.53
CA SER A 5 -6.22 -13.64 60.70
C SER A 5 -7.00 -14.67 61.52
N PRO A 6 -8.23 -15.02 61.07
CA PRO A 6 -9.02 -16.05 61.74
C PRO A 6 -8.33 -17.42 61.83
N ASP A 7 -7.52 -17.76 60.81
CA ASP A 7 -6.73 -19.01 60.76
C ASP A 7 -5.34 -18.88 61.40
N GLY A 8 -4.94 -17.71 61.88
CA GLY A 8 -3.72 -17.59 62.66
C GLY A 8 -2.46 -17.44 61.81
N ASN A 9 -2.54 -17.52 60.49
CA ASN A 9 -1.32 -17.49 59.69
C ASN A 9 -0.77 -16.08 59.50
N PHE A 10 -1.63 -15.07 59.68
CA PHE A 10 -1.20 -13.69 59.61
C PHE A 10 -1.22 -12.99 60.97
N LEU A 11 -0.19 -12.18 61.21
CA LEU A 11 -0.11 -11.26 62.32
C LEU A 11 0.21 -9.88 61.74
N MET A 12 -0.57 -8.85 62.13
CA MET A 12 -0.25 -7.47 61.81
C MET A 12 -0.01 -6.75 63.11
N HIS A 13 1.22 -6.21 63.29
CA HIS A 13 1.56 -5.38 64.44
C HIS A 13 1.44 -3.91 64.04
N PHE A 14 0.70 -3.14 64.86
CA PHE A 14 0.57 -1.68 64.74
C PHE A 14 1.34 -0.99 65.86
N SER A 15 2.03 0.11 65.53
CA SER A 15 2.65 0.90 66.58
C SER A 15 2.93 2.33 66.13
N LEU A 16 3.45 3.13 67.08
CA LEU A 16 3.99 4.45 66.82
C LEU A 16 5.50 4.44 67.08
N GLU A 17 6.21 5.10 66.15
CA GLU A 17 7.61 5.40 66.29
C GLU A 17 7.73 6.50 67.34
N ALA A 18 8.99 6.70 67.76
CA ALA A 18 9.34 7.65 68.81
C ALA A 18 8.77 9.03 68.50
N ASP A 19 8.75 9.45 67.23
CA ASP A 19 8.26 10.77 66.81
C ASP A 19 6.74 10.77 66.51
N GLY A 20 6.00 9.74 66.93
CA GLY A 20 4.55 9.69 66.70
C GLY A 20 4.11 9.26 65.30
N THR A 21 5.04 8.77 64.47
CA THR A 21 4.68 8.30 63.15
C THR A 21 3.98 6.96 63.33
N PRO A 22 2.80 6.77 62.70
CA PRO A 22 2.14 5.47 62.71
C PRO A 22 2.71 4.54 61.63
N VAL A 23 2.89 3.28 62.05
CA VAL A 23 3.51 2.23 61.25
C VAL A 23 2.74 0.94 61.48
N TYR A 24 2.79 0.10 60.47
CA TYR A 24 2.28 -1.26 60.60
C TYR A 24 3.30 -2.21 59.98
N LYS A 25 3.11 -3.48 60.26
CA LYS A 25 4.00 -4.56 59.88
C LYS A 25 3.13 -5.80 59.69
N LEU A 26 3.43 -6.65 58.70
CA LEU A 26 2.64 -7.84 58.43
C LEU A 26 3.50 -9.07 58.28
N ILE A 27 3.09 -10.12 58.97
CA ILE A 27 3.85 -11.35 59.06
C ILE A 27 2.95 -12.49 58.64
N TYR A 28 3.47 -13.37 57.76
CA TYR A 28 2.73 -14.54 57.28
C TYR A 28 3.57 -15.78 57.55
N LYS A 29 2.98 -16.71 58.33
CA LYS A 29 3.66 -17.96 58.68
C LYS A 29 5.08 -17.66 59.19
N GLY A 30 5.16 -16.60 60.04
CA GLY A 30 6.38 -16.26 60.76
C GLY A 30 7.43 -15.60 59.87
N LYS A 31 7.03 -15.17 58.65
CA LYS A 31 7.92 -14.53 57.69
C LYS A 31 7.39 -13.11 57.43
N ASP A 32 8.28 -12.14 57.49
CA ASP A 32 7.94 -10.78 57.16
C ASP A 32 7.43 -10.70 55.72
N VAL A 33 6.30 -10.03 55.54
CA VAL A 33 5.74 -9.73 54.23
C VAL A 33 5.69 -8.23 54.03
N ILE A 34 5.09 -7.48 54.97
CA ILE A 34 5.23 -6.02 55.06
C ILE A 34 6.13 -5.67 56.23
N LYS A 35 7.33 -5.12 55.95
CA LYS A 35 8.17 -4.63 57.04
C LYS A 35 7.63 -3.29 57.53
N ALA A 36 8.13 -2.83 58.66
CA ALA A 36 7.67 -1.61 59.32
C ALA A 36 7.40 -0.58 58.24
N SER A 37 6.12 -0.20 58.08
CA SER A 37 5.71 0.68 57.01
C SER A 37 4.90 1.85 57.57
N LYS A 38 5.16 3.05 57.05
CA LYS A 38 4.60 4.27 57.61
C LYS A 38 3.26 4.58 56.99
N LEU A 39 2.45 5.32 57.74
CA LEU A 39 1.09 5.65 57.34
C LEU A 39 0.88 7.16 57.48
N GLY A 40 -0.06 7.69 56.71
CA GLY A 40 -0.51 9.06 56.89
C GLY A 40 -0.48 9.89 55.61
N PHE A 41 -0.62 11.22 55.79
CA PHE A 41 -0.76 12.14 54.67
C PHE A 41 0.06 13.43 54.81
N THR A 42 0.50 13.93 53.65
CA THR A 42 0.87 15.33 53.45
C THR A 42 -0.39 16.06 52.99
N LEU A 43 -0.79 17.09 53.76
CA LEU A 43 -1.84 18.01 53.36
C LEU A 43 -1.26 19.26 52.68
N LYS A 44 -2.00 19.81 51.72
CA LYS A 44 -1.67 21.08 51.08
C LYS A 44 -2.02 22.25 52.01
N ASN A 45 -1.18 23.29 52.05
CA ASN A 45 -1.44 24.53 52.77
C ASN A 45 -1.76 24.27 54.24
N ASP A 46 -0.88 23.52 54.92
CA ASP A 46 -1.19 23.17 56.31
C ASP A 46 0.00 23.30 57.26
N ASN A 47 -0.28 23.84 58.45
CA ASN A 47 0.72 24.03 59.49
C ASN A 47 1.47 22.73 59.75
N LYS A 48 0.80 21.57 59.68
CA LYS A 48 1.40 20.36 60.24
C LYS A 48 1.32 19.15 59.31
N SER A 49 0.21 18.88 58.63
CA SER A 49 0.16 17.59 57.95
C SER A 49 -0.03 16.45 58.96
N LEU A 50 -0.12 15.23 58.43
CA LEU A 50 -0.68 14.11 59.17
C LEU A 50 0.27 12.93 59.05
N LEU A 51 1.56 13.18 59.35
CA LEU A 51 2.62 12.20 59.17
C LEU A 51 3.06 11.61 60.51
N ASN A 52 2.74 12.31 61.61
CA ASN A 52 3.39 12.02 62.86
C ASN A 52 2.80 12.83 64.04
N ASP A 53 3.42 12.69 65.23
CA ASP A 53 2.95 13.31 66.46
C ASP A 53 1.52 12.83 66.79
N PHE A 54 1.22 11.58 66.48
CA PHE A 54 0.01 10.98 67.02
C PHE A 54 0.26 10.32 68.36
N LYS A 55 -0.84 10.01 69.02
CA LYS A 55 -0.88 9.11 70.15
C LYS A 55 -2.14 8.26 69.95
N ILE A 56 -2.17 7.12 70.63
CA ILE A 56 -3.30 6.22 70.50
C ILE A 56 -4.33 6.65 71.53
N GLU A 57 -5.54 6.93 71.07
CA GLU A 57 -6.59 7.42 71.93
C GLU A 57 -7.42 6.21 72.36
N ASP A 58 -7.65 5.28 71.42
CA ASP A 58 -8.46 4.10 71.69
C ASP A 58 -8.13 2.99 70.68
N THR A 59 -8.36 1.71 71.02
CA THR A 59 -8.47 0.64 70.02
C THR A 59 -9.73 -0.17 70.28
N LYS A 60 -10.38 -0.62 69.22
CA LYS A 60 -11.49 -1.58 69.28
C LYS A 60 -11.18 -2.76 68.35
N THR A 61 -11.36 -3.97 68.86
CA THR A 61 -11.31 -5.17 68.04
C THR A 61 -12.72 -5.69 67.83
N SER A 62 -12.92 -6.41 66.72
CA SER A 62 -14.13 -7.17 66.53
C SER A 62 -13.86 -8.29 65.51
N SER A 63 -14.88 -9.08 65.24
CA SER A 63 -14.85 -10.15 64.24
C SER A 63 -16.15 -10.15 63.47
N PHE A 64 -16.05 -10.63 62.22
CA PHE A 64 -17.20 -10.73 61.35
C PHE A 64 -17.03 -11.96 60.46
N ASP A 65 -18.18 -12.63 60.21
CA ASP A 65 -18.20 -13.85 59.44
C ASP A 65 -19.62 -14.13 58.97
N GLU A 66 -19.85 -13.80 57.69
CA GLU A 66 -21.11 -13.93 57.03
C GLU A 66 -20.81 -14.23 55.56
N ASN A 67 -21.80 -14.81 54.90
CA ASN A 67 -21.76 -15.14 53.48
C ASN A 67 -22.73 -14.19 52.82
N TRP A 68 -22.49 -13.94 51.54
CA TRP A 68 -23.35 -13.15 50.67
C TRP A 68 -23.28 -13.77 49.28
N LYS A 69 -24.42 -13.71 48.59
CA LYS A 69 -24.68 -14.32 47.29
C LYS A 69 -24.42 -13.21 46.27
N PRO A 70 -23.39 -13.27 45.41
CA PRO A 70 -23.21 -12.26 44.39
C PRO A 70 -24.30 -12.48 43.36
N VAL A 71 -24.52 -11.47 42.53
CA VAL A 71 -25.46 -11.58 41.44
C VAL A 71 -24.87 -12.48 40.35
N TRP A 72 -23.55 -12.24 40.13
CA TRP A 72 -22.74 -12.94 39.18
C TRP A 72 -21.33 -13.01 39.78
N GLY A 73 -20.61 -14.07 39.46
CA GLY A 73 -19.30 -14.33 39.99
C GLY A 73 -18.84 -15.74 39.67
N GLU A 74 -17.73 -16.08 40.35
CA GLU A 74 -17.05 -17.35 40.21
C GLU A 74 -17.67 -18.40 41.14
N VAL A 75 -18.45 -17.97 42.15
CA VAL A 75 -19.05 -18.84 43.13
C VAL A 75 -20.45 -18.28 43.43
N SER A 76 -21.28 -19.16 43.95
CA SER A 76 -22.65 -18.82 44.28
C SER A 76 -22.79 -18.15 45.64
N SER A 77 -21.74 -18.19 46.46
CA SER A 77 -21.75 -17.76 47.84
C SER A 77 -20.33 -17.39 48.23
N ILE A 78 -20.14 -16.17 48.74
CA ILE A 78 -18.82 -15.70 49.14
C ILE A 78 -18.73 -15.46 50.63
N ARG A 79 -17.60 -15.90 51.21
CA ARG A 79 -17.39 -15.83 52.63
C ARG A 79 -16.60 -14.58 53.01
N ASN A 80 -17.21 -13.75 53.86
CA ASN A 80 -16.61 -12.53 54.38
C ASN A 80 -16.29 -12.78 55.84
N ASN A 81 -14.98 -12.99 56.11
CA ASN A 81 -14.51 -13.46 57.38
C ASN A 81 -13.20 -12.75 57.73
N TYR A 82 -13.21 -11.92 58.77
CA TYR A 82 -12.00 -11.20 59.16
C TYR A 82 -12.04 -10.93 60.64
N ASN A 83 -10.85 -10.57 61.20
CA ASN A 83 -10.78 -9.84 62.45
C ASN A 83 -10.43 -8.38 62.17
N GLU A 84 -10.94 -7.48 63.02
CA GLU A 84 -10.86 -6.03 62.80
C GLU A 84 -10.16 -5.36 63.98
N LEU A 85 -9.22 -4.47 63.66
CA LEU A 85 -8.61 -3.65 64.68
C LEU A 85 -8.77 -2.20 64.26
N ALA A 86 -9.39 -1.38 65.08
CA ALA A 86 -9.68 -0.02 64.71
C ALA A 86 -8.97 0.90 65.71
N VAL A 87 -7.91 1.56 65.24
CA VAL A 87 -7.05 2.38 66.08
C VAL A 87 -7.45 3.85 65.91
N SER A 88 -7.91 4.48 66.99
CA SER A 88 -8.25 5.90 66.96
C SER A 88 -7.02 6.71 67.38
N LEU A 89 -6.50 7.53 66.45
CA LEU A 89 -5.40 8.40 66.75
C LEU A 89 -5.92 9.82 66.99
N SER A 90 -5.14 10.54 67.79
CA SER A 90 -5.30 11.97 68.03
C SER A 90 -3.91 12.60 67.88
N GLN A 91 -3.82 13.60 67.01
CA GLN A 91 -2.58 14.29 66.77
C GLN A 91 -2.40 15.37 67.84
N LYS A 92 -1.16 15.51 68.34
CA LYS A 92 -0.81 16.57 69.27
C LYS A 92 -0.82 17.92 68.55
N GLU A 93 -1.05 18.99 69.35
CA GLU A 93 -1.08 20.39 68.90
C GLU A 93 -2.39 20.66 68.15
N THR A 94 -2.82 19.79 67.24
CA THR A 94 -4.02 20.05 66.44
C THR A 94 -5.27 19.35 67.01
N ASP A 95 -5.09 18.43 67.96
CA ASP A 95 -6.16 17.56 68.43
C ASP A 95 -6.90 16.88 67.29
N ARG A 96 -6.26 16.69 66.12
CA ARG A 96 -6.94 16.07 65.00
C ARG A 96 -7.09 14.56 65.18
N LYS A 97 -8.22 14.05 64.66
CA LYS A 97 -8.59 12.65 64.81
C LYS A 97 -8.56 11.92 63.47
N MET A 98 -7.91 10.74 63.53
CA MET A 98 -7.72 9.87 62.38
C MET A 98 -7.72 8.44 62.89
N ILE A 99 -8.68 7.68 62.39
CA ILE A 99 -8.84 6.27 62.67
C ILE A 99 -8.13 5.49 61.55
N ILE A 100 -7.45 4.43 61.93
CA ILE A 100 -6.94 3.51 60.94
C ILE A 100 -7.53 2.14 61.24
N ARG A 101 -8.31 1.64 60.28
CA ARG A 101 -9.04 0.42 60.52
C ARG A 101 -8.41 -0.67 59.65
N PHE A 102 -8.06 -1.77 60.31
CA PHE A 102 -7.46 -2.90 59.64
C PHE A 102 -8.43 -4.06 59.72
N ARG A 103 -8.51 -4.80 58.63
CA ARG A 103 -9.17 -6.08 58.63
C ARG A 103 -8.25 -7.13 58.08
N LEU A 104 -8.14 -8.25 58.80
CA LEU A 104 -7.15 -9.26 58.50
C LEU A 104 -7.91 -10.55 58.23
N PHE A 105 -7.87 -10.96 56.97
CA PHE A 105 -8.56 -12.14 56.45
C PHE A 105 -7.54 -13.28 56.32
N ASP A 106 -7.99 -14.48 56.02
CA ASP A 106 -7.08 -15.60 55.77
C ASP A 106 -6.31 -15.40 54.46
N ASP A 107 -6.79 -14.50 53.58
CA ASP A 107 -6.14 -14.17 52.33
C ASP A 107 -5.22 -12.95 52.47
N GLY A 108 -5.27 -12.23 53.60
CA GLY A 108 -4.47 -11.04 53.77
C GLY A 108 -5.21 -9.86 54.44
N LEU A 109 -4.64 -8.68 54.23
CA LEU A 109 -4.85 -7.53 55.08
C LEU A 109 -5.47 -6.43 54.27
N GLY A 110 -6.40 -5.73 54.88
CA GLY A 110 -6.85 -4.50 54.28
C GLY A 110 -6.91 -3.44 55.35
N PHE A 111 -6.60 -2.21 54.95
CA PHE A 111 -6.71 -1.12 55.89
C PHE A 111 -7.09 0.15 55.18
N ARG A 112 -7.58 1.09 55.98
CA ARG A 112 -7.99 2.37 55.45
C ARG A 112 -8.03 3.38 56.58
N TYR A 113 -8.13 4.64 56.18
CA TYR A 113 -8.20 5.73 57.11
C TYR A 113 -9.60 6.32 57.14
N GLU A 114 -10.03 6.72 58.34
CA GLU A 114 -11.29 7.43 58.50
C GLU A 114 -11.01 8.71 59.26
N PHE A 115 -11.69 9.76 58.85
CA PHE A 115 -11.66 11.01 59.62
C PHE A 115 -13.06 11.24 60.15
N PRO A 116 -13.35 11.11 61.44
CA PRO A 116 -14.70 11.34 61.93
C PRO A 116 -14.98 12.85 61.94
N GLN A 117 -16.25 13.17 62.08
CA GLN A 117 -16.64 14.55 62.30
C GLN A 117 -15.86 15.18 63.44
N GLN A 118 -15.22 16.33 63.19
CA GLN A 118 -14.41 16.96 64.24
C GLN A 118 -14.26 18.46 64.07
N ASN A 119 -13.82 19.20 65.11
CA ASN A 119 -13.80 20.65 65.01
C ASN A 119 -12.56 21.24 64.36
N ASN A 120 -11.49 20.48 64.14
CA ASN A 120 -10.27 21.13 63.68
C ASN A 120 -9.72 20.46 62.43
N LEU A 121 -10.61 19.79 61.71
CA LEU A 121 -10.34 19.16 60.43
C LEU A 121 -11.68 19.02 59.72
N ILE A 122 -11.91 19.82 58.68
CA ILE A 122 -13.20 19.88 58.01
C ILE A 122 -12.91 19.74 56.53
N TYR A 123 -12.72 20.84 55.81
CA TYR A 123 -12.33 20.82 54.40
C TYR A 123 -10.82 20.83 54.38
N PHE A 124 -10.24 19.90 53.59
CA PHE A 124 -8.80 19.74 53.59
C PHE A 124 -8.44 19.02 52.31
N THR A 125 -7.19 19.27 51.90
CA THR A 125 -6.68 18.86 50.61
C THR A 125 -5.47 17.97 50.81
N ILE A 126 -5.56 16.74 50.28
CA ILE A 126 -4.45 15.81 50.26
C ILE A 126 -3.47 16.21 49.18
N LYS A 127 -2.21 16.49 49.61
CA LYS A 127 -1.14 16.74 48.66
C LYS A 127 -0.49 15.40 48.26
N GLU A 128 -0.25 14.50 49.22
CA GLU A 128 0.14 13.14 48.90
C GLU A 128 -0.35 12.23 50.02
N GLU A 129 -0.82 11.05 49.64
CA GLU A 129 -0.93 9.93 50.57
C GLU A 129 0.48 9.43 50.86
N ARG A 130 0.72 9.10 52.14
CA ARG A 130 2.00 8.58 52.62
C ARG A 130 1.75 7.24 53.32
N THR A 131 1.27 6.31 52.51
CA THR A 131 1.01 4.94 52.91
C THR A 131 2.10 4.04 52.30
N GLN A 132 2.81 3.27 53.14
CA GLN A 132 3.96 2.53 52.64
C GLN A 132 3.76 1.04 52.69
N PHE A 133 4.53 0.37 51.83
CA PHE A 133 4.61 -1.08 51.82
C PHE A 133 6.06 -1.47 51.59
N ALA A 134 6.75 -1.66 52.73
CA ALA A 134 8.16 -2.00 52.77
C ALA A 134 8.27 -3.52 52.55
N MET A 135 8.93 -3.91 51.45
CA MET A 135 9.11 -5.30 51.08
C MET A 135 10.26 -5.92 51.87
N ALA A 136 10.25 -7.27 51.95
CA ALA A 136 11.24 -7.99 52.71
C ALA A 136 12.50 -8.24 51.89
N GLY A 137 12.42 -8.05 50.57
CA GLY A 137 13.57 -8.29 49.70
C GLY A 137 13.27 -7.94 48.24
N ASP A 138 14.26 -8.17 47.38
CA ASP A 138 14.24 -7.78 45.98
C ASP A 138 13.41 -8.76 45.19
N HIS A 139 12.10 -8.65 45.36
CA HIS A 139 11.15 -9.63 44.85
C HIS A 139 11.03 -9.52 43.32
N THR A 140 10.49 -10.57 42.75
CA THR A 140 10.04 -10.54 41.37
C THR A 140 8.69 -9.83 41.38
N ALA A 141 8.46 -9.00 40.37
CA ALA A 141 7.20 -8.28 40.21
C ALA A 141 6.72 -8.38 38.76
N TYR A 142 5.40 -8.34 38.61
CA TYR A 142 4.69 -8.32 37.34
C TYR A 142 3.91 -7.02 37.28
N TRP A 143 4.40 -6.06 36.44
CA TRP A 143 4.05 -4.66 36.57
C TRP A 143 3.95 -3.91 35.25
N ILE A 144 3.25 -2.78 35.31
CA ILE A 144 3.10 -1.88 34.19
C ILE A 144 3.40 -0.51 34.71
N PRO A 145 3.92 0.38 33.84
CA PRO A 145 4.29 1.74 34.27
C PRO A 145 3.15 2.49 34.91
N GLY A 146 3.45 3.20 36.01
CA GLY A 146 2.53 4.15 36.63
C GLY A 146 2.13 5.22 35.64
N ASP A 147 0.80 5.39 35.48
CA ASP A 147 0.28 6.30 34.48
C ASP A 147 -1.04 6.89 34.98
N TYR A 148 -1.31 8.17 34.69
CA TYR A 148 -2.55 8.79 35.13
C TYR A 148 -3.68 8.64 34.08
N ASP A 149 -3.41 8.00 32.92
CA ASP A 149 -4.32 8.07 31.78
C ASP A 149 -4.51 6.77 31.02
N THR A 150 -3.58 5.81 31.13
CA THR A 150 -3.81 4.52 30.47
C THR A 150 -3.21 3.39 31.29
N GLN A 151 -3.83 2.20 31.16
CA GLN A 151 -3.24 0.98 31.69
C GLN A 151 -2.88 0.02 30.57
N GLU A 152 -2.83 0.53 29.34
CA GLU A 152 -2.78 -0.30 28.15
C GLU A 152 -1.38 -0.78 27.83
N TYR A 153 -0.64 -1.27 28.84
CA TYR A 153 0.72 -1.70 28.60
C TYR A 153 0.88 -3.21 28.72
N ASN A 154 1.88 -3.72 28.03
CA ASN A 154 2.41 -5.02 28.34
C ASN A 154 3.08 -5.01 29.72
N TYR A 155 2.79 -6.10 30.46
CA TYR A 155 3.43 -6.35 31.73
C TYR A 155 4.91 -6.63 31.46
N SER A 156 5.70 -6.35 32.50
CA SER A 156 7.10 -6.67 32.54
C SER A 156 7.28 -7.57 33.75
N THR A 157 8.09 -8.62 33.58
CA THR A 157 8.41 -9.48 34.69
C THR A 157 9.86 -9.15 35.08
N SER A 158 10.09 -8.64 36.29
CA SER A 158 11.48 -8.34 36.69
C SER A 158 11.57 -8.28 38.20
N LYS A 159 12.85 -8.17 38.66
CA LYS A 159 13.14 -7.85 40.04
C LYS A 159 12.80 -6.38 40.32
N LEU A 160 12.53 -6.06 41.59
CA LEU A 160 12.20 -4.70 41.96
C LEU A 160 13.34 -3.79 41.57
N SER A 161 14.59 -4.26 41.77
CA SER A 161 15.78 -3.45 41.50
C SER A 161 16.04 -3.25 40.00
N GLU A 162 15.25 -3.86 39.12
CA GLU A 162 15.47 -3.82 37.69
C GLU A 162 14.45 -2.89 37.01
N ILE A 163 13.48 -2.42 37.78
CA ILE A 163 12.39 -1.62 37.23
C ILE A 163 12.89 -0.28 36.68
N ARG A 164 13.83 0.37 37.36
CA ARG A 164 14.36 1.65 36.89
C ARG A 164 14.96 1.44 35.51
N GLY A 165 15.79 0.37 35.38
CA GLY A 165 16.44 0.07 34.11
C GLY A 165 15.45 -0.24 32.99
N LEU A 166 14.31 -0.84 33.30
CA LEU A 166 13.37 -1.34 32.31
C LEU A 166 12.28 -0.34 32.01
N MET A 167 12.22 0.78 32.76
CA MET A 167 11.16 1.76 32.58
C MET A 167 11.17 2.33 31.16
N GLU A 168 12.33 2.73 30.64
CA GLU A 168 12.38 3.28 29.29
C GLU A 168 11.72 2.35 28.26
N LYS A 169 12.04 1.05 28.23
CA LYS A 169 11.43 0.13 27.26
C LYS A 169 9.95 -0.18 27.56
N ALA A 170 9.60 -0.26 28.84
CA ALA A 170 8.27 -0.68 29.24
C ALA A 170 7.25 0.43 29.00
N TYR A 171 7.71 1.69 29.03
CA TYR A 171 6.83 2.81 28.79
C TYR A 171 6.65 3.02 27.29
N THR A 172 5.71 2.27 26.71
CA THR A 172 5.46 2.37 25.29
C THR A 172 4.54 3.55 24.98
N LYS A 173 4.93 4.23 23.88
CA LYS A 173 4.35 5.47 23.40
C LYS A 173 3.26 5.18 22.35
N GLY A 174 2.68 6.23 21.76
CA GLY A 174 1.69 6.11 20.68
C GLY A 174 0.24 6.09 21.18
N ASN A 175 0.04 6.22 22.50
CA ASN A 175 -1.29 6.22 23.09
C ASN A 175 -1.90 7.62 22.99
N ALA A 176 -3.20 7.66 22.70
CA ALA A 176 -3.95 8.89 22.59
C ALA A 176 -3.86 9.72 23.88
N SER A 177 -3.78 9.01 25.01
CA SER A 177 -3.71 9.62 26.31
C SER A 177 -2.90 8.71 27.21
N GLN A 178 -1.77 9.25 27.70
CA GLN A 178 -0.87 8.62 28.64
C GLN A 178 0.00 9.69 29.29
N THR A 179 0.28 9.52 30.59
CA THR A 179 1.11 10.44 31.35
C THR A 179 1.84 9.63 32.42
N SER A 180 3.19 9.67 32.37
CA SER A 180 4.09 9.09 33.38
C SER A 180 4.20 9.97 34.63
N PHE A 181 4.79 9.42 35.72
CA PHE A 181 5.09 10.27 36.86
C PHE A 181 6.45 10.03 37.52
N SER A 182 7.10 8.89 37.23
CA SER A 182 8.28 8.48 37.97
C SER A 182 9.01 7.37 37.23
N PRO A 183 10.36 7.40 37.32
CA PRO A 183 11.22 6.34 36.78
C PRO A 183 10.98 5.00 37.48
N THR A 184 10.38 5.03 38.68
CA THR A 184 10.10 3.81 39.43
C THR A 184 8.62 3.70 39.81
N GLY A 185 7.70 4.28 39.02
CA GLY A 185 6.30 4.24 39.37
C GLY A 185 5.59 3.11 38.63
N VAL A 186 4.77 2.34 39.36
CA VAL A 186 3.98 1.28 38.78
C VAL A 186 2.51 1.41 39.16
N GLN A 187 1.62 0.66 38.48
CA GLN A 187 0.22 0.61 38.85
C GLN A 187 -0.03 -0.54 39.82
N THR A 188 -1.20 -0.45 40.45
CA THR A 188 -1.87 -1.56 41.07
C THR A 188 -3.05 -1.94 40.20
N SER A 189 -3.45 -3.23 40.27
CA SER A 189 -2.92 -4.21 41.22
C SER A 189 -1.51 -4.63 40.82
N LEU A 190 -0.59 -4.64 41.80
CA LEU A 190 0.79 -5.06 41.56
C LEU A 190 0.99 -6.47 42.11
N MET A 191 1.50 -7.38 41.26
CA MET A 191 1.78 -8.75 41.66
C MET A 191 3.28 -8.97 41.86
N MET A 192 3.61 -9.67 42.96
CA MET A 192 4.99 -10.02 43.27
C MET A 192 5.09 -11.47 43.76
N LYS A 193 6.33 -11.94 43.71
CA LYS A 193 6.76 -13.24 44.17
C LYS A 193 8.14 -13.10 44.82
N SER A 194 8.26 -13.54 46.08
CA SER A 194 9.53 -13.41 46.78
C SER A 194 10.45 -14.58 46.44
N GLN A 195 11.73 -14.42 46.81
CA GLN A 195 12.78 -15.40 46.60
C GLN A 195 12.45 -16.69 47.34
N ASP A 196 11.77 -16.59 48.48
CA ASP A 196 11.34 -17.71 49.32
C ASP A 196 9.88 -18.15 49.01
N GLY A 197 9.32 -17.76 47.84
CA GLY A 197 8.09 -18.39 47.37
C GLY A 197 6.76 -17.76 47.84
N LEU A 198 6.73 -16.52 48.36
CA LEU A 198 5.47 -15.89 48.74
C LEU A 198 4.94 -15.10 47.55
N TYR A 199 3.61 -15.21 47.33
CA TYR A 199 2.91 -14.42 46.32
C TYR A 199 2.23 -13.25 47.04
N ILE A 200 2.60 -12.04 46.65
CA ILE A 200 2.24 -10.81 47.35
C ILE A 200 1.59 -9.86 46.34
N ASN A 201 0.36 -9.43 46.64
CA ASN A 201 -0.37 -8.53 45.78
C ASN A 201 -0.69 -7.25 46.52
N LEU A 202 -0.48 -6.11 45.85
CA LEU A 202 -0.73 -4.81 46.52
C LEU A 202 -1.75 -4.07 45.67
N HIS A 203 -2.88 -3.71 46.28
CA HIS A 203 -3.98 -3.13 45.53
C HIS A 203 -4.78 -2.19 46.44
N GLU A 204 -5.99 -1.83 46.03
CA GLU A 204 -6.93 -1.15 46.89
C GLU A 204 -8.34 -1.66 46.61
N ALA A 205 -9.29 -1.29 47.47
CA ALA A 205 -10.67 -1.68 47.30
C ALA A 205 -11.57 -0.50 47.65
N ALA A 206 -12.73 -0.40 46.97
CA ALA A 206 -13.76 0.59 47.23
C ALA A 206 -13.25 2.01 46.89
N LEU A 207 -12.78 2.18 45.64
CA LEU A 207 -12.21 3.44 45.20
C LEU A 207 -13.35 4.41 44.93
N ILE A 208 -13.75 5.20 45.93
CA ILE A 208 -14.89 6.06 45.79
C ILE A 208 -14.59 7.41 46.40
N ASN A 209 -14.92 8.49 45.69
CA ASN A 209 -14.71 9.85 46.17
CA ASN A 209 -14.71 9.84 46.17
C ASN A 209 -13.24 10.00 46.54
N TYR A 210 -12.34 9.46 45.69
CA TYR A 210 -10.92 9.55 46.00
C TYR A 210 -10.10 9.42 44.72
N SER A 211 -8.79 9.77 44.80
CA SER A 211 -7.91 9.58 43.66
C SER A 211 -7.42 8.12 43.57
N CYS A 212 -7.15 7.67 42.34
CA CYS A 212 -6.60 6.34 42.14
C CYS A 212 -5.20 6.27 42.71
N MET A 213 -4.91 5.19 43.46
CA MET A 213 -3.57 4.92 43.99
C MET A 213 -2.68 4.18 42.98
N HIS A 214 -1.50 4.75 42.76
CA HIS A 214 -0.36 4.09 42.11
C HIS A 214 0.70 3.88 43.19
N LEU A 215 1.77 3.15 42.84
CA LEU A 215 2.87 2.97 43.76
C LEU A 215 4.16 3.54 43.19
N ASN A 216 4.95 4.13 44.06
CA ASN A 216 6.26 4.64 43.70
C ASN A 216 7.27 3.86 44.49
N LEU A 217 8.17 3.19 43.78
CA LEU A 217 9.13 2.34 44.46
C LEU A 217 10.36 3.16 44.79
N ASP A 218 10.76 3.15 46.06
CA ASP A 218 12.13 3.47 46.48
C ASP A 218 12.94 2.18 46.28
N ASP A 219 13.76 2.17 45.22
CA ASP A 219 14.41 0.93 44.76
C ASP A 219 15.73 0.75 45.47
N LYS A 220 16.00 1.59 46.47
CA LYS A 220 17.17 1.39 47.31
C LYS A 220 16.75 0.49 48.47
N ASN A 221 15.65 0.83 49.18
CA ASN A 221 15.26 0.12 50.40
C ASN A 221 14.02 -0.74 50.13
N PHE A 222 13.53 -0.75 48.89
CA PHE A 222 12.44 -1.62 48.48
C PHE A 222 11.21 -1.26 49.31
N VAL A 223 10.89 0.03 49.30
CA VAL A 223 9.64 0.53 49.89
C VAL A 223 8.76 1.09 48.77
N PHE A 224 7.57 0.53 48.58
CA PHE A 224 6.54 1.15 47.75
C PHE A 224 5.72 2.15 48.54
N GLU A 225 5.49 3.32 47.97
CA GLU A 225 4.71 4.35 48.63
C GLU A 225 3.52 4.78 47.77
N SER A 226 2.35 4.91 48.40
CA SER A 226 1.16 5.40 47.71
C SER A 226 1.50 6.71 46.97
N TRP A 227 1.07 6.80 45.72
CA TRP A 227 1.24 7.96 44.86
C TRP A 227 -0.08 8.09 44.09
N LEU A 228 -0.85 9.15 44.44
CA LEU A 228 -2.20 9.30 43.97
C LEU A 228 -2.18 10.09 42.67
N THR A 229 -3.30 10.07 41.97
CA THR A 229 -3.42 10.66 40.66
C THR A 229 -3.83 12.12 40.78
N PRO A 230 -3.01 13.10 40.32
CA PRO A 230 -3.38 14.51 40.41
C PRO A 230 -4.59 14.77 39.51
N ASP A 231 -5.40 15.78 39.90
CA ASP A 231 -6.52 16.29 39.16
C ASP A 231 -6.04 17.46 38.31
N SER A 232 -7.00 18.17 37.72
CA SER A 232 -6.64 19.23 36.77
C SER A 232 -5.90 20.37 37.47
N HIS A 233 -5.94 20.45 38.81
CA HIS A 233 -5.29 21.53 39.54
C HIS A 233 -4.05 21.00 40.27
N GLY A 234 -3.67 19.72 40.04
CA GLY A 234 -2.54 19.12 40.69
C GLY A 234 -2.86 18.60 42.09
N ASP A 235 -4.16 18.48 42.42
CA ASP A 235 -4.53 18.05 43.76
C ASP A 235 -4.76 16.55 43.80
N LYS A 236 -4.61 15.93 44.98
CA LYS A 236 -4.77 14.47 45.10
C LYS A 236 -5.86 14.06 46.12
N GLY A 237 -6.93 14.85 46.18
CA GLY A 237 -8.03 14.60 47.09
C GLY A 237 -8.49 15.92 47.74
N LYS A 238 -9.66 16.40 47.32
CA LYS A 238 -10.46 17.38 48.02
C LYS A 238 -11.35 16.64 48.99
N MET A 239 -11.05 16.73 50.27
CA MET A 239 -11.72 15.95 51.27
C MET A 239 -12.58 16.85 52.15
N GLN A 240 -13.62 16.19 52.68
CA GLN A 240 -14.46 16.78 53.71
C GLN A 240 -14.71 15.76 54.82
N ALA A 241 -14.21 16.05 56.01
CA ALA A 241 -14.53 15.19 57.14
C ALA A 241 -16.00 15.33 57.50
N PRO A 242 -16.74 14.28 57.91
CA PRO A 242 -16.27 12.88 57.96
C PRO A 242 -16.14 12.26 56.60
N CYS A 243 -14.99 11.65 56.30
CA CYS A 243 -14.78 11.00 55.01
C CYS A 243 -13.93 9.77 55.30
N LYS A 244 -13.55 9.01 54.30
CA LYS A 244 -12.75 7.81 54.52
C LYS A 244 -12.09 7.44 53.21
N THR A 245 -10.87 6.95 53.31
CA THR A 245 -10.17 6.51 52.11
C THR A 245 -10.67 5.14 51.69
N PRO A 246 -10.33 4.68 50.47
CA PRO A 246 -10.46 3.28 50.09
C PRO A 246 -9.49 2.42 50.88
N TRP A 247 -9.81 1.14 50.91
CA TRP A 247 -8.92 0.18 51.56
C TRP A 247 -7.66 0.02 50.75
N ARG A 248 -6.52 -0.16 51.42
CA ARG A 248 -5.33 -0.65 50.76
C ARG A 248 -5.22 -2.14 51.07
N THR A 249 -4.87 -2.96 50.09
CA THR A 249 -4.91 -4.43 50.26
C THR A 249 -3.55 -5.06 50.02
N VAL A 250 -3.21 -5.97 50.92
CA VAL A 250 -2.06 -6.84 50.77
C VAL A 250 -2.53 -8.28 50.78
N ILE A 251 -2.56 -8.88 49.60
CA ILE A 251 -3.08 -10.23 49.47
C ILE A 251 -1.90 -11.18 49.34
N VAL A 252 -1.78 -12.14 50.27
CA VAL A 252 -0.63 -13.01 50.36
C VAL A 252 -1.01 -14.48 50.40
N SER A 253 -0.12 -15.32 49.85
CA SER A 253 -0.27 -16.75 49.95
C SER A 253 1.01 -17.41 49.51
N ASP A 254 1.30 -18.58 50.06
CA ASP A 254 2.37 -19.45 49.58
C ASP A 254 1.94 -20.25 48.37
N ASP A 255 0.64 -20.20 48.02
CA ASP A 255 0.13 -20.94 46.87
C ASP A 255 -0.50 -19.93 45.90
N ALA A 256 0.10 -19.75 44.70
CA ALA A 256 -0.37 -18.73 43.78
C ALA A 256 -1.85 -18.87 43.44
N ARG A 257 -2.38 -20.07 43.57
CA ARG A 257 -3.76 -20.27 43.15
C ARG A 257 -4.71 -19.47 44.03
N ASN A 258 -4.41 -19.36 45.33
CA ASN A 258 -5.29 -18.74 46.30
C ASN A 258 -5.41 -17.23 46.07
N ILE A 259 -4.41 -16.68 45.36
CA ILE A 259 -4.45 -15.28 45.03
C ILE A 259 -5.63 -15.09 44.06
N LEU A 260 -5.73 -15.97 43.08
CA LEU A 260 -6.80 -15.83 42.13
C LEU A 260 -8.18 -16.10 42.77
N ALA A 261 -8.24 -17.04 43.73
CA ALA A 261 -9.47 -17.48 44.41
C ALA A 261 -10.00 -16.40 45.36
N SER A 262 -9.13 -15.49 45.79
CA SER A 262 -9.47 -14.50 46.77
C SER A 262 -10.61 -13.60 46.35
N LYS A 263 -11.44 -13.29 47.35
CA LYS A 263 -12.59 -12.41 47.22
C LYS A 263 -12.44 -11.21 48.16
N LEU A 264 -11.21 -10.98 48.65
CA LEU A 264 -11.00 -10.02 49.70
C LEU A 264 -11.43 -8.65 49.24
N THR A 265 -11.04 -8.33 48.01
CA THR A 265 -11.37 -7.07 47.38
C THR A 265 -12.88 -6.85 47.35
N TYR A 266 -13.64 -7.79 46.81
CA TYR A 266 -15.10 -7.63 46.90
C TYR A 266 -15.53 -7.52 48.35
N ASN A 267 -14.90 -8.29 49.24
CA ASN A 267 -15.45 -8.35 50.60
C ASN A 267 -15.27 -7.02 51.32
N LEU A 268 -14.33 -6.17 50.83
CA LEU A 268 -14.09 -4.91 51.47
C LEU A 268 -15.04 -3.84 50.94
N ASN A 269 -15.80 -4.16 49.89
CA ASN A 269 -16.79 -3.23 49.37
C ASN A 269 -18.11 -3.45 50.08
N GLU A 270 -18.90 -2.39 50.26
CA GLU A 270 -20.21 -2.42 50.86
C GLU A 270 -21.20 -3.28 50.07
N PRO A 271 -22.22 -3.88 50.74
CA PRO A 271 -23.22 -4.75 50.09
C PRO A 271 -23.96 -4.13 48.92
N SER A 272 -24.39 -4.96 47.96
CA SER A 272 -25.22 -4.46 46.87
C SER A 272 -26.17 -3.36 47.39
N LYS A 273 -26.25 -2.23 46.66
CA LYS A 273 -27.29 -1.24 46.90
C LYS A 273 -28.37 -1.35 45.80
N ILE A 274 -28.31 -2.37 44.96
CA ILE A 274 -29.42 -2.62 44.05
C ILE A 274 -30.23 -3.75 44.65
N GLN A 275 -31.49 -3.45 44.98
CA GLN A 275 -32.34 -4.35 45.75
C GLN A 275 -32.79 -5.51 44.83
N GLU A 276 -33.19 -5.18 43.59
CA GLU A 276 -33.76 -6.15 42.66
C GLU A 276 -32.77 -6.31 41.51
N THR A 277 -32.20 -7.54 41.35
CA THR A 277 -31.01 -7.73 40.55
C THR A 277 -31.21 -8.69 39.36
N SER A 278 -32.43 -9.21 39.16
CA SER A 278 -32.70 -10.17 38.09
C SER A 278 -32.56 -9.56 36.71
N TRP A 279 -32.60 -8.22 36.56
CA TRP A 279 -32.40 -7.61 35.26
C TRP A 279 -30.91 -7.59 34.86
N ILE A 280 -30.00 -7.77 35.85
CA ILE A 280 -28.57 -7.83 35.51
C ILE A 280 -28.24 -9.22 34.97
N LYS A 281 -27.62 -9.28 33.79
CA LYS A 281 -27.58 -10.52 33.05
C LYS A 281 -26.22 -10.73 32.45
N PRO A 282 -25.52 -11.80 32.93
CA PRO A 282 -24.29 -12.21 32.30
C PRO A 282 -24.57 -12.45 30.82
N THR A 283 -23.61 -12.06 29.99
CA THR A 283 -23.89 -11.87 28.56
C THR A 283 -22.72 -12.41 27.72
N LYS A 284 -23.04 -13.31 26.82
CA LYS A 284 -22.15 -13.70 25.75
C LYS A 284 -22.57 -12.98 24.45
N TYR A 285 -21.63 -12.36 23.74
CA TYR A 285 -21.93 -11.44 22.66
C TYR A 285 -20.87 -11.53 21.55
N VAL A 286 -21.32 -11.16 20.33
CA VAL A 286 -20.50 -10.79 19.21
C VAL A 286 -20.71 -9.30 18.93
N GLY A 287 -19.97 -8.75 17.97
CA GLY A 287 -20.25 -7.39 17.56
C GLY A 287 -19.52 -6.96 16.28
N VAL A 288 -20.09 -5.91 15.69
CA VAL A 288 -19.43 -5.08 14.68
C VAL A 288 -18.37 -4.27 15.37
N TRP A 289 -17.13 -4.72 15.26
CA TRP A 289 -16.15 -4.29 16.25
C TRP A 289 -14.72 -4.54 15.77
N TRP A 290 -14.37 -5.81 15.69
CA TRP A 290 -13.03 -6.23 15.26
C TRP A 290 -12.80 -5.75 13.82
N GLU A 291 -13.88 -5.65 13.04
CA GLU A 291 -13.78 -5.08 11.72
C GLU A 291 -12.97 -3.78 11.77
N MET A 292 -13.32 -2.89 12.70
CA MET A 292 -12.73 -1.56 12.74
C MET A 292 -11.34 -1.65 13.40
N ILE A 293 -11.29 -2.41 14.47
CA ILE A 293 -10.06 -2.57 15.22
C ILE A 293 -8.96 -3.20 14.37
N SER A 294 -9.31 -4.15 13.50
CA SER A 294 -8.32 -4.89 12.74
C SER A 294 -8.13 -4.34 11.33
N GLY A 295 -8.73 -3.18 11.02
CA GLY A 295 -8.37 -2.44 9.80
C GLY A 295 -9.24 -2.79 8.58
N LYS A 296 -10.36 -3.46 8.76
CA LYS A 296 -11.24 -3.78 7.64
C LYS A 296 -12.31 -2.70 7.38
N SER A 297 -12.82 -2.06 8.43
CA SER A 297 -13.91 -1.08 8.34
C SER A 297 -13.62 0.18 9.12
N THR A 298 -14.49 1.19 8.94
CA THR A 298 -14.38 2.44 9.65
C THR A 298 -15.51 2.55 10.65
N TRP A 299 -15.29 3.33 11.69
CA TRP A 299 -16.40 3.77 12.53
C TRP A 299 -17.14 4.88 11.83
N SER A 300 -16.39 5.73 11.11
CA SER A 300 -16.94 6.87 10.39
C SER A 300 -17.88 6.44 9.26
N TYR A 301 -18.80 7.34 8.88
CA TYR A 301 -19.69 7.11 7.75
C TYR A 301 -19.21 7.81 6.47
N THR A 302 -18.64 9.02 6.57
CA THR A 302 -18.22 9.75 5.39
C THR A 302 -16.82 10.31 5.59
N ASP A 303 -16.15 10.55 4.48
CA ASP A 303 -14.81 11.11 4.40
C ASP A 303 -14.95 12.43 3.67
N GLU A 304 -16.18 12.87 3.41
CA GLU A 304 -16.36 14.04 2.55
C GLU A 304 -15.76 15.32 3.16
N PHE A 305 -15.65 15.43 4.50
CA PHE A 305 -15.45 16.73 5.13
C PHE A 305 -14.16 16.84 5.96
N PRO A 306 -13.56 18.04 6.14
CA PRO A 306 -12.39 18.19 7.04
C PRO A 306 -12.70 17.85 8.50
N SER A 307 -13.94 18.14 8.90
CA SER A 307 -14.37 17.94 10.27
C SER A 307 -15.88 17.86 10.21
N VAL A 308 -16.52 17.40 11.29
CA VAL A 308 -17.98 17.40 11.28
C VAL A 308 -18.50 18.28 12.42
N GLN A 309 -19.71 18.78 12.25
CA GLN A 309 -20.36 19.51 13.34
C GLN A 309 -21.78 18.99 13.51
N LEU A 310 -22.04 18.35 14.63
CA LEU A 310 -23.35 17.77 14.82
C LEU A 310 -24.42 18.85 14.84
N GLY A 311 -25.53 18.55 14.17
CA GLY A 311 -26.58 19.50 13.95
C GLY A 311 -26.33 20.41 12.74
N VAL A 312 -25.12 20.45 12.16
CA VAL A 312 -24.81 21.24 10.98
C VAL A 312 -24.56 20.29 9.80
N THR A 313 -23.63 19.35 9.94
CA THR A 313 -23.35 18.38 8.89
C THR A 313 -24.64 17.58 8.61
N ASP A 314 -25.09 17.57 7.35
CA ASP A 314 -26.19 16.73 6.93
C ASP A 314 -25.64 15.40 6.42
N PHE A 315 -25.66 14.39 7.28
CA PHE A 315 -25.09 13.11 6.95
C PHE A 315 -25.95 12.39 5.92
N SER A 316 -27.27 12.62 5.96
CA SER A 316 -28.17 12.07 4.94
C SER A 316 -27.77 12.57 3.55
N LYS A 317 -26.96 13.61 3.41
CA LYS A 317 -26.58 14.07 2.08
C LYS A 317 -25.08 13.90 1.84
N ALA A 318 -24.36 13.43 2.83
CA ALA A 318 -22.93 13.23 2.69
C ALA A 318 -22.65 12.01 1.80
N LYS A 319 -21.47 12.02 1.17
CA LYS A 319 -20.97 10.88 0.41
C LYS A 319 -20.52 9.76 1.36
N PRO A 320 -21.19 8.60 1.35
CA PRO A 320 -20.73 7.45 2.15
C PRO A 320 -19.31 7.05 1.74
N ASN A 321 -18.51 6.65 2.72
CA ASN A 321 -17.17 6.19 2.38
C ASN A 321 -17.15 4.70 2.03
N ARG A 322 -18.29 4.02 2.13
CA ARG A 322 -18.42 2.64 1.65
C ARG A 322 -17.65 1.67 2.51
N LYS A 323 -17.02 2.10 3.62
CA LYS A 323 -16.20 1.24 4.45
C LYS A 323 -16.83 1.06 5.83
N HIS A 324 -17.94 1.74 6.05
CA HIS A 324 -18.50 1.92 7.38
C HIS A 324 -18.99 0.58 7.93
N GLY A 325 -18.62 0.25 9.14
CA GLY A 325 -18.98 -1.05 9.70
C GLY A 325 -20.47 -1.20 10.00
N ALA A 326 -21.07 -0.17 10.60
CA ALA A 326 -22.34 -0.42 11.27
C ALA A 326 -23.49 -0.14 10.32
N THR A 327 -23.58 -0.90 9.22
CA THR A 327 -24.71 -0.81 8.29
C THR A 327 -25.84 -1.69 8.82
N THR A 328 -27.07 -1.42 8.39
CA THR A 328 -28.21 -2.27 8.70
C THR A 328 -27.90 -3.69 8.24
N ALA A 329 -27.49 -3.80 6.98
CA ALA A 329 -27.19 -5.11 6.42
C ALA A 329 -26.17 -5.87 7.27
N ASN A 330 -25.08 -5.21 7.68
CA ASN A 330 -24.01 -5.90 8.39
C ASN A 330 -24.43 -6.21 9.83
N VAL A 331 -25.04 -5.25 10.50
CA VAL A 331 -25.54 -5.53 11.83
C VAL A 331 -26.46 -6.76 11.79
N LYS A 332 -27.31 -6.90 10.74
CA LYS A 332 -28.16 -8.09 10.58
C LYS A 332 -27.34 -9.39 10.47
N ARG A 333 -26.24 -9.40 9.73
CA ARG A 333 -25.40 -10.58 9.65
C ARG A 333 -24.96 -11.01 11.07
N TYR A 334 -24.68 -10.07 11.98
CA TYR A 334 -24.17 -10.48 13.28
C TYR A 334 -25.29 -10.96 14.22
N ILE A 335 -26.46 -10.35 14.10
CA ILE A 335 -27.67 -10.83 14.75
C ILE A 335 -27.96 -12.25 14.34
N ASP A 336 -28.01 -12.50 13.04
CA ASP A 336 -28.26 -13.84 12.47
C ASP A 336 -27.32 -14.87 13.08
N PHE A 337 -26.05 -14.47 13.22
CA PHE A 337 -25.01 -15.34 13.69
C PHE A 337 -25.14 -15.59 15.19
N ALA A 338 -25.47 -14.52 15.94
CA ALA A 338 -25.69 -14.65 17.37
C ALA A 338 -26.88 -15.57 17.67
N ALA A 339 -28.00 -15.37 16.99
CA ALA A 339 -29.22 -16.10 17.27
C ALA A 339 -29.01 -17.58 16.97
N LYS A 340 -28.39 -17.84 15.80
CA LYS A 340 -28.04 -19.19 15.38
C LYS A 340 -27.13 -19.86 16.41
N ASN A 341 -26.27 -19.12 17.15
CA ASN A 341 -25.26 -19.80 17.94
C ASN A 341 -25.54 -19.69 19.47
N GLY A 342 -26.75 -19.29 19.87
CA GLY A 342 -27.18 -19.18 21.26
C GLY A 342 -26.58 -17.97 22.00
N PHE A 343 -26.09 -16.97 21.29
CA PHE A 343 -25.51 -15.80 21.93
C PHE A 343 -26.59 -14.78 22.31
N ASP A 344 -26.30 -13.98 23.34
CA ASP A 344 -27.33 -13.12 23.95
C ASP A 344 -27.44 -11.79 23.23
N ALA A 345 -26.31 -11.28 22.76
CA ALA A 345 -26.29 -9.89 22.37
C ALA A 345 -25.24 -9.60 21.30
N VAL A 346 -25.36 -8.39 20.74
CA VAL A 346 -24.54 -7.90 19.64
C VAL A 346 -24.14 -6.45 19.93
N LEU A 347 -22.83 -6.21 20.17
CA LEU A 347 -22.30 -4.86 20.20
C LEU A 347 -22.24 -4.31 18.78
N VAL A 348 -22.64 -3.03 18.62
CA VAL A 348 -22.36 -2.27 17.41
C VAL A 348 -21.66 -0.97 17.78
N GLU A 349 -20.51 -0.73 17.16
CA GLU A 349 -19.81 0.53 17.29
C GLU A 349 -19.86 1.23 15.95
N GLY A 350 -19.88 2.58 16.03
CA GLY A 350 -19.96 3.46 14.88
C GLY A 350 -21.40 3.60 14.37
N TRP A 351 -22.39 3.42 15.24
CA TRP A 351 -23.79 3.52 14.84
C TRP A 351 -24.22 4.98 14.79
N ASN A 352 -23.54 5.87 15.55
CA ASN A 352 -24.03 7.23 15.80
C ASN A 352 -23.20 8.33 15.12
N GLU A 353 -23.83 9.45 14.77
CA GLU A 353 -23.14 10.56 14.14
C GLU A 353 -21.95 10.99 14.98
N GLY A 354 -20.80 11.32 14.35
CA GLY A 354 -19.69 11.94 15.06
C GLY A 354 -18.34 11.23 14.86
N TRP A 355 -18.41 9.96 14.43
CA TRP A 355 -17.23 9.12 14.41
C TRP A 355 -16.13 9.64 13.49
N GLU A 356 -16.40 10.56 12.55
CA GLU A 356 -15.33 11.11 11.70
C GLU A 356 -14.19 11.77 12.54
N ASP A 357 -14.53 12.20 13.78
CA ASP A 357 -13.68 13.10 14.55
C ASP A 357 -13.43 12.51 15.93
N TRP A 358 -13.49 11.19 16.08
CA TRP A 358 -13.59 10.59 17.42
C TRP A 358 -12.27 10.57 18.17
N ILE A 359 -11.13 10.75 17.46
CA ILE A 359 -9.84 10.51 18.11
C ILE A 359 -8.86 11.65 17.81
N GLY A 360 -8.15 12.08 18.88
CA GLY A 360 -7.02 13.00 18.74
C GLY A 360 -7.42 14.47 18.46
N HIS A 361 -8.71 14.83 18.54
CA HIS A 361 -9.09 16.19 18.18
C HIS A 361 -9.44 17.01 19.43
N GLU A 362 -9.55 16.33 20.59
CA GLU A 362 -9.84 16.96 21.87
C GLU A 362 -11.14 17.75 21.71
N LYS A 363 -12.15 17.11 21.09
CA LYS A 363 -13.38 17.81 20.76
C LYS A 363 -14.42 17.61 21.86
N ASP A 364 -15.10 18.71 22.23
CA ASP A 364 -16.13 18.70 23.26
C ASP A 364 -17.43 18.07 22.72
N TYR A 365 -18.02 18.70 21.69
CA TYR A 365 -19.36 18.30 21.24
C TYR A 365 -19.19 17.23 20.16
N VAL A 366 -18.69 16.08 20.60
CA VAL A 366 -18.16 15.07 19.68
C VAL A 366 -19.24 14.04 19.33
N PHE A 367 -20.17 13.76 20.26
CA PHE A 367 -21.25 12.83 20.02
C PHE A 367 -22.52 13.35 20.70
N ASP A 368 -23.70 12.98 20.18
CA ASP A 368 -24.90 13.21 20.95
C ASP A 368 -25.43 11.92 21.55
N PHE A 369 -24.85 10.76 21.19
CA PHE A 369 -25.22 9.50 21.80
C PHE A 369 -26.66 9.09 21.47
N VAL A 370 -27.30 9.77 20.52
CA VAL A 370 -28.69 9.48 20.22
C VAL A 370 -28.96 9.41 18.73
N THR A 371 -28.16 10.08 17.85
CA THR A 371 -28.55 10.25 16.43
C THR A 371 -27.88 9.18 15.54
N PRO A 372 -28.65 8.20 14.99
CA PRO A 372 -28.04 7.19 14.15
C PRO A 372 -27.50 7.79 12.84
N TYR A 373 -26.46 7.14 12.31
CA TYR A 373 -25.99 7.44 10.96
C TYR A 373 -27.12 7.04 10.01
N PRO A 374 -27.14 7.56 8.77
CA PRO A 374 -28.23 7.27 7.84
C PRO A 374 -28.33 5.82 7.34
N ASP A 375 -27.25 5.01 7.50
CA ASP A 375 -27.22 3.61 7.04
C ASP A 375 -27.50 2.66 8.22
N PHE A 376 -27.83 3.20 9.41
CA PHE A 376 -28.11 2.38 10.59
C PHE A 376 -29.56 2.58 11.05
N ASP A 377 -30.44 1.63 10.74
CA ASP A 377 -31.87 1.73 11.06
C ASP A 377 -32.08 1.29 12.51
N ILE A 378 -32.03 2.20 13.45
CA ILE A 378 -32.06 1.84 14.86
C ILE A 378 -33.34 1.11 15.21
N LYS A 379 -34.43 1.54 14.60
CA LYS A 379 -35.71 0.94 14.88
C LYS A 379 -35.75 -0.49 14.34
N GLY A 380 -35.51 -0.65 13.04
CA GLY A 380 -35.57 -1.97 12.42
C GLY A 380 -34.65 -3.00 13.06
N LEU A 381 -33.43 -2.57 13.39
CA LEU A 381 -32.41 -3.45 13.94
C LEU A 381 -32.77 -3.93 15.34
N ASN A 382 -33.22 -3.02 16.20
CA ASN A 382 -33.68 -3.45 17.50
C ASN A 382 -34.93 -4.31 17.40
N GLU A 383 -35.91 -3.99 16.54
CA GLU A 383 -36.99 -4.93 16.29
C GLU A 383 -36.46 -6.32 15.84
N TYR A 384 -35.52 -6.35 14.90
CA TYR A 384 -35.07 -7.58 14.26
C TYR A 384 -34.34 -8.44 15.29
N ALA A 385 -33.50 -7.80 16.11
CA ALA A 385 -32.78 -8.51 17.15
C ALA A 385 -33.75 -9.14 18.17
N HIS A 386 -34.65 -8.33 18.70
CA HIS A 386 -35.66 -8.75 19.67
C HIS A 386 -36.52 -9.88 19.12
N ALA A 387 -36.89 -9.84 17.84
CA ALA A 387 -37.63 -10.97 17.26
C ALA A 387 -36.75 -12.24 17.17
N LYS A 388 -35.42 -12.13 17.28
CA LYS A 388 -34.55 -13.29 17.25
C LYS A 388 -34.05 -13.61 18.65
N LYS A 389 -34.75 -13.12 19.68
CA LYS A 389 -34.37 -13.25 21.07
C LYS A 389 -32.94 -12.79 21.34
N VAL A 390 -32.52 -11.72 20.65
CA VAL A 390 -31.24 -11.11 20.84
C VAL A 390 -31.40 -9.62 21.18
N LYS A 391 -30.42 -9.07 21.91
CA LYS A 391 -30.36 -7.66 22.27
C LYS A 391 -29.15 -7.04 21.60
N LEU A 392 -29.19 -5.72 21.33
CA LEU A 392 -27.98 -4.99 20.99
C LEU A 392 -27.39 -4.36 22.24
N ILE A 393 -26.04 -4.35 22.33
CA ILE A 393 -25.33 -3.64 23.37
C ILE A 393 -25.02 -2.27 22.80
N MET A 394 -25.39 -1.23 23.55
CA MET A 394 -25.24 0.16 23.13
C MET A 394 -23.76 0.54 23.29
N HIS A 395 -23.28 1.43 22.40
CA HIS A 395 -21.92 1.93 22.49
C HIS A 395 -21.92 3.44 22.66
N HIS A 396 -21.23 3.87 23.72
CA HIS A 396 -21.13 5.28 24.07
C HIS A 396 -19.64 5.62 24.19
N GLU A 397 -18.98 5.83 23.07
CA GLU A 397 -17.66 6.42 23.22
C GLU A 397 -17.76 7.93 23.52
N THR A 398 -16.93 8.45 24.42
CA THR A 398 -17.06 9.82 24.90
C THR A 398 -15.94 10.64 24.32
N SER A 399 -14.90 9.96 23.89
CA SER A 399 -13.71 10.65 23.38
C SER A 399 -13.15 11.68 24.38
N GLY A 400 -13.26 11.36 25.68
CA GLY A 400 -12.75 12.19 26.76
C GLY A 400 -13.63 13.41 27.15
N ALA A 401 -14.74 13.64 26.44
CA ALA A 401 -15.58 14.79 26.69
C ALA A 401 -16.63 14.46 27.72
N VAL A 402 -16.18 14.47 28.97
CA VAL A 402 -16.97 13.96 30.07
C VAL A 402 -18.17 14.87 30.30
N ARG A 403 -17.99 16.22 30.34
CA ARG A 403 -19.10 17.14 30.44
C ARG A 403 -20.11 16.79 29.35
N ASN A 404 -19.64 16.70 28.10
CA ASN A 404 -20.53 16.45 26.98
C ASN A 404 -21.35 15.13 27.13
N TYR A 405 -20.72 14.10 27.70
CA TYR A 405 -21.42 12.85 27.94
C TYR A 405 -22.45 13.04 29.05
N GLU A 406 -22.06 13.69 30.14
CA GLU A 406 -22.96 13.93 31.27
C GLU A 406 -24.19 14.71 30.84
N ARG A 407 -24.02 15.73 29.99
CA ARG A 407 -25.17 16.47 29.55
C ARG A 407 -26.12 15.61 28.70
N HIS A 408 -25.61 14.59 28.01
CA HIS A 408 -26.38 13.80 27.07
C HIS A 408 -26.88 12.50 27.69
N MET A 409 -26.44 12.23 28.92
CA MET A 409 -26.53 10.91 29.52
C MET A 409 -27.98 10.44 29.72
N ASP A 410 -28.81 11.32 30.24
CA ASP A 410 -30.18 11.03 30.57
C ASP A 410 -30.93 10.62 29.29
N ALA A 411 -30.81 11.45 28.24
CA ALA A 411 -31.51 11.20 27.01
C ALA A 411 -30.96 9.92 26.34
N ALA A 412 -29.66 9.64 26.54
CA ALA A 412 -29.04 8.49 25.87
C ALA A 412 -29.52 7.21 26.54
N TYR A 413 -29.59 7.22 27.88
CA TYR A 413 -30.06 6.09 28.67
C TYR A 413 -31.54 5.86 28.34
N LYS A 414 -32.33 6.92 28.19
CA LYS A 414 -33.75 6.78 27.82
C LYS A 414 -33.92 6.13 26.45
N LEU A 415 -33.11 6.54 25.48
CA LEU A 415 -33.15 5.97 24.14
C LEU A 415 -32.78 4.49 24.20
N MET A 416 -31.90 4.12 25.15
CA MET A 416 -31.65 2.71 25.37
C MET A 416 -32.91 1.97 25.82
N LYS A 417 -33.65 2.56 26.78
CA LYS A 417 -34.80 1.88 27.35
C LYS A 417 -35.86 1.77 26.25
N GLN A 418 -35.99 2.84 25.47
CA GLN A 418 -36.96 2.93 24.41
C GLN A 418 -36.79 1.76 23.45
N TYR A 419 -35.56 1.41 23.08
CA TYR A 419 -35.36 0.37 22.08
C TYR A 419 -35.00 -0.98 22.68
N GLY A 420 -34.92 -1.13 24.01
CA GLY A 420 -34.54 -2.39 24.64
C GLY A 420 -33.03 -2.68 24.62
N TYR A 421 -32.21 -1.64 24.68
CA TYR A 421 -30.84 -1.88 25.08
C TYR A 421 -30.80 -1.91 26.61
N ASP A 422 -30.16 -2.94 27.17
CA ASP A 422 -30.04 -3.05 28.61
C ASP A 422 -28.57 -2.91 29.05
N ALA A 423 -27.64 -2.73 28.12
CA ALA A 423 -26.24 -2.69 28.49
C ALA A 423 -25.56 -1.67 27.59
N VAL A 424 -24.54 -1.01 28.15
CA VAL A 424 -23.80 -0.02 27.41
C VAL A 424 -22.32 -0.26 27.64
N LYS A 425 -21.63 -0.11 26.51
CA LYS A 425 -20.19 -0.11 26.55
C LYS A 425 -19.80 1.35 26.38
N SER A 426 -19.03 1.89 27.32
CA SER A 426 -18.68 3.30 27.26
C SER A 426 -17.18 3.38 27.07
N GLY A 427 -16.69 4.57 26.78
CA GLY A 427 -15.30 4.77 26.40
C GLY A 427 -14.85 6.20 26.69
N TYR A 428 -13.54 6.33 26.93
CA TYR A 428 -12.93 7.54 27.38
C TYR A 428 -11.60 7.61 26.66
N VAL A 429 -11.71 7.65 25.32
CA VAL A 429 -10.51 7.66 24.50
C VAL A 429 -10.05 9.06 24.24
N GLY A 430 -8.76 9.31 24.48
CA GLY A 430 -8.14 10.62 24.32
C GLY A 430 -7.97 11.30 25.68
N ASN A 431 -7.37 12.48 25.67
CA ASN A 431 -7.24 13.21 26.90
C ASN A 431 -8.62 13.70 27.37
N ILE A 432 -8.84 13.59 28.66
CA ILE A 432 -10.01 14.11 29.30
C ILE A 432 -10.00 15.63 29.16
N LEU A 433 -11.19 16.13 28.84
CA LEU A 433 -11.46 17.53 28.68
C LEU A 433 -12.13 18.07 29.93
N PRO A 434 -11.84 19.30 30.35
CA PRO A 434 -10.83 20.13 29.67
C PRO A 434 -9.41 19.62 29.87
N LEU A 435 -8.52 19.91 28.90
CA LEU A 435 -7.15 19.45 28.98
C LEU A 435 -6.52 19.77 30.34
N GLY A 436 -5.80 18.80 30.89
CA GLY A 436 -5.10 18.97 32.16
C GLY A 436 -5.69 18.04 33.21
N GLU A 437 -6.96 17.62 32.98
CA GLU A 437 -7.63 16.58 33.74
C GLU A 437 -6.97 15.23 33.41
N THR A 438 -7.08 14.26 34.32
CA THR A 438 -6.55 12.92 34.14
C THR A 438 -7.69 11.93 34.26
N HIS A 439 -7.46 10.73 33.74
CA HIS A 439 -8.41 9.66 33.77
C HIS A 439 -8.68 9.14 35.18
N TYR A 440 -7.67 9.20 36.10
CA TYR A 440 -7.83 8.45 37.34
C TYR A 440 -7.83 9.37 38.57
N SER A 441 -8.01 10.67 38.36
CA SER A 441 -8.25 11.63 39.43
C SER A 441 -9.56 11.38 40.16
N GLN A 442 -9.67 12.02 41.31
CA GLN A 442 -10.89 11.96 42.11
C GLN A 442 -12.10 12.46 41.34
N TRP A 443 -11.82 13.55 40.59
CA TRP A 443 -12.83 14.22 39.80
C TRP A 443 -13.37 13.27 38.72
N THR A 444 -12.44 12.70 37.93
CA THR A 444 -12.88 11.82 36.87
C THR A 444 -13.42 10.52 37.47
N ASN A 445 -12.88 10.03 38.59
CA ASN A 445 -13.46 8.75 39.11
C ASN A 445 -14.91 8.95 39.55
N ASN A 446 -15.23 10.14 40.07
CA ASN A 446 -16.59 10.52 40.43
C ASN A 446 -17.52 10.36 39.22
N HIS A 447 -17.07 10.80 38.04
CA HIS A 447 -17.81 10.71 36.80
C HIS A 447 -18.07 9.25 36.47
N TYR A 448 -17.07 8.36 36.52
CA TYR A 448 -17.33 6.96 36.20
C TYR A 448 -18.37 6.41 37.20
N GLN A 449 -18.23 6.80 38.48
CA GLN A 449 -19.14 6.31 39.52
C GLN A 449 -20.56 6.82 39.25
N TYR A 450 -20.66 8.09 38.79
CA TYR A 450 -21.93 8.72 38.50
C TYR A 450 -22.63 7.99 37.35
N ALA A 451 -21.89 7.69 36.28
CA ALA A 451 -22.39 6.90 35.15
C ALA A 451 -23.02 5.59 35.60
N ILE A 452 -22.33 4.92 36.52
CA ILE A 452 -22.77 3.62 37.01
C ILE A 452 -24.06 3.71 37.82
N GLU A 453 -24.12 4.71 38.74
CA GLU A 453 -25.29 4.88 39.63
C GLU A 453 -26.52 5.25 38.79
N LYS A 454 -26.31 6.13 37.82
CA LYS A 454 -27.43 6.59 37.01
C LYS A 454 -27.88 5.42 36.15
N ALA A 455 -26.92 4.75 35.46
CA ALA A 455 -27.22 3.49 34.79
C ALA A 455 -28.12 2.62 35.65
N ALA A 456 -27.73 2.38 36.90
CA ALA A 456 -28.51 1.49 37.80
C ALA A 456 -29.96 1.90 37.95
N ASP A 457 -30.21 3.22 38.16
CA ASP A 457 -31.55 3.78 38.26
C ASP A 457 -32.43 3.50 37.02
N TYR A 458 -31.81 3.36 35.84
CA TYR A 458 -32.49 3.02 34.58
C TYR A 458 -32.47 1.51 34.33
N GLN A 459 -31.84 0.74 35.23
CA GLN A 459 -31.65 -0.71 35.10
C GLN A 459 -30.88 -0.98 33.83
N ILE A 460 -29.66 -0.46 33.82
CA ILE A 460 -28.76 -0.52 32.70
C ILE A 460 -27.42 -0.96 33.23
N MET A 461 -26.80 -1.88 32.49
CA MET A 461 -25.49 -2.39 32.78
C MET A 461 -24.47 -1.55 32.03
N VAL A 462 -23.29 -1.46 32.66
CA VAL A 462 -22.20 -0.67 32.17
C VAL A 462 -20.93 -1.50 32.05
N ASN A 463 -20.23 -1.22 30.96
CA ASN A 463 -18.94 -1.80 30.68
C ASN A 463 -18.12 -0.68 30.09
N ALA A 464 -17.11 -0.26 30.82
CA ALA A 464 -16.50 1.05 30.60
C ALA A 464 -15.03 0.87 30.29
N HIS A 465 -14.69 1.22 29.04
CA HIS A 465 -13.33 1.14 28.57
C HIS A 465 -12.66 2.49 28.89
N GLU A 466 -11.34 2.43 29.10
CA GLU A 466 -10.45 3.50 29.50
C GLU A 466 -10.80 4.13 30.84
N ALA A 467 -11.78 3.56 31.55
CA ALA A 467 -12.05 4.02 32.91
C ALA A 467 -10.95 3.55 33.87
N VAL A 468 -10.95 4.12 35.06
CA VAL A 468 -10.17 3.65 36.20
C VAL A 468 -10.36 2.14 36.39
N ARG A 469 -9.29 1.45 36.71
CA ARG A 469 -9.32 0.02 36.88
C ARG A 469 -10.09 -0.32 38.16
N PRO A 470 -10.88 -1.43 38.17
CA PRO A 470 -11.86 -1.66 39.23
C PRO A 470 -11.27 -2.14 40.55
N THR A 471 -12.04 -1.93 41.62
CA THR A 471 -11.57 -2.09 42.99
C THR A 471 -12.66 -2.75 43.83
N GLY A 472 -13.59 -3.41 43.14
CA GLY A 472 -14.52 -4.27 43.83
C GLY A 472 -15.93 -3.69 43.93
N ILE A 473 -16.13 -2.53 43.28
CA ILE A 473 -17.32 -1.75 43.46
C ILE A 473 -18.55 -2.51 42.92
N ALA A 474 -18.33 -3.55 42.11
CA ALA A 474 -19.41 -4.29 41.50
C ALA A 474 -20.27 -4.99 42.55
N ARG A 475 -19.70 -5.29 43.71
CA ARG A 475 -20.48 -5.86 44.78
C ARG A 475 -21.55 -4.84 45.10
N THR A 476 -21.13 -3.58 45.23
CA THR A 476 -22.02 -2.50 45.68
C THR A 476 -22.97 -2.16 44.54
N TYR A 477 -22.47 -2.15 43.27
CA TYR A 477 -23.29 -1.80 42.11
C TYR A 477 -23.06 -2.87 41.06
N PRO A 478 -23.76 -4.01 41.16
CA PRO A 478 -23.47 -5.13 40.26
C PRO A 478 -23.93 -4.96 38.84
N ASN A 479 -24.34 -3.76 38.46
CA ASN A 479 -24.59 -3.49 37.04
C ASN A 479 -23.29 -3.08 36.33
N LEU A 480 -22.21 -2.82 37.07
CA LEU A 480 -20.90 -2.76 36.46
C LEU A 480 -20.40 -4.16 36.10
N ILE A 481 -20.77 -4.62 34.90
CA ILE A 481 -20.44 -5.97 34.45
C ILE A 481 -19.10 -5.98 33.75
N GLY A 482 -18.42 -4.86 33.66
CA GLY A 482 -17.12 -4.86 33.03
C GLY A 482 -16.40 -3.52 33.03
N ASN A 483 -15.09 -3.62 32.80
CA ASN A 483 -14.24 -2.54 32.39
C ASN A 483 -13.24 -3.15 31.42
N GLU A 484 -12.61 -2.34 30.55
CA GLU A 484 -11.34 -2.76 29.95
C GLU A 484 -10.23 -2.45 30.95
N ALA A 485 -9.67 -1.27 30.86
CA ALA A 485 -8.86 -0.69 31.94
C ALA A 485 -7.59 -1.54 32.12
N ALA A 486 -7.08 -1.91 30.94
CA ALA A 486 -5.94 -2.80 30.81
C ALA A 486 -5.73 -3.07 29.32
N ARG A 487 -4.63 -3.76 28.98
CA ARG A 487 -4.30 -4.00 27.60
C ARG A 487 -5.11 -5.21 27.18
N GLY A 488 -6.04 -5.01 26.25
CA GLY A 488 -6.99 -6.03 25.85
C GLY A 488 -6.60 -6.76 24.55
N THR A 489 -7.54 -7.56 23.98
CA THR A 489 -7.24 -8.33 22.79
C THR A 489 -7.03 -7.37 21.60
N GLN A 490 -7.52 -6.13 21.73
CA GLN A 490 -7.44 -5.16 20.69
C GLN A 490 -5.96 -4.89 20.39
N TYR A 491 -5.05 -4.97 21.40
CA TYR A 491 -3.70 -4.60 21.07
C TYR A 491 -3.07 -5.68 20.19
N GLN A 492 -3.73 -6.85 20.11
CA GLN A 492 -3.26 -7.90 19.22
C GLN A 492 -3.43 -7.46 17.76
N ALA A 493 -4.26 -6.42 17.52
CA ALA A 493 -4.46 -5.91 16.18
C ALA A 493 -3.66 -4.66 15.91
N PHE A 494 -2.85 -4.18 16.84
CA PHE A 494 -2.29 -2.85 16.70
C PHE A 494 -0.80 -2.93 16.41
N GLY A 495 -0.31 -4.08 15.87
CA GLY A 495 1.09 -4.19 15.47
C GLY A 495 2.05 -3.96 16.66
N ASN A 496 3.26 -3.43 16.42
CA ASN A 496 4.27 -3.35 17.48
C ASN A 496 4.45 -4.77 18.05
N ASP A 497 4.41 -4.89 19.41
CA ASP A 497 4.61 -6.15 20.10
C ASP A 497 3.28 -6.84 20.44
N ARG A 498 2.15 -6.23 20.05
CA ARG A 498 0.87 -6.81 20.37
C ARG A 498 0.87 -7.17 21.85
N ASN A 499 0.27 -8.31 22.21
CA ASN A 499 0.28 -8.73 23.59
C ASN A 499 1.26 -9.89 23.75
N ASN A 500 2.11 -9.80 24.77
CA ASN A 500 3.06 -10.85 25.00
C ASN A 500 2.31 -12.18 25.20
N ALA A 501 2.98 -13.27 24.87
CA ALA A 501 2.33 -14.57 24.84
C ALA A 501 1.76 -14.94 26.22
N ASN A 502 2.39 -14.44 27.27
CA ASN A 502 2.00 -14.74 28.64
C ASN A 502 1.12 -13.65 29.25
N HIS A 503 0.69 -12.65 28.48
CA HIS A 503 -0.17 -11.60 29.02
C HIS A 503 -1.30 -12.15 29.91
N VAL A 504 -2.07 -13.14 29.38
CA VAL A 504 -3.29 -13.60 30.01
C VAL A 504 -2.96 -14.53 31.17
N THR A 505 -1.67 -14.78 31.42
CA THR A 505 -1.24 -15.44 32.65
C THR A 505 -0.84 -14.42 33.70
N ILE A 506 -0.99 -13.12 33.42
CA ILE A 506 -0.61 -12.12 34.39
C ILE A 506 -1.84 -11.31 34.78
N LEU A 507 -2.72 -11.07 33.81
CA LEU A 507 -3.91 -10.27 34.02
C LEU A 507 -4.71 -10.77 35.23
N PRO A 508 -4.90 -12.09 35.41
CA PRO A 508 -5.71 -12.58 36.53
C PRO A 508 -5.07 -12.28 37.88
N PHE A 509 -3.72 -12.10 37.90
CA PHE A 509 -3.04 -11.77 39.14
C PHE A 509 -2.94 -10.26 39.41
N THR A 510 -3.36 -9.43 38.43
CA THR A 510 -3.25 -7.98 38.52
C THR A 510 -4.61 -7.34 38.22
N ARG A 511 -4.93 -7.20 36.95
CA ARG A 511 -6.06 -6.40 36.57
C ARG A 511 -7.35 -7.05 37.06
N LEU A 512 -7.43 -8.38 37.06
CA LEU A 512 -8.69 -8.99 37.47
C LEU A 512 -8.94 -8.83 38.96
N ILE A 513 -7.92 -8.49 39.75
CA ILE A 513 -8.16 -8.19 41.13
C ILE A 513 -8.92 -6.87 41.25
N GLY A 514 -10.21 -6.97 41.51
CA GLY A 514 -11.08 -5.81 41.68
C GLY A 514 -12.32 -5.89 40.80
N GLY A 515 -12.23 -6.72 39.74
CA GLY A 515 -13.36 -6.94 38.85
C GLY A 515 -13.00 -7.51 37.47
N PRO A 516 -14.05 -7.92 36.75
CA PRO A 516 -13.88 -8.59 35.49
C PRO A 516 -13.38 -7.64 34.41
N MET A 517 -12.75 -8.21 33.37
CA MET A 517 -12.34 -7.45 32.20
C MET A 517 -13.08 -7.94 30.96
N ASP A 518 -13.42 -6.98 30.10
CA ASP A 518 -13.92 -7.22 28.76
C ASP A 518 -12.71 -7.40 27.84
N TYR A 519 -12.21 -8.65 27.81
CA TYR A 519 -10.91 -8.93 27.23
C TYR A 519 -11.03 -9.07 25.71
N THR A 520 -12.28 -9.42 25.30
CA THR A 520 -12.72 -9.70 23.95
C THR A 520 -11.87 -10.82 23.37
N PRO A 521 -11.96 -12.04 23.92
CA PRO A 521 -11.27 -13.20 23.37
C PRO A 521 -11.96 -13.78 22.15
N GLY A 522 -11.47 -14.97 21.77
CA GLY A 522 -12.11 -15.84 20.81
C GLY A 522 -11.68 -15.50 19.39
N ILE A 523 -10.39 -15.15 19.22
CA ILE A 523 -9.86 -14.92 17.89
C ILE A 523 -9.42 -16.26 17.29
N PHE A 524 -9.89 -16.55 16.06
CA PHE A 524 -9.46 -17.73 15.36
C PHE A 524 -8.61 -17.36 14.16
N GLU A 525 -8.84 -16.21 13.48
CA GLU A 525 -7.93 -15.75 12.46
C GLU A 525 -6.96 -14.75 13.09
N MET A 526 -5.70 -15.15 13.28
CA MET A 526 -4.68 -14.39 14.00
C MET A 526 -3.98 -13.37 13.11
N ASP A 527 -4.06 -13.53 11.78
CA ASP A 527 -3.36 -12.67 10.83
C ASP A 527 -4.38 -11.74 10.15
N VAL A 528 -4.59 -10.56 10.76
CA VAL A 528 -5.73 -9.76 10.38
C VAL A 528 -5.37 -8.82 9.22
N THR A 529 -6.40 -8.08 8.80
CA THR A 529 -6.37 -7.32 7.57
C THR A 529 -5.18 -6.37 7.57
N ASN A 530 -4.89 -5.72 8.70
CA ASN A 530 -3.94 -4.61 8.66
C ASN A 530 -2.49 -5.10 8.85
N GLY A 531 -2.25 -6.42 8.82
CA GLY A 531 -0.86 -6.90 8.87
C GLY A 531 -0.51 -7.42 10.25
N SER A 532 -1.31 -7.02 11.26
CA SER A 532 -1.02 -7.41 12.64
C SER A 532 -1.16 -8.92 12.85
N HIS A 533 -0.46 -9.43 13.86
CA HIS A 533 -0.53 -10.84 14.20
C HIS A 533 -0.88 -11.02 15.67
N VAL A 534 -2.04 -11.58 15.94
CA VAL A 534 -2.44 -11.98 17.29
C VAL A 534 -1.58 -13.13 17.81
N ASN A 535 -0.94 -12.93 18.97
CA ASN A 535 -0.01 -13.89 19.56
C ASN A 535 -0.73 -14.91 20.45
N ALA A 536 -1.55 -15.77 19.84
CA ALA A 536 -2.25 -16.81 20.57
C ALA A 536 -2.47 -18.02 19.67
N THR A 537 -2.74 -19.21 20.28
CA THR A 537 -3.33 -20.29 19.51
C THR A 537 -4.84 -20.27 19.66
N ILE A 538 -5.52 -21.04 18.83
CA ILE A 538 -6.95 -21.15 18.91
C ILE A 538 -7.36 -21.74 20.25
N ALA A 539 -6.60 -22.74 20.72
CA ALA A 539 -6.96 -23.42 21.96
C ALA A 539 -6.83 -22.39 23.09
N ASN A 540 -5.83 -21.51 22.98
CA ASN A 540 -5.64 -20.42 23.91
C ASN A 540 -6.91 -19.60 24.02
N GLN A 541 -7.43 -19.23 22.86
CA GLN A 541 -8.55 -18.30 22.75
C GLN A 541 -9.83 -18.94 23.24
N LEU A 542 -9.94 -20.26 23.14
CA LEU A 542 -11.05 -21.00 23.75
C LEU A 542 -10.95 -20.99 25.28
N ALA A 543 -9.73 -21.03 25.82
CA ALA A 543 -9.54 -21.22 27.25
C ALA A 543 -9.85 -19.92 27.98
N LEU A 544 -9.70 -18.77 27.31
CA LEU A 544 -9.99 -17.48 27.92
C LEU A 544 -11.42 -17.36 28.43
N TYR A 545 -12.43 -18.03 27.82
CA TYR A 545 -13.80 -17.99 28.34
C TYR A 545 -13.87 -18.55 29.78
N VAL A 546 -12.83 -19.31 30.18
CA VAL A 546 -12.72 -19.78 31.55
C VAL A 546 -11.60 -19.06 32.30
N THR A 547 -10.42 -18.80 31.71
CA THR A 547 -9.28 -18.26 32.48
C THR A 547 -9.26 -16.72 32.60
N MET A 548 -10.12 -16.02 31.82
CA MET A 548 -10.34 -14.60 32.05
C MET A 548 -11.79 -14.42 32.45
N TYR A 549 -12.03 -14.58 33.76
CA TYR A 549 -13.37 -14.57 34.31
C TYR A 549 -14.02 -13.21 34.03
N SER A 550 -15.27 -13.27 33.54
CA SER A 550 -16.06 -12.13 33.19
C SER A 550 -17.51 -12.59 32.99
N PRO A 551 -18.51 -11.82 33.50
CA PRO A 551 -19.91 -12.10 33.21
C PRO A 551 -20.23 -11.58 31.81
N LEU A 552 -19.22 -10.95 31.16
CA LEU A 552 -19.39 -10.34 29.87
C LEU A 552 -18.30 -10.89 28.98
N GLN A 553 -18.70 -11.75 28.05
CA GLN A 553 -17.75 -12.52 27.25
C GLN A 553 -18.02 -12.28 25.78
N MET A 554 -17.04 -11.71 25.09
CA MET A 554 -17.15 -11.54 23.66
C MET A 554 -16.55 -12.72 22.91
N ALA A 555 -17.14 -12.98 21.76
CA ALA A 555 -16.48 -13.72 20.69
C ALA A 555 -16.19 -12.72 19.60
N ALA A 556 -14.95 -12.23 19.61
CA ALA A 556 -14.56 -11.00 18.95
C ALA A 556 -14.35 -11.11 17.43
N ASP A 557 -14.20 -12.31 16.90
CA ASP A 557 -13.81 -12.49 15.51
C ASP A 557 -15.05 -12.37 14.63
N PHE A 558 -14.83 -12.49 13.31
CA PHE A 558 -15.88 -12.36 12.36
C PHE A 558 -16.63 -13.67 12.28
N PRO A 559 -17.93 -13.64 11.94
CA PRO A 559 -18.69 -14.88 11.73
C PRO A 559 -18.04 -15.83 10.72
N GLU A 560 -17.51 -15.29 9.63
CA GLU A 560 -16.84 -16.07 8.59
C GLU A 560 -15.69 -16.88 9.20
N ASN A 561 -14.98 -16.30 10.18
CA ASN A 561 -13.82 -17.00 10.71
C ASN A 561 -14.29 -18.10 11.64
N TYR A 562 -15.43 -17.89 12.27
CA TYR A 562 -15.99 -18.95 13.11
C TYR A 562 -16.51 -20.13 12.27
N GLU A 563 -17.01 -19.81 11.05
CA GLU A 563 -17.53 -20.85 10.18
C GLU A 563 -16.37 -21.69 9.64
N ARG A 564 -15.13 -21.17 9.70
CA ARG A 564 -14.01 -21.93 9.12
C ARG A 564 -13.56 -22.98 10.11
N PHE A 565 -13.79 -22.74 11.40
CA PHE A 565 -13.42 -23.68 12.44
C PHE A 565 -14.63 -24.01 13.29
N ALA A 566 -15.71 -24.48 12.66
CA ALA A 566 -16.94 -24.77 13.41
C ALA A 566 -16.68 -25.71 14.59
N ASP A 567 -15.82 -26.74 14.40
CA ASP A 567 -15.65 -27.77 15.41
C ASP A 567 -15.10 -27.17 16.71
N ALA A 568 -14.08 -26.31 16.60
CA ALA A 568 -13.49 -25.59 17.73
C ALA A 568 -14.44 -24.55 18.32
N PHE A 569 -15.31 -23.99 17.48
CA PHE A 569 -16.22 -22.96 17.95
C PHE A 569 -17.26 -23.51 18.92
N GLN A 570 -17.35 -24.84 18.95
CA GLN A 570 -18.37 -25.53 19.74
C GLN A 570 -18.17 -25.21 21.22
N PHE A 571 -16.92 -25.02 21.64
CA PHE A 571 -16.64 -24.71 23.03
C PHE A 571 -17.18 -23.32 23.36
N ILE A 572 -16.97 -22.35 22.48
CA ILE A 572 -17.43 -21.00 22.73
C ILE A 572 -18.94 -21.02 22.86
N LYS A 573 -19.60 -21.87 22.05
CA LYS A 573 -21.05 -21.85 22.07
C LYS A 573 -21.52 -22.54 23.35
N ASP A 574 -20.82 -23.61 23.78
CA ASP A 574 -21.23 -24.37 24.95
C ASP A 574 -20.99 -23.63 26.27
N VAL A 575 -19.95 -22.82 26.38
CA VAL A 575 -19.41 -22.44 27.67
C VAL A 575 -20.39 -21.48 28.35
N ALA A 576 -20.50 -21.58 29.67
CA ALA A 576 -21.34 -20.66 30.43
C ALA A 576 -20.61 -19.36 30.75
N VAL A 577 -21.35 -18.40 31.26
CA VAL A 577 -20.78 -17.10 31.60
C VAL A 577 -21.05 -16.76 33.06
N ASP A 578 -21.59 -17.72 33.81
CA ASP A 578 -21.80 -17.51 35.23
C ASP A 578 -21.66 -18.84 35.96
N TRP A 579 -21.22 -18.82 37.21
CA TRP A 579 -20.67 -20.02 37.85
C TRP A 579 -21.15 -20.20 39.27
N ASP A 580 -21.34 -21.45 39.65
CA ASP A 580 -21.71 -21.78 41.04
C ASP A 580 -20.50 -22.14 41.85
N ASP A 581 -19.42 -22.61 41.19
CA ASP A 581 -18.18 -22.90 41.88
C ASP A 581 -17.00 -22.68 40.93
N SER A 582 -15.79 -22.54 41.46
CA SER A 582 -14.61 -22.35 40.65
C SER A 582 -13.40 -22.87 41.42
N ARG A 583 -12.52 -23.61 40.74
CA ARG A 583 -11.32 -24.15 41.35
C ARG A 583 -10.13 -23.85 40.47
N TYR A 584 -9.19 -23.10 40.99
CA TYR A 584 -7.93 -22.87 40.30
C TYR A 584 -7.06 -24.09 40.54
N LEU A 585 -6.73 -24.85 39.47
CA LEU A 585 -5.99 -26.10 39.59
C LEU A 585 -4.47 -25.88 39.50
N GLU A 586 -4.03 -24.92 38.69
CA GLU A 586 -2.63 -24.59 38.58
C GLU A 586 -2.59 -23.11 38.27
N ALA A 587 -1.55 -22.47 38.74
CA ALA A 587 -1.34 -21.06 38.54
C ALA A 587 0.06 -20.65 38.96
N GLU A 588 0.72 -19.94 38.07
CA GLU A 588 1.96 -19.30 38.40
C GLU A 588 2.04 -18.06 37.51
N PRO A 589 2.10 -16.84 38.09
CA PRO A 589 2.00 -15.65 37.27
C PRO A 589 3.08 -15.62 36.20
N GLY A 590 2.62 -15.33 34.96
CA GLY A 590 3.49 -15.13 33.81
C GLY A 590 3.82 -16.45 33.13
N GLN A 591 3.32 -17.59 33.62
CA GLN A 591 3.66 -18.91 33.05
C GLN A 591 2.40 -19.69 32.64
N TYR A 592 1.46 -19.91 33.57
CA TYR A 592 0.24 -20.64 33.24
C TYR A 592 -0.83 -20.41 34.30
N ILE A 593 -2.07 -20.69 33.87
CA ILE A 593 -3.22 -20.75 34.72
C ILE A 593 -4.22 -21.77 34.20
N THR A 594 -4.77 -22.58 35.11
CA THR A 594 -5.67 -23.64 34.80
C THR A 594 -6.77 -23.61 35.84
N VAL A 595 -8.03 -23.59 35.39
CA VAL A 595 -9.12 -23.38 36.31
C VAL A 595 -10.35 -24.04 35.70
N ALA A 596 -11.17 -24.55 36.61
CA ALA A 596 -12.39 -25.27 36.30
C ALA A 596 -13.53 -24.60 37.03
N ARG A 597 -14.68 -24.52 36.38
CA ARG A 597 -15.81 -23.78 36.89
C ARG A 597 -17.11 -24.52 36.55
N LYS A 598 -18.06 -24.51 37.47
CA LYS A 598 -19.32 -25.24 37.34
C LYS A 598 -20.37 -24.23 36.93
N ALA A 599 -20.98 -24.44 35.75
CA ALA A 599 -21.98 -23.54 35.21
C ALA A 599 -23.13 -23.40 36.20
N LYS A 600 -23.52 -22.13 36.51
CA LYS A 600 -24.57 -21.89 37.48
C LYS A 600 -25.84 -22.63 37.06
N GLY A 601 -26.48 -23.29 38.07
CA GLY A 601 -27.73 -23.99 37.92
C GLY A 601 -27.56 -25.39 37.32
N THR A 602 -26.33 -25.79 36.98
CA THR A 602 -26.09 -27.02 36.21
C THR A 602 -25.11 -27.93 36.94
N ASP A 603 -24.93 -29.12 36.37
CA ASP A 603 -23.91 -30.08 36.77
C ASP A 603 -22.79 -30.17 35.74
N ASN A 604 -22.70 -29.15 34.87
CA ASN A 604 -21.70 -29.05 33.83
C ASN A 604 -20.48 -28.27 34.30
N TRP A 605 -19.28 -28.74 33.91
CA TRP A 605 -18.07 -27.99 34.16
C TRP A 605 -17.38 -27.53 32.87
N PHE A 606 -16.65 -26.42 33.00
CA PHE A 606 -15.84 -25.90 31.93
C PHE A 606 -14.49 -25.55 32.50
N LEU A 607 -13.46 -25.94 31.76
CA LEU A 607 -12.10 -25.88 32.26
C LEU A 607 -11.30 -25.18 31.18
N GLY A 608 -10.37 -24.33 31.63
CA GLY A 608 -9.42 -23.78 30.71
C GLY A 608 -8.04 -23.66 31.30
N ASN A 609 -7.07 -23.66 30.39
CA ASN A 609 -5.66 -23.52 30.65
C ASN A 609 -5.11 -22.50 29.69
N VAL A 610 -4.22 -21.64 30.17
CA VAL A 610 -3.55 -20.74 29.29
C VAL A 610 -2.10 -20.86 29.62
N ASN A 611 -1.24 -20.78 28.60
CA ASN A 611 0.15 -21.07 28.86
C ASN A 611 1.02 -20.03 28.20
N GLY A 612 2.18 -19.80 28.81
CA GLY A 612 3.03 -18.65 28.49
C GLY A 612 4.05 -18.99 27.45
N GLU A 613 5.24 -18.38 27.54
CA GLU A 613 6.23 -18.49 26.49
C GLU A 613 6.68 -19.96 26.36
N THR A 614 6.73 -20.66 27.49
CA THR A 614 7.42 -21.95 27.51
C THR A 614 6.37 -23.03 27.47
N ALA A 615 6.47 -23.86 26.42
CA ALA A 615 5.60 -25.01 26.22
C ALA A 615 5.71 -25.91 27.46
N ARG A 616 4.61 -26.56 27.84
CA ARG A 616 4.51 -27.21 29.15
C ARG A 616 3.39 -28.26 29.15
N VAL A 617 3.63 -29.36 29.88
CA VAL A 617 2.63 -30.37 30.17
C VAL A 617 1.89 -30.02 31.48
N SER A 618 0.56 -29.87 31.39
CA SER A 618 -0.28 -29.57 32.53
C SER A 618 -0.84 -30.87 33.08
N ASN A 619 -0.77 -31.06 34.42
CA ASN A 619 -1.16 -32.26 35.11
C ASN A 619 -2.20 -31.90 36.15
N ILE A 620 -3.46 -32.29 35.95
CA ILE A 620 -4.52 -31.93 36.88
C ILE A 620 -5.27 -33.13 37.41
N ASP A 621 -5.92 -32.88 38.53
CA ASP A 621 -6.83 -33.78 39.21
C ASP A 621 -8.26 -33.36 38.88
N LEU A 622 -9.11 -34.30 38.44
CA LEU A 622 -10.50 -34.01 38.10
C LEU A 622 -11.47 -34.35 39.24
N GLY A 623 -10.98 -34.31 40.49
CA GLY A 623 -11.78 -34.70 41.65
C GLY A 623 -12.76 -33.57 42.05
N PHE A 624 -12.70 -32.40 41.35
CA PHE A 624 -13.74 -31.42 41.51
C PHE A 624 -15.08 -31.90 40.93
N LEU A 625 -15.05 -32.96 40.13
CA LEU A 625 -16.28 -33.55 39.62
C LEU A 625 -16.96 -34.26 40.79
N GLU A 626 -18.26 -34.50 40.60
CA GLU A 626 -19.12 -35.11 41.58
C GLU A 626 -18.84 -36.64 41.60
N LYS A 627 -18.66 -37.16 42.82
CA LYS A 627 -18.42 -38.57 43.07
C LYS A 627 -19.55 -39.42 42.46
N GLY A 628 -19.18 -40.59 41.90
CA GLY A 628 -20.14 -41.56 41.41
C GLY A 628 -20.79 -41.18 40.08
N LYS A 629 -20.23 -40.23 39.34
CA LYS A 629 -20.83 -39.83 38.09
C LYS A 629 -19.77 -39.96 37.01
N LYS A 630 -20.22 -40.45 35.87
CA LYS A 630 -19.41 -40.43 34.65
C LYS A 630 -19.68 -39.11 33.95
N TYR A 631 -18.64 -38.55 33.33
CA TYR A 631 -18.78 -37.38 32.48
C TYR A 631 -18.11 -37.59 31.12
N THR A 632 -18.77 -37.09 30.08
CA THR A 632 -18.19 -36.85 28.77
C THR A 632 -17.32 -35.61 28.83
N ALA A 633 -16.01 -35.79 28.62
CA ALA A 633 -15.12 -34.65 28.49
C ALA A 633 -14.75 -34.45 27.03
N VAL A 634 -14.89 -33.22 26.54
CA VAL A 634 -14.40 -32.89 25.20
C VAL A 634 -13.23 -31.93 25.32
N ILE A 635 -12.02 -32.37 24.95
CA ILE A 635 -10.82 -31.61 25.15
C ILE A 635 -10.45 -30.93 23.85
N TYR A 636 -10.39 -29.60 23.90
CA TYR A 636 -9.90 -28.78 22.79
C TYR A 636 -8.50 -28.26 23.16
N ALA A 637 -7.48 -28.80 22.49
CA ALA A 637 -6.09 -28.61 22.87
C ALA A 637 -5.26 -28.11 21.68
N ASP A 638 -4.04 -27.68 21.97
CA ASP A 638 -3.04 -27.40 20.98
C ASP A 638 -2.56 -28.70 20.32
N ALA A 639 -2.38 -28.66 18.99
CA ALA A 639 -1.55 -29.66 18.36
C ALA A 639 -0.13 -29.57 18.94
N LYS A 640 0.63 -30.69 18.85
CA LYS A 640 1.98 -30.75 19.37
C LYS A 640 2.91 -29.74 18.68
N ASP A 641 2.65 -29.47 17.41
CA ASP A 641 3.41 -28.48 16.65
C ASP A 641 2.77 -27.07 16.71
N ALA A 642 1.70 -26.84 17.47
CA ALA A 642 1.14 -25.50 17.52
C ALA A 642 2.12 -24.55 18.19
N ASN A 643 1.99 -23.28 17.79
CA ASN A 643 2.72 -22.25 18.46
C ASN A 643 2.06 -20.92 18.11
N TYR A 644 2.15 -19.95 19.04
CA TYR A 644 1.48 -18.65 18.92
C TYR A 644 2.03 -17.78 17.79
N LYS A 645 3.19 -18.14 17.20
CA LYS A 645 3.80 -17.31 16.17
C LYS A 645 3.45 -17.79 14.77
N THR A 646 3.73 -19.07 14.43
CA THR A 646 3.71 -19.52 13.03
C THR A 646 2.77 -20.69 12.79
N ASN A 647 2.01 -21.14 13.80
CA ASN A 647 1.06 -22.23 13.54
C ASN A 647 -0.06 -22.11 14.55
N THR A 648 -0.86 -21.07 14.40
CA THR A 648 -1.76 -20.65 15.44
C THR A 648 -3.10 -21.40 15.38
N GLN A 649 -3.39 -22.12 14.27
CA GLN A 649 -4.68 -22.77 14.05
C GLN A 649 -4.62 -24.29 14.14
N ALA A 650 -3.52 -24.81 14.69
CA ALA A 650 -3.42 -26.24 14.87
C ALA A 650 -3.99 -26.64 16.25
N TYR A 651 -5.19 -27.23 16.22
CA TYR A 651 -5.84 -27.72 17.45
C TYR A 651 -6.27 -29.17 17.26
N THR A 652 -6.46 -29.90 18.37
CA THR A 652 -7.12 -31.20 18.33
C THR A 652 -8.36 -31.14 19.22
N ILE A 653 -9.25 -32.11 19.00
CA ILE A 653 -10.50 -32.29 19.72
C ILE A 653 -10.67 -33.78 19.94
N ARG A 654 -10.84 -34.19 21.20
CA ARG A 654 -11.07 -35.60 21.48
C ARG A 654 -12.02 -35.72 22.66
N LYS A 655 -12.73 -36.85 22.66
CA LYS A 655 -13.78 -37.16 23.59
C LYS A 655 -13.26 -38.33 24.42
N VAL A 656 -13.39 -38.19 25.74
CA VAL A 656 -13.12 -39.33 26.61
C VAL A 656 -14.05 -39.20 27.81
N VAL A 657 -14.40 -40.33 28.42
CA VAL A 657 -15.28 -40.42 29.57
C VAL A 657 -14.44 -40.50 30.83
N VAL A 658 -14.75 -39.62 31.79
CA VAL A 658 -13.98 -39.51 33.03
C VAL A 658 -14.88 -39.54 34.27
N THR A 659 -14.25 -39.69 35.42
CA THR A 659 -14.93 -39.67 36.71
C THR A 659 -14.14 -38.73 37.61
N SER A 660 -14.65 -38.54 38.83
CA SER A 660 -13.99 -37.74 39.85
C SER A 660 -12.60 -38.31 40.17
N ASN A 661 -12.37 -39.60 39.85
CA ASN A 661 -11.09 -40.23 40.11
C ASN A 661 -10.02 -39.94 39.07
N SER A 662 -10.41 -39.41 37.90
CA SER A 662 -9.53 -39.30 36.75
C SER A 662 -8.45 -38.26 36.98
N LYS A 663 -7.30 -38.50 36.38
CA LYS A 663 -6.33 -37.44 36.25
C LYS A 663 -6.36 -36.98 34.79
N LEU A 664 -5.56 -35.96 34.47
CA LEU A 664 -5.50 -35.46 33.11
C LEU A 664 -4.11 -34.91 32.86
N SER A 665 -3.60 -35.14 31.67
CA SER A 665 -2.32 -34.61 31.24
C SER A 665 -2.48 -34.04 29.83
N GLN A 666 -1.96 -32.82 29.62
CA GLN A 666 -2.18 -32.14 28.36
C GLN A 666 -1.02 -31.16 28.12
N PHE A 667 -0.44 -31.29 26.93
CA PHE A 667 0.54 -30.37 26.41
C PHE A 667 -0.15 -29.05 26.17
N SER A 668 0.54 -27.97 26.50
CA SER A 668 0.16 -26.65 26.02
C SER A 668 1.33 -26.03 25.27
N ALA A 669 1.02 -25.56 24.06
CA ALA A 669 1.99 -24.84 23.27
C ALA A 669 2.34 -23.52 23.92
N SER A 670 3.45 -23.01 23.41
CA SER A 670 3.93 -21.66 23.60
C SER A 670 2.82 -20.66 23.21
N GLY A 671 2.33 -19.91 24.21
CA GLY A 671 1.26 -18.94 23.98
C GLY A 671 -0.06 -19.66 23.65
N GLY A 672 -0.15 -20.95 24.02
CA GLY A 672 -1.32 -21.74 23.74
C GLY A 672 -2.16 -21.97 24.99
N GLY A 673 -2.68 -23.20 25.20
CA GLY A 673 -3.75 -23.42 26.16
C GLY A 673 -4.58 -24.65 25.86
N TYR A 674 -5.55 -25.01 26.74
CA TYR A 674 -6.61 -25.95 26.37
C TYR A 674 -7.95 -25.61 27.00
N ALA A 675 -9.02 -26.22 26.49
CA ALA A 675 -10.39 -26.04 26.98
C ALA A 675 -11.11 -27.37 27.01
N ILE A 676 -11.86 -27.62 28.11
CA ILE A 676 -12.65 -28.82 28.27
C ILE A 676 -14.07 -28.50 28.72
N SER A 677 -15.06 -29.13 28.06
CA SER A 677 -16.40 -29.29 28.58
C SER A 677 -16.54 -30.64 29.27
N PHE A 678 -17.22 -30.64 30.41
CA PHE A 678 -17.59 -31.85 31.14
C PHE A 678 -19.11 -31.88 31.32
N TYR A 679 -19.76 -32.83 30.65
CA TYR A 679 -21.20 -33.01 30.77
C TYR A 679 -21.42 -34.38 31.39
N PRO A 680 -22.23 -34.47 32.46
CA PRO A 680 -22.53 -35.77 33.04
C PRO A 680 -23.16 -36.67 31.98
N VAL A 681 -22.90 -37.97 32.07
CA VAL A 681 -23.43 -38.93 31.11
C VAL A 681 -24.92 -39.11 31.36
N ALA A 682 -25.67 -39.21 30.23
CA ALA A 682 -27.11 -39.47 30.22
C ALA A 682 -27.39 -40.99 30.26
N SER B 1 -12.54 47.86 0.50
CA SER B 1 -11.62 48.84 1.14
C SER B 1 -12.37 49.84 2.06
N ASP B 2 -13.29 50.73 1.59
CA ASP B 2 -13.96 51.68 2.48
C ASP B 2 -15.44 51.34 2.78
N LEU B 3 -15.92 51.65 4.00
CA LEU B 3 -17.32 51.43 4.38
C LEU B 3 -17.88 52.65 5.13
N LYS B 4 -19.15 52.96 4.84
CA LYS B 4 -19.80 54.11 5.43
C LYS B 4 -21.08 53.69 6.16
N SER B 5 -21.40 54.38 7.26
CA SER B 5 -22.72 54.29 7.88
C SER B 5 -23.78 54.76 6.88
N PRO B 6 -25.05 54.32 7.06
CA PRO B 6 -26.15 54.74 6.20
C PRO B 6 -26.38 56.27 6.21
N ASP B 7 -26.07 56.95 7.33
CA ASP B 7 -26.18 58.42 7.44
C ASP B 7 -24.88 59.16 7.05
N GLY B 8 -23.82 58.46 6.69
CA GLY B 8 -22.65 59.15 6.15
C GLY B 8 -21.65 59.60 7.21
N ASN B 9 -21.99 59.54 8.49
CA ASN B 9 -21.16 60.17 9.50
C ASN B 9 -19.94 59.33 9.88
N PHE B 10 -20.00 58.02 9.59
CA PHE B 10 -18.89 57.13 9.85
C PHE B 10 -18.27 56.60 8.56
N LEU B 11 -16.95 56.56 8.58
CA LEU B 11 -16.15 55.95 7.53
C LEU B 11 -15.18 55.00 8.22
N MET B 12 -15.18 53.72 7.80
CA MET B 12 -14.21 52.73 8.24
C MET B 12 -13.36 52.33 7.04
N HIS B 13 -12.03 52.55 7.14
CA HIS B 13 -11.06 52.19 6.13
C HIS B 13 -10.39 50.86 6.54
N PHE B 14 -10.39 49.88 5.62
CA PHE B 14 -9.71 48.60 5.81
C PHE B 14 -8.53 48.48 4.85
N SER B 15 -7.41 47.94 5.35
CA SER B 15 -6.28 47.69 4.46
C SER B 15 -5.34 46.63 5.04
N LEU B 16 -4.27 46.35 4.28
CA LEU B 16 -3.13 45.56 4.68
C LEU B 16 -1.89 46.45 4.72
N GLU B 17 -1.07 46.22 5.74
CA GLU B 17 0.29 46.73 5.79
C GLU B 17 1.12 45.99 4.76
N ALA B 18 2.32 46.53 4.50
CA ALA B 18 3.28 45.92 3.59
C ALA B 18 3.57 44.46 4.00
N ASP B 19 3.55 44.14 5.30
CA ASP B 19 3.87 42.78 5.72
C ASP B 19 2.63 41.86 5.71
N GLY B 20 1.50 42.32 5.13
CA GLY B 20 0.26 41.54 5.11
C GLY B 20 -0.57 41.60 6.41
N THR B 21 -0.24 42.52 7.36
CA THR B 21 -1.03 42.63 8.60
C THR B 21 -2.34 43.34 8.27
N PRO B 22 -3.50 42.81 8.68
CA PRO B 22 -4.79 43.47 8.48
C PRO B 22 -5.06 44.49 9.59
N VAL B 23 -5.61 45.65 9.14
CA VAL B 23 -5.75 46.84 9.94
C VAL B 23 -7.03 47.55 9.51
N TYR B 24 -7.63 48.24 10.47
CA TYR B 24 -8.80 49.05 10.21
C TYR B 24 -8.64 50.37 10.93
N LYS B 25 -9.49 51.32 10.52
CA LYS B 25 -9.49 52.69 11.01
C LYS B 25 -10.94 53.17 11.00
N LEU B 26 -11.34 54.01 11.96
CA LEU B 26 -12.71 54.50 12.03
C LEU B 26 -12.72 56.02 12.25
N ILE B 27 -13.56 56.68 11.46
CA ILE B 27 -13.65 58.11 11.44
C ILE B 27 -15.10 58.48 11.63
N TYR B 28 -15.36 59.47 12.52
CA TYR B 28 -16.70 59.95 12.82
C TYR B 28 -16.71 61.45 12.63
N LYS B 29 -17.58 61.94 11.72
CA LYS B 29 -17.67 63.36 11.39
C LYS B 29 -16.26 63.94 11.23
N GLY B 30 -15.41 63.21 10.50
CA GLY B 30 -14.10 63.69 10.07
C GLY B 30 -13.05 63.65 11.18
N LYS B 31 -13.36 62.98 12.30
CA LYS B 31 -12.47 62.88 13.45
C LYS B 31 -12.11 61.41 13.65
N ASP B 32 -10.81 61.16 13.80
CA ASP B 32 -10.36 59.83 14.10
C ASP B 32 -10.97 59.39 15.43
N VAL B 33 -11.58 58.21 15.42
CA VAL B 33 -12.08 57.56 16.62
C VAL B 33 -11.30 56.28 16.89
N ILE B 34 -11.16 55.41 15.88
CA ILE B 34 -10.19 54.32 15.91
C ILE B 34 -9.08 54.62 14.93
N LYS B 35 -7.85 54.86 15.44
CA LYS B 35 -6.70 55.03 14.57
C LYS B 35 -6.27 53.65 14.07
N ALA B 36 -5.39 53.62 13.07
CA ALA B 36 -4.96 52.40 12.42
C ALA B 36 -4.75 51.32 13.48
N SER B 37 -5.58 50.28 13.43
CA SER B 37 -5.57 49.22 14.44
C SER B 37 -5.43 47.83 13.80
N LYS B 38 -4.65 46.95 14.43
CA LYS B 38 -4.31 45.66 13.83
C LYS B 38 -5.34 44.60 14.23
N LEU B 39 -5.43 43.57 13.40
CA LEU B 39 -6.41 42.51 13.58
C LEU B 39 -5.71 41.16 13.48
N GLY B 40 -6.31 40.13 14.11
CA GLY B 40 -5.87 38.77 13.93
C GLY B 40 -5.62 38.07 15.26
N PHE B 41 -4.91 36.92 15.19
CA PHE B 41 -4.72 36.05 16.35
C PHE B 41 -3.31 35.46 16.43
N THR B 42 -2.85 35.26 17.67
CA THR B 42 -1.74 34.39 18.01
C THR B 42 -2.33 33.02 18.31
N LEU B 43 -1.90 32.00 17.53
CA LEU B 43 -2.31 30.61 17.75
C LEU B 43 -1.30 29.86 18.60
N LYS B 44 -1.81 28.90 19.40
CA LYS B 44 -0.93 28.02 20.17
C LYS B 44 -0.29 26.95 19.29
N ASN B 45 0.99 26.63 19.53
CA ASN B 45 1.76 25.61 18.82
C ASN B 45 1.68 25.82 17.30
N ASP B 46 1.98 27.06 16.90
CA ASP B 46 1.88 27.47 15.51
C ASP B 46 2.94 28.53 15.28
N ASN B 47 3.87 28.26 14.38
CA ASN B 47 4.99 29.15 14.15
C ASN B 47 4.48 30.52 13.74
N LYS B 48 3.46 30.54 12.85
CA LYS B 48 3.19 31.71 12.04
C LYS B 48 1.95 32.51 12.47
N SER B 49 0.96 31.81 13.03
CA SER B 49 -0.20 32.44 13.61
C SER B 49 -1.06 33.10 12.52
N LEU B 50 -1.93 34.04 12.92
CA LEU B 50 -2.82 34.70 11.99
C LEU B 50 -2.69 36.21 12.19
N LEU B 51 -1.44 36.68 12.10
CA LEU B 51 -1.12 38.06 12.37
C LEU B 51 -0.81 38.81 11.08
N ASN B 52 -0.45 38.11 10.00
CA ASN B 52 0.10 38.82 8.84
C ASN B 52 0.28 37.89 7.62
N ASP B 53 0.91 38.37 6.53
CA ASP B 53 1.09 37.64 5.28
C ASP B 53 -0.26 37.22 4.68
N PHE B 54 -1.27 38.07 4.87
CA PHE B 54 -2.50 37.90 4.11
C PHE B 54 -2.46 38.65 2.79
N LYS B 55 -3.42 38.30 1.95
CA LYS B 55 -3.77 39.10 0.80
C LYS B 55 -5.29 39.09 0.73
N ILE B 56 -5.84 40.03 -0.02
CA ILE B 56 -7.27 40.16 -0.10
C ILE B 56 -7.72 39.30 -1.25
N GLU B 57 -8.63 38.36 -0.99
CA GLU B 57 -9.07 37.41 -2.01
C GLU B 57 -10.34 37.98 -2.61
N ASP B 58 -11.18 38.63 -1.78
CA ASP B 58 -12.49 39.11 -2.23
C ASP B 58 -13.02 40.13 -1.20
N THR B 59 -13.95 41.02 -1.64
CA THR B 59 -14.78 41.80 -0.76
C THR B 59 -16.22 41.77 -1.28
N LYS B 60 -17.19 41.76 -0.36
CA LYS B 60 -18.60 41.81 -0.65
C LYS B 60 -19.25 42.86 0.23
N THR B 61 -19.99 43.78 -0.38
CA THR B 61 -20.73 44.79 0.36
C THR B 61 -22.22 44.42 0.31
N SER B 62 -22.98 44.86 1.31
CA SER B 62 -24.43 44.82 1.21
C SER B 62 -25.02 45.82 2.19
N SER B 63 -26.34 45.88 2.20
CA SER B 63 -27.12 46.72 3.09
C SER B 63 -28.30 45.95 3.67
N PHE B 64 -28.73 46.39 4.84
CA PHE B 64 -29.87 45.80 5.52
C PHE B 64 -30.57 46.89 6.31
N ASP B 65 -31.89 46.79 6.36
CA ASP B 65 -32.75 47.75 7.03
C ASP B 65 -34.12 47.13 7.28
N GLU B 66 -34.36 46.78 8.53
CA GLU B 66 -35.57 46.11 8.97
C GLU B 66 -35.76 46.49 10.44
N ASN B 67 -37.00 46.38 10.90
CA ASN B 67 -37.37 46.49 12.31
C ASN B 67 -37.72 45.10 12.84
N TRP B 68 -37.61 44.94 14.16
CA TRP B 68 -37.95 43.70 14.85
C TRP B 68 -38.49 44.12 16.20
N LYS B 69 -39.49 43.35 16.68
CA LYS B 69 -40.24 43.59 17.91
C LYS B 69 -39.56 42.78 18.99
N PRO B 70 -38.92 43.37 20.01
CA PRO B 70 -38.39 42.58 21.12
C PRO B 70 -39.56 42.05 21.93
N VAL B 71 -39.32 41.05 22.76
CA VAL B 71 -40.35 40.54 23.66
C VAL B 71 -40.59 41.54 24.80
N TRP B 72 -39.46 42.09 25.27
CA TRP B 72 -39.37 43.07 26.32
C TRP B 72 -38.19 43.97 25.97
N GLY B 73 -38.28 45.23 26.44
CA GLY B 73 -37.32 46.21 26.06
C GLY B 73 -37.76 47.62 26.42
N GLU B 74 -36.93 48.56 25.96
CA GLU B 74 -37.12 49.98 26.11
C GLU B 74 -38.06 50.53 25.04
N VAL B 75 -38.28 49.76 23.94
CA VAL B 75 -39.07 50.24 22.82
C VAL B 75 -39.86 49.06 22.30
N SER B 76 -40.91 49.38 21.54
CA SER B 76 -41.79 48.38 20.96
C SER B 76 -41.24 47.78 19.67
N SER B 77 -40.26 48.46 19.05
CA SER B 77 -39.79 48.16 17.70
C SER B 77 -38.39 48.73 17.55
N ILE B 78 -37.46 47.88 17.12
CA ILE B 78 -36.05 48.26 17.03
C ILE B 78 -35.59 48.24 15.57
N ARG B 79 -34.84 49.25 15.19
CA ARG B 79 -34.35 49.38 13.83
C ARG B 79 -32.93 48.85 13.63
N ASN B 80 -32.81 47.82 12.79
CA ASN B 80 -31.57 47.17 12.42
C ASN B 80 -31.19 47.63 11.01
N ASN B 81 -30.18 48.50 10.91
CA ASN B 81 -29.87 49.25 9.71
C ASN B 81 -28.36 49.42 9.65
N TYR B 82 -27.71 48.77 8.67
CA TYR B 82 -26.28 48.90 8.52
C TYR B 82 -25.90 48.74 7.06
N ASN B 83 -24.66 49.16 6.75
CA ASN B 83 -23.94 48.69 5.58
C ASN B 83 -22.88 47.69 6.03
N GLU B 84 -22.62 46.68 5.16
CA GLU B 84 -21.76 45.54 5.47
C GLU B 84 -20.60 45.46 4.47
N LEU B 85 -19.39 45.23 4.99
CA LEU B 85 -18.25 44.93 4.16
C LEU B 85 -17.65 43.61 4.63
N ALA B 86 -17.44 42.65 3.74
CA ALA B 86 -16.95 41.34 4.13
C ALA B 86 -15.67 41.07 3.36
N VAL B 87 -14.54 41.10 4.05
CA VAL B 87 -13.23 40.92 3.45
C VAL B 87 -12.74 39.49 3.63
N SER B 88 -12.55 38.77 2.51
CA SER B 88 -12.06 37.40 2.53
C SER B 88 -10.53 37.40 2.37
N LEU B 89 -9.80 36.97 3.40
CA LEU B 89 -8.35 36.92 3.36
C LEU B 89 -7.86 35.49 3.17
N SER B 90 -6.63 35.38 2.61
CA SER B 90 -5.93 34.15 2.38
C SER B 90 -4.46 34.35 2.80
N GLN B 91 -3.99 33.49 3.72
CA GLN B 91 -2.63 33.64 4.22
C GLN B 91 -1.68 32.90 3.28
N LYS B 92 -0.53 33.50 2.98
CA LYS B 92 0.52 32.81 2.23
C LYS B 92 1.17 31.75 3.10
N GLU B 93 1.73 30.70 2.46
CA GLU B 93 2.45 29.61 3.10
C GLU B 93 1.54 28.63 3.85
N THR B 94 0.34 29.08 4.27
CA THR B 94 -0.58 28.21 4.99
C THR B 94 -1.90 28.00 4.25
N ASP B 95 -2.20 28.76 3.19
CA ASP B 95 -3.51 28.66 2.53
C ASP B 95 -4.65 28.84 3.54
N ARG B 96 -4.40 29.52 4.68
CA ARG B 96 -5.47 29.72 5.63
C ARG B 96 -6.41 30.86 5.20
N LYS B 97 -7.71 30.64 5.46
CA LYS B 97 -8.77 31.56 5.07
C LYS B 97 -9.43 32.18 6.31
N MET B 98 -9.63 33.50 6.25
CA MET B 98 -10.16 34.29 7.36
C MET B 98 -10.93 35.43 6.76
N ILE B 99 -12.22 35.46 7.06
CA ILE B 99 -13.10 36.57 6.72
C ILE B 99 -13.14 37.56 7.87
N ILE B 100 -13.14 38.84 7.54
CA ILE B 100 -13.44 39.85 8.54
C ILE B 100 -14.66 40.63 8.09
N ARG B 101 -15.73 40.57 8.87
CA ARG B 101 -17.00 41.13 8.44
C ARG B 101 -17.32 42.34 9.31
N PHE B 102 -17.54 43.48 8.66
CA PHE B 102 -17.82 44.71 9.35
C PHE B 102 -19.25 45.13 9.07
N ARG B 103 -19.94 45.59 10.11
CA ARG B 103 -21.15 46.32 9.89
C ARG B 103 -21.08 47.70 10.55
N LEU B 104 -21.53 48.67 9.78
CA LEU B 104 -21.41 50.06 10.16
C LEU B 104 -22.82 50.61 10.23
N PHE B 105 -23.24 50.93 11.45
CA PHE B 105 -24.54 51.49 11.74
C PHE B 105 -24.39 53.00 11.95
N ASP B 106 -25.52 53.70 12.11
CA ASP B 106 -25.48 55.12 12.45
C ASP B 106 -24.98 55.34 13.85
N ASP B 107 -25.02 54.29 14.70
CA ASP B 107 -24.52 54.37 16.06
C ASP B 107 -23.05 53.93 16.15
N GLY B 108 -22.47 53.35 15.08
CA GLY B 108 -21.12 52.80 15.14
C GLY B 108 -20.93 51.43 14.48
N LEU B 109 -19.80 50.82 14.85
CA LEU B 109 -19.13 49.79 14.07
C LEU B 109 -19.16 48.48 14.85
N GLY B 110 -19.42 47.41 14.11
CA GLY B 110 -19.12 46.11 14.66
C GLY B 110 -18.37 45.28 13.63
N PHE B 111 -17.49 44.43 14.13
CA PHE B 111 -16.81 43.51 13.26
C PHE B 111 -16.52 42.22 13.98
N ARG B 112 -16.23 41.20 13.17
CA ARG B 112 -15.92 39.89 13.70
C ARG B 112 -15.16 39.13 12.65
N TYR B 113 -14.56 38.04 13.08
CA TYR B 113 -13.85 37.16 12.18
C TYR B 113 -14.66 35.90 11.97
N GLU B 114 -14.56 35.35 10.76
CA GLU B 114 -15.15 34.06 10.44
C GLU B 114 -14.05 33.21 9.82
N PHE B 115 -14.06 31.93 10.18
CA PHE B 115 -13.21 30.96 9.50
C PHE B 115 -14.12 30.02 8.74
N PRO B 116 -14.16 30.06 7.40
CA PRO B 116 -15.05 29.18 6.66
C PRO B 116 -14.44 27.79 6.69
N GLN B 117 -15.27 26.80 6.35
CA GLN B 117 -14.72 25.49 6.06
C GLN B 117 -13.57 25.58 5.05
N GLN B 118 -12.44 24.96 5.43
CA GLN B 118 -11.28 25.01 4.57
C GLN B 118 -10.37 23.82 4.81
N ASN B 119 -9.40 23.68 3.91
CA ASN B 119 -8.62 22.46 3.88
C ASN B 119 -7.42 22.50 4.82
N ASN B 120 -7.00 23.65 5.37
CA ASN B 120 -5.71 23.61 6.06
C ASN B 120 -5.79 24.27 7.42
N LEU B 121 -7.02 24.32 7.96
CA LEU B 121 -7.31 24.87 9.26
C LEU B 121 -8.63 24.24 9.69
N ILE B 122 -8.57 23.41 10.75
CA ILE B 122 -9.69 22.63 11.17
C ILE B 122 -9.81 22.91 12.66
N TYR B 123 -9.17 22.09 13.51
CA TYR B 123 -9.10 22.31 14.93
C TYR B 123 -7.86 23.16 15.15
N PHE B 124 -8.03 24.18 16.01
CA PHE B 124 -6.93 25.07 16.32
C PHE B 124 -7.28 25.77 17.62
N THR B 125 -6.22 26.30 18.28
CA THR B 125 -6.30 26.91 19.57
C THR B 125 -5.81 28.36 19.50
N ILE B 126 -6.67 29.31 19.95
CA ILE B 126 -6.29 30.70 20.11
C ILE B 126 -5.46 30.87 21.38
N LYS B 127 -4.23 31.39 21.23
CA LYS B 127 -3.40 31.73 22.39
C LYS B 127 -3.72 33.15 22.85
N GLU B 128 -3.86 34.10 21.94
CA GLU B 128 -4.39 35.42 22.28
C GLU B 128 -5.08 35.97 21.03
N GLU B 129 -6.22 36.65 21.22
CA GLU B 129 -6.76 37.52 20.19
C GLU B 129 -5.88 38.76 20.10
N ARG B 130 -5.65 39.20 18.85
CA ARG B 130 -4.85 40.37 18.53
C ARG B 130 -5.71 41.33 17.71
N THR B 131 -6.76 41.80 18.37
CA THR B 131 -7.66 42.81 17.90
C THR B 131 -7.35 44.12 18.64
N GLN B 132 -7.04 45.20 17.90
CA GLN B 132 -6.68 46.45 18.55
C GLN B 132 -7.74 47.54 18.37
N PHE B 133 -7.69 48.50 19.30
CA PHE B 133 -8.47 49.72 19.24
C PHE B 133 -7.61 50.87 19.74
N ALA B 134 -6.92 51.48 18.77
CA ALA B 134 -6.01 52.59 18.97
C ALA B 134 -6.85 53.86 19.08
N MET B 135 -6.72 54.50 20.23
CA MET B 135 -7.42 55.73 20.54
C MET B 135 -6.68 56.91 19.93
N ALA B 136 -7.38 58.04 19.76
CA ALA B 136 -6.80 59.21 19.15
C ALA B 136 -6.03 60.05 20.17
N GLY B 137 -6.25 59.79 21.46
CA GLY B 137 -5.57 60.51 22.52
C GLY B 137 -5.90 59.95 23.90
N ASP B 138 -5.40 60.68 24.89
CA ASP B 138 -5.47 60.36 26.30
C ASP B 138 -6.87 60.69 26.81
N HIS B 139 -7.82 59.83 26.44
CA HIS B 139 -9.22 60.08 26.74
C HIS B 139 -9.53 59.86 28.22
N THR B 140 -10.68 60.36 28.64
CA THR B 140 -11.26 60.00 29.90
C THR B 140 -11.91 58.66 29.72
N ALA B 141 -11.82 57.82 30.77
CA ALA B 141 -12.42 56.49 30.74
C ALA B 141 -13.09 56.22 32.07
N TYR B 142 -14.17 55.41 31.97
CA TYR B 142 -14.93 54.92 33.10
C TYR B 142 -14.81 53.39 33.07
N TRP B 143 -14.00 52.86 34.00
CA TRP B 143 -13.46 51.51 33.92
C TRP B 143 -13.40 50.78 35.27
N ILE B 144 -13.27 49.45 35.16
CA ILE B 144 -13.13 48.56 36.28
C ILE B 144 -12.01 47.65 35.92
N PRO B 145 -11.25 47.16 36.93
CA PRO B 145 -10.12 46.27 36.65
C PRO B 145 -10.46 45.03 35.86
N GLY B 146 -9.61 44.68 34.89
CA GLY B 146 -9.73 43.43 34.13
C GLY B 146 -9.66 42.24 35.07
N ASP B 147 -10.64 41.34 35.02
CA ASP B 147 -10.73 40.22 35.94
C ASP B 147 -11.38 39.00 35.27
N TYR B 148 -10.89 37.80 35.58
CA TYR B 148 -11.45 36.59 34.98
C TYR B 148 -12.61 36.00 35.81
N ASP B 149 -12.94 36.59 36.96
CA ASP B 149 -13.83 35.97 37.92
C ASP B 149 -14.87 36.91 38.55
N THR B 150 -14.67 38.24 38.54
CA THR B 150 -15.70 39.11 39.10
C THR B 150 -15.73 40.44 38.34
N GLN B 151 -16.90 41.07 38.29
CA GLN B 151 -17.03 42.42 37.77
C GLN B 151 -17.50 43.35 38.88
N GLU B 152 -17.45 42.86 40.13
CA GLU B 152 -18.06 43.50 41.28
C GLU B 152 -17.20 44.63 41.86
N TYR B 153 -16.70 45.52 40.99
CA TYR B 153 -15.88 46.65 41.42
C TYR B 153 -16.61 47.97 41.24
N ASN B 154 -16.20 48.94 42.05
CA ASN B 154 -16.51 50.32 41.75
C ASN B 154 -15.76 50.78 40.50
N TYR B 155 -16.48 51.56 39.67
CA TYR B 155 -15.88 52.27 38.54
C TYR B 155 -14.89 53.29 39.05
N SER B 156 -13.90 53.57 38.20
CA SER B 156 -12.99 54.67 38.36
C SER B 156 -13.13 55.57 37.15
N THR B 157 -13.06 56.87 37.38
CA THR B 157 -13.08 57.84 36.30
C THR B 157 -11.66 58.39 36.23
N SER B 158 -10.97 58.21 35.09
CA SER B 158 -9.67 58.83 34.96
C SER B 158 -9.32 58.91 33.48
N LYS B 159 -8.16 59.55 33.22
CA LYS B 159 -7.53 59.53 31.91
C LYS B 159 -6.87 58.17 31.68
N LEU B 160 -6.65 57.82 30.42
CA LEU B 160 -6.08 56.53 30.08
C LEU B 160 -4.70 56.46 30.72
N SER B 161 -3.96 57.58 30.71
CA SER B 161 -2.60 57.66 31.27
C SER B 161 -2.56 57.52 32.78
N GLU B 162 -3.74 57.50 33.44
CA GLU B 162 -3.80 57.50 34.90
C GLU B 162 -4.11 56.09 35.42
N ILE B 163 -4.48 55.17 34.52
CA ILE B 163 -5.02 53.88 34.92
C ILE B 163 -3.95 53.02 35.60
N ARG B 164 -2.72 53.06 35.08
CA ARG B 164 -1.62 52.34 35.69
C ARG B 164 -1.47 52.76 37.15
N GLY B 165 -1.44 54.08 37.36
CA GLY B 165 -1.32 54.70 38.67
C GLY B 165 -2.42 54.29 39.64
N LEU B 166 -3.64 54.09 39.12
CA LEU B 166 -4.83 53.94 39.98
C LEU B 166 -5.15 52.47 40.19
N MET B 167 -4.50 51.56 39.43
CA MET B 167 -4.88 50.15 39.44
C MET B 167 -4.83 49.55 40.85
N GLU B 168 -3.74 49.77 41.59
CA GLU B 168 -3.60 49.20 42.92
C GLU B 168 -4.85 49.47 43.76
N LYS B 169 -5.31 50.73 43.84
CA LYS B 169 -6.42 51.11 44.70
C LYS B 169 -7.78 50.68 44.13
N ALA B 170 -7.92 50.68 42.83
CA ALA B 170 -9.18 50.31 42.20
C ALA B 170 -9.41 48.80 42.28
N TYR B 171 -8.34 48.02 42.33
CA TYR B 171 -8.44 46.57 42.47
C TYR B 171 -8.68 46.22 43.93
N THR B 172 -9.96 46.25 44.34
CA THR B 172 -10.29 45.94 45.71
C THR B 172 -10.39 44.42 45.89
N LYS B 173 -9.90 44.02 47.07
CA LYS B 173 -9.73 42.63 47.51
C LYS B 173 -10.98 42.16 48.27
N GLY B 174 -10.91 40.95 48.89
CA GLY B 174 -11.95 40.41 49.77
C GLY B 174 -13.04 39.63 49.02
N ASN B 175 -12.96 39.49 47.70
CA ASN B 175 -13.93 38.75 46.89
C ASN B 175 -13.61 37.25 46.98
N ALA B 176 -14.67 36.46 47.05
CA ALA B 176 -14.62 35.02 47.08
C ALA B 176 -13.83 34.46 45.88
N SER B 177 -13.93 35.16 44.73
CA SER B 177 -13.31 34.75 43.51
C SER B 177 -13.01 35.98 42.70
N GLN B 178 -11.70 36.21 42.45
CA GLN B 178 -11.22 37.31 41.66
C GLN B 178 -9.78 37.01 41.24
N THR B 179 -9.48 37.35 39.95
CA THR B 179 -8.17 37.13 39.37
C THR B 179 -7.89 38.27 38.38
N SER B 180 -6.83 39.07 38.66
CA SER B 180 -6.30 40.11 37.78
C SER B 180 -5.42 39.52 36.67
N PHE B 181 -5.10 40.36 35.68
CA PHE B 181 -4.16 39.93 34.66
C PHE B 181 -3.17 41.01 34.26
N SER B 182 -3.41 42.30 34.59
CA SER B 182 -2.58 43.34 34.06
C SER B 182 -2.75 44.61 34.87
N PRO B 183 -1.64 45.37 35.02
CA PRO B 183 -1.70 46.69 35.63
C PRO B 183 -2.47 47.69 34.78
N THR B 184 -2.71 47.36 33.50
CA THR B 184 -3.48 48.22 32.62
C THR B 184 -4.67 47.50 31.99
N GLY B 185 -5.18 46.46 32.64
CA GLY B 185 -6.27 45.71 32.08
C GLY B 185 -7.61 46.22 32.62
N VAL B 186 -8.60 46.34 31.74
CA VAL B 186 -9.93 46.77 32.11
C VAL B 186 -10.94 45.85 31.45
N GLN B 187 -12.17 45.91 31.95
CA GLN B 187 -13.31 45.20 31.38
C GLN B 187 -14.04 46.07 30.39
N THR B 188 -14.79 45.35 29.58
CA THR B 188 -15.80 45.93 28.72
C THR B 188 -17.12 45.49 29.34
N SER B 189 -18.16 46.29 29.11
CA SER B 189 -18.15 47.46 28.22
C SER B 189 -17.33 48.60 28.85
N LEU B 190 -16.45 49.20 28.03
CA LEU B 190 -15.60 50.29 28.46
C LEU B 190 -16.17 51.59 27.89
N MET B 191 -16.39 52.58 28.76
CA MET B 191 -16.85 53.89 28.32
C MET B 191 -15.71 54.91 28.37
N MET B 192 -15.64 55.70 27.30
CA MET B 192 -14.71 56.81 27.20
C MET B 192 -15.41 58.07 26.69
N LYS B 193 -14.73 59.18 26.98
CA LYS B 193 -15.04 60.50 26.46
C LYS B 193 -13.73 61.20 26.06
N SER B 194 -13.65 61.67 24.81
CA SER B 194 -12.42 62.33 24.36
C SER B 194 -12.44 63.79 24.80
N GLN B 195 -11.26 64.44 24.78
CA GLN B 195 -11.05 65.83 25.19
C GLN B 195 -11.92 66.76 24.36
N ASP B 196 -12.15 66.37 23.09
CA ASP B 196 -12.90 67.14 22.09
C ASP B 196 -14.33 66.58 21.95
N GLY B 197 -14.84 65.88 22.96
CA GLY B 197 -16.27 65.71 23.08
C GLY B 197 -16.88 64.42 22.48
N LEU B 198 -16.10 63.39 22.11
CA LEU B 198 -16.68 62.16 21.58
C LEU B 198 -16.91 61.17 22.71
N TYR B 199 -18.08 60.50 22.69
CA TYR B 199 -18.37 59.42 23.58
C TYR B 199 -18.10 58.10 22.84
N ILE B 200 -17.11 57.32 23.31
CA ILE B 200 -16.64 56.12 22.65
C ILE B 200 -16.80 54.92 23.58
N ASN B 201 -17.56 53.91 23.11
CA ASN B 201 -17.79 52.70 23.88
C ASN B 201 -17.15 51.51 23.17
N LEU B 202 -16.44 50.66 23.93
CA LEU B 202 -15.79 49.48 23.35
C LEU B 202 -16.35 48.26 24.05
N HIS B 203 -16.95 47.34 23.26
CA HIS B 203 -17.63 46.22 23.85
C HIS B 203 -17.58 45.05 22.87
N GLU B 204 -18.41 44.04 23.10
CA GLU B 204 -18.56 42.96 22.12
C GLU B 204 -20.02 42.50 22.15
N ALA B 205 -20.40 41.70 21.18
CA ALA B 205 -21.76 41.24 21.06
C ALA B 205 -21.75 39.78 20.62
N ALA B 206 -22.71 38.99 21.13
CA ALA B 206 -22.92 37.59 20.75
C ALA B 206 -21.72 36.77 21.23
N LEU B 207 -21.47 36.83 22.56
CA LEU B 207 -20.38 36.10 23.15
C LEU B 207 -20.85 34.66 23.28
N ILE B 208 -20.51 33.80 22.30
CA ILE B 208 -21.01 32.45 22.29
C ILE B 208 -19.92 31.53 21.77
N ASN B 209 -19.73 30.40 22.45
CA ASN B 209 -18.70 29.43 22.14
C ASN B 209 -17.35 30.14 22.04
N TYR B 210 -17.07 31.04 22.96
CA TYR B 210 -15.85 31.84 22.87
C TYR B 210 -15.49 32.42 24.25
N SER B 211 -14.25 32.87 24.44
CA SER B 211 -13.81 33.42 25.70
C SER B 211 -14.20 34.90 25.81
N CYS B 212 -14.48 35.34 27.02
CA CYS B 212 -14.83 36.73 27.26
C CYS B 212 -13.66 37.64 26.96
N MET B 213 -13.90 38.73 26.23
CA MET B 213 -12.88 39.73 25.90
C MET B 213 -12.79 40.81 27.00
N HIS B 214 -11.53 41.00 27.47
CA HIS B 214 -11.13 42.14 28.25
C HIS B 214 -10.26 43.01 27.33
N LEU B 215 -9.86 44.21 27.80
CA LEU B 215 -8.91 45.01 27.06
C LEU B 215 -7.68 45.27 27.90
N ASN B 216 -6.52 45.21 27.26
CA ASN B 216 -5.27 45.60 27.86
C ASN B 216 -4.75 46.85 27.17
N LEU B 217 -4.56 47.90 27.96
CA LEU B 217 -4.11 49.17 27.44
C LEU B 217 -2.60 49.20 27.39
N ASP B 218 -2.09 49.51 26.19
CA ASP B 218 -0.74 50.02 26.01
C ASP B 218 -0.83 51.52 26.28
N ASP B 219 -0.34 51.96 27.44
CA ASP B 219 -0.54 53.34 27.89
C ASP B 219 0.56 54.25 27.37
N LYS B 220 1.38 53.75 26.46
CA LYS B 220 2.32 54.60 25.76
C LYS B 220 1.66 55.15 24.50
N ASN B 221 1.02 54.31 23.69
CA ASN B 221 0.41 54.72 22.44
C ASN B 221 -1.12 54.78 22.56
N PHE B 222 -1.67 54.45 23.74
CA PHE B 222 -3.09 54.52 23.96
C PHE B 222 -3.76 53.58 22.96
N VAL B 223 -3.29 52.32 22.93
CA VAL B 223 -3.86 51.26 22.13
C VAL B 223 -4.42 50.20 23.09
N PHE B 224 -5.75 49.94 23.00
CA PHE B 224 -6.34 48.84 23.71
C PHE B 224 -6.28 47.59 22.85
N GLU B 225 -5.94 46.44 23.44
CA GLU B 225 -5.80 45.20 22.70
C GLU B 225 -6.61 44.11 23.38
N SER B 226 -7.39 43.37 22.57
CA SER B 226 -8.21 42.29 23.10
C SER B 226 -7.34 41.37 23.94
N TRP B 227 -7.87 40.98 25.11
CA TRP B 227 -7.22 40.09 26.03
C TRP B 227 -8.33 39.17 26.56
N LEU B 228 -8.26 37.90 26.13
CA LEU B 228 -9.34 36.98 26.37
C LEU B 228 -9.10 36.26 27.70
N THR B 229 -10.12 35.56 28.15
CA THR B 229 -10.10 34.91 29.45
C THR B 229 -9.56 33.49 29.31
N PRO B 230 -8.44 33.14 29.97
CA PRO B 230 -7.92 31.79 29.88
C PRO B 230 -8.89 30.83 30.54
N ASP B 231 -8.87 29.55 30.08
CA ASP B 231 -9.58 28.45 30.70
C ASP B 231 -8.69 27.73 31.70
N SER B 232 -9.11 26.54 32.13
CA SER B 232 -8.43 25.83 33.18
C SER B 232 -7.03 25.42 32.74
N HIS B 233 -6.76 25.41 31.43
CA HIS B 233 -5.48 24.94 30.93
C HIS B 233 -4.71 26.10 30.33
N GLY B 234 -5.21 27.33 30.51
CA GLY B 234 -4.56 28.52 30.03
C GLY B 234 -4.90 28.85 28.59
N ASP B 235 -5.92 28.21 28.01
CA ASP B 235 -6.24 28.42 26.60
C ASP B 235 -7.27 29.52 26.40
N LYS B 236 -7.21 30.22 25.24
CA LYS B 236 -8.15 31.31 24.97
C LYS B 236 -9.09 31.07 23.78
N GLY B 237 -9.51 29.82 23.60
CA GLY B 237 -10.42 29.41 22.54
C GLY B 237 -9.91 28.11 21.92
N LYS B 238 -10.63 27.01 22.15
CA LYS B 238 -10.57 25.80 21.35
C LYS B 238 -11.56 25.96 20.20
N MET B 239 -11.03 26.14 19.00
CA MET B 239 -11.84 26.46 17.85
C MET B 239 -11.87 25.29 16.89
N GLN B 240 -13.02 25.22 16.20
CA GLN B 240 -13.21 24.35 15.07
C GLN B 240 -13.81 25.08 13.87
N ALA B 241 -13.06 25.17 12.77
CA ALA B 241 -13.65 25.77 11.59
C ALA B 241 -14.71 24.83 11.06
N PRO B 242 -15.85 25.29 10.51
CA PRO B 242 -16.20 26.71 10.40
C PRO B 242 -16.68 27.27 11.73
N CYS B 243 -16.15 28.41 12.16
CA CYS B 243 -16.48 28.99 13.44
C CYS B 243 -16.43 30.51 13.26
N LYS B 244 -16.66 31.30 14.33
CA LYS B 244 -16.73 32.74 14.13
C LYS B 244 -16.66 33.38 15.49
N THR B 245 -15.96 34.50 15.59
CA THR B 245 -15.82 35.15 16.89
C THR B 245 -17.09 35.95 17.15
N PRO B 246 -17.27 36.47 18.38
CA PRO B 246 -18.25 37.50 18.64
C PRO B 246 -17.90 38.79 17.90
N TRP B 247 -18.89 39.65 17.73
CA TRP B 247 -18.62 40.98 17.24
C TRP B 247 -17.84 41.81 18.26
N ARG B 248 -16.91 42.63 17.75
CA ARG B 248 -16.32 43.67 18.56
C ARG B 248 -17.00 44.99 18.17
N THR B 249 -17.35 45.82 19.16
CA THR B 249 -18.23 46.97 18.93
C THR B 249 -17.57 48.26 19.41
N VAL B 250 -17.67 49.25 18.53
CA VAL B 250 -17.24 50.61 18.82
C VAL B 250 -18.44 51.53 18.63
N ILE B 251 -19.06 51.91 19.75
CA ILE B 251 -20.28 52.67 19.68
C ILE B 251 -19.94 54.12 19.96
N VAL B 252 -20.22 55.01 18.99
CA VAL B 252 -19.76 56.40 19.08
C VAL B 252 -20.89 57.40 18.92
N SER B 253 -20.74 58.54 19.58
CA SER B 253 -21.65 59.66 19.35
C SER B 253 -21.09 60.91 19.97
N ASP B 254 -21.44 62.05 19.40
CA ASP B 254 -21.14 63.35 19.98
C ASP B 254 -22.13 63.71 21.08
N ASP B 255 -23.19 62.90 21.24
CA ASP B 255 -24.21 63.10 22.26
C ASP B 255 -24.27 61.82 23.10
N ALA B 256 -23.89 61.91 24.36
CA ALA B 256 -23.88 60.79 25.30
C ALA B 256 -25.23 60.08 25.34
N ARG B 257 -26.31 60.78 25.06
CA ARG B 257 -27.61 60.14 25.21
C ARG B 257 -27.76 58.97 24.25
N ASN B 258 -27.25 59.13 23.03
CA ASN B 258 -27.42 58.16 21.95
C ASN B 258 -26.67 56.86 22.25
N ILE B 259 -25.66 56.95 23.12
CA ILE B 259 -24.94 55.77 23.53
C ILE B 259 -25.92 54.90 24.30
N LEU B 260 -26.71 55.51 25.20
CA LEU B 260 -27.65 54.74 26.00
C LEU B 260 -28.78 54.19 25.14
N ALA B 261 -29.21 54.94 24.11
CA ALA B 261 -30.36 54.62 23.29
C ALA B 261 -30.01 53.50 22.28
N SER B 262 -28.72 53.30 22.03
CA SER B 262 -28.31 52.39 20.97
C SER B 262 -28.74 50.94 21.25
N LYS B 263 -29.09 50.29 20.16
CA LYS B 263 -29.50 48.89 20.14
C LYS B 263 -28.54 48.06 19.31
N LEU B 264 -27.35 48.61 19.05
CA LEU B 264 -26.41 48.01 18.12
C LEU B 264 -26.04 46.64 18.62
N THR B 265 -25.79 46.55 19.93
CA THR B 265 -25.42 45.29 20.54
C THR B 265 -26.51 44.22 20.31
N TYR B 266 -27.74 44.52 20.65
CA TYR B 266 -28.81 43.59 20.29
C TYR B 266 -28.82 43.30 18.79
N ASN B 267 -28.57 44.33 17.98
CA ASN B 267 -28.79 44.17 16.56
C ASN B 267 -27.78 43.19 15.96
N LEU B 268 -26.64 43.04 16.63
CA LEU B 268 -25.61 42.16 16.14
C LEU B 268 -25.83 40.72 16.59
N ASN B 269 -26.78 40.48 17.50
CA ASN B 269 -27.16 39.12 17.87
C ASN B 269 -28.26 38.59 16.94
N GLU B 270 -28.30 37.28 16.73
CA GLU B 270 -29.30 36.60 15.89
C GLU B 270 -30.72 36.76 16.45
N PRO B 271 -31.76 36.77 15.59
CA PRO B 271 -33.17 36.80 16.02
C PRO B 271 -33.62 35.75 17.04
N SER B 272 -34.61 36.10 17.88
CA SER B 272 -35.14 35.17 18.85
C SER B 272 -35.22 33.75 18.27
N LYS B 273 -34.77 32.74 19.02
CA LYS B 273 -35.02 31.35 18.66
C LYS B 273 -36.13 30.76 19.55
N ILE B 274 -36.79 31.58 20.36
CA ILE B 274 -37.99 31.12 21.04
C ILE B 274 -39.17 31.63 20.23
N GLN B 275 -39.98 30.69 19.74
CA GLN B 275 -41.06 30.98 18.83
C GLN B 275 -42.21 31.68 19.57
N GLU B 276 -42.57 31.09 20.73
CA GLU B 276 -43.75 31.50 21.47
C GLU B 276 -43.25 32.12 22.77
N THR B 277 -43.49 33.45 22.98
CA THR B 277 -42.77 34.23 23.97
C THR B 277 -43.70 34.85 25.02
N SER B 278 -45.01 34.60 25.00
CA SER B 278 -45.93 35.15 25.99
C SER B 278 -45.73 34.58 27.42
N TRP B 279 -45.00 33.46 27.59
CA TRP B 279 -44.69 32.95 28.92
C TRP B 279 -43.52 33.74 29.53
N ILE B 280 -42.78 34.51 28.70
CA ILE B 280 -41.72 35.36 29.23
C ILE B 280 -42.34 36.64 29.78
N LYS B 281 -42.04 37.00 31.02
CA LYS B 281 -42.87 37.97 31.74
C LYS B 281 -42.02 38.93 32.53
N PRO B 282 -42.00 40.22 32.10
CA PRO B 282 -41.39 41.28 32.90
C PRO B 282 -42.00 41.22 34.29
N THR B 283 -41.15 41.37 35.31
CA THR B 283 -41.47 40.95 36.67
C THR B 283 -41.01 42.01 37.65
N LYS B 284 -41.95 42.44 38.49
CA LYS B 284 -41.63 43.24 39.65
C LYS B 284 -41.80 42.32 40.87
N TYR B 285 -40.76 42.29 41.74
CA TYR B 285 -40.69 41.27 42.78
C TYR B 285 -40.06 41.87 44.03
N VAL B 286 -40.41 41.22 45.16
CA VAL B 286 -39.71 41.35 46.43
C VAL B 286 -39.06 40.00 46.75
N GLY B 287 -38.40 39.92 47.90
CA GLY B 287 -37.86 38.64 48.32
C GLY B 287 -37.24 38.68 49.70
N VAL B 288 -37.18 37.47 50.25
CA VAL B 288 -36.38 37.15 51.41
C VAL B 288 -34.95 37.09 50.90
N TRP B 289 -34.22 38.17 51.17
CA TRP B 289 -33.02 38.40 50.38
C TRP B 289 -32.09 39.39 51.09
N TRP B 290 -32.55 40.64 51.15
CA TRP B 290 -31.84 41.72 51.78
C TRP B 290 -31.58 41.39 53.25
N GLU B 291 -32.53 40.66 53.84
CA GLU B 291 -32.31 40.28 55.23
C GLU B 291 -30.98 39.55 55.39
N MET B 292 -30.62 38.68 54.46
CA MET B 292 -29.39 37.92 54.59
C MET B 292 -28.19 38.79 54.18
N ILE B 293 -28.39 39.53 53.09
CA ILE B 293 -27.32 40.36 52.54
C ILE B 293 -26.89 41.40 53.58
N SER B 294 -27.86 41.95 54.33
CA SER B 294 -27.59 43.06 55.22
C SER B 294 -27.37 42.61 56.66
N GLY B 295 -27.24 41.29 56.93
CA GLY B 295 -26.72 40.77 58.19
C GLY B 295 -27.79 40.50 59.24
N LYS B 296 -29.05 40.40 58.81
CA LYS B 296 -30.15 40.30 59.77
C LYS B 296 -30.55 38.84 59.88
N SER B 297 -30.36 38.08 58.78
CA SER B 297 -30.78 36.69 58.71
C SER B 297 -29.67 35.82 58.12
N THR B 298 -29.85 34.50 58.20
CA THR B 298 -28.94 33.55 57.57
C THR B 298 -29.65 32.87 56.43
N TRP B 299 -28.85 32.43 55.45
CA TRP B 299 -29.34 31.49 54.47
C TRP B 299 -29.43 30.11 55.11
N SER B 300 -28.48 29.82 55.99
CA SER B 300 -28.37 28.55 56.66
C SER B 300 -29.54 28.33 57.62
N TYR B 301 -29.81 27.06 57.94
CA TYR B 301 -30.87 26.66 58.85
C TYR B 301 -30.34 26.36 60.25
N THR B 302 -29.18 25.74 60.32
CA THR B 302 -28.61 25.42 61.61
C THR B 302 -27.14 25.83 61.64
N ASP B 303 -26.67 26.02 62.87
CA ASP B 303 -25.30 26.35 63.21
C ASP B 303 -24.73 25.14 63.92
N GLU B 304 -25.49 24.05 64.03
CA GLU B 304 -25.09 22.94 64.89
C GLU B 304 -23.77 22.31 64.43
N PHE B 305 -23.45 22.33 63.12
CA PHE B 305 -22.41 21.42 62.62
C PHE B 305 -21.19 22.14 62.01
N PRO B 306 -19.98 21.55 62.11
CA PRO B 306 -18.80 22.06 61.40
C PRO B 306 -18.95 22.22 59.88
N SER B 307 -19.65 21.27 59.28
CA SER B 307 -19.91 21.26 57.85
C SER B 307 -21.13 20.37 57.66
N VAL B 308 -21.74 20.33 56.49
CA VAL B 308 -22.91 19.47 56.31
C VAL B 308 -22.65 18.53 55.12
N GLN B 309 -23.40 17.44 55.02
CA GLN B 309 -23.26 16.50 53.90
C GLN B 309 -24.66 16.07 53.44
N LEU B 310 -24.98 16.43 52.23
CA LEU B 310 -26.35 16.24 51.79
C LEU B 310 -26.63 14.75 51.66
N GLY B 311 -27.79 14.33 52.12
CA GLY B 311 -28.13 12.93 52.20
C GLY B 311 -27.68 12.31 53.53
N VAL B 312 -26.76 12.92 54.29
CA VAL B 312 -26.26 12.36 55.55
C VAL B 312 -26.76 13.22 56.73
N THR B 313 -26.53 14.53 56.68
CA THR B 313 -27.04 15.41 57.71
C THR B 313 -28.58 15.32 57.72
N ASP B 314 -29.18 15.06 58.89
CA ASP B 314 -30.61 15.03 59.06
C ASP B 314 -31.04 16.36 59.64
N PHE B 315 -31.48 17.23 58.72
CA PHE B 315 -31.85 18.59 59.05
C PHE B 315 -33.13 18.62 59.87
N SER B 316 -34.07 17.68 59.63
CA SER B 316 -35.28 17.56 60.43
C SER B 316 -34.93 17.44 61.91
N LYS B 317 -33.71 17.00 62.25
CA LYS B 317 -33.41 16.82 63.66
C LYS B 317 -32.34 17.80 64.15
N ALA B 318 -31.85 18.66 63.27
CA ALA B 318 -30.87 19.64 63.63
C ALA B 318 -31.48 20.77 64.45
N LYS B 319 -30.62 21.42 65.27
CA LYS B 319 -31.02 22.56 66.08
C LYS B 319 -31.21 23.79 65.19
N PRO B 320 -32.44 24.33 65.02
CA PRO B 320 -32.62 25.55 64.21
C PRO B 320 -31.84 26.71 64.80
N ASN B 321 -31.22 27.53 63.95
CA ASN B 321 -30.50 28.66 64.53
C ASN B 321 -31.44 29.85 64.78
N ARG B 322 -32.67 29.81 64.27
CA ARG B 322 -33.70 30.82 64.54
C ARG B 322 -33.29 32.20 64.02
N LYS B 323 -32.35 32.22 63.09
CA LYS B 323 -31.95 33.41 62.35
C LYS B 323 -32.34 33.23 60.89
N HIS B 324 -32.78 32.00 60.53
CA HIS B 324 -32.91 31.57 59.15
C HIS B 324 -33.99 32.41 58.47
N GLY B 325 -33.69 32.96 57.31
CA GLY B 325 -34.63 33.81 56.63
C GLY B 325 -35.80 33.05 56.03
N ALA B 326 -35.59 31.89 55.43
CA ALA B 326 -36.59 31.38 54.52
C ALA B 326 -37.51 30.43 55.26
N THR B 327 -38.16 30.93 56.33
CA THR B 327 -39.17 30.14 57.07
C THR B 327 -40.49 30.30 56.36
N THR B 328 -41.42 29.37 56.58
CA THR B 328 -42.78 29.48 56.05
C THR B 328 -43.39 30.79 56.57
N ALA B 329 -43.30 30.99 57.88
CA ALA B 329 -43.84 32.20 58.49
C ALA B 329 -43.34 33.46 57.77
N ASN B 330 -42.01 33.56 57.56
CA ASN B 330 -41.44 34.78 57.02
C ASN B 330 -41.75 34.92 55.54
N VAL B 331 -41.60 33.83 54.78
CA VAL B 331 -41.91 33.92 53.37
C VAL B 331 -43.36 34.38 53.21
N LYS B 332 -44.30 33.94 54.07
CA LYS B 332 -45.69 34.42 54.01
C LYS B 332 -45.81 35.95 54.17
N ARG B 333 -45.01 36.56 55.05
CA ARG B 333 -45.02 38.02 55.16
C ARG B 333 -44.76 38.67 53.81
N TYR B 334 -43.88 38.10 52.99
CA TYR B 334 -43.48 38.79 51.75
C TYR B 334 -44.50 38.51 50.64
N ILE B 335 -45.06 37.32 50.63
CA ILE B 335 -46.19 37.01 49.76
C ILE B 335 -47.35 37.99 50.01
N ASP B 336 -47.75 38.11 51.29
CA ASP B 336 -48.85 38.98 51.69
C ASP B 336 -48.60 40.40 51.17
N PHE B 337 -47.35 40.83 51.25
CA PHE B 337 -46.95 42.18 50.89
C PHE B 337 -46.93 42.37 49.38
N ALA B 338 -46.44 41.36 48.66
CA ALA B 338 -46.45 41.37 47.21
C ALA B 338 -47.88 41.44 46.67
N ALA B 339 -48.76 40.56 47.18
CA ALA B 339 -50.13 40.45 46.66
C ALA B 339 -50.87 41.76 46.88
N LYS B 340 -50.71 42.27 48.11
CA LYS B 340 -51.37 43.51 48.51
C LYS B 340 -50.86 44.66 47.65
N ASN B 341 -49.64 44.63 47.12
CA ASN B 341 -49.09 45.83 46.53
C ASN B 341 -48.91 45.72 45.00
N GLY B 342 -49.56 44.71 44.38
CA GLY B 342 -49.57 44.52 42.94
C GLY B 342 -48.27 43.94 42.37
N PHE B 343 -47.43 43.33 43.21
CA PHE B 343 -46.20 42.75 42.71
C PHE B 343 -46.41 41.34 42.18
N ASP B 344 -45.58 40.91 41.23
CA ASP B 344 -45.75 39.63 40.53
C ASP B 344 -45.16 38.47 41.31
N ALA B 345 -44.01 38.68 41.97
CA ALA B 345 -43.30 37.53 42.50
C ALA B 345 -42.51 37.84 43.77
N VAL B 346 -41.96 36.74 44.33
CA VAL B 346 -41.23 36.72 45.58
C VAL B 346 -40.02 35.80 45.42
N LEU B 347 -38.80 36.35 45.41
CA LEU B 347 -37.58 35.57 45.51
C LEU B 347 -37.43 35.08 46.96
N VAL B 348 -37.04 33.79 47.10
CA VAL B 348 -36.62 33.23 48.37
C VAL B 348 -35.26 32.60 48.19
N GLU B 349 -34.30 33.04 48.99
CA GLU B 349 -32.99 32.43 49.02
C GLU B 349 -32.84 31.76 50.38
N GLY B 350 -32.14 30.62 50.37
CA GLY B 350 -31.90 29.80 51.54
C GLY B 350 -33.04 28.85 51.88
N TRP B 351 -33.80 28.48 50.84
CA TRP B 351 -34.93 27.57 50.96
C TRP B 351 -34.43 26.11 51.02
N ASN B 352 -33.24 25.80 50.46
CA ASN B 352 -32.84 24.42 50.20
C ASN B 352 -31.67 23.92 51.06
N GLU B 353 -31.57 22.59 51.30
CA GLU B 353 -30.50 22.10 52.14
C GLU B 353 -29.13 22.49 51.56
N GLY B 354 -28.15 22.86 52.40
CA GLY B 354 -26.77 23.03 51.97
C GLY B 354 -26.17 24.36 52.40
N TRP B 355 -27.04 25.34 52.72
CA TRP B 355 -26.56 26.72 52.84
C TRP B 355 -25.52 26.89 53.95
N GLU B 356 -25.40 25.95 54.92
CA GLU B 356 -24.34 26.07 55.95
C GLU B 356 -22.93 26.20 55.34
N ASP B 357 -22.74 25.71 54.09
CA ASP B 357 -21.43 25.53 53.49
C ASP B 357 -21.33 26.27 52.15
N TRP B 358 -22.10 27.31 51.95
CA TRP B 358 -22.28 27.84 50.61
C TRP B 358 -21.13 28.66 50.08
N ILE B 359 -20.23 29.12 50.97
CA ILE B 359 -19.24 30.10 50.56
C ILE B 359 -17.84 29.73 50.99
N GLY B 360 -16.96 29.74 49.98
CA GLY B 360 -15.52 29.60 50.15
C GLY B 360 -15.07 28.21 50.62
N HIS B 361 -15.90 27.16 50.45
CA HIS B 361 -15.43 25.83 50.83
C HIS B 361 -14.98 25.03 49.62
N GLU B 362 -15.24 25.56 48.41
CA GLU B 362 -14.90 24.91 47.16
C GLU B 362 -15.55 23.54 47.17
N LYS B 363 -16.81 23.49 47.60
CA LYS B 363 -17.52 22.23 47.74
C LYS B 363 -18.25 21.88 46.45
N ASP B 364 -18.16 20.61 46.06
CA ASP B 364 -18.74 20.08 44.84
C ASP B 364 -20.24 19.83 45.04
N TYR B 365 -20.55 18.88 45.94
CA TYR B 365 -21.89 18.44 46.20
C TYR B 365 -22.47 19.36 47.26
N VAL B 366 -22.67 20.61 46.87
CA VAL B 366 -22.98 21.68 47.80
C VAL B 366 -24.48 21.86 47.91
N PHE B 367 -25.24 21.62 46.81
CA PHE B 367 -26.68 21.75 46.82
C PHE B 367 -27.30 20.68 45.93
N ASP B 368 -28.55 20.26 46.16
CA ASP B 368 -29.22 19.39 45.22
C ASP B 368 -30.30 20.16 44.49
N PHE B 369 -30.59 21.41 44.89
CA PHE B 369 -31.51 22.28 44.16
C PHE B 369 -32.95 21.74 44.22
N VAL B 370 -33.23 20.74 45.07
CA VAL B 370 -34.54 20.17 45.13
C VAL B 370 -35.04 20.00 46.56
N THR B 371 -34.17 19.87 47.58
CA THR B 371 -34.61 19.43 48.93
C THR B 371 -34.85 20.62 49.86
N PRO B 372 -36.11 20.97 50.21
CA PRO B 372 -36.32 22.11 51.10
C PRO B 372 -35.79 21.85 52.51
N TYR B 373 -35.42 22.96 53.18
CA TYR B 373 -35.14 22.91 54.62
C TYR B 373 -36.42 22.50 55.32
N PRO B 374 -36.35 21.96 56.54
CA PRO B 374 -37.55 21.50 57.24
C PRO B 374 -38.53 22.59 57.69
N ASP B 375 -38.14 23.88 57.64
CA ASP B 375 -39.00 25.02 58.00
C ASP B 375 -39.53 25.73 56.74
N PHE B 376 -39.26 25.19 55.54
CA PHE B 376 -39.77 25.76 54.31
C PHE B 376 -40.72 24.77 53.62
N ASP B 377 -42.03 24.97 53.76
CA ASP B 377 -43.08 24.13 53.17
C ASP B 377 -43.25 24.55 51.72
N ILE B 378 -42.49 23.94 50.82
CA ILE B 378 -42.48 24.33 49.42
C ILE B 378 -43.89 24.20 48.85
N LYS B 379 -44.62 23.17 49.26
CA LYS B 379 -45.90 22.91 48.67
C LYS B 379 -46.88 23.99 49.13
N GLY B 380 -47.03 24.16 50.43
CA GLY B 380 -47.97 25.14 50.98
C GLY B 380 -47.72 26.57 50.51
N LEU B 381 -46.45 26.97 50.49
CA LEU B 381 -46.02 28.29 50.04
C LEU B 381 -46.33 28.54 48.56
N ASN B 382 -46.04 27.58 47.69
CA ASN B 382 -46.41 27.76 46.30
C ASN B 382 -47.93 27.73 46.12
N GLU B 383 -48.67 26.88 46.79
CA GLU B 383 -50.12 26.96 46.78
C GLU B 383 -50.59 28.35 47.27
N TYR B 384 -50.01 28.84 48.38
CA TYR B 384 -50.50 30.04 49.03
C TYR B 384 -50.21 31.26 48.14
N ALA B 385 -49.03 31.28 47.53
CA ALA B 385 -48.68 32.35 46.61
C ALA B 385 -49.64 32.36 45.42
N HIS B 386 -49.76 31.22 44.73
CA HIS B 386 -50.63 31.06 43.55
C HIS B 386 -52.06 31.47 43.89
N ALA B 387 -52.59 31.07 45.05
CA ALA B 387 -53.94 31.51 45.37
C ALA B 387 -54.00 33.02 45.66
N LYS B 388 -52.88 33.72 45.86
CA LYS B 388 -52.88 35.17 46.01
C LYS B 388 -52.37 35.84 44.73
N LYS B 389 -52.48 35.14 43.60
CA LYS B 389 -52.00 35.60 42.30
C LYS B 389 -50.53 36.02 42.32
N VAL B 390 -49.68 35.34 43.10
CA VAL B 390 -48.26 35.61 43.14
C VAL B 390 -47.48 34.31 42.83
N LYS B 391 -46.26 34.46 42.31
CA LYS B 391 -45.34 33.36 42.04
C LYS B 391 -44.12 33.52 42.92
N LEU B 392 -43.44 32.42 43.23
CA LEU B 392 -42.11 32.49 43.81
C LEU B 392 -41.06 32.43 42.68
N ILE B 393 -39.95 33.16 42.85
CA ILE B 393 -38.79 33.05 41.99
C ILE B 393 -37.86 32.04 42.65
N MET B 394 -37.44 31.04 41.86
CA MET B 394 -36.58 29.97 42.37
C MET B 394 -35.17 30.52 42.51
N HIS B 395 -34.42 30.05 43.52
CA HIS B 395 -33.03 30.43 43.66
C HIS B 395 -32.15 29.20 43.56
N HIS B 396 -31.18 29.27 42.63
CA HIS B 396 -30.24 28.19 42.40
C HIS B 396 -28.82 28.74 42.55
N GLU B 397 -28.34 28.91 43.77
CA GLU B 397 -26.92 29.22 43.89
C GLU B 397 -26.09 27.96 43.68
N THR B 398 -25.00 28.07 42.91
CA THR B 398 -24.25 26.88 42.53
C THR B 398 -22.99 26.80 43.35
N SER B 399 -22.58 27.92 43.91
CA SER B 399 -21.34 28.03 44.68
C SER B 399 -20.15 27.57 43.87
N GLY B 400 -20.20 27.83 42.56
CA GLY B 400 -19.10 27.50 41.66
C GLY B 400 -19.07 26.04 41.17
N ALA B 401 -19.93 25.19 41.66
CA ALA B 401 -19.88 23.78 41.33
C ALA B 401 -20.77 23.49 40.13
N VAL B 402 -20.21 23.84 38.98
CA VAL B 402 -20.94 23.82 37.74
C VAL B 402 -21.33 22.38 37.37
N ARG B 403 -20.42 21.40 37.47
CA ARG B 403 -20.80 20.05 37.10
C ARG B 403 -21.95 19.65 38.00
N ASN B 404 -21.83 19.91 39.31
CA ASN B 404 -22.90 19.57 40.26
C ASN B 404 -24.26 20.17 39.88
N TYR B 405 -24.25 21.42 39.38
CA TYR B 405 -25.48 22.07 38.99
C TYR B 405 -26.02 21.37 37.74
N GLU B 406 -25.15 21.13 36.74
CA GLU B 406 -25.54 20.52 35.48
C GLU B 406 -26.17 19.15 35.71
N ARG B 407 -25.58 18.36 36.58
CA ARG B 407 -26.18 17.06 36.85
C ARG B 407 -27.56 17.16 37.49
N HIS B 408 -27.83 18.24 38.23
CA HIS B 408 -29.06 18.39 38.99
C HIS B 408 -30.11 19.18 38.23
N MET B 409 -29.69 19.76 37.11
CA MET B 409 -30.40 20.86 36.46
C MET B 409 -31.78 20.43 35.96
N ASP B 410 -31.85 19.26 35.34
CA ASP B 410 -33.08 18.78 34.76
C ASP B 410 -34.11 18.60 35.87
N ALA B 411 -33.75 17.89 36.94
CA ALA B 411 -34.68 17.65 38.02
C ALA B 411 -35.02 18.95 38.74
N ALA B 412 -34.12 19.93 38.76
CA ALA B 412 -34.38 21.19 39.46
C ALA B 412 -35.38 22.02 38.67
N TYR B 413 -35.21 22.06 37.34
CA TYR B 413 -36.12 22.70 36.41
C TYR B 413 -37.49 22.03 36.47
N LYS B 414 -37.53 20.70 36.53
CA LYS B 414 -38.79 19.96 36.63
C LYS B 414 -39.54 20.33 37.90
N LEU B 415 -38.83 20.42 39.02
CA LEU B 415 -39.42 20.77 40.31
C LEU B 415 -39.97 22.19 40.23
N MET B 416 -39.34 23.05 39.41
CA MET B 416 -39.90 24.36 39.17
C MET B 416 -41.26 24.27 38.48
N LYS B 417 -41.36 23.43 37.47
CA LYS B 417 -42.59 23.34 36.69
C LYS B 417 -43.69 22.76 37.59
N GLN B 418 -43.28 21.75 38.38
CA GLN B 418 -44.19 21.06 39.28
C GLN B 418 -44.89 22.06 40.19
N TYR B 419 -44.16 23.02 40.75
CA TYR B 419 -44.77 23.92 41.73
C TYR B 419 -45.08 25.29 41.12
N GLY B 420 -44.88 25.55 39.84
CA GLY B 420 -45.21 26.82 39.20
C GLY B 420 -44.19 27.93 39.47
N TYR B 421 -42.92 27.58 39.63
CA TYR B 421 -41.91 28.58 39.44
C TYR B 421 -41.63 28.69 37.93
N ASP B 422 -41.63 29.90 37.38
CA ASP B 422 -41.31 30.10 35.98
C ASP B 422 -40.06 30.99 35.82
N ALA B 423 -39.40 31.39 36.92
CA ALA B 423 -38.16 32.15 36.76
C ALA B 423 -37.17 31.69 37.82
N VAL B 424 -35.88 31.68 37.44
CA VAL B 424 -34.85 31.26 38.35
C VAL B 424 -33.75 32.29 38.41
N LYS B 425 -33.30 32.49 39.62
CA LYS B 425 -32.15 33.32 39.88
C LYS B 425 -31.01 32.37 40.17
N SER B 426 -29.95 32.40 39.37
CA SER B 426 -28.86 31.48 39.60
C SER B 426 -27.65 32.25 40.11
N GLY B 427 -26.61 31.52 40.52
CA GLY B 427 -25.45 32.12 41.15
C GLY B 427 -24.22 31.23 41.02
N TYR B 428 -23.06 31.86 41.04
CA TYR B 428 -21.79 31.26 40.75
C TYR B 428 -20.79 31.93 41.67
N VAL B 429 -21.06 31.77 42.97
CA VAL B 429 -20.23 32.43 43.97
C VAL B 429 -19.09 31.50 44.40
N GLY B 430 -17.87 32.07 44.36
CA GLY B 430 -16.66 31.32 44.68
C GLY B 430 -15.92 30.90 43.40
N ASN B 431 -14.75 30.28 43.56
CA ASN B 431 -14.04 29.83 42.39
C ASN B 431 -14.82 28.71 41.70
N ILE B 432 -14.78 28.72 40.40
CA ILE B 432 -15.37 27.67 39.62
C ILE B 432 -14.58 26.39 39.87
N LEU B 433 -15.33 25.30 39.93
CA LEU B 433 -14.77 23.99 40.16
C LEU B 433 -14.73 23.23 38.84
N PRO B 434 -13.73 22.37 38.61
CA PRO B 434 -12.52 22.30 39.44
C PRO B 434 -11.68 23.56 39.54
N LEU B 435 -10.97 23.73 40.66
CA LEU B 435 -10.02 24.83 40.78
C LEU B 435 -9.14 25.01 39.56
N GLY B 436 -9.00 26.26 39.12
CA GLY B 436 -8.13 26.59 37.99
C GLY B 436 -8.93 27.13 36.82
N GLU B 437 -10.21 26.71 36.74
CA GLU B 437 -11.21 27.27 35.84
C GLU B 437 -11.54 28.73 36.23
N THR B 438 -11.98 29.52 35.23
CA THR B 438 -12.39 30.89 35.45
C THR B 438 -13.89 31.04 35.11
N HIS B 439 -14.49 32.12 35.59
CA HIS B 439 -15.87 32.45 35.36
C HIS B 439 -16.15 32.79 33.90
N TYR B 440 -15.19 33.38 33.17
CA TYR B 440 -15.52 33.98 31.88
C TYR B 440 -14.76 33.34 30.71
N SER B 441 -14.17 32.14 30.96
CA SER B 441 -13.64 31.30 29.89
C SER B 441 -14.71 30.83 28.92
N GLN B 442 -14.24 30.29 27.79
CA GLN B 442 -15.13 29.71 26.78
C GLN B 442 -15.93 28.55 27.39
N TRP B 443 -15.21 27.82 28.24
CA TRP B 443 -15.72 26.63 28.88
C TRP B 443 -16.86 27.01 29.81
N THR B 444 -16.60 27.99 30.68
CA THR B 444 -17.63 28.38 31.61
C THR B 444 -18.74 29.13 30.87
N ASN B 445 -18.43 29.91 29.82
CA ASN B 445 -19.51 30.63 29.14
C ASN B 445 -20.50 29.67 28.49
N ASN B 446 -20.00 28.52 28.05
CA ASN B 446 -20.76 27.45 27.45
C ASN B 446 -21.81 26.99 28.46
N HIS B 447 -21.36 26.81 29.73
CA HIS B 447 -22.24 26.45 30.82
C HIS B 447 -23.38 27.47 30.97
N TYR B 448 -23.06 28.79 31.02
CA TYR B 448 -24.16 29.76 31.22
C TYR B 448 -25.16 29.63 30.05
N GLN B 449 -24.61 29.47 28.84
CA GLN B 449 -25.41 29.37 27.62
C GLN B 449 -26.29 28.12 27.68
N TYR B 450 -25.72 27.00 28.19
CA TYR B 450 -26.44 25.74 28.30
C TYR B 450 -27.62 25.87 29.28
N ALA B 451 -27.39 26.50 30.43
CA ALA B 451 -28.45 26.78 31.41
C ALA B 451 -29.64 27.51 30.78
N ILE B 452 -29.31 28.49 29.92
CA ILE B 452 -30.32 29.36 29.32
C ILE B 452 -31.15 28.58 28.31
N GLU B 453 -30.47 27.78 27.45
CA GLU B 453 -31.13 27.04 26.39
C GLU B 453 -32.04 25.99 26.99
N LYS B 454 -31.53 25.33 28.03
CA LYS B 454 -32.34 24.27 28.63
C LYS B 454 -33.50 24.93 29.37
N ALA B 455 -33.22 25.96 30.17
CA ALA B 455 -34.29 26.79 30.73
C ALA B 455 -35.36 27.07 29.69
N ALA B 456 -34.98 27.53 28.48
CA ALA B 456 -35.96 27.90 27.46
C ALA B 456 -36.87 26.75 27.10
N ASP B 457 -36.28 25.55 26.91
CA ASP B 457 -37.03 24.33 26.62
C ASP B 457 -38.08 23.98 27.69
N TYR B 458 -37.85 24.40 28.96
CA TYR B 458 -38.79 24.19 30.05
C TYR B 458 -39.69 25.42 30.22
N GLN B 459 -39.47 26.47 29.40
CA GLN B 459 -40.19 27.74 29.49
C GLN B 459 -39.92 28.37 30.85
N ILE B 460 -38.64 28.63 31.08
CA ILE B 460 -38.11 29.11 32.33
C ILE B 460 -37.22 30.28 31.99
N MET B 461 -37.42 31.34 32.79
CA MET B 461 -36.64 32.53 32.68
C MET B 461 -35.46 32.43 33.66
N VAL B 462 -34.37 33.08 33.25
CA VAL B 462 -33.10 32.97 33.96
C VAL B 462 -32.55 34.35 34.27
N ASN B 463 -32.12 34.49 35.52
CA ASN B 463 -31.42 35.69 35.94
C ASN B 463 -30.22 35.23 36.73
N ALA B 464 -29.03 35.50 36.19
CA ALA B 464 -27.84 34.79 36.60
C ALA B 464 -26.82 35.75 37.16
N HIS B 465 -26.54 35.55 38.46
CA HIS B 465 -25.54 36.34 39.15
C HIS B 465 -24.21 35.63 39.03
N GLU B 466 -23.14 36.43 39.01
CA GLU B 466 -21.74 36.08 38.82
C GLU B 466 -21.45 35.41 37.48
N ALA B 467 -22.42 35.38 36.57
CA ALA B 467 -22.18 34.97 35.21
C ALA B 467 -21.40 36.05 34.44
N VAL B 468 -20.86 35.65 33.27
CA VAL B 468 -20.24 36.56 32.29
C VAL B 468 -21.19 37.72 32.01
N ARG B 469 -20.62 38.91 31.87
CA ARG B 469 -21.47 40.09 31.64
C ARG B 469 -22.10 39.98 30.26
N PRO B 470 -23.38 40.39 30.08
CA PRO B 470 -24.11 40.11 28.83
C PRO B 470 -23.67 40.92 27.61
N THR B 471 -24.00 40.37 26.43
CA THR B 471 -23.48 40.85 25.16
C THR B 471 -24.56 40.79 24.11
N GLY B 472 -25.82 40.75 24.57
CA GLY B 472 -26.93 40.98 23.66
C GLY B 472 -27.72 39.72 23.34
N ILE B 473 -27.36 38.63 24.02
CA ILE B 473 -27.82 37.30 23.65
C ILE B 473 -29.31 37.19 23.94
N ALA B 474 -29.86 38.11 24.74
CA ALA B 474 -31.27 38.10 25.11
C ALA B 474 -32.19 38.25 23.87
N ARG B 475 -31.68 38.86 22.82
CA ARG B 475 -32.44 38.91 21.60
C ARG B 475 -32.70 37.48 21.17
N THR B 476 -31.62 36.68 21.20
CA THR B 476 -31.65 35.33 20.65
C THR B 476 -32.44 34.46 21.64
N TYR B 477 -32.23 34.70 22.97
CA TYR B 477 -32.84 33.90 24.01
C TYR B 477 -33.47 34.86 25.00
N PRO B 478 -34.69 35.38 24.72
CA PRO B 478 -35.24 36.41 25.57
C PRO B 478 -35.76 35.89 26.91
N ASN B 479 -35.47 34.64 27.26
CA ASN B 479 -35.77 34.17 28.59
C ASN B 479 -34.62 34.53 29.55
N LEU B 480 -33.49 35.03 29.02
CA LEU B 480 -32.46 35.61 29.89
C LEU B 480 -32.95 37.01 30.27
N ILE B 481 -33.69 37.12 31.38
CA ILE B 481 -34.31 38.36 31.80
C ILE B 481 -33.39 39.14 32.70
N GLY B 482 -32.19 38.64 32.94
CA GLY B 482 -31.21 39.46 33.65
C GLY B 482 -29.91 38.74 33.95
N ASN B 483 -28.97 39.54 34.38
CA ASN B 483 -27.76 39.11 35.03
C ASN B 483 -27.48 40.15 36.10
N GLU B 484 -26.71 39.78 37.14
CA GLU B 484 -26.02 40.80 37.91
C GLU B 484 -24.77 41.22 37.14
N ALA B 485 -23.65 40.55 37.42
CA ALA B 485 -22.48 40.59 36.58
C ALA B 485 -21.93 42.05 36.55
N ALA B 486 -22.09 42.67 37.72
CA ALA B 486 -21.53 43.96 38.04
C ALA B 486 -21.71 44.21 39.55
N ARG B 487 -21.28 45.38 40.00
CA ARG B 487 -21.41 45.71 41.41
C ARG B 487 -22.82 46.21 41.62
N GLY B 488 -23.60 45.44 42.38
CA GLY B 488 -25.03 45.68 42.56
C GLY B 488 -25.34 46.40 43.89
N THR B 489 -26.64 46.48 44.22
CA THR B 489 -27.05 47.18 45.42
C THR B 489 -26.52 46.45 46.67
N GLN B 490 -26.18 45.18 46.48
CA GLN B 490 -25.72 44.37 47.58
C GLN B 490 -24.44 44.97 48.16
N TYR B 491 -23.59 45.60 47.34
CA TYR B 491 -22.34 46.05 47.90
C TYR B 491 -22.62 47.28 48.80
N GLN B 492 -23.84 47.84 48.71
CA GLN B 492 -24.20 48.91 49.64
C GLN B 492 -24.36 48.36 51.07
N ALA B 493 -24.42 47.03 51.20
CA ALA B 493 -24.54 46.40 52.50
C ALA B 493 -23.23 45.81 52.95
N PHE B 494 -22.15 45.96 52.18
CA PHE B 494 -20.95 45.18 52.46
C PHE B 494 -19.86 46.04 53.04
N GLY B 495 -20.20 47.18 53.65
CA GLY B 495 -19.22 48.06 54.29
C GLY B 495 -18.20 48.58 53.28
N ASN B 496 -16.97 48.85 53.77
CA ASN B 496 -15.94 49.42 52.92
C ASN B 496 -16.49 50.70 52.30
N ASP B 497 -16.35 50.87 50.98
CA ASP B 497 -16.79 52.05 50.24
C ASP B 497 -18.18 51.85 49.61
N ARG B 498 -18.79 50.71 49.84
CA ARG B 498 -20.11 50.45 49.26
C ARG B 498 -20.05 50.87 47.79
N ASN B 499 -21.11 51.50 47.29
CA ASN B 499 -21.11 51.90 45.91
C ASN B 499 -20.99 53.41 45.84
N ASN B 500 -20.13 53.86 44.91
CA ASN B 500 -19.93 55.29 44.80
C ASN B 500 -21.25 55.95 44.45
N ALA B 501 -21.39 57.21 44.85
CA ALA B 501 -22.63 57.93 44.67
C ALA B 501 -23.06 57.96 43.20
N ASN B 502 -22.06 58.00 42.31
CA ASN B 502 -22.28 58.13 40.87
C ASN B 502 -22.25 56.77 40.16
N HIS B 503 -22.16 55.65 40.91
CA HIS B 503 -22.16 54.33 40.29
C HIS B 503 -23.26 54.18 39.24
N VAL B 504 -24.50 54.48 39.62
CA VAL B 504 -25.68 54.25 38.79
C VAL B 504 -25.74 55.27 37.63
N THR B 505 -24.77 56.23 37.58
CA THR B 505 -24.62 57.08 36.40
C THR B 505 -23.55 56.52 35.47
N ILE B 506 -22.99 55.37 35.77
CA ILE B 506 -21.94 54.82 34.94
C ILE B 506 -22.40 53.49 34.39
N LEU B 507 -23.08 52.71 35.22
CA LEU B 507 -23.55 51.39 34.80
C LEU B 507 -24.29 51.41 33.46
N PRO B 508 -25.15 52.39 33.18
CA PRO B 508 -25.89 52.39 31.91
C PRO B 508 -24.98 52.60 30.71
N PHE B 509 -23.81 53.22 30.93
CA PHE B 509 -22.84 53.44 29.86
C PHE B 509 -21.85 52.31 29.70
N THR B 510 -21.87 51.33 30.64
CA THR B 510 -20.94 50.21 30.63
C THR B 510 -21.75 48.91 30.72
N ARG B 511 -22.08 48.51 31.93
CA ARG B 511 -22.59 47.17 32.12
C ARG B 511 -23.93 46.99 31.40
N LEU B 512 -24.79 48.00 31.32
CA LEU B 512 -26.08 47.80 30.68
C LEU B 512 -25.96 47.62 29.17
N ILE B 513 -24.81 47.99 28.59
CA ILE B 513 -24.60 47.68 27.19
C ILE B 513 -24.41 46.18 27.06
N GLY B 514 -25.46 45.52 26.54
CA GLY B 514 -25.42 44.09 26.33
C GLY B 514 -26.64 43.39 26.94
N GLY B 515 -27.31 44.07 27.88
CA GLY B 515 -28.44 43.47 28.59
C GLY B 515 -28.69 44.07 29.98
N PRO B 516 -29.93 43.86 30.47
CA PRO B 516 -30.37 44.45 31.74
C PRO B 516 -29.59 43.90 32.92
N MET B 517 -29.61 44.68 33.99
CA MET B 517 -29.07 44.24 35.27
C MET B 517 -30.18 44.16 36.31
N ASP B 518 -30.09 43.11 37.13
CA ASP B 518 -30.86 42.95 38.36
C ASP B 518 -30.10 43.71 39.46
N TYR B 519 -30.37 45.03 39.55
CA TYR B 519 -29.55 45.92 40.37
C TYR B 519 -30.02 45.89 41.83
N THR B 520 -31.27 45.44 41.97
CA THR B 520 -32.06 45.33 43.20
C THR B 520 -32.11 46.68 43.88
N PRO B 521 -32.79 47.67 43.25
CA PRO B 521 -32.97 48.99 43.85
C PRO B 521 -34.06 48.99 44.91
N GLY B 522 -34.40 50.22 45.35
CA GLY B 522 -35.58 50.47 46.14
C GLY B 522 -35.34 50.40 47.64
N ILE B 523 -34.15 50.82 48.08
CA ILE B 523 -33.80 50.85 49.49
C ILE B 523 -34.35 52.14 50.11
N PHE B 524 -35.05 52.00 51.25
CA PHE B 524 -35.57 53.13 52.00
C PHE B 524 -34.84 53.28 53.34
N GLU B 525 -34.47 52.16 53.98
CA GLU B 525 -33.62 52.25 55.15
C GLU B 525 -32.18 52.01 54.69
N MET B 526 -31.36 53.06 54.71
CA MET B 526 -30.01 53.04 54.16
C MET B 526 -28.97 52.55 55.18
N ASP B 527 -29.34 52.56 56.46
CA ASP B 527 -28.45 52.18 57.56
C ASP B 527 -28.91 50.81 58.07
N VAL B 528 -28.34 49.73 57.52
CA VAL B 528 -28.90 48.40 57.69
C VAL B 528 -28.33 47.71 58.91
N THR B 529 -28.78 46.47 59.14
CA THR B 529 -28.55 45.78 60.39
C THR B 529 -27.03 45.71 60.73
N ASN B 530 -26.16 45.50 59.75
CA ASN B 530 -24.77 45.20 60.03
C ASN B 530 -23.94 46.48 60.06
N GLY B 531 -24.59 47.66 60.02
CA GLY B 531 -23.89 48.92 60.22
C GLY B 531 -23.53 49.59 58.88
N SER B 532 -23.57 48.84 57.78
CA SER B 532 -23.26 49.40 56.46
C SER B 532 -24.23 50.55 56.07
N HIS B 533 -23.75 51.50 55.26
CA HIS B 533 -24.58 52.63 54.86
C HIS B 533 -24.71 52.71 53.34
N VAL B 534 -25.94 52.51 52.85
CA VAL B 534 -26.24 52.65 51.42
C VAL B 534 -26.10 54.11 50.98
N ASN B 535 -25.28 54.34 49.95
CA ASN B 535 -24.97 55.67 49.44
C ASN B 535 -25.96 56.12 48.39
N ALA B 536 -27.18 56.41 48.80
CA ALA B 536 -28.24 56.87 47.93
C ALA B 536 -29.26 57.63 48.79
N THR B 537 -30.06 58.49 48.15
CA THR B 537 -31.27 59.00 48.75
C THR B 537 -32.45 58.17 48.31
N ILE B 538 -33.59 58.38 48.97
CA ILE B 538 -34.78 57.63 48.64
C ILE B 538 -35.22 57.95 47.22
N ALA B 539 -35.13 59.21 46.85
CA ALA B 539 -35.59 59.63 45.52
C ALA B 539 -34.70 58.95 44.48
N ASN B 540 -33.42 58.79 44.81
CA ASN B 540 -32.48 58.06 43.99
C ASN B 540 -33.03 56.66 43.71
N GLN B 541 -33.47 56.00 44.79
CA GLN B 541 -33.83 54.60 44.72
C GLN B 541 -35.16 54.41 43.97
N LEU B 542 -36.01 55.44 43.96
CA LEU B 542 -37.21 55.41 43.15
C LEU B 542 -36.85 55.59 41.67
N ALA B 543 -35.80 56.36 41.37
CA ALA B 543 -35.50 56.74 40.00
C ALA B 543 -34.90 55.55 39.24
N LEU B 544 -34.27 54.62 39.99
CA LEU B 544 -33.64 53.45 39.39
C LEU B 544 -34.68 52.60 38.66
N TYR B 545 -35.96 52.56 39.06
CA TYR B 545 -36.97 51.82 38.32
C TYR B 545 -37.08 52.28 36.86
N VAL B 546 -36.57 53.47 36.56
CA VAL B 546 -36.51 54.00 35.21
C VAL B 546 -35.07 54.11 34.73
N THR B 547 -34.09 54.56 35.55
CA THR B 547 -32.74 54.82 35.01
C THR B 547 -31.82 53.59 34.96
N MET B 548 -32.18 52.48 35.60
CA MET B 548 -31.49 51.21 35.44
C MET B 548 -32.52 50.25 34.84
N TYR B 549 -32.58 50.28 33.49
CA TYR B 549 -33.57 49.57 32.70
C TYR B 549 -33.41 48.06 32.94
N SER B 550 -34.55 47.38 33.15
CA SER B 550 -34.62 45.95 33.42
C SER B 550 -36.07 45.47 33.29
N PRO B 551 -36.30 44.27 32.70
CA PRO B 551 -37.62 43.64 32.71
C PRO B 551 -37.82 42.95 34.05
N LEU B 552 -36.80 43.02 34.90
CA LEU B 552 -36.79 42.36 36.20
C LEU B 552 -36.38 43.40 37.22
N GLN B 553 -37.34 43.84 38.03
CA GLN B 553 -37.16 44.95 38.94
C GLN B 553 -37.52 44.49 40.36
N MET B 554 -36.53 44.60 41.22
CA MET B 554 -36.73 44.23 42.62
C MET B 554 -37.05 45.48 43.43
N ALA B 555 -37.86 45.24 44.46
CA ALA B 555 -37.94 46.17 45.57
C ALA B 555 -37.28 45.46 46.76
N ALA B 556 -36.00 45.83 46.95
CA ALA B 556 -35.07 45.04 47.73
C ALA B 556 -35.34 45.09 49.25
N ASP B 557 -36.01 46.15 49.73
CA ASP B 557 -36.09 46.43 51.14
C ASP B 557 -37.17 45.57 51.78
N PHE B 558 -37.32 45.72 53.11
CA PHE B 558 -38.23 44.88 53.85
C PHE B 558 -39.61 45.50 53.74
N PRO B 559 -40.67 44.68 53.77
CA PRO B 559 -42.02 45.21 53.72
C PRO B 559 -42.28 46.31 54.76
N GLU B 560 -41.79 46.10 56.00
CA GLU B 560 -41.91 47.05 57.11
C GLU B 560 -41.43 48.43 56.68
N ASN B 561 -40.30 48.46 55.93
CA ASN B 561 -39.66 49.73 55.64
C ASN B 561 -40.50 50.44 54.58
N TYR B 562 -41.11 49.65 53.71
CA TYR B 562 -41.99 50.25 52.72
C TYR B 562 -43.26 50.77 53.35
N GLU B 563 -43.79 50.06 54.36
CA GLU B 563 -45.07 50.40 54.97
C GLU B 563 -44.89 51.71 55.73
N ARG B 564 -43.67 52.00 56.19
CA ARG B 564 -43.36 53.16 57.01
C ARG B 564 -43.31 54.39 56.14
N PHE B 565 -42.82 54.24 54.91
CA PHE B 565 -42.84 55.31 53.92
C PHE B 565 -43.79 54.99 52.74
N ALA B 566 -45.07 54.74 53.09
CA ALA B 566 -46.06 54.33 52.10
C ALA B 566 -46.19 55.34 50.98
N ASP B 567 -46.12 56.64 51.31
CA ASP B 567 -46.34 57.71 50.33
C ASP B 567 -45.33 57.63 49.18
N ALA B 568 -44.05 57.45 49.52
CA ALA B 568 -42.95 57.33 48.56
C ALA B 568 -43.01 55.98 47.84
N PHE B 569 -43.49 54.96 48.54
CA PHE B 569 -43.53 53.62 47.96
C PHE B 569 -44.49 53.56 46.77
N GLN B 570 -45.34 54.60 46.67
CA GLN B 570 -46.39 54.62 45.68
C GLN B 570 -45.78 54.55 44.28
N PHE B 571 -44.60 55.16 44.10
CA PHE B 571 -43.94 55.17 42.81
C PHE B 571 -43.54 53.74 42.42
N ILE B 572 -42.97 53.00 43.34
CA ILE B 572 -42.53 51.64 43.10
C ILE B 572 -43.74 50.81 42.68
N LYS B 573 -44.88 51.07 43.29
CA LYS B 573 -46.05 50.29 42.99
C LYS B 573 -46.57 50.64 41.61
N ASP B 574 -46.53 51.93 41.27
CA ASP B 574 -47.11 52.45 40.03
C ASP B 574 -46.25 52.08 38.82
N VAL B 575 -44.94 52.07 38.93
CA VAL B 575 -44.05 52.13 37.78
C VAL B 575 -44.16 50.83 36.99
N ALA B 576 -44.06 50.96 35.65
CA ALA B 576 -44.08 49.78 34.81
C ALA B 576 -42.69 49.16 34.66
N VAL B 577 -42.64 47.95 34.08
CA VAL B 577 -41.38 47.24 33.93
C VAL B 577 -41.14 46.85 32.47
N ASP B 578 -41.98 47.37 31.57
CA ASP B 578 -41.78 47.14 30.16
C ASP B 578 -42.32 48.36 29.43
N TRP B 579 -41.74 48.67 28.26
CA TRP B 579 -41.90 49.99 27.69
C TRP B 579 -42.16 49.93 26.19
N ASP B 580 -42.93 50.89 25.69
CA ASP B 580 -43.20 51.03 24.28
C ASP B 580 -42.32 52.10 23.64
N ASP B 581 -41.85 53.04 24.47
CA ASP B 581 -40.88 54.03 24.02
C ASP B 581 -39.95 54.43 25.17
N SER B 582 -38.83 55.05 24.84
CA SER B 582 -37.91 55.59 25.83
C SER B 582 -37.20 56.80 25.20
N ARG B 583 -37.02 57.87 25.99
CA ARG B 583 -36.24 59.01 25.59
C ARG B 583 -35.22 59.34 26.68
N TYR B 584 -33.93 59.21 26.37
CA TYR B 584 -32.91 59.72 27.28
C TYR B 584 -32.87 61.24 27.13
N LEU B 585 -33.23 62.00 28.19
CA LEU B 585 -33.34 63.47 28.10
C LEU B 585 -32.01 64.16 28.44
N GLU B 586 -31.24 63.60 29.36
CA GLU B 586 -29.93 64.18 29.69
C GLU B 586 -29.08 62.99 30.11
N ALA B 587 -27.79 63.02 29.85
CA ALA B 587 -26.86 61.97 30.21
C ALA B 587 -25.42 62.44 30.11
N GLU B 588 -24.68 62.18 31.18
CA GLU B 588 -23.24 62.40 31.13
C GLU B 588 -22.63 61.34 32.04
N PRO B 589 -21.80 60.41 31.54
CA PRO B 589 -21.33 59.32 32.38
C PRO B 589 -20.63 59.86 33.63
N GLY B 590 -21.03 59.30 34.79
CA GLY B 590 -20.46 59.60 36.09
C GLY B 590 -21.03 60.88 36.74
N GLN B 591 -22.00 61.56 36.08
CA GLN B 591 -22.59 62.80 36.60
C GLN B 591 -24.11 62.66 36.73
N TYR B 592 -24.82 62.34 35.62
CA TYR B 592 -26.27 62.23 35.70
C TYR B 592 -26.83 61.46 34.51
N ILE B 593 -28.07 61.02 34.66
CA ILE B 593 -28.90 60.44 33.62
C ILE B 593 -30.36 60.73 33.94
N THR B 594 -31.07 61.16 32.91
CA THR B 594 -32.48 61.48 33.03
C THR B 594 -33.20 60.86 31.83
N VAL B 595 -34.22 60.05 32.10
CA VAL B 595 -34.83 59.29 31.02
C VAL B 595 -36.29 59.10 31.36
N ALA B 596 -37.09 59.09 30.29
CA ALA B 596 -38.54 58.98 30.40
C ALA B 596 -38.93 57.83 29.50
N ARG B 597 -39.90 57.04 29.95
CA ARG B 597 -40.30 55.84 29.26
C ARG B 597 -41.83 55.68 29.33
N LYS B 598 -42.42 55.21 28.24
CA LYS B 598 -43.86 55.04 28.14
C LYS B 598 -44.20 53.57 28.41
N ALA B 599 -44.97 53.32 29.47
CA ALA B 599 -45.34 51.97 29.87
C ALA B 599 -46.03 51.26 28.73
N LYS B 600 -45.63 50.01 28.43
CA LYS B 600 -46.15 49.29 27.30
C LYS B 600 -47.65 49.15 27.44
N GLY B 601 -48.35 49.37 26.30
CA GLY B 601 -49.79 49.21 26.16
C GLY B 601 -50.56 50.43 26.71
N THR B 602 -49.86 51.44 27.30
CA THR B 602 -50.52 52.52 28.04
C THR B 602 -50.11 53.86 27.45
N ASP B 603 -50.78 54.90 27.98
CA ASP B 603 -50.43 56.29 27.69
C ASP B 603 -49.72 56.95 28.87
N ASN B 604 -49.24 56.12 29.80
CA ASN B 604 -48.56 56.53 31.00
C ASN B 604 -47.05 56.64 30.82
N TRP B 605 -46.45 57.66 31.40
CA TRP B 605 -45.00 57.77 31.39
C TRP B 605 -44.39 57.76 32.78
N PHE B 606 -43.11 57.33 32.82
CA PHE B 606 -42.36 57.29 34.04
C PHE B 606 -40.99 57.82 33.72
N LEU B 607 -40.53 58.69 34.62
CA LEU B 607 -39.33 59.45 34.38
C LEU B 607 -38.49 59.27 35.61
N GLY B 608 -37.20 59.08 35.37
CA GLY B 608 -36.26 59.08 36.47
C GLY B 608 -35.01 59.85 36.13
N ASN B 609 -34.43 60.36 37.22
CA ASN B 609 -33.16 61.07 37.17
C ASN B 609 -32.31 60.49 38.25
N VAL B 610 -31.03 60.29 37.94
CA VAL B 610 -30.11 59.92 39.00
C VAL B 610 -28.94 60.86 38.86
N ASN B 611 -28.37 61.22 40.00
CA ASN B 611 -27.40 62.27 39.97
C ASN B 611 -26.22 61.88 40.84
N GLY B 612 -25.05 62.36 40.42
CA GLY B 612 -23.76 61.90 40.89
C GLY B 612 -23.29 62.67 42.11
N GLU B 613 -21.96 62.83 42.24
CA GLU B 613 -21.40 63.45 43.43
C GLU B 613 -21.93 64.88 43.58
N THR B 614 -22.11 65.59 42.45
CA THR B 614 -22.34 67.04 42.54
C THR B 614 -23.83 67.33 42.41
N ALA B 615 -24.36 67.98 43.46
CA ALA B 615 -25.75 68.41 43.52
C ALA B 615 -26.01 69.34 42.33
N ARG B 616 -27.21 69.22 41.71
CA ARG B 616 -27.48 69.76 40.40
C ARG B 616 -28.98 69.97 40.21
N VAL B 617 -29.31 71.12 39.62
CA VAL B 617 -30.66 71.43 39.17
C VAL B 617 -30.80 70.97 37.71
N SER B 618 -31.81 70.14 37.48
CA SER B 618 -32.02 69.50 36.20
C SER B 618 -33.15 70.27 35.50
N ASN B 619 -33.04 70.46 34.17
CA ASN B 619 -34.05 71.13 33.36
C ASN B 619 -34.62 70.15 32.32
N ILE B 620 -35.90 69.79 32.47
CA ILE B 620 -36.51 68.67 31.78
C ILE B 620 -37.51 69.19 30.74
N ASP B 621 -37.21 68.86 29.50
CA ASP B 621 -38.05 69.10 28.34
C ASP B 621 -39.12 68.01 28.34
N LEU B 622 -40.39 68.37 28.48
CA LEU B 622 -41.49 67.39 28.53
C LEU B 622 -42.18 67.22 27.18
N GLY B 623 -41.44 67.47 26.08
CA GLY B 623 -41.94 67.31 24.72
C GLY B 623 -42.25 65.86 24.31
N PHE B 624 -41.78 64.89 25.10
CA PHE B 624 -42.09 63.50 24.85
C PHE B 624 -43.55 63.16 25.14
N LEU B 625 -44.23 64.07 25.87
CA LEU B 625 -45.65 63.86 26.11
C LEU B 625 -46.38 64.16 24.80
N GLU B 626 -47.59 63.62 24.72
CA GLU B 626 -48.42 63.69 23.53
C GLU B 626 -49.09 65.07 23.48
N LYS B 627 -48.96 65.76 22.33
CA LYS B 627 -49.29 67.17 22.22
C LYS B 627 -50.75 67.40 22.57
N GLY B 628 -51.08 68.51 23.25
CA GLY B 628 -52.46 68.90 23.52
C GLY B 628 -53.17 67.99 24.52
N LYS B 629 -52.43 67.28 25.38
CA LYS B 629 -53.06 66.44 26.39
C LYS B 629 -52.59 66.92 27.76
N LYS B 630 -53.49 66.88 28.73
CA LYS B 630 -53.15 67.24 30.09
C LYS B 630 -52.70 65.97 30.81
N TYR B 631 -51.67 66.06 31.66
CA TYR B 631 -51.27 64.96 32.50
C TYR B 631 -51.12 65.38 33.97
N THR B 632 -51.53 64.51 34.90
CA THR B 632 -51.17 64.55 36.29
C THR B 632 -49.73 64.03 36.43
N ALA B 633 -48.83 64.91 36.90
CA ALA B 633 -47.47 64.48 37.24
C ALA B 633 -47.32 64.39 38.75
N VAL B 634 -46.80 63.26 39.25
CA VAL B 634 -46.46 63.16 40.66
C VAL B 634 -44.94 63.08 40.82
N ILE B 635 -44.34 64.12 41.38
CA ILE B 635 -42.89 64.23 41.45
C ILE B 635 -42.43 63.79 42.83
N TYR B 636 -41.60 62.73 42.83
CA TYR B 636 -40.92 62.26 44.03
C TYR B 636 -39.44 62.71 43.96
N ALA B 637 -39.09 63.68 44.82
CA ALA B 637 -37.84 64.42 44.68
C ALA B 637 -37.03 64.36 45.98
N ASP B 638 -35.74 64.73 45.89
CA ASP B 638 -34.94 65.02 47.06
C ASP B 638 -35.42 66.32 47.70
N ALA B 639 -35.57 66.35 49.03
CA ALA B 639 -35.62 67.64 49.70
C ALA B 639 -34.27 68.38 49.47
N LYS B 640 -34.29 69.70 49.63
CA LYS B 640 -33.13 70.54 49.35
C LYS B 640 -31.94 70.22 50.24
N ASP B 641 -32.17 69.73 51.46
CA ASP B 641 -31.10 69.34 52.36
C ASP B 641 -30.70 67.86 52.19
N ALA B 642 -31.32 67.10 51.27
CA ALA B 642 -31.01 65.68 51.18
C ALA B 642 -29.57 65.50 50.69
N ASN B 643 -29.05 64.33 51.03
CA ASN B 643 -27.68 64.02 50.69
C ASN B 643 -27.49 62.52 50.89
N TYR B 644 -26.73 61.85 50.00
CA TYR B 644 -26.50 60.39 50.09
C TYR B 644 -25.72 59.95 51.33
N LYS B 645 -25.04 60.87 52.06
CA LYS B 645 -24.24 60.48 53.23
C LYS B 645 -25.00 60.68 54.54
N THR B 646 -25.53 61.91 54.78
CA THR B 646 -26.02 62.34 56.07
C THR B 646 -27.53 62.58 56.12
N ASN B 647 -28.30 62.35 55.05
CA ASN B 647 -29.70 62.71 55.12
C ASN B 647 -30.44 62.01 54.00
N THR B 648 -30.50 60.70 54.11
CA THR B 648 -30.83 59.89 52.94
C THR B 648 -32.35 59.72 52.73
N GLN B 649 -33.16 60.11 53.72
CA GLN B 649 -34.59 59.81 53.77
C GLN B 649 -35.44 61.08 53.58
N ALA B 650 -34.82 62.22 53.27
CA ALA B 650 -35.58 63.43 53.10
C ALA B 650 -36.08 63.59 51.66
N TYR B 651 -37.37 63.27 51.47
CA TYR B 651 -37.99 63.35 50.16
C TYR B 651 -39.22 64.23 50.19
N THR B 652 -39.59 64.76 49.02
CA THR B 652 -40.87 65.45 48.90
C THR B 652 -41.68 64.75 47.83
N ILE B 653 -42.99 65.01 47.85
CA ILE B 653 -43.94 64.51 46.86
C ILE B 653 -44.86 65.69 46.60
N ARG B 654 -44.95 66.11 45.33
CA ARG B 654 -45.99 67.04 44.93
C ARG B 654 -46.66 66.56 43.64
N LYS B 655 -47.93 66.97 43.49
CA LYS B 655 -48.70 66.77 42.29
C LYS B 655 -48.77 68.09 41.54
N VAL B 656 -48.65 68.05 40.22
CA VAL B 656 -48.94 69.20 39.39
C VAL B 656 -49.46 68.66 38.05
N VAL B 657 -50.29 69.44 37.37
CA VAL B 657 -50.78 69.13 36.02
C VAL B 657 -49.87 69.76 34.94
N VAL B 658 -49.44 68.94 33.95
CA VAL B 658 -48.54 69.39 32.91
C VAL B 658 -49.06 69.05 31.50
N THR B 659 -48.43 69.71 30.51
CA THR B 659 -48.64 69.40 29.10
C THR B 659 -47.24 69.28 28.50
N SER B 660 -47.22 68.91 27.22
CA SER B 660 -45.97 68.77 26.48
C SER B 660 -45.24 70.11 26.42
N ASN B 661 -45.97 71.20 26.64
CA ASN B 661 -45.40 72.54 26.56
C ASN B 661 -44.75 72.98 27.88
N SER B 662 -45.08 72.30 28.98
CA SER B 662 -44.49 72.60 30.29
C SER B 662 -42.99 72.28 30.28
N LYS B 663 -42.21 73.12 30.96
CA LYS B 663 -40.86 72.77 31.33
C LYS B 663 -40.90 73.01 32.82
N LEU B 664 -40.43 71.98 33.56
CA LEU B 664 -40.23 72.09 34.98
C LEU B 664 -38.80 71.60 35.31
N SER B 665 -38.38 71.97 36.51
CA SER B 665 -36.99 72.08 36.91
C SER B 665 -36.87 71.46 38.30
N GLN B 666 -35.86 70.62 38.57
CA GLN B 666 -35.80 69.91 39.85
C GLN B 666 -34.36 69.70 40.35
N PHE B 667 -34.16 70.08 41.62
CA PHE B 667 -32.91 69.85 42.33
C PHE B 667 -32.72 68.35 42.47
N SER B 668 -31.48 67.90 42.27
CA SER B 668 -31.09 66.57 42.69
C SER B 668 -29.90 66.66 43.64
N ALA B 669 -30.03 65.96 44.76
CA ALA B 669 -28.96 65.90 45.73
C ALA B 669 -27.78 65.16 45.13
N SER B 670 -26.71 65.32 45.89
CA SER B 670 -25.51 64.53 45.80
C SER B 670 -25.87 63.06 46.02
N GLY B 671 -25.71 62.21 44.99
CA GLY B 671 -26.11 60.80 45.07
C GLY B 671 -27.63 60.65 45.16
N GLY B 672 -28.36 61.70 44.72
CA GLY B 672 -29.81 61.69 44.78
C GLY B 672 -30.42 61.41 43.41
N GLY B 673 -31.55 62.06 43.15
CA GLY B 673 -32.32 61.79 41.94
C GLY B 673 -33.76 62.28 42.09
N TYR B 674 -34.60 61.99 41.08
CA TYR B 674 -36.03 62.17 41.22
C TYR B 674 -36.79 61.18 40.35
N ALA B 675 -38.08 61.04 40.63
CA ALA B 675 -38.97 60.15 39.90
C ALA B 675 -40.32 60.81 39.70
N ILE B 676 -40.88 60.64 38.49
CA ILE B 676 -42.17 61.19 38.12
C ILE B 676 -43.02 60.14 37.42
N SER B 677 -44.28 60.05 37.86
CA SER B 677 -45.34 59.41 37.10
C SER B 677 -46.15 60.46 36.35
N PHE B 678 -46.50 60.13 35.11
CA PHE B 678 -47.37 60.94 34.26
C PHE B 678 -48.59 60.12 33.83
N TYR B 679 -49.78 60.52 34.28
CA TYR B 679 -51.02 59.89 33.89
C TYR B 679 -51.84 60.92 33.12
N PRO B 680 -52.35 60.61 31.92
CA PRO B 680 -53.27 61.51 31.22
C PRO B 680 -54.46 61.82 32.11
N VAL B 681 -54.98 63.05 32.10
CA VAL B 681 -56.17 63.39 32.88
C VAL B 681 -57.42 62.74 32.25
N ALA B 682 -58.34 62.24 33.12
CA ALA B 682 -59.63 61.65 32.73
C ALA B 682 -60.72 62.73 32.58
N SER C 1 -14.24 -28.91 -4.50
CA SER C 1 -15.30 -28.23 -5.30
C SER C 1 -15.32 -26.68 -5.12
N ASP C 2 -15.45 -26.11 -3.91
CA ASP C 2 -15.51 -24.66 -3.71
C ASP C 2 -14.22 -24.06 -3.09
N LEU C 3 -13.85 -22.82 -3.46
CA LEU C 3 -12.71 -22.12 -2.87
C LEU C 3 -13.08 -20.67 -2.51
N LYS C 4 -12.57 -20.20 -1.37
CA LYS C 4 -12.87 -18.86 -0.90
C LYS C 4 -11.56 -18.11 -0.66
N SER C 5 -11.56 -16.80 -0.94
CA SER C 5 -10.52 -15.88 -0.51
C SER C 5 -10.39 -15.90 1.01
N PRO C 6 -9.21 -15.52 1.56
CA PRO C 6 -8.99 -15.48 3.00
C PRO C 6 -10.00 -14.63 3.75
N ASP C 7 -10.45 -13.51 3.13
CA ASP C 7 -11.45 -12.60 3.67
C ASP C 7 -12.90 -12.99 3.33
N GLY C 8 -13.13 -14.04 2.55
CA GLY C 8 -14.48 -14.54 2.32
C GLY C 8 -15.28 -13.78 1.25
N ASN C 9 -14.72 -12.75 0.63
CA ASN C 9 -15.50 -11.99 -0.34
C ASN C 9 -15.57 -12.70 -1.69
N PHE C 10 -14.63 -13.62 -1.94
CA PHE C 10 -14.61 -14.34 -3.21
C PHE C 10 -14.92 -15.80 -2.97
N LEU C 11 -15.79 -16.32 -3.84
CA LEU C 11 -16.05 -17.74 -3.97
C LEU C 11 -15.78 -18.14 -5.44
N MET C 12 -15.01 -19.21 -5.61
CA MET C 12 -14.78 -19.83 -6.92
C MET C 12 -15.32 -21.25 -6.85
N HIS C 13 -16.30 -21.56 -7.70
CA HIS C 13 -16.87 -22.89 -7.78
C HIS C 13 -16.25 -23.60 -9.00
N PHE C 14 -15.72 -24.82 -8.77
CA PHE C 14 -15.25 -25.69 -9.83
C PHE C 14 -16.20 -26.88 -10.02
N SER C 15 -16.41 -27.25 -11.28
CA SER C 15 -17.23 -28.42 -11.58
C SER C 15 -16.91 -29.00 -12.95
N LEU C 16 -17.54 -30.14 -13.23
CA LEU C 16 -17.58 -30.77 -14.54
C LEU C 16 -19.01 -30.76 -15.08
N GLU C 17 -19.16 -30.43 -16.36
CA GLU C 17 -20.43 -30.62 -17.07
C GLU C 17 -20.58 -32.12 -17.36
N ALA C 18 -21.78 -32.54 -17.79
CA ALA C 18 -22.10 -33.94 -17.96
C ALA C 18 -21.09 -34.65 -18.88
N ASP C 19 -20.56 -33.94 -19.89
CA ASP C 19 -19.64 -34.52 -20.85
C ASP C 19 -18.19 -34.45 -20.33
N GLY C 20 -17.95 -34.13 -19.06
CA GLY C 20 -16.60 -34.06 -18.49
C GLY C 20 -15.81 -32.78 -18.79
N THR C 21 -16.44 -31.75 -19.37
CA THR C 21 -15.77 -30.49 -19.61
C THR C 21 -15.60 -29.79 -18.25
N PRO C 22 -14.38 -29.35 -17.92
CA PRO C 22 -14.13 -28.60 -16.71
C PRO C 22 -14.46 -27.11 -16.87
N VAL C 23 -15.07 -26.56 -15.81
CA VAL C 23 -15.57 -25.20 -15.77
C VAL C 23 -15.31 -24.63 -14.38
N TYR C 24 -15.19 -23.31 -14.32
CA TYR C 24 -15.11 -22.60 -13.08
C TYR C 24 -16.03 -21.39 -13.19
N LYS C 25 -16.26 -20.80 -12.02
CA LYS C 25 -17.14 -19.66 -11.83
C LYS C 25 -16.53 -18.81 -10.71
N LEU C 26 -16.68 -17.48 -10.76
CA LEU C 26 -16.13 -16.61 -9.74
C LEU C 26 -17.17 -15.59 -9.29
N ILE C 27 -17.31 -15.47 -7.99
CA ILE C 27 -18.33 -14.62 -7.36
C ILE C 27 -17.61 -13.70 -6.38
N TYR C 28 -17.94 -12.40 -6.39
CA TYR C 28 -17.37 -11.40 -5.51
C TYR C 28 -18.52 -10.69 -4.80
N LYS C 29 -18.50 -10.73 -3.45
CA LYS C 29 -19.54 -10.13 -2.62
C LYS C 29 -20.93 -10.47 -3.17
N GLY C 30 -21.12 -11.73 -3.60
CA GLY C 30 -22.42 -12.26 -4.01
C GLY C 30 -22.82 -11.83 -5.42
N LYS C 31 -21.87 -11.27 -6.17
CA LYS C 31 -22.08 -10.84 -7.54
C LYS C 31 -21.21 -11.68 -8.48
N ASP C 32 -21.85 -12.26 -9.49
CA ASP C 32 -21.12 -13.00 -10.50
C ASP C 32 -20.10 -12.06 -11.16
N VAL C 33 -18.86 -12.54 -11.25
CA VAL C 33 -17.80 -11.84 -11.96
C VAL C 33 -17.35 -12.68 -13.16
N ILE C 34 -17.00 -13.94 -12.91
CA ILE C 34 -16.80 -14.93 -13.98
C ILE C 34 -17.95 -15.92 -13.95
N LYS C 35 -18.77 -15.92 -14.99
CA LYS C 35 -19.84 -16.91 -15.10
C LYS C 35 -19.21 -18.22 -15.60
N ALA C 36 -19.99 -19.31 -15.53
CA ALA C 36 -19.53 -20.64 -15.90
C ALA C 36 -18.60 -20.54 -17.10
N SER C 37 -17.32 -20.85 -16.90
CA SER C 37 -16.30 -20.69 -17.93
C SER C 37 -15.51 -22.00 -18.11
N LYS C 38 -15.26 -22.37 -19.36
CA LYS C 38 -14.69 -23.68 -19.66
C LYS C 38 -13.17 -23.62 -19.64
N LEU C 39 -12.55 -24.79 -19.43
CA LEU C 39 -11.11 -24.88 -19.27
C LEU C 39 -10.59 -25.99 -20.17
N GLY C 40 -9.30 -25.88 -20.55
CA GLY C 40 -8.62 -26.95 -21.24
C GLY C 40 -7.98 -26.51 -22.55
N PHE C 41 -7.61 -27.53 -23.38
CA PHE C 41 -6.86 -27.26 -24.59
C PHE C 41 -7.32 -28.11 -25.79
N THR C 42 -7.22 -27.51 -26.97
CA THR C 42 -7.13 -28.21 -28.23
C THR C 42 -5.65 -28.51 -28.51
N LEU C 43 -5.29 -29.81 -28.63
CA LEU C 43 -3.97 -30.27 -29.05
C LEU C 43 -3.92 -30.49 -30.57
N LYS C 44 -2.74 -30.26 -31.18
CA LYS C 44 -2.48 -30.60 -32.57
C LYS C 44 -2.28 -32.12 -32.72
N ASN C 45 -2.83 -32.70 -33.81
CA ASN C 45 -2.70 -34.11 -34.17
C ASN C 45 -3.15 -34.99 -33.02
N ASP C 46 -4.31 -34.70 -32.47
CA ASP C 46 -4.86 -35.46 -31.36
C ASP C 46 -6.39 -35.37 -31.47
N ASN C 47 -7.05 -36.50 -31.72
CA ASN C 47 -8.49 -36.52 -31.94
C ASN C 47 -9.21 -35.98 -30.71
N LYS C 48 -8.76 -36.37 -29.52
CA LYS C 48 -9.56 -36.13 -28.33
C LYS C 48 -9.24 -34.78 -27.70
N SER C 49 -7.93 -34.42 -27.65
CA SER C 49 -7.51 -33.17 -27.04
C SER C 49 -7.84 -33.20 -25.55
N LEU C 50 -7.84 -32.02 -24.91
CA LEU C 50 -8.00 -31.94 -23.48
C LEU C 50 -9.13 -30.97 -23.16
N LEU C 51 -10.30 -31.23 -23.75
CA LEU C 51 -11.45 -30.35 -23.65
C LEU C 51 -12.50 -30.94 -22.72
N ASN C 52 -12.45 -32.25 -22.45
CA ASN C 52 -13.58 -32.90 -21.83
C ASN C 52 -13.28 -34.37 -21.48
N ASP C 53 -14.33 -35.08 -21.00
CA ASP C 53 -14.24 -36.48 -20.63
C ASP C 53 -13.27 -36.65 -19.45
N PHE C 54 -13.15 -35.62 -18.60
CA PHE C 54 -12.45 -35.79 -17.35
C PHE C 54 -13.41 -36.28 -16.25
N LYS C 55 -12.78 -36.76 -15.19
CA LYS C 55 -13.40 -36.95 -13.91
C LYS C 55 -12.39 -36.45 -12.89
N ILE C 56 -12.87 -36.22 -11.67
CA ILE C 56 -12.04 -35.68 -10.64
C ILE C 56 -11.39 -36.87 -9.95
N GLU C 57 -10.06 -36.86 -9.90
CA GLU C 57 -9.32 -37.97 -9.34
C GLU C 57 -9.02 -37.63 -7.89
N ASP C 58 -8.70 -36.36 -7.62
CA ASP C 58 -8.28 -35.91 -6.31
C ASP C 58 -8.48 -34.39 -6.20
N THR C 59 -8.64 -33.86 -4.97
CA THR C 59 -8.52 -32.42 -4.66
C THR C 59 -7.65 -32.25 -3.40
N LYS C 60 -6.90 -31.16 -3.35
CA LYS C 60 -6.21 -30.73 -2.14
C LYS C 60 -6.47 -29.24 -1.96
N THR C 61 -6.74 -28.81 -0.73
CA THR C 61 -6.73 -27.39 -0.40
C THR C 61 -5.47 -27.12 0.44
N SER C 62 -5.03 -25.85 0.45
CA SER C 62 -4.25 -25.39 1.58
C SER C 62 -4.25 -23.87 1.58
N SER C 63 -3.39 -23.31 2.43
CA SER C 63 -3.33 -21.88 2.69
C SER C 63 -1.88 -21.46 2.85
N PHE C 64 -1.63 -20.21 2.46
CA PHE C 64 -0.31 -19.60 2.60
C PHE C 64 -0.49 -18.12 2.90
N ASP C 65 0.41 -17.61 3.75
CA ASP C 65 0.41 -16.23 4.17
C ASP C 65 1.80 -15.91 4.70
N GLU C 66 2.58 -15.30 3.79
CA GLU C 66 3.89 -14.80 4.14
C GLU C 66 4.08 -13.48 3.38
N ASN C 67 4.99 -12.69 3.92
CA ASN C 67 5.46 -11.44 3.42
C ASN C 67 6.86 -11.72 2.83
N TRP C 68 7.20 -10.94 1.80
CA TRP C 68 8.47 -10.99 1.11
C TRP C 68 8.81 -9.56 0.74
N LYS C 69 10.12 -9.25 0.83
CA LYS C 69 10.72 -7.97 0.58
C LYS C 69 11.17 -7.94 -0.86
N PRO C 70 10.56 -7.11 -1.75
CA PRO C 70 11.03 -7.00 -3.13
C PRO C 70 12.37 -6.28 -3.11
N VAL C 71 13.12 -6.35 -4.22
CA VAL C 71 14.37 -5.62 -4.31
C VAL C 71 14.10 -4.11 -4.46
N TRP C 72 13.12 -3.86 -5.30
CA TRP C 72 12.59 -2.57 -5.69
C TRP C 72 11.08 -2.80 -5.93
N GLY C 73 10.31 -1.72 -5.70
CA GLY C 73 8.89 -1.80 -5.77
C GLY C 73 8.22 -0.57 -5.15
N GLU C 74 6.88 -0.69 -5.02
CA GLU C 74 6.05 0.36 -4.49
C GLU C 74 5.96 0.29 -2.95
N VAL C 75 6.35 -0.83 -2.36
CA VAL C 75 6.24 -1.05 -0.93
C VAL C 75 7.50 -1.84 -0.51
N SER C 76 7.79 -1.77 0.78
CA SER C 76 8.99 -2.41 1.32
C SER C 76 8.76 -3.91 1.57
N SER C 77 7.49 -4.34 1.64
CA SER C 77 7.10 -5.65 2.11
C SER C 77 5.74 -5.98 1.51
N ILE C 78 5.65 -7.13 0.83
CA ILE C 78 4.44 -7.50 0.10
C ILE C 78 3.82 -8.75 0.71
N ARG C 79 2.50 -8.72 0.85
CA ARG C 79 1.77 -9.82 1.44
C ARG C 79 1.22 -10.80 0.40
N ASN C 80 1.68 -12.04 0.52
CA ASN C 80 1.23 -13.16 -0.31
C ASN C 80 0.33 -14.06 0.54
N ASN C 81 -0.97 -13.96 0.29
CA ASN C 81 -1.99 -14.53 1.13
C ASN C 81 -3.09 -15.09 0.26
N TYR C 82 -3.19 -16.42 0.20
CA TYR C 82 -4.27 -17.04 -0.55
C TYR C 82 -4.71 -18.33 0.14
N ASN C 83 -5.90 -18.79 -0.29
CA ASN C 83 -6.29 -20.19 -0.24
C ASN C 83 -6.09 -20.83 -1.63
N GLU C 84 -5.72 -22.12 -1.63
CA GLU C 84 -5.36 -22.88 -2.83
C GLU C 84 -6.24 -24.12 -2.94
N LEU C 85 -6.74 -24.35 -4.15
CA LEU C 85 -7.45 -25.58 -4.44
C LEU C 85 -6.78 -26.21 -5.64
N ALA C 86 -6.34 -27.46 -5.50
CA ALA C 86 -5.70 -28.14 -6.60
C ALA C 86 -6.57 -29.32 -7.01
N VAL C 87 -7.09 -29.27 -8.24
CA VAL C 87 -7.93 -30.33 -8.77
C VAL C 87 -7.13 -31.24 -9.69
N SER C 88 -6.96 -32.52 -9.34
CA SER C 88 -6.34 -33.48 -10.25
C SER C 88 -7.40 -34.15 -11.11
N LEU C 89 -7.29 -33.94 -12.44
CA LEU C 89 -8.22 -34.59 -13.34
C LEU C 89 -7.52 -35.74 -14.05
N SER C 90 -8.34 -36.70 -14.48
CA SER C 90 -7.96 -37.89 -15.22
C SER C 90 -8.98 -38.03 -16.35
N GLN C 91 -8.48 -38.01 -17.59
CA GLN C 91 -9.34 -38.12 -18.76
C GLN C 91 -9.59 -39.60 -19.01
N LYS C 92 -10.83 -39.94 -19.36
CA LYS C 92 -11.19 -41.31 -19.66
C LYS C 92 -10.62 -41.68 -21.02
N GLU C 93 -10.41 -43.00 -21.21
CA GLU C 93 -9.89 -43.61 -22.43
C GLU C 93 -8.39 -43.36 -22.55
N THR C 94 -7.93 -42.12 -22.35
CA THR C 94 -6.51 -41.84 -22.44
C THR C 94 -5.80 -41.93 -21.09
N ASP C 95 -6.54 -41.98 -19.95
CA ASP C 95 -5.92 -41.88 -18.64
C ASP C 95 -4.95 -40.69 -18.55
N ARG C 96 -5.17 -39.62 -19.32
CA ARG C 96 -4.32 -38.45 -19.23
C ARG C 96 -4.65 -37.59 -18.01
N LYS C 97 -3.58 -37.03 -17.43
CA LYS C 97 -3.65 -36.30 -16.17
C LYS C 97 -3.34 -34.82 -16.37
N MET C 98 -4.24 -34.01 -15.76
CA MET C 98 -4.20 -32.57 -15.87
C MET C 98 -4.69 -32.02 -14.54
N ILE C 99 -3.80 -31.29 -13.86
CA ILE C 99 -4.11 -30.58 -12.65
C ILE C 99 -4.53 -29.16 -13.00
N ILE C 100 -5.52 -28.65 -12.30
CA ILE C 100 -5.82 -27.23 -12.38
C ILE C 100 -5.71 -26.66 -10.98
N ARG C 101 -4.78 -25.76 -10.77
CA ARG C 101 -4.54 -25.19 -9.47
C ARG C 101 -5.08 -23.76 -9.43
N PHE C 102 -5.92 -23.48 -8.44
CA PHE C 102 -6.46 -22.15 -8.26
C PHE C 102 -5.95 -21.56 -6.97
N ARG C 103 -5.68 -20.26 -7.02
CA ARG C 103 -5.36 -19.52 -5.82
C ARG C 103 -6.25 -18.30 -5.78
N LEU C 104 -6.85 -18.13 -4.60
CA LEU C 104 -7.84 -17.11 -4.40
C LEU C 104 -7.34 -16.19 -3.32
N PHE C 105 -7.04 -14.95 -3.71
CA PHE C 105 -6.54 -13.90 -2.82
C PHE C 105 -7.67 -12.94 -2.49
N ASP C 106 -7.43 -11.98 -1.61
CA ASP C 106 -8.36 -10.89 -1.33
C ASP C 106 -8.45 -9.93 -2.52
N ASP C 107 -7.48 -9.96 -3.45
CA ASP C 107 -7.54 -9.19 -4.68
C ASP C 107 -8.18 -9.94 -5.85
N GLY C 108 -8.41 -11.27 -5.70
CA GLY C 108 -8.90 -12.07 -6.81
C GLY C 108 -8.22 -13.43 -7.01
N LEU C 109 -8.37 -13.96 -8.23
CA LEU C 109 -8.19 -15.36 -8.51
C LEU C 109 -7.04 -15.52 -9.52
N GLY C 110 -6.27 -16.57 -9.31
CA GLY C 110 -5.40 -17.00 -10.37
C GLY C 110 -5.49 -18.51 -10.49
N PHE C 111 -5.29 -19.00 -11.72
CA PHE C 111 -5.25 -20.41 -11.93
C PHE C 111 -4.32 -20.76 -13.03
N ARG C 112 -3.94 -22.05 -13.05
CA ARG C 112 -3.07 -22.56 -14.08
C ARG C 112 -3.23 -24.05 -14.16
N TYR C 113 -2.69 -24.62 -15.22
CA TYR C 113 -2.73 -26.03 -15.46
C TYR C 113 -1.33 -26.60 -15.26
N GLU C 114 -1.26 -27.80 -14.67
CA GLU C 114 -0.04 -28.58 -14.66
C GLU C 114 -0.31 -29.93 -15.29
N PHE C 115 0.73 -30.41 -15.94
CA PHE C 115 0.74 -31.79 -16.44
C PHE C 115 1.82 -32.51 -15.67
N PRO C 116 1.52 -33.44 -14.75
CA PRO C 116 2.58 -34.18 -14.06
C PRO C 116 3.20 -35.16 -15.05
N GLN C 117 4.40 -35.65 -14.70
CA GLN C 117 4.95 -36.80 -15.40
C GLN C 117 3.92 -37.93 -15.41
N GLN C 118 3.68 -38.49 -16.59
CA GLN C 118 2.75 -39.59 -16.76
C GLN C 118 3.10 -40.40 -18.00
N ASN C 119 2.45 -41.54 -18.20
CA ASN C 119 2.84 -42.39 -19.32
C ASN C 119 2.15 -42.02 -20.64
N ASN C 120 1.07 -41.23 -20.66
CA ASN C 120 0.33 -41.17 -21.92
C ASN C 120 0.23 -39.73 -22.47
N LEU C 121 1.12 -38.90 -21.95
CA LEU C 121 1.25 -37.52 -22.34
C LEU C 121 2.68 -37.10 -21.99
N ILE C 122 3.47 -36.89 -23.01
CA ILE C 122 4.87 -36.58 -22.89
C ILE C 122 5.08 -35.36 -23.76
N TYR C 123 5.40 -35.53 -25.08
CA TYR C 123 5.58 -34.38 -25.97
C TYR C 123 4.22 -34.14 -26.59
N PHE C 124 3.79 -32.89 -26.61
CA PHE C 124 2.49 -32.57 -27.15
C PHE C 124 2.53 -31.09 -27.52
N THR C 125 1.64 -30.73 -28.44
CA THR C 125 1.61 -29.46 -29.08
C THR C 125 0.23 -28.86 -28.87
N ILE C 126 0.18 -27.68 -28.23
CA ILE C 126 -1.04 -26.90 -28.05
C ILE C 126 -1.41 -26.22 -29.35
N LYS C 127 -2.60 -26.55 -29.86
CA LYS C 127 -3.14 -25.88 -31.03
C LYS C 127 -3.88 -24.62 -30.61
N GLU C 128 -4.69 -24.68 -29.56
CA GLU C 128 -5.28 -23.49 -28.95
C GLU C 128 -5.51 -23.80 -27.48
N GLU C 129 -5.23 -22.81 -26.63
CA GLU C 129 -5.73 -22.86 -25.26
C GLU C 129 -7.22 -22.57 -25.32
N ARG C 130 -7.98 -23.31 -24.46
CA ARG C 130 -9.42 -23.18 -24.35
C ARG C 130 -9.77 -22.84 -22.90
N THR C 131 -9.30 -21.67 -22.50
CA THR C 131 -9.55 -21.11 -21.19
C THR C 131 -10.52 -19.94 -21.36
N GLN C 132 -11.64 -19.96 -20.64
CA GLN C 132 -12.64 -18.92 -20.88
C GLN C 132 -12.83 -17.99 -19.69
N PHE C 133 -13.35 -16.79 -20.01
CA PHE C 133 -13.79 -15.83 -19.02
C PHE C 133 -15.10 -15.22 -19.52
N ALA C 134 -16.21 -15.84 -19.12
CA ALA C 134 -17.56 -15.40 -19.36
C ALA C 134 -17.92 -14.26 -18.41
N MET C 135 -18.21 -13.10 -18.99
CA MET C 135 -18.54 -11.90 -18.28
C MET C 135 -20.00 -11.90 -17.94
N ALA C 136 -20.37 -11.11 -16.90
CA ALA C 136 -21.75 -11.09 -16.42
C ALA C 136 -22.59 -10.10 -17.22
N GLY C 137 -21.98 -9.24 -18.01
CA GLY C 137 -22.70 -8.40 -18.94
C GLY C 137 -21.79 -7.58 -19.84
N ASP C 138 -22.42 -6.63 -20.54
CA ASP C 138 -21.78 -5.79 -21.53
C ASP C 138 -20.97 -4.71 -20.85
N HIS C 139 -19.83 -5.09 -20.31
CA HIS C 139 -19.01 -4.19 -19.53
C HIS C 139 -18.33 -3.13 -20.37
N THR C 140 -17.91 -2.06 -19.70
CA THR C 140 -16.98 -1.13 -20.28
C THR C 140 -15.59 -1.76 -20.24
N ALA C 141 -14.80 -1.54 -21.30
CA ALA C 141 -13.47 -2.08 -21.39
C ALA C 141 -12.48 -1.03 -21.90
N TYR C 142 -11.24 -1.17 -21.42
CA TYR C 142 -10.11 -0.36 -21.84
C TYR C 142 -9.10 -1.31 -22.49
N TRP C 143 -8.99 -1.21 -23.84
CA TRP C 143 -8.38 -2.25 -24.64
C TRP C 143 -7.61 -1.77 -25.86
N ILE C 144 -6.73 -2.63 -26.31
CA ILE C 144 -5.91 -2.41 -27.50
C ILE C 144 -6.05 -3.66 -28.34
N PRO C 145 -5.97 -3.54 -29.67
CA PRO C 145 -6.14 -4.70 -30.55
C PRO C 145 -5.20 -5.84 -30.24
N GLY C 146 -5.73 -7.06 -30.26
CA GLY C 146 -4.91 -8.29 -30.22
C GLY C 146 -3.90 -8.30 -31.34
N ASP C 147 -2.59 -8.42 -31.00
CA ASP C 147 -1.53 -8.32 -31.98
C ASP C 147 -0.40 -9.25 -31.57
N TYR C 148 0.25 -9.88 -32.57
CA TYR C 148 1.35 -10.81 -32.26
C TYR C 148 2.71 -10.10 -32.21
N ASP C 149 2.75 -8.80 -32.51
CA ASP C 149 4.04 -8.14 -32.78
C ASP C 149 4.18 -6.74 -32.19
N THR C 150 3.09 -6.06 -31.84
CA THR C 150 3.24 -4.77 -31.18
C THR C 150 2.12 -4.59 -30.16
N GLN C 151 2.43 -3.80 -29.11
CA GLN C 151 1.41 -3.34 -28.19
C GLN C 151 1.27 -1.83 -28.28
N GLU C 152 1.82 -1.23 -29.35
CA GLU C 152 2.07 0.20 -29.42
C GLU C 152 0.84 0.95 -29.91
N TYR C 153 -0.31 0.65 -29.30
CA TYR C 153 -1.55 1.28 -29.69
C TYR C 153 -2.08 2.22 -28.61
N ASN C 154 -2.83 3.20 -29.07
CA ASN C 154 -3.73 3.91 -28.20
C ASN C 154 -4.86 2.98 -27.73
N TYR C 155 -5.17 3.07 -26.40
CA TYR C 155 -6.30 2.35 -25.83
C TYR C 155 -7.58 2.94 -26.43
N SER C 156 -8.62 2.12 -26.43
CA SER C 156 -9.97 2.51 -26.71
C SER C 156 -10.80 2.23 -25.45
N THR C 157 -11.72 3.13 -25.16
CA THR C 157 -12.67 2.92 -24.10
C THR C 157 -14.00 2.64 -24.77
N SER C 158 -14.59 1.47 -24.52
CA SER C 158 -15.92 1.19 -25.07
C SER C 158 -16.54 0.02 -24.32
N LYS C 159 -17.80 -0.25 -24.62
CA LYS C 159 -18.51 -1.45 -24.21
C LYS C 159 -17.96 -2.66 -24.99
N LEU C 160 -18.13 -3.85 -24.43
CA LEU C 160 -17.68 -5.06 -25.07
C LEU C 160 -18.35 -5.20 -26.42
N SER C 161 -19.64 -4.85 -26.47
CA SER C 161 -20.43 -4.97 -27.70
C SER C 161 -20.02 -3.97 -28.79
N GLU C 162 -19.12 -3.03 -28.46
CA GLU C 162 -18.78 -1.95 -29.38
C GLU C 162 -17.43 -2.23 -30.04
N ILE C 163 -16.70 -3.25 -29.55
CA ILE C 163 -15.33 -3.49 -29.95
C ILE C 163 -15.23 -3.87 -31.43
N ARG C 164 -16.17 -4.70 -31.91
CA ARG C 164 -16.14 -5.12 -33.29
C ARG C 164 -16.24 -3.89 -34.19
N GLY C 165 -17.22 -3.02 -33.84
CA GLY C 165 -17.49 -1.79 -34.57
C GLY C 165 -16.25 -0.88 -34.61
N LEU C 166 -15.42 -0.89 -33.55
CA LEU C 166 -14.40 0.12 -33.40
C LEU C 166 -13.02 -0.41 -33.82
N MET C 167 -12.94 -1.71 -34.14
CA MET C 167 -11.65 -2.38 -34.33
C MET C 167 -10.89 -1.73 -35.50
N GLU C 168 -11.55 -1.50 -36.64
CA GLU C 168 -10.86 -0.98 -37.80
C GLU C 168 -10.12 0.33 -37.43
N LYS C 169 -10.71 1.31 -36.71
CA LYS C 169 -10.00 2.56 -36.48
C LYS C 169 -9.00 2.44 -35.30
N ALA C 170 -9.25 1.55 -34.33
CA ALA C 170 -8.35 1.35 -33.21
C ALA C 170 -7.04 0.66 -33.64
N TYR C 171 -7.13 -0.14 -34.71
CA TYR C 171 -5.95 -0.81 -35.25
C TYR C 171 -5.22 0.15 -36.17
N THR C 172 -4.31 0.94 -35.58
CA THR C 172 -3.55 1.89 -36.36
C THR C 172 -2.35 1.20 -37.01
N LYS C 173 -2.12 1.65 -38.27
CA LYS C 173 -1.19 1.08 -39.23
C LYS C 173 0.17 1.81 -39.14
N GLY C 174 1.14 1.48 -40.00
CA GLY C 174 2.42 2.22 -40.08
C GLY C 174 3.50 1.71 -39.10
N ASN C 175 3.21 0.61 -38.39
CA ASN C 175 4.19 -0.03 -37.53
C ASN C 175 5.11 -0.92 -38.37
N ALA C 176 6.39 -0.91 -38.03
CA ALA C 176 7.37 -1.72 -38.73
C ALA C 176 7.05 -3.21 -38.58
N SER C 177 6.42 -3.59 -37.43
CA SER C 177 5.97 -4.95 -37.21
C SER C 177 4.67 -4.94 -36.42
N GLN C 178 3.61 -5.51 -37.02
CA GLN C 178 2.27 -5.69 -36.45
C GLN C 178 1.49 -6.74 -37.24
N THR C 179 0.71 -7.56 -36.51
CA THR C 179 -0.09 -8.63 -37.05
C THR C 179 -1.35 -8.80 -36.19
N SER C 180 -2.56 -8.59 -36.77
CA SER C 180 -3.85 -8.83 -36.11
C SER C 180 -4.25 -10.31 -36.12
N PHE C 181 -5.32 -10.70 -35.42
CA PHE C 181 -5.83 -12.07 -35.56
C PHE C 181 -7.33 -12.23 -35.62
N SER C 182 -8.09 -11.18 -35.26
CA SER C 182 -9.52 -11.28 -35.06
C SER C 182 -10.11 -9.88 -34.96
N PRO C 183 -11.34 -9.71 -35.49
CA PRO C 183 -12.08 -8.47 -35.36
C PRO C 183 -12.48 -8.17 -33.92
N THR C 184 -12.41 -9.19 -33.05
CA THR C 184 -12.76 -9.02 -31.63
C THR C 184 -11.62 -9.46 -30.72
N GLY C 185 -10.38 -9.41 -31.22
CA GLY C 185 -9.25 -9.81 -30.41
C GLY C 185 -8.64 -8.64 -29.68
N VAL C 186 -8.39 -8.79 -28.37
CA VAL C 186 -7.72 -7.76 -27.60
C VAL C 186 -6.53 -8.35 -26.85
N GLN C 187 -5.68 -7.46 -26.31
CA GLN C 187 -4.57 -7.86 -25.47
C GLN C 187 -4.97 -7.83 -24.00
N THR C 188 -4.15 -8.53 -23.24
CA THR C 188 -4.04 -8.41 -21.81
C THR C 188 -2.74 -7.67 -21.52
N SER C 189 -2.73 -6.97 -20.38
CA SER C 189 -3.81 -6.93 -19.39
C SER C 189 -5.00 -6.16 -19.91
N LEU C 190 -6.19 -6.73 -19.73
CA LEU C 190 -7.44 -6.12 -20.15
C LEU C 190 -8.18 -5.57 -18.94
N MET C 191 -8.56 -4.28 -19.00
CA MET C 191 -9.29 -3.68 -17.88
C MET C 191 -10.77 -3.48 -18.25
N MET C 192 -11.64 -3.81 -17.32
CA MET C 192 -13.08 -3.58 -17.47
C MET C 192 -13.71 -2.99 -16.20
N LYS C 193 -14.90 -2.45 -16.41
CA LYS C 193 -15.77 -1.91 -15.38
C LYS C 193 -17.22 -2.28 -15.72
N SER C 194 -17.94 -2.87 -14.76
CA SER C 194 -19.30 -3.31 -15.02
C SER C 194 -20.24 -2.14 -14.72
N GLN C 195 -21.48 -2.32 -15.18
CA GLN C 195 -22.57 -1.36 -15.05
C GLN C 195 -22.89 -1.18 -13.58
N ASP C 196 -22.70 -2.24 -12.78
CA ASP C 196 -22.95 -2.23 -11.33
C ASP C 196 -21.65 -1.96 -10.53
N GLY C 197 -20.61 -1.40 -11.16
CA GLY C 197 -19.53 -0.82 -10.38
C GLY C 197 -18.33 -1.72 -10.08
N LEU C 198 -18.16 -2.90 -10.73
CA LEU C 198 -17.01 -3.74 -10.45
C LEU C 198 -15.89 -3.44 -11.44
N TYR C 199 -14.66 -3.37 -10.91
CA TYR C 199 -13.46 -3.24 -11.72
C TYR C 199 -12.85 -4.64 -11.88
N ILE C 200 -12.78 -5.14 -13.11
CA ILE C 200 -12.36 -6.50 -13.42
C ILE C 200 -11.17 -6.44 -14.39
N ASN C 201 -10.04 -7.03 -14.00
CA ASN C 201 -8.85 -7.12 -14.83
C ASN C 201 -8.57 -8.58 -15.22
N LEU C 202 -8.22 -8.81 -16.48
CA LEU C 202 -7.93 -10.16 -16.98
C LEU C 202 -6.51 -10.13 -17.50
N HIS C 203 -5.67 -10.99 -16.98
CA HIS C 203 -4.26 -10.96 -17.31
C HIS C 203 -3.68 -12.35 -17.12
N GLU C 204 -2.35 -12.45 -17.12
CA GLU C 204 -1.69 -13.70 -16.75
C GLU C 204 -0.46 -13.37 -15.92
N ALA C 205 0.12 -14.39 -15.30
CA ALA C 205 1.34 -14.21 -14.52
C ALA C 205 2.31 -15.37 -14.77
N ALA C 206 3.64 -15.10 -14.71
CA ALA C 206 4.69 -16.09 -14.82
C ALA C 206 4.73 -16.72 -16.21
N LEU C 207 4.86 -15.84 -17.23
CA LEU C 207 4.84 -16.27 -18.62
C LEU C 207 6.22 -16.83 -18.90
N ILE C 208 6.38 -18.16 -18.80
CA ILE C 208 7.69 -18.73 -19.10
C ILE C 208 7.50 -20.03 -19.89
N ASN C 209 8.32 -20.31 -20.91
CA ASN C 209 8.24 -21.53 -21.70
CA ASN C 209 8.23 -21.57 -21.65
C ASN C 209 6.81 -21.66 -22.25
N TYR C 210 6.22 -20.56 -22.68
CA TYR C 210 4.83 -20.59 -23.13
C TYR C 210 4.57 -19.43 -24.09
N SER C 211 3.45 -19.50 -24.83
CA SER C 211 3.07 -18.43 -25.73
C SER C 211 2.31 -17.35 -24.98
N CYS C 212 2.45 -16.09 -25.43
CA CYS C 212 1.72 -15.00 -24.82
C CYS C 212 0.23 -15.17 -25.06
N MET C 213 -0.56 -14.97 -24.01
CA MET C 213 -2.02 -15.02 -24.10
C MET C 213 -2.63 -13.66 -24.50
N HIS C 214 -3.48 -13.70 -25.54
CA HIS C 214 -4.40 -12.65 -25.91
C HIS C 214 -5.81 -13.18 -25.61
N LEU C 215 -6.86 -12.40 -25.83
CA LEU C 215 -8.21 -12.84 -25.62
C LEU C 215 -9.01 -12.55 -26.90
N ASN C 216 -9.92 -13.47 -27.20
CA ASN C 216 -10.84 -13.33 -28.31
C ASN C 216 -12.24 -13.28 -27.74
N LEU C 217 -12.92 -12.19 -28.01
CA LEU C 217 -14.25 -11.99 -27.49
C LEU C 217 -15.29 -12.61 -28.42
N ASP C 218 -16.10 -13.49 -27.85
CA ASP C 218 -17.41 -13.80 -28.37
C ASP C 218 -18.36 -12.68 -27.94
N ASP C 219 -18.70 -11.75 -28.85
CA ASP C 219 -19.42 -10.54 -28.46
C ASP C 219 -20.92 -10.78 -28.57
N LYS C 220 -21.32 -12.03 -28.74
CA LYS C 220 -22.73 -12.38 -28.59
C LYS C 220 -23.00 -12.69 -27.11
N ASN C 221 -22.20 -13.56 -26.49
CA ASN C 221 -22.44 -14.01 -25.12
C ASN C 221 -21.42 -13.41 -24.15
N PHE C 222 -20.54 -12.56 -24.63
CA PHE C 222 -19.60 -11.82 -23.80
C PHE C 222 -18.71 -12.81 -23.08
N VAL C 223 -18.15 -13.76 -23.83
CA VAL C 223 -17.17 -14.71 -23.33
C VAL C 223 -15.85 -14.42 -24.03
N PHE C 224 -14.80 -14.10 -23.23
CA PHE C 224 -13.45 -14.03 -23.72
C PHE C 224 -12.82 -15.41 -23.65
N GLU C 225 -12.10 -15.81 -24.71
CA GLU C 225 -11.40 -17.07 -24.72
C GLU C 225 -9.90 -16.86 -25.00
N SER C 226 -9.05 -17.54 -24.23
CA SER C 226 -7.61 -17.47 -24.44
C SER C 226 -7.27 -17.72 -25.92
N TRP C 227 -6.43 -16.85 -26.48
CA TRP C 227 -5.95 -16.96 -27.84
C TRP C 227 -4.45 -16.65 -27.79
N LEU C 228 -3.66 -17.71 -28.00
CA LEU C 228 -2.23 -17.63 -27.78
C LEU C 228 -1.57 -17.20 -29.09
N THR C 229 -0.29 -16.88 -28.99
CA THR C 229 0.44 -16.29 -30.08
C THR C 229 1.09 -17.42 -30.89
N PRO C 230 0.77 -17.57 -32.18
CA PRO C 230 1.37 -18.64 -32.98
C PRO C 230 2.87 -18.33 -33.13
N ASP C 231 3.66 -19.41 -33.31
CA ASP C 231 5.07 -19.35 -33.63
C ASP C 231 5.20 -19.39 -35.14
N SER C 232 6.44 -19.51 -35.61
CA SER C 232 6.70 -19.45 -37.03
C SER C 232 6.01 -20.62 -37.78
N HIS C 233 5.59 -21.69 -37.06
CA HIS C 233 4.96 -22.83 -37.71
C HIS C 233 3.46 -22.87 -37.41
N GLY C 234 2.95 -21.82 -36.74
CA GLY C 234 1.54 -21.74 -36.42
C GLY C 234 1.21 -22.48 -35.13
N ASP C 235 2.24 -22.87 -34.33
CA ASP C 235 1.97 -23.63 -33.12
C ASP C 235 1.85 -22.70 -31.92
N LYS C 236 1.18 -23.15 -30.86
CA LYS C 236 0.87 -22.30 -29.71
C LYS C 236 1.34 -22.94 -28.40
N GLY C 237 2.48 -23.64 -28.48
CA GLY C 237 3.09 -24.32 -27.35
C GLY C 237 3.56 -25.70 -27.78
N LYS C 238 4.88 -25.88 -27.92
CA LYS C 238 5.58 -27.17 -27.87
C LYS C 238 5.81 -27.51 -26.41
N MET C 239 5.08 -28.47 -25.89
CA MET C 239 5.13 -28.81 -24.49
C MET C 239 5.77 -30.18 -24.28
N GLN C 240 6.32 -30.30 -23.06
CA GLN C 240 6.84 -31.53 -22.52
C GLN C 240 6.43 -31.75 -21.06
N ALA C 241 5.59 -32.74 -20.81
CA ALA C 241 5.24 -33.07 -19.43
C ALA C 241 6.46 -33.64 -18.73
N PRO C 242 6.74 -33.34 -17.43
CA PRO C 242 5.95 -32.39 -16.61
C PRO C 242 6.20 -30.95 -16.97
N CYS C 243 5.15 -30.17 -17.18
CA CYS C 243 5.28 -28.77 -17.57
C CYS C 243 4.08 -28.07 -16.91
N LYS C 244 3.93 -26.77 -17.12
CA LYS C 244 2.78 -26.09 -16.54
C LYS C 244 2.61 -24.77 -17.25
N THR C 245 1.38 -24.33 -17.39
CA THR C 245 1.10 -23.06 -18.03
C THR C 245 1.33 -21.94 -17.03
N PRO C 246 1.34 -20.69 -17.51
CA PRO C 246 1.31 -19.52 -16.61
C PRO C 246 -0.03 -19.40 -15.95
N TRP C 247 -0.04 -18.65 -14.86
CA TRP C 247 -1.32 -18.34 -14.23
C TRP C 247 -2.19 -17.44 -15.12
N ARG C 248 -3.51 -17.67 -15.09
CA ARG C 248 -4.46 -16.73 -15.65
C ARG C 248 -5.09 -15.99 -14.47
N THR C 249 -5.24 -14.65 -14.57
CA THR C 249 -5.59 -13.82 -13.41
C THR C 249 -6.84 -13.02 -13.69
N VAL C 250 -7.69 -13.04 -12.66
CA VAL C 250 -8.87 -12.19 -12.62
C VAL C 250 -8.76 -11.32 -11.37
N ILE C 251 -8.36 -10.07 -11.57
CA ILE C 251 -8.21 -9.16 -10.43
C ILE C 251 -9.45 -8.29 -10.31
N VAL C 252 -10.14 -8.36 -9.17
CA VAL C 252 -11.41 -7.67 -9.02
C VAL C 252 -11.46 -6.78 -7.78
N SER C 253 -12.22 -5.69 -7.86
CA SER C 253 -12.51 -4.87 -6.71
C SER C 253 -13.67 -3.94 -7.02
N ASP C 254 -14.43 -3.57 -5.99
CA ASP C 254 -15.42 -2.50 -6.07
C ASP C 254 -14.76 -1.12 -5.98
N ASP C 255 -13.46 -1.07 -5.71
CA ASP C 255 -12.73 0.19 -5.63
C ASP C 255 -11.57 0.12 -6.64
N ALA C 256 -11.61 0.95 -7.69
CA ALA C 256 -10.58 0.93 -8.71
C ALA C 256 -9.16 1.10 -8.13
N ARG C 257 -9.04 1.76 -6.98
CA ARG C 257 -7.70 1.98 -6.47
C ARG C 257 -7.00 0.66 -6.16
N ASN C 258 -7.75 -0.32 -5.69
CA ASN C 258 -7.19 -1.61 -5.24
C ASN C 258 -6.66 -2.43 -6.41
N ILE C 259 -7.10 -2.09 -7.61
CA ILE C 259 -6.58 -2.74 -8.79
C ILE C 259 -5.13 -2.33 -8.93
N LEU C 260 -4.87 -1.03 -8.76
CA LEU C 260 -3.51 -0.55 -8.91
C LEU C 260 -2.61 -1.04 -7.78
N ALA C 261 -3.16 -1.18 -6.56
CA ALA C 261 -2.38 -1.51 -5.37
C ALA C 261 -2.08 -3.01 -5.30
N SER C 262 -2.80 -3.79 -6.06
CA SER C 262 -2.62 -5.23 -6.06
C SER C 262 -1.22 -5.67 -6.41
N LYS C 263 -0.81 -6.75 -5.76
CA LYS C 263 0.46 -7.41 -6.02
C LYS C 263 0.30 -8.86 -6.50
N LEU C 264 -0.91 -9.19 -6.94
CA LEU C 264 -1.30 -10.56 -7.13
C LEU C 264 -0.42 -11.19 -8.20
N THR C 265 -0.20 -10.43 -9.26
CA THR C 265 0.64 -10.86 -10.35
C THR C 265 2.06 -11.20 -9.86
N TYR C 266 2.73 -10.28 -9.15
CA TYR C 266 4.01 -10.68 -8.57
C TYR C 266 3.84 -11.92 -7.66
N ASN C 267 2.71 -12.01 -6.94
CA ASN C 267 2.62 -13.04 -5.92
C ASN C 267 2.56 -14.41 -6.55
N LEU C 268 2.12 -14.47 -7.80
CA LEU C 268 1.99 -15.73 -8.47
C LEU C 268 3.30 -16.16 -9.11
N ASN C 269 4.31 -15.29 -9.13
CA ASN C 269 5.63 -15.66 -9.62
C ASN C 269 6.46 -16.26 -8.48
N GLU C 270 7.36 -17.18 -8.80
CA GLU C 270 8.33 -17.78 -7.90
C GLU C 270 9.28 -16.72 -7.29
N PRO C 271 9.80 -16.96 -6.06
CA PRO C 271 10.75 -16.07 -5.39
C PRO C 271 12.00 -15.72 -6.18
N SER C 272 12.57 -14.53 -5.92
CA SER C 272 13.84 -14.19 -6.57
C SER C 272 14.76 -15.44 -6.67
N LYS C 273 15.36 -15.68 -7.85
CA LYS C 273 16.44 -16.66 -7.98
C LYS C 273 17.81 -15.96 -8.05
N ILE C 274 17.85 -14.64 -7.84
CA ILE C 274 19.11 -13.96 -7.61
C ILE C 274 19.27 -13.80 -6.10
N GLN C 275 20.33 -14.43 -5.56
CA GLN C 275 20.57 -14.47 -4.12
C GLN C 275 21.08 -13.11 -3.67
N GLU C 276 22.02 -12.51 -4.44
CA GLU C 276 22.67 -11.28 -4.00
C GLU C 276 22.23 -10.16 -4.94
N THR C 277 21.45 -9.17 -4.42
CA THR C 277 20.67 -8.27 -5.26
C THR C 277 21.08 -6.80 -5.14
N SER C 278 22.14 -6.49 -4.36
CA SER C 278 22.50 -5.12 -4.10
C SER C 278 23.09 -4.43 -5.34
N TRP C 279 23.52 -5.18 -6.39
CA TRP C 279 23.95 -4.58 -7.66
C TRP C 279 22.75 -4.14 -8.50
N ILE C 280 21.53 -4.58 -8.20
CA ILE C 280 20.35 -4.12 -8.94
C ILE C 280 19.92 -2.78 -8.40
N LYS C 281 19.81 -1.76 -9.26
CA LYS C 281 19.83 -0.40 -8.77
C LYS C 281 18.82 0.46 -9.46
N PRO C 282 17.78 0.90 -8.72
CA PRO C 282 16.80 1.83 -9.28
C PRO C 282 17.59 3.05 -9.78
N THR C 283 17.14 3.56 -10.93
CA THR C 283 17.98 4.40 -11.76
C THR C 283 17.14 5.54 -12.34
N LYS C 284 17.59 6.78 -12.06
CA LYS C 284 17.08 7.94 -12.78
C LYS C 284 18.14 8.34 -13.82
N TYR C 285 17.71 8.61 -15.06
CA TYR C 285 18.65 8.79 -16.18
C TYR C 285 18.11 9.81 -17.19
N VAL C 286 19.06 10.40 -17.94
CA VAL C 286 18.87 11.09 -19.20
C VAL C 286 19.51 10.28 -20.33
N GLY C 287 19.45 10.80 -21.57
CA GLY C 287 20.12 10.12 -22.65
C GLY C 287 20.12 10.92 -23.95
N VAL C 288 21.05 10.55 -24.80
CA VAL C 288 21.08 10.96 -26.18
C VAL C 288 20.09 10.04 -26.86
N TRP C 289 18.90 10.58 -27.15
CA TRP C 289 17.78 9.68 -27.34
C TRP C 289 16.63 10.41 -28.01
N TRP C 290 16.05 11.38 -27.29
CA TRP C 290 14.93 12.16 -27.79
C TRP C 290 15.36 12.93 -29.04
N GLU C 291 16.64 13.28 -29.09
CA GLU C 291 17.12 13.95 -30.28
C GLU C 291 16.78 13.11 -31.50
N MET C 292 16.96 11.79 -31.44
CA MET C 292 16.74 10.96 -32.64
C MET C 292 15.23 10.73 -32.84
N ILE C 293 14.58 10.43 -31.74
CA ILE C 293 13.15 10.14 -31.75
C ILE C 293 12.36 11.34 -32.27
N SER C 294 12.80 12.56 -31.93
CA SER C 294 12.02 13.76 -32.24
C SER C 294 12.54 14.48 -33.50
N GLY C 295 13.48 13.85 -34.24
CA GLY C 295 13.85 14.29 -35.59
C GLY C 295 14.98 15.33 -35.64
N LYS C 296 15.70 15.56 -34.55
CA LYS C 296 16.84 16.46 -34.57
C LYS C 296 18.16 15.79 -34.93
N SER C 297 18.33 14.48 -34.68
CA SER C 297 19.57 13.76 -34.93
C SER C 297 19.31 12.39 -35.55
N THR C 298 20.39 11.69 -35.98
CA THR C 298 20.33 10.33 -36.49
C THR C 298 21.02 9.39 -35.53
N TRP C 299 20.60 8.13 -35.60
CA TRP C 299 21.36 7.07 -34.97
C TRP C 299 22.56 6.73 -35.84
N SER C 300 22.37 6.81 -37.15
CA SER C 300 23.41 6.51 -38.12
C SER C 300 24.55 7.52 -38.05
N TYR C 301 25.72 7.10 -38.57
CA TYR C 301 26.91 7.94 -38.62
C TYR C 301 27.14 8.44 -40.05
N THR C 302 26.90 7.65 -41.08
CA THR C 302 27.18 8.05 -42.45
C THR C 302 26.04 7.65 -43.35
N ASP C 303 25.87 8.45 -44.39
CA ASP C 303 24.87 8.28 -45.44
C ASP C 303 25.67 8.03 -46.72
N GLU C 304 26.98 7.86 -46.63
CA GLU C 304 27.78 7.75 -47.84
C GLU C 304 27.39 6.55 -48.71
N PHE C 305 26.90 5.44 -48.11
CA PHE C 305 26.76 4.19 -48.86
C PHE C 305 25.31 3.75 -49.02
N PRO C 306 24.96 2.96 -50.08
CA PRO C 306 23.59 2.41 -50.21
C PRO C 306 23.15 1.53 -49.04
N SER C 307 24.12 0.87 -48.42
CA SER C 307 23.85 0.00 -47.28
C SER C 307 25.21 -0.21 -46.65
N VAL C 308 25.28 -0.85 -45.48
CA VAL C 308 26.60 -1.12 -44.92
C VAL C 308 26.80 -2.61 -44.74
N GLN C 309 28.04 -3.00 -44.57
CA GLN C 309 28.37 -4.37 -44.22
C GLN C 309 29.44 -4.39 -43.14
N LEU C 310 29.08 -4.88 -41.97
CA LEU C 310 30.01 -4.80 -40.86
C LEU C 310 31.20 -5.69 -41.15
N GLY C 311 32.39 -5.23 -40.77
CA GLY C 311 33.64 -5.89 -41.11
C GLY C 311 34.15 -5.48 -42.50
N VAL C 312 33.33 -4.88 -43.38
CA VAL C 312 33.75 -4.51 -44.75
C VAL C 312 33.75 -3.00 -44.85
N THR C 313 32.60 -2.36 -44.51
CA THR C 313 32.55 -0.92 -44.47
C THR C 313 33.57 -0.41 -43.46
N ASP C 314 34.45 0.49 -43.88
CA ASP C 314 35.37 1.19 -43.01
C ASP C 314 34.73 2.53 -42.65
N PHE C 315 34.11 2.57 -41.49
CA PHE C 315 33.43 3.73 -40.98
C PHE C 315 34.38 4.85 -40.64
N SER C 316 35.61 4.51 -40.17
CA SER C 316 36.67 5.49 -39.94
C SER C 316 36.92 6.29 -41.20
N LYS C 317 36.59 5.78 -42.38
CA LYS C 317 36.93 6.46 -43.62
C LYS C 317 35.69 6.96 -44.35
N ALA C 318 34.52 6.69 -43.78
CA ALA C 318 33.28 7.14 -44.36
C ALA C 318 33.07 8.64 -44.10
N LYS C 319 32.32 9.26 -45.00
CA LYS C 319 31.84 10.63 -44.87
C LYS C 319 30.78 10.72 -43.75
N PRO C 320 31.07 11.42 -42.62
CA PRO C 320 30.05 11.62 -41.60
C PRO C 320 28.84 12.35 -42.16
N ASN C 321 27.65 12.00 -41.70
CA ASN C 321 26.46 12.76 -42.09
C ASN C 321 26.28 14.01 -41.23
N ARG C 322 27.08 14.19 -40.17
CA ARG C 322 27.10 15.40 -39.35
C ARG C 322 25.83 15.56 -38.54
N LYS C 323 24.93 14.57 -38.52
CA LYS C 323 23.67 14.67 -37.80
C LYS C 323 23.65 13.68 -36.63
N HIS C 324 24.73 12.89 -36.53
CA HIS C 324 24.80 11.75 -35.62
C HIS C 324 24.71 12.21 -34.16
N GLY C 325 23.84 11.58 -33.40
CA GLY C 325 23.64 12.02 -32.03
C GLY C 325 24.79 11.63 -31.10
N ALA C 326 25.33 10.42 -31.25
CA ALA C 326 26.09 9.87 -30.16
C ALA C 326 27.57 10.17 -30.35
N THR C 327 27.91 11.45 -30.39
CA THR C 327 29.29 11.93 -30.45
C THR C 327 29.81 11.99 -29.04
N THR C 328 31.14 11.91 -28.89
CA THR C 328 31.80 12.08 -27.59
C THR C 328 31.38 13.41 -27.03
N ALA C 329 31.50 14.47 -27.83
CA ALA C 329 31.15 15.79 -27.35
C ALA C 329 29.74 15.81 -26.76
N ASN C 330 28.74 15.27 -27.49
CA ASN C 330 27.36 15.34 -27.04
C ASN C 330 27.12 14.42 -25.82
N VAL C 331 27.63 13.18 -25.85
CA VAL C 331 27.48 12.32 -24.71
C VAL C 331 28.07 12.99 -23.48
N LYS C 332 29.20 13.73 -23.58
CA LYS C 332 29.74 14.51 -22.46
C LYS C 332 28.76 15.59 -21.95
N ARG C 333 28.07 16.29 -22.82
CA ARG C 333 27.07 17.29 -22.39
C ARG C 333 26.04 16.59 -21.50
N TYR C 334 25.67 15.33 -21.79
CA TYR C 334 24.59 14.72 -21.03
C TYR C 334 25.08 14.16 -19.69
N ILE C 335 26.31 13.66 -19.71
CA ILE C 335 27.01 13.30 -18.48
C ILE C 335 27.08 14.50 -17.55
N ASP C 336 27.58 15.62 -18.06
CA ASP C 336 27.74 16.87 -17.29
C ASP C 336 26.44 17.22 -16.61
N PHE C 337 25.34 17.06 -17.38
CA PHE C 337 24.01 17.44 -16.94
C PHE C 337 23.48 16.48 -15.90
N ALA C 338 23.73 15.19 -16.10
CA ALA C 338 23.35 14.18 -15.14
C ALA C 338 24.07 14.38 -13.80
N ALA C 339 25.39 14.56 -13.84
CA ALA C 339 26.18 14.66 -12.61
C ALA C 339 25.73 15.88 -11.80
N LYS C 340 25.61 17.02 -12.53
CA LYS C 340 25.14 18.28 -11.97
C LYS C 340 23.77 18.10 -11.31
N ASN C 341 22.91 17.19 -11.81
CA ASN C 341 21.52 17.21 -11.39
C ASN C 341 21.14 16.00 -10.53
N GLY C 342 22.14 15.26 -9.99
CA GLY C 342 21.90 14.10 -9.13
C GLY C 342 21.41 12.86 -9.89
N PHE C 343 21.57 12.79 -11.23
CA PHE C 343 21.10 11.64 -11.96
C PHE C 343 22.14 10.53 -11.98
N ASP C 344 21.69 9.29 -12.09
CA ASP C 344 22.55 8.13 -11.97
C ASP C 344 23.22 7.80 -13.30
N ALA C 345 22.49 7.93 -14.41
CA ALA C 345 22.98 7.36 -15.64
C ALA C 345 22.53 8.12 -16.89
N VAL C 346 23.09 7.67 -18.00
CA VAL C 346 22.95 8.29 -19.31
C VAL C 346 22.83 7.17 -20.35
N LEU C 347 21.62 7.01 -20.94
CA LEU C 347 21.50 6.17 -22.12
C LEU C 347 22.15 6.87 -23.32
N VAL C 348 22.89 6.11 -24.14
CA VAL C 348 23.30 6.56 -25.47
C VAL C 348 22.85 5.56 -26.51
N GLU C 349 22.10 6.03 -27.51
CA GLU C 349 21.70 5.20 -28.61
C GLU C 349 22.44 5.66 -29.83
N GLY C 350 22.78 4.69 -30.70
CA GLY C 350 23.51 4.95 -31.93
C GLY C 350 25.03 5.04 -31.69
N TRP C 351 25.51 4.35 -30.65
CA TRP C 351 26.91 4.34 -30.30
C TRP C 351 27.69 3.38 -31.20
N ASN C 352 27.00 2.36 -31.76
CA ASN C 352 27.67 1.25 -32.38
C ASN C 352 27.47 1.16 -33.91
N GLU C 353 28.43 0.53 -34.62
CA GLU C 353 28.31 0.39 -36.07
C GLU C 353 27.01 -0.31 -36.46
N GLY C 354 26.34 0.13 -37.53
CA GLY C 354 25.20 -0.62 -38.06
C GLY C 354 23.94 0.21 -38.27
N TRP C 355 23.85 1.34 -37.57
CA TRP C 355 22.58 2.05 -37.50
C TRP C 355 22.11 2.57 -38.85
N GLU C 356 22.98 2.63 -39.90
CA GLU C 356 22.56 3.03 -41.24
C GLU C 356 21.39 2.14 -41.76
N ASP C 357 21.32 0.87 -41.27
CA ASP C 357 20.46 -0.14 -41.87
C ASP C 357 19.50 -0.75 -40.85
N TRP C 358 19.20 -0.02 -39.76
CA TRP C 358 18.59 -0.61 -38.58
C TRP C 358 17.11 -0.94 -38.74
N ILE C 359 16.45 -0.38 -39.77
CA ILE C 359 15.01 -0.53 -39.95
C ILE C 359 14.65 -0.68 -41.44
N GLY C 360 13.63 -1.48 -41.75
CA GLY C 360 13.06 -1.56 -43.09
C GLY C 360 13.80 -2.56 -43.99
N HIS C 361 14.87 -3.24 -43.50
CA HIS C 361 15.71 -4.02 -44.40
C HIS C 361 15.74 -5.50 -44.00
N GLU C 362 15.13 -5.84 -42.82
CA GLU C 362 15.00 -7.22 -42.38
C GLU C 362 16.40 -7.86 -42.34
N LYS C 363 17.38 -7.12 -41.82
CA LYS C 363 18.78 -7.49 -41.92
C LYS C 363 19.21 -8.38 -40.75
N ASP C 364 19.94 -9.44 -41.04
CA ASP C 364 20.44 -10.39 -40.05
C ASP C 364 21.63 -9.79 -39.28
N TYR C 365 22.75 -9.58 -40.00
CA TYR C 365 24.01 -9.18 -39.39
C TYR C 365 24.00 -7.65 -39.31
N VAL C 366 23.12 -7.16 -38.45
CA VAL C 366 22.76 -5.74 -38.47
C VAL C 366 23.60 -5.00 -37.45
N PHE C 367 24.00 -5.63 -36.33
CA PHE C 367 24.85 -5.02 -35.37
C PHE C 367 25.84 -6.06 -34.85
N ASP C 368 27.03 -5.65 -34.36
CA ASP C 368 27.83 -6.58 -33.58
C ASP C 368 27.74 -6.27 -32.08
N PHE C 369 27.09 -5.15 -31.70
CA PHE C 369 26.88 -4.82 -30.30
C PHE C 369 28.20 -4.59 -29.55
N VAL C 370 29.31 -4.42 -30.28
CA VAL C 370 30.59 -4.24 -29.64
C VAL C 370 31.39 -3.10 -30.27
N THR C 371 31.20 -2.76 -31.56
CA THR C 371 32.13 -1.87 -32.27
C THR C 371 31.64 -0.41 -32.25
N PRO C 372 32.26 0.50 -31.50
CA PRO C 372 31.82 1.89 -31.50
C PRO C 372 32.04 2.54 -32.87
N TYR C 373 31.13 3.46 -33.20
CA TYR C 373 31.34 4.35 -34.35
C TYR C 373 32.62 5.14 -34.08
N PRO C 374 33.22 5.73 -35.12
CA PRO C 374 34.50 6.40 -34.95
C PRO C 374 34.48 7.72 -34.17
N ASP C 375 33.30 8.30 -33.89
CA ASP C 375 33.12 9.54 -33.13
C ASP C 375 32.65 9.25 -31.69
N PHE C 376 32.63 7.97 -31.29
CA PHE C 376 32.24 7.60 -29.92
C PHE C 376 33.38 6.90 -29.19
N ASP C 377 34.07 7.62 -28.29
CA ASP C 377 35.20 7.09 -27.52
C ASP C 377 34.70 6.26 -26.34
N ILE C 378 34.50 4.96 -26.50
CA ILE C 378 33.89 4.17 -25.44
C ILE C 378 34.76 4.21 -24.17
N LYS C 379 36.07 4.20 -24.33
CA LYS C 379 36.92 4.20 -23.18
C LYS C 379 36.84 5.55 -22.44
N GLY C 380 37.10 6.64 -23.12
CA GLY C 380 37.12 7.97 -22.50
C GLY C 380 35.78 8.36 -21.87
N LEU C 381 34.68 7.98 -22.53
CA LEU C 381 33.36 8.32 -22.05
C LEU C 381 33.02 7.58 -20.78
N ASN C 382 33.32 6.28 -20.75
CA ASN C 382 33.11 5.52 -19.53
C ASN C 382 34.03 5.98 -18.41
N GLU C 383 35.31 6.27 -18.67
CA GLU C 383 36.15 6.91 -17.67
C GLU C 383 35.51 8.24 -17.17
N TYR C 384 35.05 9.09 -18.09
CA TYR C 384 34.60 10.43 -17.72
C TYR C 384 33.33 10.34 -16.89
N ALA C 385 32.42 9.43 -17.29
CA ALA C 385 31.20 9.25 -16.53
C ALA C 385 31.51 8.75 -15.10
N HIS C 386 32.28 7.67 -14.99
CA HIS C 386 32.67 7.06 -13.72
C HIS C 386 33.36 8.10 -12.83
N ALA C 387 34.25 8.93 -13.37
CA ALA C 387 34.84 9.99 -12.54
C ALA C 387 33.80 11.03 -12.07
N LYS C 388 32.61 11.11 -12.69
CA LYS C 388 31.59 12.05 -12.25
C LYS C 388 30.51 11.31 -11.50
N LYS C 389 30.83 10.10 -10.99
CA LYS C 389 29.89 9.25 -10.29
C LYS C 389 28.65 8.97 -11.14
N VAL C 390 28.82 8.84 -12.47
CA VAL C 390 27.72 8.48 -13.38
C VAL C 390 28.09 7.22 -14.18
N LYS C 391 27.04 6.50 -14.63
CA LYS C 391 27.16 5.35 -15.52
C LYS C 391 26.52 5.66 -16.85
N LEU C 392 26.98 4.99 -17.92
CA LEU C 392 26.21 4.90 -19.14
C LEU C 392 25.35 3.65 -19.12
N ILE C 393 24.12 3.76 -19.66
CA ILE C 393 23.26 2.61 -19.93
C ILE C 393 23.55 2.16 -21.34
N MET C 394 23.82 0.86 -21.50
CA MET C 394 24.16 0.29 -22.78
C MET C 394 22.88 0.16 -23.59
N HIS C 395 23.00 0.27 -24.92
CA HIS C 395 21.87 0.09 -25.80
C HIS C 395 22.17 -1.05 -26.77
N HIS C 396 21.26 -2.02 -26.86
CA HIS C 396 21.38 -3.18 -27.71
C HIS C 396 20.11 -3.27 -28.53
N GLU C 397 19.97 -2.45 -29.56
CA GLU C 397 18.86 -2.70 -30.47
C GLU C 397 19.20 -3.90 -31.36
N THR C 398 18.24 -4.79 -31.62
CA THR C 398 18.52 -6.05 -32.30
C THR C 398 17.95 -5.97 -33.69
N SER C 399 17.01 -5.06 -33.87
CA SER C 399 16.30 -4.91 -35.16
C SER C 399 15.64 -6.21 -35.57
N GLY C 400 15.22 -7.01 -34.59
CA GLY C 400 14.53 -8.28 -34.84
C GLY C 400 15.41 -9.47 -35.21
N ALA C 401 16.74 -9.28 -35.23
CA ALA C 401 17.62 -10.37 -35.63
C ALA C 401 18.10 -11.09 -34.38
N VAL C 402 17.20 -11.93 -33.88
CA VAL C 402 17.38 -12.58 -32.60
C VAL C 402 18.58 -13.53 -32.62
N ARG C 403 18.71 -14.37 -33.68
CA ARG C 403 19.87 -15.25 -33.76
C ARG C 403 21.15 -14.40 -33.67
N ASN C 404 21.21 -13.33 -34.47
CA ASN C 404 22.36 -12.46 -34.50
C ASN C 404 22.70 -11.86 -33.14
N TYR C 405 21.65 -11.51 -32.37
CA TYR C 405 21.88 -10.96 -31.05
C TYR C 405 22.44 -12.05 -30.15
N GLU C 406 21.81 -13.24 -30.18
CA GLU C 406 22.25 -14.36 -29.32
C GLU C 406 23.70 -14.72 -29.56
N ARG C 407 24.12 -14.74 -30.84
CA ARG C 407 25.50 -15.07 -31.15
C ARG C 407 26.47 -14.04 -30.58
N HIS C 408 26.04 -12.78 -30.43
CA HIS C 408 26.92 -11.71 -30.02
C HIS C 408 26.81 -11.40 -28.53
N MET C 409 25.89 -12.07 -27.86
CA MET C 409 25.42 -11.66 -26.55
C MET C 409 26.50 -11.73 -25.48
N ASP C 410 27.26 -12.81 -25.48
CA ASP C 410 28.25 -13.06 -24.47
C ASP C 410 29.31 -11.96 -24.54
N ALA C 411 29.82 -11.70 -25.75
CA ALA C 411 30.84 -10.70 -25.93
C ALA C 411 30.29 -9.30 -25.65
N ALA C 412 28.99 -9.07 -25.88
CA ALA C 412 28.42 -7.74 -25.68
C ALA C 412 28.29 -7.46 -24.20
N TYR C 413 27.83 -8.48 -23.45
CA TYR C 413 27.69 -8.40 -22.01
C TYR C 413 29.08 -8.23 -21.39
N LYS C 414 30.08 -8.97 -21.89
CA LYS C 414 31.45 -8.83 -21.39
C LYS C 414 31.97 -7.41 -21.57
N LEU C 415 31.75 -6.82 -22.75
CA LEU C 415 32.17 -5.46 -23.03
C LEU C 415 31.47 -4.49 -22.07
N MET C 416 30.26 -4.81 -21.64
CA MET C 416 29.60 -4.04 -20.61
C MET C 416 30.37 -4.10 -19.30
N LYS C 417 30.79 -5.29 -18.91
CA LYS C 417 31.50 -5.46 -17.64
C LYS C 417 32.84 -4.73 -17.72
N GLN C 418 33.48 -4.84 -18.88
CA GLN C 418 34.78 -4.27 -19.13
C GLN C 418 34.72 -2.76 -18.86
N TYR C 419 33.68 -2.08 -19.31
CA TYR C 419 33.65 -0.63 -19.23
C TYR C 419 32.73 -0.14 -18.10
N GLY C 420 32.13 -1.00 -17.28
CA GLY C 420 31.29 -0.58 -16.17
C GLY C 420 29.88 -0.13 -16.59
N TYR C 421 29.33 -0.75 -17.64
CA TYR C 421 27.90 -0.68 -17.82
C TYR C 421 27.33 -1.82 -16.96
N ASP C 422 26.29 -1.50 -16.20
CA ASP C 422 25.59 -2.47 -15.36
C ASP C 422 24.16 -2.64 -15.89
N ALA C 423 23.75 -1.97 -16.95
CA ALA C 423 22.37 -2.00 -17.38
C ALA C 423 22.33 -1.89 -18.90
N VAL C 424 21.35 -2.59 -19.49
CA VAL C 424 21.20 -2.53 -20.93
C VAL C 424 19.75 -2.30 -21.28
N LYS C 425 19.58 -1.46 -22.28
CA LYS C 425 18.30 -1.28 -22.91
C LYS C 425 18.33 -2.07 -24.20
N SER C 426 17.42 -3.01 -24.38
CA SER C 426 17.43 -3.78 -25.61
C SER C 426 16.21 -3.43 -26.44
N GLY C 427 16.19 -3.89 -27.69
CA GLY C 427 15.09 -3.61 -28.60
C GLY C 427 14.97 -4.69 -29.68
N TYR C 428 13.77 -4.78 -30.22
CA TYR C 428 13.33 -5.81 -31.13
C TYR C 428 12.42 -5.12 -32.13
N VAL C 429 12.99 -4.11 -32.82
CA VAL C 429 12.23 -3.33 -33.76
C VAL C 429 12.27 -3.97 -35.14
N GLY C 430 11.08 -4.13 -35.75
CA GLY C 430 10.96 -4.80 -37.04
C GLY C 430 10.46 -6.24 -36.90
N ASN C 431 10.22 -6.93 -38.03
CA ASN C 431 9.78 -8.31 -37.90
C ASN C 431 10.89 -9.17 -37.36
N ILE C 432 10.52 -10.07 -36.49
CA ILE C 432 11.47 -11.04 -36.01
C ILE C 432 11.90 -11.89 -37.19
N LEU C 433 13.20 -12.15 -37.21
CA LEU C 433 13.81 -12.99 -38.22
C LEU C 433 14.00 -14.41 -37.66
N PRO C 434 13.87 -15.43 -38.50
CA PRO C 434 13.34 -15.29 -39.85
C PRO C 434 11.89 -14.89 -39.92
N LEU C 435 11.51 -14.25 -41.01
CA LEU C 435 10.11 -13.84 -41.23
C LEU C 435 9.19 -15.02 -41.00
N GLY C 436 8.10 -14.74 -40.34
CA GLY C 436 7.07 -15.75 -40.04
C GLY C 436 6.95 -15.89 -38.52
N GLU C 437 8.09 -15.67 -37.82
CA GLU C 437 8.14 -15.65 -36.38
C GLU C 437 7.41 -14.39 -35.87
N THR C 438 6.92 -14.45 -34.63
CA THR C 438 6.23 -13.33 -34.00
C THR C 438 7.01 -12.94 -32.75
N HIS C 439 6.70 -11.72 -32.28
CA HIS C 439 7.27 -11.18 -31.07
C HIS C 439 6.87 -11.95 -29.82
N TYR C 440 5.63 -12.51 -29.77
CA TYR C 440 5.12 -12.99 -28.49
C TYR C 440 4.86 -14.50 -28.46
N SER C 441 5.40 -15.22 -29.45
CA SER C 441 5.43 -16.67 -29.43
C SER C 441 6.24 -17.23 -28.27
N GLN C 442 6.08 -18.55 -28.06
CA GLN C 442 6.83 -19.28 -27.07
C GLN C 442 8.32 -19.22 -27.36
N TRP C 443 8.60 -19.34 -28.64
CA TRP C 443 9.96 -19.36 -29.15
C TRP C 443 10.65 -18.03 -28.85
N THR C 444 9.98 -16.94 -29.25
CA THR C 444 10.60 -15.63 -29.03
C THR C 444 10.58 -15.33 -27.54
N ASN C 445 9.55 -15.75 -26.79
CA ASN C 445 9.57 -15.40 -25.36
C ASN C 445 10.76 -16.06 -24.64
N ASN C 446 11.14 -17.26 -25.09
CA ASN C 446 12.28 -17.99 -24.58
C ASN C 446 13.54 -17.13 -24.71
N HIS C 447 13.70 -16.49 -25.90
CA HIS C 447 14.77 -15.57 -26.18
C HIS C 447 14.81 -14.45 -25.15
N TYR C 448 13.69 -13.75 -24.88
CA TYR C 448 13.73 -12.62 -23.95
C TYR C 448 14.15 -13.16 -22.59
N GLN C 449 13.61 -14.34 -22.22
CA GLN C 449 13.87 -14.96 -20.92
C GLN C 449 15.38 -15.29 -20.81
N TYR C 450 15.95 -15.76 -21.94
CA TYR C 450 17.36 -16.15 -21.99
C TYR C 450 18.26 -14.92 -21.83
N ALA C 451 17.93 -13.82 -22.52
CA ALA C 451 18.65 -12.55 -22.34
C ALA C 451 18.69 -12.12 -20.86
N ILE C 452 17.59 -12.26 -20.18
CA ILE C 452 17.46 -11.86 -18.77
C ILE C 452 18.31 -12.73 -17.85
N GLU C 453 18.24 -14.07 -18.05
CA GLU C 453 18.94 -15.00 -17.17
C GLU C 453 20.45 -14.82 -17.35
N LYS C 454 20.85 -14.63 -18.60
CA LYS C 454 22.26 -14.49 -18.90
C LYS C 454 22.73 -13.17 -18.33
N ALA C 455 22.00 -12.09 -18.64
CA ALA C 455 22.22 -10.82 -17.96
C ALA C 455 22.47 -11.03 -16.47
N ALA C 456 21.59 -11.77 -15.78
CA ALA C 456 21.74 -11.94 -14.33
C ALA C 456 23.08 -12.54 -13.91
N ASP C 457 23.52 -13.58 -14.66
CA ASP C 457 24.82 -14.21 -14.45
C ASP C 457 26.01 -13.24 -14.56
N TYR C 458 25.86 -12.15 -15.35
CA TYR C 458 26.86 -11.11 -15.51
C TYR C 458 26.59 -9.93 -14.55
N GLN C 459 25.49 -10.02 -13.77
CA GLN C 459 25.03 -8.95 -12.90
C GLN C 459 24.75 -7.72 -13.73
N ILE C 460 23.79 -7.88 -14.63
CA ILE C 460 23.41 -6.87 -15.58
C ILE C 460 21.90 -6.79 -15.54
N MET C 461 21.44 -5.56 -15.59
CA MET C 461 20.05 -5.19 -15.61
C MET C 461 19.63 -5.04 -17.06
N VAL C 462 18.36 -5.36 -17.28
CA VAL C 462 17.76 -5.33 -18.59
C VAL C 462 16.47 -4.53 -18.58
N ASN C 463 16.38 -3.68 -19.60
CA ASN C 463 15.16 -3.00 -19.94
C ASN C 463 14.94 -3.20 -21.42
N ALA C 464 13.84 -3.89 -21.75
CA ALA C 464 13.68 -4.44 -23.08
C ALA C 464 12.46 -3.85 -23.75
N HIS C 465 12.71 -3.13 -24.85
CA HIS C 465 11.66 -2.57 -25.69
C HIS C 465 11.26 -3.58 -26.75
N GLU C 466 9.97 -3.50 -27.14
CA GLU C 466 9.28 -4.39 -28.09
C GLU C 466 9.26 -5.86 -27.66
N ALA C 467 9.70 -6.16 -26.45
CA ALA C 467 9.53 -7.50 -25.90
C ALA C 467 8.06 -7.71 -25.48
N VAL C 468 7.75 -8.98 -25.28
CA VAL C 468 6.49 -9.41 -24.67
C VAL C 468 6.21 -8.61 -23.40
N ARG C 469 4.93 -8.26 -23.21
CA ARG C 469 4.57 -7.44 -22.05
C ARG C 469 4.73 -8.26 -20.76
N PRO C 470 5.16 -7.65 -19.64
CA PRO C 470 5.53 -8.41 -18.45
C PRO C 470 4.36 -9.01 -17.65
N THR C 471 4.69 -10.06 -16.86
CA THR C 471 3.71 -10.87 -16.19
C THR C 471 4.22 -11.24 -14.80
N GLY C 472 5.15 -10.43 -14.30
CA GLY C 472 5.52 -10.50 -12.90
C GLY C 472 6.87 -11.15 -12.68
N ILE C 473 7.57 -11.45 -13.78
CA ILE C 473 8.75 -12.26 -13.74
C ILE C 473 9.89 -11.56 -13.00
N ALA C 474 9.77 -10.24 -12.82
CA ALA C 474 10.80 -9.50 -12.11
C ALA C 474 10.95 -9.95 -10.65
N ARG C 475 9.88 -10.51 -10.06
CA ARG C 475 10.03 -11.05 -8.72
C ARG C 475 11.12 -12.09 -8.79
N THR C 476 11.01 -12.95 -9.81
CA THR C 476 11.87 -14.14 -9.93
C THR C 476 13.25 -13.67 -10.39
N TYR C 477 13.33 -12.68 -11.31
CA TYR C 477 14.57 -12.15 -11.84
C TYR C 477 14.51 -10.64 -11.74
N PRO C 478 14.82 -10.05 -10.57
CA PRO C 478 14.65 -8.62 -10.39
C PRO C 478 15.64 -7.73 -11.11
N ASN C 479 16.43 -8.30 -12.00
CA ASN C 479 17.27 -7.47 -12.86
C ASN C 479 16.52 -7.02 -14.11
N LEU C 480 15.31 -7.58 -14.32
CA LEU C 480 14.44 -7.01 -15.31
C LEU C 480 13.79 -5.72 -14.75
N ILE C 481 14.46 -4.58 -14.94
CA ILE C 481 14.05 -3.33 -14.34
C ILE C 481 13.08 -2.60 -15.24
N GLY C 482 12.75 -3.18 -16.38
CA GLY C 482 11.83 -2.49 -17.28
C GLY C 482 11.54 -3.29 -18.55
N ASN C 483 10.42 -2.91 -19.18
CA ASN C 483 10.11 -3.15 -20.56
C ASN C 483 9.43 -1.88 -21.06
N GLU C 484 9.42 -1.66 -22.38
CA GLU C 484 8.41 -0.73 -22.93
C GLU C 484 7.09 -1.50 -23.10
N ALA C 485 6.92 -2.13 -24.25
CA ALA C 485 5.90 -3.18 -24.41
C ALA C 485 4.51 -2.59 -24.24
N ALA C 486 4.40 -1.38 -24.78
CA ALA C 486 3.22 -0.55 -24.78
C ALA C 486 3.56 0.72 -25.59
N ARG C 487 2.55 1.58 -25.78
CA ARG C 487 2.78 2.82 -26.51
C ARG C 487 3.36 3.80 -25.53
N GLY C 488 4.60 4.20 -25.74
CA GLY C 488 5.35 5.05 -24.80
C GLY C 488 5.35 6.54 -25.19
N THR C 489 6.24 7.31 -24.55
CA THR C 489 6.28 8.75 -24.77
C THR C 489 6.75 9.03 -26.20
N GLN C 490 7.40 8.04 -26.81
CA GLN C 490 7.98 8.21 -28.10
C GLN C 490 6.86 8.48 -29.10
N TYR C 491 5.65 7.94 -28.89
CA TYR C 491 4.64 8.13 -29.90
C TYR C 491 4.19 9.60 -29.85
N GLN C 492 4.54 10.31 -28.76
CA GLN C 492 4.22 11.73 -28.70
C GLN C 492 5.06 12.51 -29.73
N ALA C 493 6.12 11.87 -30.25
CA ALA C 493 6.94 12.49 -31.27
C ALA C 493 6.65 11.99 -32.68
N PHE C 494 5.68 11.10 -32.85
CA PHE C 494 5.55 10.41 -34.12
C PHE C 494 4.31 10.88 -34.88
N GLY C 495 3.80 12.07 -34.58
CA GLY C 495 2.72 12.65 -35.39
C GLY C 495 1.44 11.84 -35.25
N ASN C 496 0.59 11.87 -36.29
CA ASN C 496 -0.72 11.22 -36.23
C ASN C 496 -1.44 11.70 -34.97
N ASP C 497 -1.92 10.75 -34.11
CA ASP C 497 -2.70 11.11 -32.93
C ASP C 497 -1.82 11.15 -31.67
N ARG C 498 -0.52 10.88 -31.82
CA ARG C 498 0.36 10.79 -30.66
C ARG C 498 -0.34 9.94 -29.61
N ASN C 499 -0.27 10.35 -28.34
CA ASN C 499 -0.93 9.57 -27.29
C ASN C 499 -2.14 10.36 -26.80
N ASN C 500 -3.30 9.68 -26.72
CA ASN C 500 -4.47 10.32 -26.19
C ASN C 500 -4.17 10.93 -24.80
N ALA C 501 -4.88 12.02 -24.48
CA ALA C 501 -4.61 12.76 -23.27
C ALA C 501 -4.75 11.88 -22.02
N ASN C 502 -5.58 10.82 -22.11
CA ASN C 502 -5.83 9.94 -20.97
C ASN C 502 -5.00 8.67 -21.02
N HIS C 503 -4.10 8.54 -21.97
CA HIS C 503 -3.28 7.35 -22.05
C HIS C 503 -2.71 6.88 -20.70
N VAL C 504 -2.04 7.78 -19.98
CA VAL C 504 -1.34 7.43 -18.75
C VAL C 504 -2.33 7.23 -17.58
N THR C 505 -3.65 7.42 -17.84
CA THR C 505 -4.67 7.00 -16.88
C THR C 505 -5.18 5.60 -17.20
N ILE C 506 -4.63 4.95 -18.21
CA ILE C 506 -5.09 3.62 -18.56
C ILE C 506 -3.95 2.64 -18.39
N LEU C 507 -2.75 3.09 -18.70
CA LEU C 507 -1.55 2.23 -18.61
C LEU C 507 -1.45 1.55 -17.26
N PRO C 508 -1.68 2.23 -16.16
CA PRO C 508 -1.51 1.58 -14.84
C PRO C 508 -2.53 0.48 -14.57
N PHE C 509 -3.69 0.57 -15.26
CA PHE C 509 -4.73 -0.45 -15.13
C PHE C 509 -4.57 -1.61 -16.11
N THR C 510 -3.64 -1.49 -17.07
CA THR C 510 -3.40 -2.50 -18.08
C THR C 510 -1.90 -2.85 -18.07
N ARG C 511 -1.11 -2.06 -18.74
CA ARG C 511 0.24 -2.46 -19.03
C ARG C 511 1.05 -2.63 -17.75
N LEU C 512 0.84 -1.77 -16.76
CA LEU C 512 1.69 -1.86 -15.58
C LEU C 512 1.36 -3.09 -14.72
N ILE C 513 0.21 -3.75 -14.99
CA ILE C 513 -0.03 -5.00 -14.32
C ILE C 513 0.90 -6.06 -14.92
N GLY C 514 1.94 -6.37 -14.17
CA GLY C 514 2.89 -7.40 -14.52
C GLY C 514 4.32 -6.88 -14.35
N GLY C 515 4.47 -5.52 -14.30
CA GLY C 515 5.81 -4.93 -14.23
C GLY C 515 5.90 -3.50 -14.78
N PRO C 516 6.95 -2.79 -14.37
CA PRO C 516 7.08 -1.38 -14.66
C PRO C 516 7.30 -1.15 -16.16
N MET C 517 7.01 0.09 -16.58
CA MET C 517 7.32 0.51 -17.94
C MET C 517 8.35 1.64 -17.96
N ASP C 518 9.22 1.58 -18.96
CA ASP C 518 10.14 2.66 -19.28
C ASP C 518 9.38 3.62 -20.20
N TYR C 519 8.64 4.57 -19.57
CA TYR C 519 7.66 5.35 -20.30
C TYR C 519 8.33 6.57 -20.95
N THR C 520 9.50 6.89 -20.41
CA THR C 520 10.35 8.03 -20.72
C THR C 520 9.56 9.33 -20.62
N PRO C 521 9.11 9.70 -19.41
CA PRO C 521 8.43 10.94 -19.18
C PRO C 521 9.39 12.13 -19.12
N GLY C 522 8.81 13.26 -18.71
CA GLY C 522 9.55 14.45 -18.34
C GLY C 522 9.78 15.41 -19.50
N ILE C 523 8.82 15.47 -20.43
CA ILE C 523 8.90 16.36 -21.56
C ILE C 523 8.41 17.77 -21.14
N PHE C 524 9.22 18.78 -21.43
CA PHE C 524 8.89 20.16 -21.13
C PHE C 524 8.69 20.98 -22.40
N GLU C 525 9.34 20.59 -23.51
CA GLU C 525 9.03 21.21 -24.78
C GLU C 525 8.15 20.21 -25.53
N MET C 526 6.87 20.55 -25.71
CA MET C 526 5.90 19.65 -26.30
C MET C 526 5.85 19.71 -27.83
N ASP C 527 6.39 20.77 -28.42
CA ASP C 527 6.37 20.98 -29.88
C ASP C 527 7.78 20.73 -30.47
N VAL C 528 8.06 19.48 -30.87
CA VAL C 528 9.43 19.09 -31.12
C VAL C 528 9.86 19.36 -32.56
N THR C 529 11.13 19.05 -32.83
CA THR C 529 11.77 19.46 -34.07
C THR C 529 10.94 19.04 -35.30
N ASN C 530 10.37 17.83 -35.30
CA ASN C 530 9.76 17.30 -36.50
C ASN C 530 8.29 17.72 -36.62
N GLY C 531 7.82 18.65 -35.77
CA GLY C 531 6.48 19.23 -35.87
C GLY C 531 5.46 18.46 -35.01
N SER C 532 5.88 17.39 -34.38
CA SER C 532 4.95 16.59 -33.58
C SER C 532 4.57 17.37 -32.32
N HIS C 533 3.38 17.11 -31.78
CA HIS C 533 2.97 17.78 -30.54
C HIS C 533 2.65 16.75 -29.45
N VAL C 534 3.44 16.77 -28.39
CA VAL C 534 3.18 15.95 -27.20
C VAL C 534 1.93 16.45 -26.49
N ASN C 535 0.98 15.53 -26.26
CA ASN C 535 -0.30 15.81 -25.65
C ASN C 535 -0.21 15.73 -24.12
N ALA C 536 0.52 16.64 -23.49
CA ALA C 536 0.64 16.67 -22.05
C ALA C 536 0.90 18.10 -21.60
N THR C 537 0.64 18.40 -20.31
CA THR C 537 1.18 19.60 -19.70
C THR C 537 2.44 19.23 -18.96
N ILE C 538 3.21 20.25 -18.58
CA ILE C 538 4.43 20.04 -17.81
C ILE C 538 4.10 19.39 -16.46
N ALA C 539 3.01 19.80 -15.82
CA ALA C 539 2.68 19.28 -14.50
C ALA C 539 2.35 17.80 -14.67
N ASN C 540 1.70 17.46 -15.79
CA ASN C 540 1.46 16.07 -16.17
C ASN C 540 2.76 15.26 -16.15
N GLN C 541 3.79 15.82 -16.77
CA GLN C 541 5.05 15.11 -17.00
C GLN C 541 5.82 14.95 -15.70
N LEU C 542 5.62 15.90 -14.77
CA LEU C 542 6.21 15.79 -13.45
C LEU C 542 5.52 14.68 -12.64
N ALA C 543 4.20 14.49 -12.86
CA ALA C 543 3.42 13.59 -12.02
C ALA C 543 3.73 12.13 -12.38
N LEU C 544 4.14 11.88 -13.62
CA LEU C 544 4.46 10.56 -14.09
C LEU C 544 5.55 9.91 -13.27
N TYR C 545 6.54 10.65 -12.71
CA TYR C 545 7.56 10.01 -11.90
C TYR C 545 6.95 9.32 -10.65
N VAL C 546 5.69 9.64 -10.33
CA VAL C 546 4.96 8.96 -9.27
C VAL C 546 3.82 8.12 -9.85
N THR C 547 3.06 8.57 -10.88
CA THR C 547 1.87 7.82 -11.33
C THR C 547 2.16 6.71 -12.36
N MET C 548 3.35 6.71 -12.97
CA MET C 548 3.80 5.55 -13.78
C MET C 548 5.01 4.96 -13.08
N TYR C 549 4.70 4.06 -12.12
CA TYR C 549 5.70 3.47 -11.23
C TYR C 549 6.74 2.73 -12.09
N SER C 550 8.02 2.93 -11.74
CA SER C 550 9.16 2.32 -12.42
C SER C 550 10.40 2.54 -11.56
N PRO C 551 11.29 1.51 -11.43
CA PRO C 551 12.59 1.68 -10.79
C PRO C 551 13.54 2.30 -11.78
N LEU C 552 13.05 2.54 -12.99
CA LEU C 552 13.85 3.08 -14.08
C LEU C 552 13.08 4.25 -14.65
N GLN C 553 13.55 5.45 -14.37
CA GLN C 553 12.84 6.68 -14.73
C GLN C 553 13.74 7.60 -15.57
N MET C 554 13.30 7.90 -16.77
CA MET C 554 14.00 8.81 -17.63
C MET C 554 13.46 10.24 -17.48
N ALA C 555 14.38 11.18 -17.66
CA ALA C 555 14.01 12.53 -18.01
C ALA C 555 14.45 12.75 -19.46
N ALA C 556 13.47 12.58 -20.34
CA ALA C 556 13.67 12.32 -21.75
C ALA C 556 14.07 13.57 -22.56
N ASP C 557 13.81 14.76 -22.04
CA ASP C 557 13.97 15.97 -22.81
C ASP C 557 15.43 16.40 -22.82
N PHE C 558 15.68 17.48 -23.56
CA PHE C 558 17.03 17.99 -23.71
C PHE C 558 17.38 18.81 -22.49
N PRO C 559 18.68 18.82 -22.11
CA PRO C 559 19.13 19.67 -20.99
C PRO C 559 18.66 21.12 -21.11
N GLU C 560 18.70 21.69 -22.33
CA GLU C 560 18.29 23.07 -22.60
C GLU C 560 16.86 23.30 -22.14
N ASN C 561 15.99 22.30 -22.35
CA ASN C 561 14.57 22.50 -22.09
C ASN C 561 14.37 22.40 -20.58
N TYR C 562 15.21 21.63 -19.90
CA TYR C 562 15.15 21.61 -18.45
C TYR C 562 15.66 22.92 -17.85
N GLU C 563 16.67 23.54 -18.47
CA GLU C 563 17.27 24.76 -17.97
C GLU C 563 16.28 25.91 -18.10
N ARG C 564 15.34 25.79 -19.07
CA ARG C 564 14.39 26.84 -19.39
C ARG C 564 13.30 26.84 -18.33
N PHE C 565 12.98 25.65 -17.81
CA PHE C 565 12.01 25.53 -16.73
C PHE C 565 12.68 24.94 -15.50
N ALA C 566 13.73 25.60 -15.01
CA ALA C 566 14.52 25.09 -13.89
C ALA C 566 13.65 24.87 -12.66
N ASP C 567 12.70 25.78 -12.41
CA ASP C 567 11.90 25.74 -11.18
C ASP C 567 11.06 24.46 -11.12
N ALA C 568 10.42 24.10 -12.25
CA ALA C 568 9.64 22.89 -12.39
C ALA C 568 10.53 21.63 -12.42
N PHE C 569 11.74 21.78 -12.92
CA PHE C 569 12.66 20.66 -13.01
C PHE C 569 13.05 20.16 -11.63
N GLN C 570 12.82 21.01 -10.63
CA GLN C 570 13.26 20.70 -9.27
C GLN C 570 12.58 19.41 -8.78
N PHE C 571 11.34 19.16 -9.23
CA PHE C 571 10.61 18.00 -8.83
C PHE C 571 11.27 16.75 -9.41
N ILE C 572 11.67 16.80 -10.68
CA ILE C 572 12.31 15.67 -11.31
C ILE C 572 13.58 15.33 -10.55
N LYS C 573 14.28 16.37 -10.08
CA LYS C 573 15.53 16.13 -9.42
C LYS C 573 15.25 15.53 -8.04
N ASP C 574 14.22 16.02 -7.36
CA ASP C 574 13.92 15.62 -5.98
C ASP C 574 13.38 14.19 -5.91
N VAL C 575 12.55 13.78 -6.86
CA VAL C 575 11.67 12.65 -6.69
C VAL C 575 12.51 11.37 -6.64
N ALA C 576 12.09 10.43 -5.76
CA ALA C 576 12.78 9.15 -5.65
C ALA C 576 12.26 8.16 -6.71
N VAL C 577 12.91 7.00 -6.81
CA VAL C 577 12.60 6.00 -7.81
C VAL C 577 12.37 4.65 -7.15
N ASP C 578 12.30 4.62 -5.82
CA ASP C 578 12.02 3.40 -5.10
C ASP C 578 11.33 3.79 -3.81
N TRP C 579 10.48 2.92 -3.28
CA TRP C 579 9.47 3.33 -2.32
C TRP C 579 9.32 2.33 -1.17
N ASP C 580 9.01 2.86 0.01
CA ASP C 580 8.77 2.04 1.19
C ASP C 580 7.27 1.87 1.37
N ASP C 581 6.47 2.84 0.85
CA ASP C 581 5.02 2.71 0.91
C ASP C 581 4.39 3.39 -0.30
N SER C 582 3.16 3.01 -0.65
CA SER C 582 2.43 3.68 -1.70
C SER C 582 0.94 3.64 -1.38
N ARG C 583 0.24 4.76 -1.60
CA ARG C 583 -1.20 4.82 -1.40
C ARG C 583 -1.87 5.46 -2.60
N TYR C 584 -2.72 4.67 -3.28
CA TYR C 584 -3.53 5.24 -4.35
C TYR C 584 -4.66 6.04 -3.74
N LEU C 585 -4.74 7.37 -3.95
CA LEU C 585 -5.77 8.22 -3.32
C LEU C 585 -7.04 8.32 -4.16
N GLU C 586 -6.89 8.38 -5.49
CA GLU C 586 -8.03 8.42 -6.37
C GLU C 586 -7.57 7.71 -7.63
N ALA C 587 -8.51 7.06 -8.31
CA ALA C 587 -8.25 6.36 -9.54
C ALA C 587 -9.56 5.97 -10.22
N GLU C 588 -9.60 6.25 -11.50
CA GLU C 588 -10.68 5.78 -12.33
C GLU C 588 -10.08 5.62 -13.72
N PRO C 589 -10.05 4.39 -14.29
CA PRO C 589 -9.35 4.17 -15.54
C PRO C 589 -9.91 5.09 -16.64
N GLY C 590 -8.97 5.75 -17.35
CA GLY C 590 -9.27 6.62 -18.49
C GLY C 590 -9.60 8.06 -18.06
N GLN C 591 -9.65 8.36 -16.73
CA GLN C 591 -10.02 9.72 -16.26
C GLN C 591 -8.92 10.33 -15.38
N TYR C 592 -8.52 9.63 -14.29
CA TYR C 592 -7.50 10.17 -13.43
C TYR C 592 -6.88 9.10 -12.53
N ILE C 593 -5.70 9.46 -12.01
CA ILE C 593 -5.00 8.70 -11.02
C ILE C 593 -4.22 9.67 -10.14
N THR C 594 -4.29 9.43 -8.82
CA THR C 594 -3.60 10.23 -7.83
C THR C 594 -3.02 9.27 -6.83
N VAL C 595 -1.69 9.36 -6.58
CA VAL C 595 -1.05 8.39 -5.72
C VAL C 595 0.13 9.08 -5.07
N ALA C 596 0.42 8.61 -3.85
CA ALA C 596 1.46 9.16 -3.02
C ALA C 596 2.35 8.02 -2.57
N ARG C 597 3.65 8.31 -2.46
CA ARG C 597 4.61 7.26 -2.24
C ARG C 597 5.73 7.80 -1.36
N LYS C 598 6.22 6.97 -0.45
CA LYS C 598 7.23 7.35 0.52
C LYS C 598 8.57 6.85 0.00
N ALA C 599 9.50 7.77 -0.24
CA ALA C 599 10.81 7.41 -0.76
C ALA C 599 11.45 6.43 0.19
N LYS C 600 12.01 5.33 -0.35
CA LYS C 600 12.62 4.30 0.45
C LYS C 600 13.74 4.93 1.28
N GLY C 601 13.79 4.53 2.58
CA GLY C 601 14.83 4.96 3.49
C GLY C 601 14.58 6.36 4.08
N THR C 602 13.50 7.05 3.67
CA THR C 602 13.34 8.47 4.01
C THR C 602 11.97 8.68 4.64
N ASP C 603 11.76 9.90 5.15
CA ASP C 603 10.48 10.33 5.64
C ASP C 603 9.77 11.29 4.67
N ASN C 604 10.26 11.30 3.42
CA ASN C 604 9.77 12.16 2.35
C ASN C 604 8.70 11.46 1.53
N TRP C 605 7.67 12.21 1.18
CA TRP C 605 6.67 11.68 0.24
C TRP C 605 6.64 12.45 -1.08
N PHE C 606 6.19 11.73 -2.10
CA PHE C 606 6.02 12.29 -3.44
C PHE C 606 4.68 11.84 -3.94
N LEU C 607 3.96 12.78 -4.51
CA LEU C 607 2.58 12.57 -4.90
C LEU C 607 2.50 13.01 -6.33
N GLY C 608 1.72 12.25 -7.10
CA GLY C 608 1.36 12.72 -8.40
C GLY C 608 -0.09 12.42 -8.75
N ASN C 609 -0.59 13.27 -9.64
CA ASN C 609 -1.90 13.16 -10.22
C ASN C 609 -1.76 13.28 -11.74
N VAL C 610 -2.50 12.48 -12.45
CA VAL C 610 -2.55 12.65 -13.89
C VAL C 610 -4.03 12.65 -14.26
N ASN C 611 -4.36 13.48 -15.25
CA ASN C 611 -5.75 13.67 -15.52
C ASN C 611 -5.98 13.59 -17.01
N GLY C 612 -7.20 13.10 -17.34
CA GLY C 612 -7.63 12.70 -18.66
C GLY C 612 -8.21 13.87 -19.44
N GLU C 613 -9.17 13.58 -20.33
CA GLU C 613 -9.62 14.57 -21.29
C GLU C 613 -10.30 15.74 -20.56
N THR C 614 -10.98 15.42 -19.45
CA THR C 614 -11.88 16.36 -18.83
C THR C 614 -11.16 16.94 -17.62
N ALA C 615 -11.08 18.28 -17.65
CA ALA C 615 -10.50 19.05 -16.56
C ALA C 615 -11.26 18.72 -15.29
N ARG C 616 -10.60 18.76 -14.14
CA ARG C 616 -11.15 18.24 -12.90
C ARG C 616 -10.45 18.82 -11.68
N VAL C 617 -11.24 19.02 -10.60
CA VAL C 617 -10.72 19.28 -9.26
C VAL C 617 -10.51 17.96 -8.53
N SER C 618 -9.28 17.70 -8.09
CA SER C 618 -8.94 16.53 -7.30
C SER C 618 -9.01 16.89 -5.81
N ASN C 619 -9.67 16.02 -5.00
CA ASN C 619 -9.88 16.25 -3.58
C ASN C 619 -9.29 15.07 -2.81
N ILE C 620 -8.20 15.31 -2.08
CA ILE C 620 -7.51 14.24 -1.39
C ILE C 620 -7.32 14.52 0.09
N ASP C 621 -7.11 13.40 0.78
CA ASP C 621 -6.83 13.34 2.19
C ASP C 621 -5.32 13.10 2.31
N LEU C 622 -4.65 13.95 3.13
CA LEU C 622 -3.22 13.81 3.35
C LEU C 622 -2.89 13.03 4.63
N GLY C 623 -3.85 12.20 5.12
CA GLY C 623 -3.67 11.31 6.27
C GLY C 623 -2.60 10.21 6.11
N PHE C 624 -2.02 10.02 4.90
CA PHE C 624 -0.90 9.10 4.76
C PHE C 624 0.39 9.69 5.39
N LEU C 625 0.36 10.99 5.70
CA LEU C 625 1.48 11.59 6.41
C LEU C 625 1.43 11.08 7.86
N GLU C 626 2.60 11.19 8.51
CA GLU C 626 2.84 10.79 9.88
C GLU C 626 2.18 11.81 10.83
N LYS C 627 1.42 11.29 11.78
CA LYS C 627 0.68 12.07 12.76
C LYS C 627 1.65 12.94 13.53
N GLY C 628 1.22 14.18 13.84
CA GLY C 628 1.98 15.09 14.71
C GLY C 628 3.25 15.65 14.06
N LYS C 629 3.32 15.64 12.73
CA LYS C 629 4.51 16.16 12.07
C LYS C 629 4.06 17.20 11.07
N LYS C 630 4.80 18.31 11.01
CA LYS C 630 4.57 19.32 9.99
C LYS C 630 5.38 18.95 8.77
N TYR C 631 4.83 19.17 7.58
CA TYR C 631 5.58 19.01 6.35
C TYR C 631 5.46 20.23 5.43
N THR C 632 6.57 20.55 4.77
CA THR C 632 6.62 21.50 3.67
C THR C 632 6.15 20.77 2.43
N ALA C 633 5.02 21.20 1.87
CA ALA C 633 4.58 20.67 0.59
C ALA C 633 4.90 21.70 -0.49
N VAL C 634 5.51 21.26 -1.59
CA VAL C 634 5.66 22.08 -2.77
C VAL C 634 4.77 21.53 -3.89
N ILE C 635 3.72 22.28 -4.24
CA ILE C 635 2.78 21.80 -5.25
C ILE C 635 3.18 22.35 -6.61
N TYR C 636 3.49 21.46 -7.56
CA TYR C 636 3.70 21.80 -8.96
C TYR C 636 2.44 21.41 -9.76
N ALA C 637 1.68 22.41 -10.21
CA ALA C 637 0.32 22.23 -10.68
C ALA C 637 0.19 22.88 -12.06
N ASP C 638 -0.92 22.53 -12.75
CA ASP C 638 -1.33 23.25 -13.95
C ASP C 638 -1.80 24.67 -13.59
N ALA C 639 -1.43 25.67 -14.37
CA ALA C 639 -2.16 26.92 -14.40
C ALA C 639 -3.64 26.64 -14.77
N LYS C 640 -4.53 27.52 -14.36
CA LYS C 640 -5.96 27.37 -14.57
C LYS C 640 -6.31 27.35 -16.05
N ASP C 641 -5.53 28.04 -16.91
CA ASP C 641 -5.76 28.02 -18.35
C ASP C 641 -4.86 26.97 -19.05
N ALA C 642 -4.16 26.12 -18.32
CA ALA C 642 -3.32 25.13 -18.99
C ALA C 642 -4.20 24.15 -19.74
N ASN C 643 -3.60 23.54 -20.75
CA ASN C 643 -4.31 22.63 -21.60
C ASN C 643 -3.27 21.81 -22.39
N TYR C 644 -3.48 20.50 -22.59
CA TYR C 644 -2.53 19.63 -23.30
C TYR C 644 -2.37 19.96 -24.80
N LYS C 645 -3.22 20.81 -25.38
CA LYS C 645 -3.18 21.11 -26.82
C LYS C 645 -2.51 22.45 -27.10
N THR C 646 -2.98 23.55 -26.46
CA THR C 646 -2.60 24.91 -26.81
C THR C 646 -1.81 25.63 -25.70
N ASN C 647 -1.58 25.04 -24.52
CA ASN C 647 -0.94 25.81 -23.46
C ASN C 647 -0.27 24.82 -22.51
N THR C 648 0.78 24.19 -23.02
CA THR C 648 1.30 23.02 -22.34
C THR C 648 2.33 23.37 -21.28
N GLN C 649 2.81 24.63 -21.23
CA GLN C 649 3.92 25.04 -20.37
C GLN C 649 3.49 26.02 -19.28
N ALA C 650 2.18 26.08 -19.02
CA ALA C 650 1.74 26.97 -17.95
C ALA C 650 1.54 26.14 -16.67
N TYR C 651 2.45 26.39 -15.72
CA TYR C 651 2.46 25.68 -14.43
C TYR C 651 2.58 26.71 -13.32
N THR C 652 2.15 26.35 -12.11
CA THR C 652 2.40 27.13 -10.90
C THR C 652 3.20 26.28 -9.93
N ILE C 653 3.87 26.95 -8.98
CA ILE C 653 4.59 26.29 -7.90
C ILE C 653 4.32 27.08 -6.64
N ARG C 654 3.72 26.45 -5.63
CA ARG C 654 3.52 27.11 -4.35
C ARG C 654 3.84 26.18 -3.19
N LYS C 655 4.23 26.81 -2.08
CA LYS C 655 4.59 26.14 -0.84
C LYS C 655 3.44 26.30 0.15
N VAL C 656 3.16 25.21 0.85
CA VAL C 656 2.15 25.22 1.87
C VAL C 656 2.58 24.18 2.90
N VAL C 657 2.35 24.51 4.17
CA VAL C 657 2.77 23.67 5.29
C VAL C 657 1.59 22.85 5.81
N VAL C 658 1.74 21.51 5.88
CA VAL C 658 0.59 20.63 6.09
C VAL C 658 0.87 19.58 7.16
N THR C 659 -0.22 18.90 7.54
CA THR C 659 -0.16 17.84 8.54
C THR C 659 -1.04 16.71 8.02
N SER C 660 -1.03 15.61 8.79
CA SER C 660 -1.81 14.42 8.46
C SER C 660 -3.29 14.76 8.40
N ASN C 661 -3.70 15.88 9.05
CA ASN C 661 -5.11 16.26 9.12
C ASN C 661 -5.56 17.07 7.91
N SER C 662 -4.62 17.54 7.09
CA SER C 662 -4.91 18.42 5.97
C SER C 662 -5.72 17.69 4.90
N LYS C 663 -6.58 18.43 4.23
CA LYS C 663 -7.12 18.00 2.96
C LYS C 663 -6.36 18.79 1.90
N LEU C 664 -6.58 18.51 0.61
CA LEU C 664 -6.00 19.29 -0.45
C LEU C 664 -6.95 19.28 -1.64
N SER C 665 -7.00 20.42 -2.33
CA SER C 665 -7.87 20.56 -3.49
C SER C 665 -7.06 21.16 -4.63
N GLN C 666 -7.14 20.56 -5.83
CA GLN C 666 -6.24 20.98 -6.90
C GLN C 666 -6.87 20.71 -8.27
N PHE C 667 -6.92 21.79 -9.06
CA PHE C 667 -7.30 21.78 -10.45
C PHE C 667 -6.27 20.96 -11.22
N SER C 668 -6.78 20.10 -12.10
CA SER C 668 -5.96 19.51 -13.13
C SER C 668 -6.57 19.80 -14.50
N ALA C 669 -5.72 20.29 -15.39
CA ALA C 669 -6.10 20.55 -16.74
C ALA C 669 -6.41 19.25 -17.46
N SER C 670 -7.06 19.48 -18.60
CA SER C 670 -7.24 18.51 -19.64
C SER C 670 -5.86 17.98 -20.09
N GLY C 671 -5.60 16.70 -19.85
CA GLY C 671 -4.31 16.11 -20.16
C GLY C 671 -3.21 16.65 -19.24
N GLY C 672 -3.61 17.17 -18.08
CA GLY C 672 -2.67 17.74 -17.14
C GLY C 672 -2.43 16.82 -15.96
N GLY C 673 -2.31 17.42 -14.78
CA GLY C 673 -1.87 16.70 -13.60
C GLY C 673 -1.28 17.61 -12.53
N TYR C 674 -0.82 17.03 -11.39
CA TYR C 674 0.03 17.79 -10.47
C TYR C 674 1.05 16.90 -9.77
N ALA C 675 2.05 17.53 -9.16
CA ALA C 675 3.09 16.85 -8.39
C ALA C 675 3.36 17.61 -7.09
N ILE C 676 3.49 16.86 -5.98
CA ILE C 676 3.86 17.38 -4.70
C ILE C 676 5.03 16.63 -4.09
N SER C 677 6.00 17.39 -3.60
CA SER C 677 6.99 16.91 -2.63
C SER C 677 6.54 17.28 -1.21
N PHE C 678 6.69 16.34 -0.29
CA PHE C 678 6.43 16.54 1.12
C PHE C 678 7.71 16.23 1.92
N TYR C 679 8.28 17.26 2.55
CA TYR C 679 9.48 17.11 3.37
C TYR C 679 9.10 17.48 4.79
N PRO C 680 9.41 16.64 5.80
CA PRO C 680 9.15 17.01 7.18
C PRO C 680 9.85 18.32 7.49
N VAL C 681 9.27 19.17 8.35
CA VAL C 681 9.86 20.45 8.68
C VAL C 681 11.15 20.29 9.52
N ALA C 682 12.18 21.09 9.17
CA ALA C 682 13.60 20.81 9.43
C ALA C 682 14.07 21.47 10.73
N SER D 1 31.96 -12.09 -75.56
CA SER D 1 31.12 -13.05 -76.33
C SER D 1 31.60 -14.52 -76.17
N ASP D 2 32.78 -14.94 -76.67
CA ASP D 2 33.21 -16.35 -76.62
C ASP D 2 34.37 -16.58 -75.63
N LEU D 3 34.37 -17.73 -74.92
CA LEU D 3 35.45 -18.11 -74.01
C LEU D 3 35.89 -19.56 -74.27
N LYS D 4 37.19 -19.80 -74.12
CA LYS D 4 37.78 -21.10 -74.41
C LYS D 4 38.56 -21.53 -73.18
N SER D 5 38.60 -22.84 -72.93
CA SER D 5 39.54 -23.43 -71.99
C SER D 5 40.98 -23.15 -72.45
N PRO D 6 41.95 -23.17 -71.52
CA PRO D 6 43.36 -22.99 -71.88
C PRO D 6 43.89 -23.99 -72.93
N ASP D 7 43.36 -25.24 -72.91
CA ASP D 7 43.73 -26.29 -73.89
C ASP D 7 42.83 -26.30 -75.14
N GLY D 8 41.84 -25.43 -75.24
CA GLY D 8 41.13 -25.28 -76.51
C GLY D 8 39.91 -26.20 -76.64
N ASN D 9 39.75 -27.19 -75.75
CA ASN D 9 38.75 -28.21 -76.00
C ASN D 9 37.31 -27.74 -75.67
N PHE D 10 37.20 -26.69 -74.85
CA PHE D 10 35.91 -26.11 -74.52
C PHE D 10 35.76 -24.73 -75.13
N LEU D 11 34.55 -24.48 -75.64
CA LEU D 11 34.08 -23.17 -76.08
C LEU D 11 32.76 -22.90 -75.35
N MET D 12 32.66 -21.72 -74.71
CA MET D 12 31.43 -21.26 -74.08
C MET D 12 31.05 -19.97 -74.78
N HIS D 13 29.84 -19.95 -75.39
CA HIS D 13 29.29 -18.80 -76.05
C HIS D 13 28.29 -18.14 -75.10
N PHE D 14 28.44 -16.82 -74.87
CA PHE D 14 27.48 -16.00 -74.14
C PHE D 14 26.74 -15.05 -75.08
N SER D 15 25.43 -14.88 -74.87
CA SER D 15 24.71 -13.85 -75.62
C SER D 15 23.45 -13.41 -74.90
N LEU D 16 22.83 -12.38 -75.49
CA LEU D 16 21.48 -11.96 -75.15
C LEU D 16 20.51 -12.32 -76.27
N GLU D 17 19.36 -12.88 -75.88
CA GLU D 17 18.22 -13.00 -76.78
C GLU D 17 17.63 -11.62 -77.06
N ALA D 18 16.71 -11.54 -78.03
CA ALA D 18 16.16 -10.27 -78.50
C ALA D 18 15.48 -9.53 -77.35
N ASP D 19 14.88 -10.27 -76.40
CA ASP D 19 14.21 -9.64 -75.27
C ASP D 19 15.18 -9.31 -74.13
N GLY D 20 16.49 -9.44 -74.34
CA GLY D 20 17.49 -9.19 -73.30
C GLY D 20 17.71 -10.33 -72.28
N THR D 21 17.17 -11.51 -72.53
CA THR D 21 17.42 -12.65 -71.65
C THR D 21 18.87 -13.10 -71.87
N PRO D 22 19.66 -13.26 -70.78
CA PRO D 22 21.00 -13.82 -70.91
C PRO D 22 21.01 -15.34 -70.95
N VAL D 23 21.88 -15.86 -71.83
CA VAL D 23 21.97 -17.27 -72.18
C VAL D 23 23.43 -17.61 -72.41
N TYR D 24 23.75 -18.87 -72.15
CA TYR D 24 25.08 -19.39 -72.38
C TYR D 24 24.91 -20.78 -73.02
N LYS D 25 26.03 -21.25 -73.59
CA LYS D 25 26.10 -22.48 -74.34
C LYS D 25 27.51 -23.05 -74.15
N LEU D 26 27.67 -24.38 -74.04
CA LEU D 26 28.97 -24.96 -73.82
C LEU D 26 29.21 -26.14 -74.78
N ILE D 27 30.40 -26.12 -75.37
CA ILE D 27 30.78 -27.09 -76.39
C ILE D 27 32.09 -27.72 -75.95
N TYR D 28 32.16 -29.08 -76.01
CA TYR D 28 33.39 -29.81 -75.71
C TYR D 28 33.77 -30.65 -76.91
N LYS D 29 34.98 -30.39 -77.43
CA LYS D 29 35.52 -31.08 -78.60
C LYS D 29 34.44 -31.18 -79.68
N GLY D 30 33.79 -30.04 -79.91
CA GLY D 30 32.87 -29.88 -81.03
C GLY D 30 31.50 -30.49 -80.77
N LYS D 31 31.22 -30.90 -79.53
CA LYS D 31 29.96 -31.53 -79.16
C LYS D 31 29.24 -30.64 -78.16
N ASP D 32 27.96 -30.39 -78.41
CA ASP D 32 27.17 -29.65 -77.44
C ASP D 32 27.14 -30.43 -76.13
N VAL D 33 27.46 -29.73 -75.02
CA VAL D 33 27.33 -30.25 -73.67
C VAL D 33 26.25 -29.48 -72.90
N ILE D 34 26.33 -28.13 -72.92
CA ILE D 34 25.21 -27.27 -72.50
C ILE D 34 24.64 -26.57 -73.73
N LYS D 35 23.40 -26.91 -74.09
CA LYS D 35 22.71 -26.20 -75.17
C LYS D 35 22.19 -24.87 -74.62
N ALA D 36 21.73 -24.00 -75.51
CA ALA D 36 21.38 -22.62 -75.15
C ALA D 36 20.59 -22.64 -73.84
N SER D 37 21.16 -22.03 -72.79
CA SER D 37 20.57 -22.09 -71.47
C SER D 37 20.41 -20.70 -70.85
N LYS D 38 19.31 -20.48 -70.14
CA LYS D 38 18.98 -19.14 -69.67
C LYS D 38 19.56 -18.89 -68.29
N LEU D 39 19.75 -17.62 -67.96
CA LEU D 39 20.33 -17.22 -66.70
C LEU D 39 19.45 -16.17 -66.05
N GLY D 40 19.51 -16.07 -64.72
CA GLY D 40 18.93 -14.95 -63.99
C GLY D 40 18.07 -15.43 -62.83
N PHE D 41 17.25 -14.49 -62.32
CA PHE D 41 16.44 -14.74 -61.13
C PHE D 41 15.02 -14.17 -61.23
N THR D 42 14.08 -14.87 -60.60
CA THR D 42 12.81 -14.35 -60.15
C THR D 42 13.00 -13.78 -58.74
N LEU D 43 12.73 -12.46 -58.56
CA LEU D 43 12.74 -11.78 -57.28
C LEU D 43 11.34 -11.74 -56.66
N LYS D 44 11.25 -11.86 -55.31
CA LYS D 44 10.01 -11.72 -54.57
C LYS D 44 9.61 -10.23 -54.45
N ASN D 45 8.30 -9.97 -54.53
CA ASN D 45 7.72 -8.64 -54.42
C ASN D 45 8.35 -7.69 -55.44
N ASP D 46 8.43 -8.14 -56.68
CA ASP D 46 9.09 -7.39 -57.72
C ASP D 46 8.40 -7.69 -59.05
N ASN D 47 7.89 -6.63 -59.67
CA ASN D 47 7.24 -6.70 -60.97
C ASN D 47 8.21 -7.25 -62.00
N LYS D 48 9.49 -6.86 -61.96
CA LYS D 48 10.31 -7.02 -63.15
C LYS D 48 11.22 -8.25 -63.05
N SER D 49 11.80 -8.46 -61.88
CA SER D 49 12.74 -9.54 -61.68
C SER D 49 14.02 -9.33 -62.50
N LEU D 50 14.84 -10.38 -62.62
CA LEU D 50 16.13 -10.30 -63.24
C LEU D 50 16.26 -11.40 -64.29
N LEU D 51 15.26 -11.46 -65.19
CA LEU D 51 15.17 -12.51 -66.19
C LEU D 51 15.58 -12.01 -67.58
N ASN D 52 15.58 -10.69 -67.80
CA ASN D 52 15.64 -10.19 -69.15
C ASN D 52 15.77 -8.66 -69.20
N ASP D 53 15.76 -8.07 -70.42
CA ASP D 53 15.85 -6.64 -70.65
C ASP D 53 17.20 -6.14 -70.15
N PHE D 54 18.21 -7.03 -70.27
CA PHE D 54 19.56 -6.56 -70.08
C PHE D 54 20.15 -6.03 -71.40
N LYS D 55 21.21 -5.26 -71.24
CA LYS D 55 22.12 -4.96 -72.31
C LYS D 55 23.51 -5.10 -71.68
N ILE D 56 24.48 -5.30 -72.56
CA ILE D 56 25.82 -5.57 -72.14
C ILE D 56 26.48 -4.22 -71.99
N GLU D 57 27.00 -3.97 -70.79
CA GLU D 57 27.57 -2.68 -70.48
C GLU D 57 29.07 -2.80 -70.70
N ASP D 58 29.66 -3.97 -70.39
CA ASP D 58 31.10 -4.18 -70.55
C ASP D 58 31.41 -5.68 -70.54
N THR D 59 32.56 -6.09 -71.11
CA THR D 59 33.16 -7.41 -70.89
C THR D 59 34.66 -7.25 -70.60
N LYS D 60 35.21 -8.10 -69.73
CA LYS D 60 36.64 -8.21 -69.49
C LYS D 60 37.01 -9.70 -69.55
N THR D 61 38.12 -10.03 -70.23
CA THR D 61 38.72 -11.34 -70.18
C THR D 61 39.99 -11.28 -69.32
N SER D 62 40.38 -12.43 -68.76
CA SER D 62 41.73 -12.54 -68.24
C SER D 62 42.12 -14.01 -68.18
N SER D 63 43.37 -14.24 -67.75
CA SER D 63 43.87 -15.60 -67.52
C SER D 63 44.60 -15.67 -66.20
N PHE D 64 44.58 -16.88 -65.64
CA PHE D 64 45.15 -17.14 -64.35
C PHE D 64 45.70 -18.58 -64.37
N ASP D 65 46.85 -18.72 -63.72
CA ASP D 65 47.57 -19.97 -63.69
C ASP D 65 48.58 -19.90 -62.54
N GLU D 66 48.17 -20.52 -61.43
CA GLU D 66 49.00 -20.67 -60.25
CA GLU D 66 48.92 -20.61 -60.19
C GLU D 66 48.61 -21.97 -59.57
N ASN D 67 49.53 -22.44 -58.74
CA ASN D 67 49.40 -23.65 -57.93
C ASN D 67 49.26 -23.20 -56.48
N TRP D 68 48.66 -24.08 -55.67
CA TRP D 68 48.44 -23.87 -54.25
C TRP D 68 48.53 -25.23 -53.58
N LYS D 69 49.08 -25.22 -52.36
CA LYS D 69 49.34 -26.40 -51.55
C LYS D 69 48.14 -26.56 -50.63
N PRO D 70 47.34 -27.63 -50.74
CA PRO D 70 46.24 -27.84 -49.80
C PRO D 70 46.86 -28.28 -48.50
N VAL D 71 46.11 -28.15 -47.40
CA VAL D 71 46.58 -28.61 -46.10
C VAL D 71 46.62 -30.14 -46.05
N TRP D 72 45.53 -30.69 -46.60
CA TRP D 72 45.28 -32.10 -46.80
C TRP D 72 44.57 -32.24 -48.14
N GLY D 73 44.81 -33.37 -48.80
CA GLY D 73 44.23 -33.64 -50.10
C GLY D 73 44.81 -34.90 -50.74
N GLU D 74 44.49 -35.00 -52.03
CA GLU D 74 44.89 -36.13 -52.88
C GLU D 74 46.26 -35.87 -53.48
N VAL D 75 46.69 -34.59 -53.50
CA VAL D 75 47.94 -34.19 -54.13
C VAL D 75 48.57 -33.14 -53.23
N SER D 76 49.86 -32.95 -53.42
CA SER D 76 50.63 -31.97 -52.66
C SER D 76 50.49 -30.53 -53.19
N SER D 77 50.00 -30.38 -54.42
CA SER D 77 50.03 -29.14 -55.20
C SER D 77 48.93 -29.22 -56.26
N ILE D 78 48.02 -28.23 -56.25
CA ILE D 78 46.89 -28.23 -57.17
C ILE D 78 47.02 -27.03 -58.13
N ARG D 79 46.67 -27.29 -59.40
CA ARG D 79 46.78 -26.29 -60.44
C ARG D 79 45.46 -25.59 -60.71
N ASN D 80 45.47 -24.27 -60.51
CA ASN D 80 44.34 -23.41 -60.81
C ASN D 80 44.66 -22.63 -62.09
N ASN D 81 44.04 -23.01 -63.19
CA ASN D 81 44.37 -22.55 -64.53
C ASN D 81 43.07 -22.39 -65.34
N TYR D 82 42.70 -21.14 -65.63
CA TYR D 82 41.46 -20.90 -66.32
C TYR D 82 41.60 -19.65 -67.17
N ASN D 83 40.67 -19.52 -68.15
CA ASN D 83 40.36 -18.24 -68.74
C ASN D 83 39.05 -17.73 -68.16
N GLU D 84 38.94 -16.40 -68.05
CA GLU D 84 37.81 -15.73 -67.40
C GLU D 84 37.14 -14.76 -68.38
N LEU D 85 35.80 -14.82 -68.41
CA LEU D 85 35.06 -13.74 -69.05
C LEU D 85 34.09 -13.14 -68.03
N ALA D 86 34.11 -11.82 -67.86
CA ALA D 86 33.26 -11.14 -66.91
C ALA D 86 32.34 -10.21 -67.69
N VAL D 87 31.06 -10.56 -67.79
CA VAL D 87 30.07 -9.78 -68.51
C VAL D 87 29.29 -8.90 -67.55
N SER D 88 29.38 -7.59 -67.70
CA SER D 88 28.64 -6.68 -66.85
C SER D 88 27.34 -6.29 -67.55
N LEU D 89 26.20 -6.65 -66.92
CA LEU D 89 24.92 -6.29 -67.49
C LEU D 89 24.30 -5.14 -66.71
N SER D 90 23.40 -4.44 -67.39
CA SER D 90 22.59 -3.36 -66.87
C SER D 90 21.14 -3.57 -67.38
N GLN D 91 20.18 -3.64 -66.45
CA GLN D 91 18.80 -3.85 -66.83
C GLN D 91 18.17 -2.50 -67.19
N LYS D 92 17.33 -2.51 -68.24
CA LYS D 92 16.56 -1.33 -68.61
C LYS D 92 15.47 -1.08 -67.57
N GLU D 93 15.03 0.20 -67.46
CA GLU D 93 13.97 0.65 -66.56
C GLU D 93 14.41 0.64 -65.07
N THR D 94 15.31 -0.27 -64.66
CA THR D 94 15.69 -0.35 -63.25
C THR D 94 17.13 0.13 -63.05
N ASP D 95 17.94 0.27 -64.10
CA ASP D 95 19.38 0.51 -63.93
C ASP D 95 20.03 -0.51 -62.98
N ARG D 96 19.49 -1.73 -62.90
CA ARG D 96 20.12 -2.77 -62.08
C ARG D 96 21.34 -3.35 -62.78
N LYS D 97 22.38 -3.62 -61.95
CA LYS D 97 23.64 -4.18 -62.42
C LYS D 97 23.83 -5.61 -61.92
N MET D 98 24.18 -6.50 -62.88
CA MET D 98 24.46 -7.89 -62.59
C MET D 98 25.59 -8.35 -63.52
N ILE D 99 26.69 -8.77 -62.89
CA ILE D 99 27.84 -9.33 -63.55
C ILE D 99 27.69 -10.84 -63.57
N ILE D 100 28.07 -11.43 -64.67
CA ILE D 100 28.12 -12.88 -64.74
C ILE D 100 29.54 -13.25 -65.12
N ARG D 101 30.21 -13.95 -64.21
CA ARG D 101 31.62 -14.24 -64.38
C ARG D 101 31.76 -15.72 -64.67
N PHE D 102 32.42 -16.02 -65.79
CA PHE D 102 32.63 -17.38 -66.21
C PHE D 102 34.10 -17.71 -66.16
N ARG D 103 34.39 -18.93 -65.74
CA ARG D 103 35.75 -19.42 -65.77
C ARG D 103 35.72 -20.80 -66.41
N LEU D 104 36.60 -20.96 -67.38
CA LEU D 104 36.62 -22.14 -68.21
C LEU D 104 37.98 -22.75 -68.02
N PHE D 105 37.99 -23.94 -67.42
CA PHE D 105 39.19 -24.70 -67.13
C PHE D 105 39.28 -25.85 -68.13
N ASP D 106 40.39 -26.60 -68.07
CA ASP D 106 40.55 -27.79 -68.92
C ASP D 106 39.61 -28.91 -68.49
N ASP D 107 39.09 -28.85 -67.24
CA ASP D 107 38.14 -29.83 -66.79
C ASP D 107 36.70 -29.35 -66.94
N GLY D 108 36.46 -28.10 -67.37
CA GLY D 108 35.09 -27.59 -67.46
C GLY D 108 34.87 -26.16 -66.92
N LEU D 109 33.59 -25.85 -66.73
CA LEU D 109 33.10 -24.48 -66.70
C LEU D 109 32.57 -24.18 -65.32
N GLY D 110 32.87 -22.97 -64.86
CA GLY D 110 32.13 -22.46 -63.73
C GLY D 110 31.66 -21.04 -63.99
N PHE D 111 30.51 -20.71 -63.44
CA PHE D 111 30.05 -19.35 -63.52
C PHE D 111 29.25 -19.00 -62.29
N ARG D 112 29.12 -17.69 -62.11
CA ARG D 112 28.34 -17.18 -61.00
C ARG D 112 27.89 -15.79 -61.33
N TYR D 113 26.96 -15.31 -60.51
CA TYR D 113 26.48 -13.95 -60.63
C TYR D 113 27.00 -13.11 -59.49
N GLU D 114 27.28 -11.85 -59.80
CA GLU D 114 27.71 -10.90 -58.79
C GLU D 114 26.83 -9.68 -58.97
N PHE D 115 26.46 -9.11 -57.83
CA PHE D 115 25.79 -7.82 -57.83
C PHE D 115 26.77 -6.85 -57.19
N PRO D 116 27.38 -5.92 -57.96
CA PRO D 116 28.33 -5.00 -57.35
C PRO D 116 27.51 -3.97 -56.57
N GLN D 117 28.22 -3.23 -55.74
CA GLN D 117 27.61 -2.06 -55.14
C GLN D 117 27.02 -1.15 -56.21
N GLN D 118 25.73 -0.81 -56.02
CA GLN D 118 25.02 -0.01 -56.98
C GLN D 118 23.95 0.81 -56.29
N ASN D 119 23.47 1.80 -57.03
CA ASN D 119 22.58 2.79 -56.49
C ASN D 119 21.11 2.34 -56.48
N ASN D 120 20.71 1.26 -57.15
CA ASN D 120 19.28 1.07 -57.30
C ASN D 120 18.84 -0.34 -56.99
N LEU D 121 19.72 -1.10 -56.36
CA LEU D 121 19.46 -2.48 -55.95
C LEU D 121 20.31 -2.70 -54.71
N ILE D 122 19.64 -2.89 -53.59
CA ILE D 122 20.31 -2.96 -52.31
C ILE D 122 19.90 -4.27 -51.67
N TYR D 123 18.82 -4.26 -50.89
CA TYR D 123 18.25 -5.47 -50.29
C TYR D 123 17.26 -6.02 -51.31
N PHE D 124 17.32 -7.32 -51.53
CA PHE D 124 16.34 -7.97 -52.39
C PHE D 124 16.29 -9.43 -51.96
N THR D 125 15.14 -10.04 -52.31
CA THR D 125 14.84 -11.40 -51.99
C THR D 125 14.69 -12.20 -53.29
N ILE D 126 15.46 -13.29 -53.42
CA ILE D 126 15.33 -14.26 -54.49
C ILE D 126 14.12 -15.15 -54.23
N LYS D 127 13.18 -15.21 -55.18
CA LYS D 127 12.07 -16.14 -55.13
C LYS D 127 12.47 -17.46 -55.81
N GLU D 128 13.14 -17.42 -56.95
CA GLU D 128 13.78 -18.62 -57.51
C GLU D 128 14.97 -18.20 -58.35
N GLU D 129 16.04 -19.01 -58.28
CA GLU D 129 17.10 -18.93 -59.27
C GLU D 129 16.60 -19.53 -60.56
N ARG D 130 16.96 -18.87 -61.66
CA ARG D 130 16.56 -19.25 -63.01
C ARG D 130 17.83 -19.43 -63.84
N THR D 131 18.61 -20.41 -63.40
CA THR D 131 19.82 -20.85 -64.06
C THR D 131 19.52 -22.18 -64.73
N GLN D 132 19.74 -22.29 -66.05
CA GLN D 132 19.42 -23.51 -66.74
C GLN D 132 20.65 -24.29 -67.21
N PHE D 133 20.42 -25.59 -67.41
CA PHE D 133 21.40 -26.48 -68.00
C PHE D 133 20.64 -27.40 -68.92
N ALA D 134 20.55 -26.98 -70.21
CA ALA D 134 19.91 -27.73 -71.26
C ALA D 134 20.87 -28.79 -71.75
N MET D 135 20.46 -30.06 -71.60
CA MET D 135 21.26 -31.20 -72.01
C MET D 135 21.12 -31.39 -73.51
N ALA D 136 22.06 -32.14 -74.11
CA ALA D 136 22.00 -32.38 -75.56
C ALA D 136 21.12 -33.58 -75.88
N GLY D 137 20.77 -34.39 -74.85
CA GLY D 137 20.05 -35.62 -75.10
C GLY D 137 19.67 -36.36 -73.83
N ASP D 138 19.03 -37.53 -74.02
CA ASP D 138 18.43 -38.30 -72.94
C ASP D 138 19.54 -39.10 -72.26
N HIS D 139 20.36 -38.41 -71.46
CA HIS D 139 21.56 -38.98 -70.89
C HIS D 139 21.25 -40.02 -69.81
N THR D 140 22.22 -40.88 -69.53
CA THR D 140 22.20 -41.66 -68.32
C THR D 140 22.60 -40.74 -67.16
N ALA D 141 21.98 -40.94 -66.00
CA ALA D 141 22.27 -40.18 -64.81
C ALA D 141 22.35 -41.10 -63.59
N TYR D 142 23.18 -40.65 -62.63
CA TYR D 142 23.32 -41.26 -61.31
C TYR D 142 22.88 -40.20 -60.28
N TRP D 143 21.68 -40.42 -59.71
CA TRP D 143 20.95 -39.41 -58.99
C TRP D 143 20.21 -39.92 -57.76
N ILE D 144 19.92 -38.95 -56.89
CA ILE D 144 19.13 -39.13 -55.70
C ILE D 144 18.07 -38.06 -55.72
N PRO D 145 16.88 -38.35 -55.15
CA PRO D 145 15.76 -37.39 -55.15
C PRO D 145 16.11 -36.05 -54.55
N GLY D 146 15.66 -34.96 -55.18
CA GLY D 146 15.75 -33.61 -54.64
C GLY D 146 15.07 -33.52 -53.29
N ASP D 147 15.82 -33.07 -52.25
CA ASP D 147 15.30 -33.07 -50.89
C ASP D 147 15.90 -31.89 -50.12
N TYR D 148 15.08 -31.25 -49.28
CA TYR D 148 15.54 -30.08 -48.53
C TYR D 148 16.16 -30.48 -47.17
N ASP D 149 16.12 -31.78 -46.81
CA ASP D 149 16.43 -32.21 -45.46
C ASP D 149 17.34 -33.44 -45.37
N THR D 150 17.44 -34.27 -46.42
CA THR D 150 18.36 -35.41 -46.35
C THR D 150 18.96 -35.71 -47.71
N GLN D 151 20.19 -36.24 -47.70
CA GLN D 151 20.79 -36.80 -48.90
C GLN D 151 20.97 -38.31 -48.80
N GLU D 152 20.33 -38.90 -47.80
CA GLU D 152 20.67 -40.25 -47.31
C GLU D 152 19.94 -41.31 -48.14
N TYR D 153 20.01 -41.20 -49.47
CA TYR D 153 19.32 -42.13 -50.34
C TYR D 153 20.30 -43.02 -51.10
N ASN D 154 19.80 -44.20 -51.48
CA ASN D 154 20.44 -44.97 -52.53
C ASN D 154 20.35 -44.23 -53.88
N TYR D 155 21.47 -44.20 -54.62
CA TYR D 155 21.52 -43.69 -55.97
C TYR D 155 20.69 -44.60 -56.87
N SER D 156 20.15 -43.99 -57.93
CA SER D 156 19.47 -44.66 -59.01
C SER D 156 20.25 -44.38 -60.27
N THR D 157 20.38 -45.41 -61.11
CA THR D 157 21.02 -45.25 -62.40
C THR D 157 19.91 -45.32 -63.43
N SER D 158 19.68 -44.25 -64.21
CA SER D 158 18.67 -44.33 -65.26
C SER D 158 18.89 -43.23 -66.27
N LYS D 159 18.08 -43.28 -67.34
CA LYS D 159 17.98 -42.21 -68.32
C LYS D 159 17.21 -41.05 -67.70
N LEU D 160 17.44 -39.85 -68.25
CA LEU D 160 16.79 -38.66 -67.72
C LEU D 160 15.30 -38.85 -67.85
N SER D 161 14.85 -39.43 -68.96
CA SER D 161 13.42 -39.62 -69.23
C SER D 161 12.76 -40.65 -68.33
N GLU D 162 13.56 -41.34 -67.49
CA GLU D 162 13.06 -42.45 -66.67
C GLU D 162 12.87 -41.98 -65.22
N ILE D 163 13.35 -40.79 -64.90
CA ILE D 163 13.38 -40.30 -63.53
C ILE D 163 11.98 -40.10 -62.97
N ARG D 164 11.05 -39.56 -63.79
CA ARG D 164 9.67 -39.39 -63.33
C ARG D 164 9.11 -40.75 -62.87
N GLY D 165 9.30 -41.75 -63.73
CA GLY D 165 8.83 -43.11 -63.51
C GLY D 165 9.41 -43.73 -62.24
N LEU D 166 10.67 -43.40 -61.91
CA LEU D 166 11.38 -44.10 -60.86
C LEU D 166 11.32 -43.35 -59.55
N MET D 167 10.75 -42.13 -59.55
CA MET D 167 10.79 -41.27 -58.37
C MET D 167 10.14 -41.96 -57.17
N GLU D 168 8.95 -42.53 -57.35
CA GLU D 168 8.23 -43.21 -56.28
C GLU D 168 9.12 -44.20 -55.53
N LYS D 169 9.83 -45.10 -56.23
CA LYS D 169 10.64 -46.13 -55.60
C LYS D 169 11.95 -45.57 -55.01
N ALA D 170 12.52 -44.57 -55.69
CA ALA D 170 13.80 -44.01 -55.30
C ALA D 170 13.65 -43.17 -54.03
N TYR D 171 12.46 -42.58 -53.83
CA TYR D 171 12.28 -41.71 -52.67
C TYR D 171 11.89 -42.57 -51.46
N THR D 172 12.87 -43.13 -50.77
CA THR D 172 12.57 -44.01 -49.63
C THR D 172 12.28 -43.19 -48.35
N LYS D 173 11.27 -43.68 -47.64
CA LYS D 173 10.61 -43.04 -46.51
C LYS D 173 11.23 -43.52 -45.19
N GLY D 174 10.75 -43.00 -44.02
CA GLY D 174 11.18 -43.44 -42.70
C GLY D 174 12.41 -42.69 -42.16
N ASN D 175 12.89 -41.66 -42.89
CA ASN D 175 13.85 -40.69 -42.39
C ASN D 175 13.21 -39.71 -41.40
N ALA D 176 13.95 -39.40 -40.34
CA ALA D 176 13.53 -38.47 -39.31
C ALA D 176 13.19 -37.10 -39.89
N SER D 177 13.91 -36.72 -40.95
CA SER D 177 13.69 -35.47 -41.65
C SER D 177 13.99 -35.65 -43.12
N GLN D 178 12.96 -35.42 -43.95
CA GLN D 178 13.02 -35.47 -45.40
C GLN D 178 11.82 -34.75 -45.98
N THR D 179 12.05 -34.02 -47.09
CA THR D 179 11.06 -33.20 -47.75
C THR D 179 11.40 -33.17 -49.24
N SER D 180 10.49 -33.73 -50.10
CA SER D 180 10.57 -33.65 -51.56
C SER D 180 10.08 -32.29 -52.09
N PHE D 181 10.31 -32.03 -53.38
CA PHE D 181 9.77 -30.81 -53.98
C PHE D 181 9.21 -31.00 -55.38
N SER D 182 9.52 -32.13 -56.03
CA SER D 182 9.19 -32.29 -57.44
C SER D 182 9.30 -33.77 -57.81
N PRO D 183 8.40 -34.22 -58.71
CA PRO D 183 8.50 -35.56 -59.29
C PRO D 183 9.76 -35.74 -60.14
N THR D 184 10.38 -34.61 -60.55
CA THR D 184 11.59 -34.65 -61.36
C THR D 184 12.73 -33.86 -60.72
N GLY D 185 12.74 -33.74 -59.39
CA GLY D 185 13.81 -32.99 -58.76
C GLY D 185 14.94 -33.92 -58.32
N VAL D 186 16.21 -33.49 -58.54
CA VAL D 186 17.35 -34.27 -58.09
C VAL D 186 18.34 -33.39 -57.39
N GLN D 187 19.29 -34.00 -56.68
CA GLN D 187 20.38 -33.29 -56.02
C GLN D 187 21.58 -33.19 -56.92
N THR D 188 22.42 -32.25 -56.57
CA THR D 188 23.78 -32.16 -57.04
C THR D 188 24.65 -32.52 -55.85
N SER D 189 25.83 -33.06 -56.11
CA SER D 189 26.41 -33.20 -57.43
C SER D 189 25.69 -34.27 -58.24
N LEU D 190 25.33 -33.92 -59.48
CA LEU D 190 24.60 -34.81 -60.36
C LEU D 190 25.56 -35.35 -61.41
N MET D 191 25.67 -36.68 -61.52
CA MET D 191 26.54 -37.29 -62.52
C MET D 191 25.74 -37.85 -63.70
N MET D 192 26.24 -37.57 -64.92
CA MET D 192 25.65 -38.09 -66.14
C MET D 192 26.70 -38.64 -67.08
N LYS D 193 26.20 -39.45 -68.01
CA LYS D 193 26.93 -40.02 -69.12
C LYS D 193 26.03 -39.98 -70.37
N SER D 194 26.50 -39.38 -71.46
CA SER D 194 25.67 -39.25 -72.66
C SER D 194 25.74 -40.55 -73.48
N GLN D 195 24.82 -40.72 -74.47
CA GLN D 195 24.76 -41.90 -75.33
C GLN D 195 26.08 -42.03 -76.10
N ASP D 196 26.73 -40.88 -76.41
CA ASP D 196 27.98 -40.81 -77.13
C ASP D 196 29.19 -40.69 -76.20
N GLY D 197 29.05 -41.04 -74.91
CA GLY D 197 30.21 -41.27 -74.05
C GLY D 197 30.85 -40.03 -73.36
N LEU D 198 30.12 -38.91 -73.19
CA LEU D 198 30.63 -37.80 -72.40
C LEU D 198 30.19 -37.97 -70.96
N TYR D 199 31.14 -37.67 -70.03
CA TYR D 199 30.83 -37.67 -68.62
C TYR D 199 30.58 -36.21 -68.20
N ILE D 200 29.36 -35.92 -67.75
CA ILE D 200 28.94 -34.56 -67.42
C ILE D 200 28.50 -34.49 -65.96
N ASN D 201 29.14 -33.62 -65.19
CA ASN D 201 28.79 -33.40 -63.79
C ASN D 201 28.21 -31.99 -63.62
N LEU D 202 27.12 -31.86 -62.87
CA LEU D 202 26.52 -30.55 -62.60
C LEU D 202 26.54 -30.36 -61.10
N HIS D 203 27.14 -29.26 -60.65
CA HIS D 203 27.31 -29.04 -59.23
C HIS D 203 27.39 -27.56 -58.97
N GLU D 204 27.83 -27.18 -57.77
CA GLU D 204 28.17 -25.80 -57.47
C GLU D 204 29.40 -25.77 -56.60
N ALA D 205 29.96 -24.58 -56.41
CA ALA D 205 31.14 -24.40 -55.57
C ALA D 205 31.00 -23.12 -54.75
N ALA D 206 31.47 -23.13 -53.50
CA ALA D 206 31.53 -21.97 -52.62
C ALA D 206 30.12 -21.61 -52.21
N LEU D 207 29.42 -22.60 -51.61
CA LEU D 207 28.06 -22.39 -51.18
C LEU D 207 28.18 -21.65 -49.87
N ILE D 208 28.13 -20.30 -49.88
CA ILE D 208 28.17 -19.55 -48.63
C ILE D 208 27.15 -18.39 -48.77
N ASN D 209 26.42 -18.10 -47.68
CA ASN D 209 25.50 -16.96 -47.65
C ASN D 209 24.44 -17.13 -48.75
N TYR D 210 23.97 -18.36 -48.91
CA TYR D 210 23.08 -18.65 -50.04
C TYR D 210 22.36 -19.97 -49.78
N SER D 211 21.26 -20.21 -50.52
CA SER D 211 20.54 -21.46 -50.43
C SER D 211 21.22 -22.57 -51.24
N CYS D 212 21.11 -23.80 -50.77
CA CYS D 212 21.66 -24.93 -51.50
C CYS D 212 20.89 -25.12 -52.80
N MET D 213 21.63 -25.33 -53.90
CA MET D 213 21.01 -25.58 -55.20
C MET D 213 20.67 -27.08 -55.41
N HIS D 214 19.39 -27.33 -55.79
CA HIS D 214 18.96 -28.59 -56.35
C HIS D 214 18.69 -28.35 -57.84
N LEU D 215 18.36 -29.42 -58.60
CA LEU D 215 17.94 -29.24 -59.97
C LEU D 215 16.55 -29.82 -60.16
N ASN D 216 15.76 -29.13 -60.98
CA ASN D 216 14.48 -29.65 -61.42
C ASN D 216 14.56 -29.91 -62.91
N LEU D 217 14.30 -31.18 -63.29
CA LEU D 217 14.34 -31.55 -64.68
C LEU D 217 12.99 -31.28 -65.33
N ASP D 218 13.05 -30.52 -66.43
CA ASP D 218 12.02 -30.54 -67.48
C ASP D 218 12.32 -31.76 -68.34
N ASP D 219 11.53 -32.84 -68.18
CA ASP D 219 11.85 -34.10 -68.82
C ASP D 219 11.24 -34.17 -70.22
N LYS D 220 10.70 -33.05 -70.69
CA LYS D 220 10.22 -32.99 -72.07
C LYS D 220 11.38 -32.50 -72.95
N ASN D 221 12.03 -31.40 -72.58
CA ASN D 221 13.15 -30.86 -73.33
C ASN D 221 14.52 -31.17 -72.69
N PHE D 222 14.54 -31.91 -71.56
CA PHE D 222 15.79 -32.30 -70.93
C PHE D 222 16.58 -31.03 -70.56
N VAL D 223 15.90 -30.10 -69.87
CA VAL D 223 16.53 -28.91 -69.29
C VAL D 223 16.45 -29.00 -67.77
N PHE D 224 17.61 -28.97 -67.10
CA PHE D 224 17.68 -28.87 -65.66
C PHE D 224 17.68 -27.39 -65.28
N GLU D 225 16.92 -27.06 -64.23
CA GLU D 225 16.78 -25.67 -63.81
C GLU D 225 17.10 -25.58 -62.32
N SER D 226 17.97 -24.64 -61.96
CA SER D 226 18.29 -24.43 -60.55
C SER D 226 16.99 -24.31 -59.73
N TRP D 227 16.95 -25.01 -58.61
CA TRP D 227 15.82 -24.99 -57.70
C TRP D 227 16.43 -24.96 -56.30
N LEU D 228 16.29 -23.78 -55.64
CA LEU D 228 16.98 -23.56 -54.42
C LEU D 228 16.12 -24.03 -53.27
N THR D 229 16.72 -24.10 -52.09
CA THR D 229 16.08 -24.66 -50.91
C THR D 229 15.34 -23.56 -50.17
N PRO D 230 14.01 -23.65 -50.01
CA PRO D 230 13.25 -22.61 -49.33
C PRO D 230 13.63 -22.62 -47.85
N ASP D 231 13.50 -21.44 -47.22
CA ASP D 231 13.67 -21.27 -45.79
C ASP D 231 12.31 -21.44 -45.11
N SER D 232 12.27 -21.11 -43.81
CA SER D 232 11.04 -21.30 -43.04
C SER D 232 9.87 -20.46 -43.58
N HIS D 233 10.14 -19.45 -44.40
CA HIS D 233 9.10 -18.55 -44.90
C HIS D 233 8.95 -18.74 -46.40
N GLY D 234 9.63 -19.73 -46.99
CA GLY D 234 9.46 -20.08 -48.39
C GLY D 234 10.37 -19.23 -49.29
N ASP D 235 11.37 -18.55 -48.71
CA ASP D 235 12.23 -17.67 -49.46
C ASP D 235 13.50 -18.40 -49.85
N LYS D 236 14.10 -17.97 -50.99
CA LYS D 236 15.29 -18.63 -51.51
C LYS D 236 16.52 -17.72 -51.62
N GLY D 237 16.70 -16.88 -50.59
CA GLY D 237 17.84 -15.97 -50.52
C GLY D 237 17.42 -14.52 -50.22
N LYS D 238 17.71 -14.06 -49.01
CA LYS D 238 17.80 -12.68 -48.58
C LYS D 238 19.18 -12.18 -48.97
N MET D 239 19.23 -11.33 -49.98
CA MET D 239 20.47 -10.82 -50.50
C MET D 239 20.61 -9.35 -50.18
N GLN D 240 21.88 -8.95 -50.12
CA GLN D 240 22.29 -7.57 -49.94
C GLN D 240 23.49 -7.23 -50.83
N ALA D 241 23.28 -6.33 -51.82
CA ALA D 241 24.39 -6.01 -52.68
C ALA D 241 25.40 -5.17 -51.90
N PRO D 242 26.74 -5.29 -52.09
CA PRO D 242 27.35 -6.25 -53.01
C PRO D 242 27.34 -7.66 -52.47
N CYS D 243 26.90 -8.64 -53.28
CA CYS D 243 26.85 -10.01 -52.85
C CYS D 243 27.13 -10.86 -54.09
N LYS D 244 27.15 -12.17 -53.97
CA LYS D 244 27.47 -13.00 -55.13
C LYS D 244 26.95 -14.40 -54.86
N THR D 245 26.50 -15.06 -55.90
CA THR D 245 26.04 -16.44 -55.73
C THR D 245 27.26 -17.34 -55.68
N PRO D 246 27.07 -18.61 -55.32
CA PRO D 246 28.08 -19.63 -55.55
C PRO D 246 28.28 -19.90 -57.04
N TRP D 247 29.43 -20.49 -57.37
CA TRP D 247 29.66 -20.94 -58.72
C TRP D 247 28.74 -22.08 -59.07
N ARG D 248 28.27 -22.13 -60.33
CA ARG D 248 27.64 -23.33 -60.86
C ARG D 248 28.67 -24.01 -61.76
N THR D 249 28.78 -25.34 -61.68
CA THR D 249 29.87 -26.08 -62.29
C THR D 249 29.34 -27.15 -63.22
N VAL D 250 29.98 -27.19 -64.38
CA VAL D 250 29.76 -28.23 -65.37
C VAL D 250 31.12 -28.88 -65.62
N ILE D 251 31.34 -30.05 -65.02
CA ILE D 251 32.62 -30.71 -65.14
C ILE D 251 32.50 -31.83 -66.16
N VAL D 252 33.30 -31.73 -67.25
CA VAL D 252 33.15 -32.62 -68.38
C VAL D 252 34.46 -33.32 -68.75
N SER D 253 34.34 -34.53 -69.28
CA SER D 253 35.45 -35.22 -69.90
C SER D 253 34.94 -36.41 -70.66
N ASP D 254 35.68 -36.81 -71.69
CA ASP D 254 35.44 -38.05 -72.41
C ASP D 254 36.04 -39.24 -71.67
N ASP D 255 36.79 -38.98 -70.59
CA ASP D 255 37.37 -40.02 -69.75
C ASP D 255 36.86 -39.81 -68.32
N ALA D 256 36.06 -40.76 -67.82
CA ALA D 256 35.45 -40.67 -66.50
C ALA D 256 36.51 -40.41 -65.43
N ARG D 257 37.74 -40.86 -65.66
CA ARG D 257 38.72 -40.76 -64.58
C ARG D 257 38.99 -39.31 -64.21
N ASN D 258 38.99 -38.45 -65.21
CA ASN D 258 39.34 -37.04 -65.05
C ASN D 258 38.28 -36.29 -64.25
N ILE D 259 37.07 -36.85 -64.19
CA ILE D 259 36.03 -36.29 -63.38
C ILE D 259 36.49 -36.42 -61.93
N LEU D 260 36.96 -37.60 -61.56
CA LEU D 260 37.36 -37.81 -60.17
C LEU D 260 38.64 -37.01 -59.81
N ALA D 261 39.54 -36.84 -60.80
CA ALA D 261 40.84 -36.22 -60.56
C ALA D 261 40.72 -34.70 -60.50
N SER D 262 39.59 -34.18 -60.97
CA SER D 262 39.40 -32.74 -61.03
C SER D 262 39.40 -32.09 -59.65
N LYS D 263 39.97 -30.90 -59.64
CA LYS D 263 40.02 -30.01 -58.49
C LYS D 263 39.27 -28.71 -58.74
N LEU D 264 38.39 -28.72 -59.76
CA LEU D 264 37.79 -27.52 -60.23
C LEU D 264 37.00 -26.84 -59.11
N THR D 265 36.26 -27.69 -58.40
CA THR D 265 35.43 -27.26 -57.29
C THR D 265 36.29 -26.56 -56.22
N TYR D 266 37.36 -27.19 -55.77
CA TYR D 266 38.22 -26.47 -54.85
C TYR D 266 38.76 -25.19 -55.49
N ASN D 267 39.05 -25.23 -56.78
CA ASN D 267 39.75 -24.09 -57.37
C ASN D 267 38.85 -22.87 -57.40
N LEU D 268 37.54 -23.11 -57.37
CA LEU D 268 36.61 -22.01 -57.44
C LEU D 268 36.34 -21.42 -56.06
N ASN D 269 36.78 -22.09 -55.00
CA ASN D 269 36.66 -21.54 -53.67
C ASN D 269 37.84 -20.62 -53.38
N GLU D 270 37.57 -19.57 -52.56
CA GLU D 270 38.57 -18.63 -52.09
C GLU D 270 39.69 -19.35 -51.32
N PRO D 271 40.93 -18.82 -51.36
CA PRO D 271 42.07 -19.43 -50.66
C PRO D 271 41.88 -19.58 -49.16
N SER D 272 42.56 -20.59 -48.57
CA SER D 272 42.47 -20.73 -47.11
C SER D 272 42.40 -19.33 -46.40
N LYS D 273 41.48 -19.16 -45.48
CA LYS D 273 41.52 -18.03 -44.57
C LYS D 273 41.99 -18.49 -43.17
N ILE D 274 42.46 -19.71 -43.03
CA ILE D 274 43.26 -20.04 -41.85
C ILE D 274 44.72 -19.97 -42.27
N GLN D 275 45.47 -19.07 -41.64
CA GLN D 275 46.86 -18.77 -41.97
C GLN D 275 47.75 -19.94 -41.54
N GLU D 276 47.54 -20.44 -40.32
CA GLU D 276 48.44 -21.41 -39.72
C GLU D 276 47.67 -22.69 -39.52
N THR D 277 48.09 -23.78 -40.22
CA THR D 277 47.23 -24.95 -40.41
C THR D 277 47.81 -26.25 -39.83
N SER D 278 48.97 -26.19 -39.13
CA SER D 278 49.64 -27.38 -38.63
C SER D 278 48.85 -28.07 -37.52
N TRP D 279 47.88 -27.38 -36.88
CA TRP D 279 46.98 -28.02 -35.91
C TRP D 279 45.91 -28.86 -36.59
N ILE D 280 45.67 -28.70 -37.88
CA ILE D 280 44.67 -29.52 -38.56
C ILE D 280 45.31 -30.85 -38.92
N LYS D 281 44.69 -31.96 -38.56
CA LYS D 281 45.41 -33.22 -38.60
C LYS D 281 44.57 -34.31 -39.21
N PRO D 282 44.98 -34.80 -40.40
CA PRO D 282 44.40 -36.00 -40.96
C PRO D 282 44.47 -37.10 -39.88
N THR D 283 43.38 -37.85 -39.77
CA THR D 283 43.06 -38.62 -38.58
C THR D 283 42.52 -39.98 -38.99
N LYS D 284 43.14 -41.02 -38.41
CA LYS D 284 42.57 -42.35 -38.46
C LYS D 284 42.02 -42.66 -37.06
N TYR D 285 40.76 -43.15 -36.98
CA TYR D 285 40.06 -43.25 -35.71
C TYR D 285 39.15 -44.47 -35.70
N VAL D 286 38.91 -44.93 -34.45
CA VAL D 286 37.83 -45.82 -34.10
C VAL D 286 36.84 -45.06 -33.22
N GLY D 287 35.79 -45.74 -32.78
CA GLY D 287 34.89 -45.12 -31.84
C GLY D 287 33.83 -46.06 -31.34
N VAL D 288 33.30 -45.62 -30.18
CA VAL D 288 32.10 -46.16 -29.58
C VAL D 288 30.96 -45.61 -30.40
N TRP D 289 30.43 -46.45 -31.32
CA TRP D 289 29.69 -45.85 -32.42
C TRP D 289 28.82 -46.89 -33.11
N TRP D 290 29.46 -47.81 -33.80
CA TRP D 290 28.82 -48.89 -34.51
C TRP D 290 28.03 -49.75 -33.53
N GLU D 291 28.53 -49.83 -32.29
CA GLU D 291 27.73 -50.53 -31.29
C GLU D 291 26.30 -50.00 -31.24
N MET D 292 26.12 -48.66 -31.30
CA MET D 292 24.78 -48.11 -31.17
C MET D 292 24.05 -48.23 -32.53
N ILE D 293 24.80 -47.96 -33.60
CA ILE D 293 24.24 -47.95 -34.93
C ILE D 293 23.70 -49.33 -35.31
N SER D 294 24.39 -50.37 -34.84
CA SER D 294 24.03 -51.73 -35.21
C SER D 294 23.20 -52.43 -34.15
N GLY D 295 22.72 -51.75 -33.11
CA GLY D 295 21.69 -52.32 -32.24
C GLY D 295 22.22 -53.00 -30.98
N LYS D 296 23.49 -52.79 -30.66
CA LYS D 296 24.14 -53.60 -29.63
C LYS D 296 24.18 -52.81 -28.34
N SER D 297 24.21 -51.45 -28.47
CA SER D 297 24.23 -50.56 -27.32
C SER D 297 23.26 -49.40 -27.50
N THR D 298 23.08 -48.60 -26.44
CA THR D 298 22.30 -47.37 -26.48
C THR D 298 23.20 -46.16 -26.35
N TRP D 299 22.74 -45.03 -26.90
CA TRP D 299 23.37 -43.77 -26.59
C TRP D 299 22.91 -43.34 -25.20
N SER D 300 21.65 -43.63 -24.90
CA SER D 300 21.05 -43.33 -23.62
C SER D 300 21.72 -44.05 -22.45
N TYR D 301 21.56 -43.49 -21.24
CA TYR D 301 22.11 -44.06 -20.02
C TYR D 301 21.03 -44.79 -19.24
N THR D 302 19.80 -44.25 -19.21
CA THR D 302 18.74 -44.89 -18.46
C THR D 302 17.48 -44.99 -19.32
N ASP D 303 16.64 -45.94 -18.95
CA ASP D 303 15.34 -46.21 -19.54
C ASP D 303 14.29 -45.88 -18.49
N GLU D 304 14.71 -45.32 -17.33
CA GLU D 304 13.82 -45.26 -16.18
C GLU D 304 12.62 -44.36 -16.48
N PHE D 305 12.80 -43.35 -17.37
CA PHE D 305 11.83 -42.27 -17.49
C PHE D 305 11.16 -42.21 -18.87
N PRO D 306 9.90 -41.70 -18.95
CA PRO D 306 9.28 -41.44 -20.27
C PRO D 306 10.03 -40.42 -21.15
N SER D 307 10.66 -39.43 -20.51
CA SER D 307 11.39 -38.38 -21.18
C SER D 307 12.34 -37.80 -20.11
N VAL D 308 13.32 -36.99 -20.47
CA VAL D 308 14.17 -36.38 -19.46
C VAL D 308 14.12 -34.86 -19.57
N GLN D 309 14.57 -34.16 -18.53
CA GLN D 309 14.67 -32.70 -18.57
C GLN D 309 15.97 -32.23 -17.94
N LEU D 310 16.82 -31.64 -18.76
CA LEU D 310 18.17 -31.39 -18.27
C LEU D 310 18.12 -30.35 -17.17
N GLY D 311 18.91 -30.60 -16.12
CA GLY D 311 18.88 -29.80 -14.92
C GLY D 311 17.78 -30.21 -13.94
N VAL D 312 16.85 -31.11 -14.32
CA VAL D 312 15.82 -31.63 -13.41
C VAL D 312 16.10 -33.13 -13.16
N THR D 313 16.19 -33.91 -14.25
CA THR D 313 16.52 -35.30 -14.15
C THR D 313 17.89 -35.46 -13.46
N ASP D 314 17.92 -36.24 -12.36
CA ASP D 314 19.15 -36.53 -11.67
C ASP D 314 19.62 -37.91 -12.15
N PHE D 315 20.54 -37.86 -13.12
CA PHE D 315 21.06 -39.03 -13.73
C PHE D 315 21.93 -39.81 -12.76
N SER D 316 22.64 -39.13 -11.83
CA SER D 316 23.40 -39.81 -10.78
C SER D 316 22.51 -40.77 -10.01
N LYS D 317 21.19 -40.57 -10.01
CA LYS D 317 20.33 -41.44 -9.20
C LYS D 317 19.43 -42.32 -10.05
N ALA D 318 19.51 -42.15 -11.36
CA ALA D 318 18.76 -42.95 -12.30
C ALA D 318 19.31 -44.37 -12.40
N LYS D 319 18.40 -45.30 -12.71
CA LYS D 319 18.72 -46.71 -12.92
C LYS D 319 19.46 -46.90 -14.24
N PRO D 320 20.76 -47.26 -14.23
CA PRO D 320 21.48 -47.49 -15.50
C PRO D 320 20.81 -48.60 -16.31
N ASN D 321 20.70 -48.42 -17.64
CA ASN D 321 20.09 -49.48 -18.43
C ASN D 321 21.09 -50.57 -18.80
N ARG D 322 22.40 -50.35 -18.49
CA ARG D 322 23.46 -51.33 -18.66
C ARG D 322 23.65 -51.74 -20.10
N LYS D 323 23.12 -50.98 -21.06
CA LYS D 323 23.34 -51.16 -22.47
C LYS D 323 24.16 -49.99 -23.01
N HIS D 324 24.41 -48.99 -22.18
CA HIS D 324 24.97 -47.71 -22.57
C HIS D 324 26.38 -47.90 -23.12
N GLY D 325 26.62 -47.36 -24.32
CA GLY D 325 27.90 -47.57 -24.93
C GLY D 325 29.04 -46.80 -24.25
N ALA D 326 28.81 -45.56 -23.84
CA ALA D 326 29.93 -44.69 -23.54
C ALA D 326 30.26 -44.74 -22.07
N THR D 327 30.59 -45.94 -21.55
CA THR D 327 31.06 -46.10 -20.18
C THR D 327 32.56 -45.86 -20.18
N THR D 328 33.12 -45.52 -19.02
CA THR D 328 34.56 -45.42 -18.84
C THR D 328 35.19 -46.74 -19.26
N ALA D 329 34.69 -47.84 -18.73
CA ALA D 329 35.26 -49.15 -19.01
C ALA D 329 35.31 -49.39 -20.53
N ASN D 330 34.21 -49.11 -21.26
CA ASN D 330 34.15 -49.44 -22.68
C ASN D 330 35.01 -48.50 -23.49
N VAL D 331 34.89 -47.19 -23.19
CA VAL D 331 35.72 -46.24 -23.88
C VAL D 331 37.19 -46.65 -23.74
N LYS D 332 37.63 -47.17 -22.57
CA LYS D 332 39.01 -47.59 -22.37
C LYS D 332 39.41 -48.72 -23.34
N ARG D 333 38.52 -49.68 -23.61
CA ARG D 333 38.85 -50.74 -24.54
C ARG D 333 39.20 -50.13 -25.90
N TYR D 334 38.55 -49.05 -26.32
CA TYR D 334 38.76 -48.53 -27.67
C TYR D 334 40.05 -47.66 -27.73
N ILE D 335 40.31 -46.94 -26.66
CA ILE D 335 41.58 -46.26 -26.48
C ILE D 335 42.73 -47.23 -26.55
N ASP D 336 42.68 -48.30 -25.75
CA ASP D 336 43.74 -49.30 -25.70
C ASP D 336 44.00 -49.86 -27.09
N PHE D 337 42.92 -50.07 -27.85
CA PHE D 337 43.02 -50.65 -29.18
C PHE D 337 43.59 -49.65 -30.19
N ALA D 338 43.19 -48.39 -30.08
CA ALA D 338 43.73 -47.37 -30.94
C ALA D 338 45.23 -47.16 -30.71
N ALA D 339 45.64 -47.06 -29.44
CA ALA D 339 47.03 -46.79 -29.09
C ALA D 339 47.93 -47.91 -29.61
N LYS D 340 47.46 -49.13 -29.32
CA LYS D 340 48.13 -50.35 -29.75
C LYS D 340 48.27 -50.39 -31.27
N ASN D 341 47.34 -49.79 -32.04
CA ASN D 341 47.29 -50.06 -33.46
C ASN D 341 47.69 -48.84 -34.32
N GLY D 342 48.37 -47.84 -33.72
CA GLY D 342 48.81 -46.67 -34.45
C GLY D 342 47.69 -45.67 -34.78
N PHE D 343 46.50 -45.77 -34.17
CA PHE D 343 45.41 -44.88 -34.54
C PHE D 343 45.50 -43.58 -33.75
N ASP D 344 44.97 -42.49 -34.31
CA ASP D 344 45.10 -41.17 -33.72
C ASP D 344 44.05 -40.95 -32.62
N ALA D 345 42.82 -41.44 -32.86
CA ALA D 345 41.74 -40.91 -32.06
C ALA D 345 40.58 -41.89 -31.94
N VAL D 346 39.65 -41.49 -31.06
CA VAL D 346 38.53 -42.31 -30.66
C VAL D 346 37.31 -41.40 -30.53
N LEU D 347 36.35 -41.57 -31.44
CA LEU D 347 35.03 -40.99 -31.28
C LEU D 347 34.27 -41.70 -30.16
N VAL D 348 33.59 -40.95 -29.31
CA VAL D 348 32.61 -41.47 -28.35
C VAL D 348 31.29 -40.74 -28.53
N GLU D 349 30.22 -41.49 -28.79
CA GLU D 349 28.90 -40.94 -28.84
C GLU D 349 28.12 -41.46 -27.63
N GLY D 350 27.21 -40.59 -27.15
CA GLY D 350 26.38 -40.87 -25.99
C GLY D 350 27.08 -40.57 -24.66
N TRP D 351 28.08 -39.69 -24.69
CA TRP D 351 28.84 -39.33 -23.49
C TRP D 351 28.07 -38.35 -22.60
N ASN D 352 27.14 -37.58 -23.19
CA ASN D 352 26.55 -36.41 -22.53
C ASN D 352 25.07 -36.59 -22.17
N GLU D 353 24.59 -35.84 -21.15
CA GLU D 353 23.21 -36.02 -20.72
C GLU D 353 22.27 -35.70 -21.87
N GLY D 354 21.15 -36.43 -22.03
CA GLY D 354 20.10 -36.02 -22.97
C GLY D 354 19.70 -37.11 -23.96
N TRP D 355 20.58 -38.11 -24.11
CA TRP D 355 20.42 -39.06 -25.20
C TRP D 355 19.13 -39.86 -25.13
N GLU D 356 18.45 -39.93 -23.98
CA GLU D 356 17.17 -40.64 -23.88
C GLU D 356 16.13 -40.12 -24.91
N ASP D 357 16.30 -38.85 -25.35
CA ASP D 357 15.26 -38.13 -26.09
C ASP D 357 15.82 -37.58 -27.39
N TRP D 358 16.85 -38.21 -27.96
CA TRP D 358 17.58 -37.56 -29.03
C TRP D 358 16.86 -37.57 -30.38
N ILE D 359 15.84 -38.41 -30.55
CA ILE D 359 15.35 -38.60 -31.92
C ILE D 359 13.83 -38.44 -32.00
N GLY D 360 13.46 -37.54 -32.91
CA GLY D 360 12.08 -37.33 -33.33
C GLY D 360 11.13 -36.75 -32.27
N HIS D 361 11.65 -36.04 -31.26
CA HIS D 361 10.73 -35.41 -30.33
C HIS D 361 10.60 -33.91 -30.63
N GLU D 362 11.40 -33.41 -31.57
CA GLU D 362 11.50 -32.00 -31.92
C GLU D 362 11.78 -31.22 -30.66
N LYS D 363 12.75 -31.71 -29.88
CA LYS D 363 13.05 -31.11 -28.59
C LYS D 363 14.11 -30.03 -28.73
N ASP D 364 13.89 -28.90 -28.07
CA ASP D 364 14.77 -27.76 -28.12
C ASP D 364 15.94 -27.98 -27.15
N TYR D 365 15.62 -28.04 -25.85
CA TYR D 365 16.64 -28.13 -24.81
C TYR D 365 17.05 -29.59 -24.64
N VAL D 366 17.65 -30.12 -25.69
CA VAL D 366 17.86 -31.54 -25.86
C VAL D 366 19.23 -31.97 -25.33
N PHE D 367 20.24 -31.11 -25.43
CA PHE D 367 21.59 -31.41 -24.94
C PHE D 367 22.22 -30.14 -24.37
N ASP D 368 23.18 -30.23 -23.45
CA ASP D 368 23.96 -29.05 -23.10
C ASP D 368 25.37 -29.13 -23.67
N PHE D 369 25.74 -30.26 -24.28
CA PHE D 369 27.05 -30.41 -24.91
C PHE D 369 28.23 -30.27 -23.93
N VAL D 370 27.97 -30.29 -22.61
CA VAL D 370 29.03 -30.16 -21.63
C VAL D 370 28.92 -31.20 -20.51
N THR D 371 27.75 -31.78 -20.21
CA THR D 371 27.58 -32.53 -18.95
C THR D 371 27.71 -34.05 -19.19
N PRO D 372 28.80 -34.69 -18.74
CA PRO D 372 28.92 -36.13 -18.93
C PRO D 372 27.88 -36.90 -18.11
N TYR D 373 27.48 -38.05 -18.65
CA TYR D 373 26.66 -38.98 -17.92
C TYR D 373 27.51 -39.45 -16.73
N PRO D 374 26.88 -40.02 -15.67
CA PRO D 374 27.62 -40.40 -14.48
C PRO D 374 28.59 -41.60 -14.67
N ASP D 375 28.51 -42.33 -15.80
CA ASP D 375 29.39 -43.47 -16.07
C ASP D 375 30.49 -43.08 -17.08
N PHE D 376 30.59 -41.81 -17.47
CA PHE D 376 31.65 -41.35 -18.35
C PHE D 376 32.55 -40.32 -17.65
N ASP D 377 33.75 -40.75 -17.24
CA ASP D 377 34.70 -39.89 -16.54
C ASP D 377 35.47 -39.08 -17.57
N ILE D 378 34.97 -37.89 -17.93
CA ILE D 378 35.56 -37.10 -18.99
C ILE D 378 37.03 -36.79 -18.67
N LYS D 379 37.31 -36.51 -17.41
CA LYS D 379 38.65 -36.09 -17.06
C LYS D 379 39.60 -37.29 -17.16
N GLY D 380 39.28 -38.38 -16.46
CA GLY D 380 40.15 -39.54 -16.42
C GLY D 380 40.42 -40.14 -17.81
N LEU D 381 39.36 -40.19 -18.65
CA LEU D 381 39.43 -40.75 -19.99
C LEU D 381 40.32 -39.92 -20.91
N ASN D 382 40.13 -38.59 -20.90
CA ASN D 382 41.02 -37.76 -21.69
C ASN D 382 42.46 -37.82 -21.17
N GLU D 383 42.69 -37.80 -19.86
CA GLU D 383 44.03 -38.06 -19.34
C GLU D 383 44.58 -39.41 -19.85
N TYR D 384 43.78 -40.47 -19.78
CA TYR D 384 44.25 -41.84 -20.06
C TYR D 384 44.58 -41.94 -21.55
N ALA D 385 43.74 -41.34 -22.39
CA ALA D 385 43.99 -41.36 -23.81
C ALA D 385 45.28 -40.62 -24.14
N HIS D 386 45.41 -39.37 -23.67
CA HIS D 386 46.58 -38.54 -23.90
C HIS D 386 47.85 -39.24 -23.39
N ALA D 387 47.81 -39.93 -22.26
CA ALA D 387 48.98 -40.70 -21.83
C ALA D 387 49.28 -41.89 -22.77
N LYS D 388 48.34 -42.31 -23.62
CA LYS D 388 48.59 -43.38 -24.59
C LYS D 388 48.75 -42.78 -25.99
N LYS D 389 49.11 -41.49 -26.05
CA LYS D 389 49.24 -40.71 -27.29
C LYS D 389 47.99 -40.79 -28.17
N VAL D 390 46.81 -40.80 -27.56
CA VAL D 390 45.54 -40.80 -28.30
C VAL D 390 44.67 -39.62 -27.84
N LYS D 391 43.81 -39.15 -28.75
CA LYS D 391 42.84 -38.09 -28.50
C LYS D 391 41.45 -38.66 -28.62
N LEU D 392 40.48 -38.06 -27.95
CA LEU D 392 39.07 -38.36 -28.20
C LEU D 392 38.53 -37.31 -29.17
N ILE D 393 37.62 -37.76 -30.06
CA ILE D 393 36.88 -36.87 -30.92
C ILE D 393 35.55 -36.60 -30.25
N MET D 394 35.22 -35.32 -30.10
CA MET D 394 34.03 -34.88 -29.39
C MET D 394 32.82 -35.12 -30.29
N HIS D 395 31.67 -35.43 -29.66
CA HIS D 395 30.46 -35.60 -30.42
C HIS D 395 29.41 -34.61 -29.94
N HIS D 396 28.87 -33.86 -30.92
CA HIS D 396 27.88 -32.83 -30.68
C HIS D 396 26.67 -33.09 -31.55
N GLU D 397 25.82 -34.05 -31.18
CA GLU D 397 24.56 -34.13 -31.90
C GLU D 397 23.61 -33.03 -31.44
N THR D 398 22.90 -32.40 -32.36
CA THR D 398 22.07 -31.26 -32.03
C THR D 398 20.62 -31.66 -32.03
N SER D 399 20.32 -32.76 -32.72
CA SER D 399 18.93 -33.22 -32.91
C SER D 399 18.06 -32.12 -33.51
N GLY D 400 18.65 -31.29 -34.39
CA GLY D 400 17.97 -30.20 -35.09
C GLY D 400 17.73 -28.92 -34.29
N ALA D 401 18.19 -28.85 -33.03
CA ALA D 401 17.98 -27.67 -32.21
C ALA D 401 19.15 -26.73 -32.34
N VAL D 402 19.16 -26.04 -33.45
CA VAL D 402 20.25 -25.19 -33.86
C VAL D 402 20.41 -24.02 -32.89
N ARG D 403 19.31 -23.35 -32.48
CA ARG D 403 19.42 -22.27 -31.53
C ARG D 403 20.09 -22.81 -30.27
N ASN D 404 19.57 -23.97 -29.79
CA ASN D 404 20.11 -24.57 -28.58
C ASN D 404 21.62 -24.86 -28.67
N TYR D 405 22.07 -25.29 -29.87
CA TYR D 405 23.47 -25.61 -30.07
C TYR D 405 24.27 -24.32 -30.05
N GLU D 406 23.80 -23.29 -30.78
CA GLU D 406 24.49 -22.00 -30.86
C GLU D 406 24.65 -21.39 -29.47
N ARG D 407 23.64 -21.44 -28.64
CA ARG D 407 23.77 -20.91 -27.31
C ARG D 407 24.81 -21.65 -26.48
N HIS D 408 25.03 -22.95 -26.76
CA HIS D 408 25.91 -23.76 -25.95
C HIS D 408 27.32 -23.82 -26.52
N MET D 409 27.48 -23.31 -27.74
CA MET D 409 28.62 -23.60 -28.58
C MET D 409 29.96 -23.13 -27.98
N ASP D 410 29.97 -21.93 -27.42
CA ASP D 410 31.19 -21.36 -26.87
C ASP D 410 31.69 -22.21 -25.72
N ALA D 411 30.79 -22.51 -24.77
CA ALA D 411 31.20 -23.30 -23.63
C ALA D 411 31.57 -24.71 -24.08
N ALA D 412 30.96 -25.23 -25.15
CA ALA D 412 31.20 -26.60 -25.56
C ALA D 412 32.57 -26.72 -26.18
N TYR D 413 32.90 -25.75 -27.06
CA TYR D 413 34.21 -25.62 -27.68
C TYR D 413 35.27 -25.40 -26.59
N LYS D 414 35.01 -24.56 -25.58
CA LYS D 414 35.97 -24.37 -24.51
C LYS D 414 36.25 -25.65 -23.75
N LEU D 415 35.20 -26.43 -23.45
CA LEU D 415 35.35 -27.71 -22.75
C LEU D 415 36.16 -28.68 -23.62
N MET D 416 36.07 -28.54 -24.94
CA MET D 416 36.95 -29.29 -25.83
C MET D 416 38.42 -28.90 -25.59
N LYS D 417 38.71 -27.62 -25.52
CA LYS D 417 40.07 -27.15 -25.39
C LYS D 417 40.59 -27.58 -24.01
N GLN D 418 39.72 -27.49 -23.00
CA GLN D 418 40.04 -27.83 -21.64
C GLN D 418 40.59 -29.25 -21.58
N TYR D 419 39.98 -30.18 -22.28
CA TYR D 419 40.35 -31.58 -22.15
C TYR D 419 41.19 -32.06 -23.33
N GLY D 420 41.54 -31.20 -24.33
CA GLY D 420 42.30 -31.63 -25.49
C GLY D 420 41.50 -32.48 -26.50
N TYR D 421 40.22 -32.15 -26.67
CA TYR D 421 39.56 -32.51 -27.91
C TYR D 421 39.90 -31.41 -28.91
N ASP D 422 40.34 -31.80 -30.11
CA ASP D 422 40.62 -30.81 -31.15
C ASP D 422 39.77 -31.12 -32.37
N ALA D 423 38.86 -32.11 -32.31
CA ALA D 423 37.97 -32.35 -33.42
C ALA D 423 36.58 -32.67 -32.88
N VAL D 424 35.56 -32.31 -33.66
CA VAL D 424 34.18 -32.50 -33.26
C VAL D 424 33.42 -33.08 -34.43
N LYS D 425 32.63 -34.06 -34.08
CA LYS D 425 31.66 -34.60 -35.01
C LYS D 425 30.32 -34.01 -34.61
N SER D 426 29.66 -33.28 -35.52
CA SER D 426 28.38 -32.68 -35.18
C SER D 426 27.27 -33.39 -35.92
N GLY D 427 26.02 -33.08 -35.55
CA GLY D 427 24.87 -33.77 -36.14
C GLY D 427 23.62 -32.96 -36.06
N TYR D 428 22.71 -33.21 -37.01
CA TYR D 428 21.53 -32.41 -37.22
C TYR D 428 20.42 -33.38 -37.58
N VAL D 429 20.17 -34.29 -36.65
CA VAL D 429 19.21 -35.34 -36.89
C VAL D 429 17.81 -34.89 -36.47
N GLY D 430 16.84 -35.03 -37.37
CA GLY D 430 15.46 -34.59 -37.12
C GLY D 430 15.16 -33.28 -37.86
N ASN D 431 13.93 -32.81 -37.82
CA ASN D 431 13.62 -31.54 -38.43
C ASN D 431 14.34 -30.43 -37.66
N ILE D 432 14.87 -29.50 -38.42
CA ILE D 432 15.42 -28.28 -37.84
C ILE D 432 14.30 -27.55 -37.10
N LEU D 433 14.67 -27.01 -35.94
CA LEU D 433 13.77 -26.21 -35.13
C LEU D 433 14.04 -24.73 -35.38
N PRO D 434 13.01 -23.88 -35.33
CA PRO D 434 11.63 -24.33 -35.29
C PRO D 434 11.15 -25.05 -36.55
N LEU D 435 10.15 -25.91 -36.38
CA LEU D 435 9.49 -26.56 -37.49
C LEU D 435 9.19 -25.60 -38.64
N GLY D 436 9.47 -26.08 -39.86
CA GLY D 436 9.21 -25.30 -41.05
C GLY D 436 10.50 -24.90 -41.75
N GLU D 437 11.59 -24.75 -40.96
CA GLU D 437 12.94 -24.56 -41.45
C GLU D 437 13.42 -25.87 -42.14
N THR D 438 14.41 -25.75 -43.03
CA THR D 438 15.00 -26.86 -43.75
C THR D 438 16.50 -26.90 -43.45
N HIS D 439 17.11 -28.05 -43.75
CA HIS D 439 18.51 -28.31 -43.54
C HIS D 439 19.37 -27.49 -44.48
N TYR D 440 18.89 -27.19 -45.70
CA TYR D 440 19.80 -26.67 -46.72
C TYR D 440 19.42 -25.26 -47.20
N SER D 441 18.54 -24.58 -46.44
CA SER D 441 18.26 -23.16 -46.62
C SER D 441 19.50 -22.32 -46.39
N GLN D 442 19.36 -21.06 -46.81
CA GLN D 442 20.39 -20.04 -46.58
C GLN D 442 20.60 -19.84 -45.07
N TRP D 443 19.47 -19.89 -44.39
CA TRP D 443 19.45 -19.67 -42.94
C TRP D 443 20.20 -20.79 -42.23
N THR D 444 19.85 -22.04 -42.56
CA THR D 444 20.53 -23.14 -41.88
C THR D 444 21.96 -23.23 -42.38
N ASN D 445 22.23 -22.92 -43.67
CA ASN D 445 23.61 -23.04 -44.12
C ASN D 445 24.53 -22.07 -43.36
N ASN D 446 23.99 -20.89 -43.01
CA ASN D 446 24.69 -19.86 -42.27
C ASN D 446 25.18 -20.47 -40.96
N HIS D 447 24.26 -21.21 -40.26
CA HIS D 447 24.59 -21.87 -39.03
C HIS D 447 25.76 -22.84 -39.23
N TYR D 448 25.70 -23.71 -40.29
CA TYR D 448 26.84 -24.65 -40.44
C TYR D 448 28.15 -23.85 -40.62
N GLN D 449 28.06 -22.75 -41.41
CA GLN D 449 29.21 -21.94 -41.73
C GLN D 449 29.77 -21.30 -40.44
N TYR D 450 28.85 -20.84 -39.57
CA TYR D 450 29.22 -20.19 -38.31
C TYR D 450 29.92 -21.18 -37.39
N ALA D 451 29.40 -22.41 -37.29
CA ALA D 451 30.03 -23.48 -36.51
C ALA D 451 31.49 -23.69 -36.92
N ILE D 452 31.71 -23.68 -38.24
CA ILE D 452 33.03 -23.97 -38.79
C ILE D 452 34.00 -22.82 -38.49
N GLU D 453 33.55 -21.55 -38.70
CA GLU D 453 34.39 -20.38 -38.50
C GLU D 453 34.75 -20.25 -37.01
N LYS D 454 33.79 -20.50 -36.15
CA LYS D 454 34.04 -20.37 -34.72
C LYS D 454 34.98 -21.50 -34.32
N ALA D 455 34.64 -22.75 -34.70
CA ALA D 455 35.59 -23.85 -34.56
C ALA D 455 37.00 -23.41 -34.94
N ALA D 456 37.20 -22.78 -36.11
CA ALA D 456 38.53 -22.38 -36.57
C ALA D 456 39.27 -21.47 -35.58
N ASP D 457 38.55 -20.49 -35.04
CA ASP D 457 39.05 -19.59 -34.03
C ASP D 457 39.55 -20.30 -32.77
N TYR D 458 38.97 -21.47 -32.46
CA TYR D 458 39.36 -22.29 -31.31
C TYR D 458 40.38 -23.36 -31.75
N GLN D 459 40.72 -23.41 -33.04
CA GLN D 459 41.59 -24.43 -33.64
C GLN D 459 40.98 -25.79 -33.42
N ILE D 460 39.78 -25.94 -33.98
CA ILE D 460 38.94 -27.11 -33.81
C ILE D 460 38.48 -27.50 -35.19
N MET D 461 38.57 -28.80 -35.42
CA MET D 461 38.17 -29.43 -36.64
C MET D 461 36.73 -29.90 -36.48
N VAL D 462 36.05 -29.88 -37.64
CA VAL D 462 34.64 -30.15 -37.70
C VAL D 462 34.35 -31.20 -38.74
N ASN D 463 33.52 -32.15 -38.35
CA ASN D 463 33.00 -33.17 -39.24
C ASN D 463 31.52 -33.26 -38.94
N ALA D 464 30.72 -32.86 -39.92
CA ALA D 464 29.32 -32.50 -39.63
C ALA D 464 28.39 -33.40 -40.43
N HIS D 465 27.63 -34.20 -39.70
CA HIS D 465 26.64 -35.10 -40.30
C HIS D 465 25.31 -34.37 -40.39
N GLU D 466 24.54 -34.74 -41.40
CA GLU D 466 23.26 -34.15 -41.82
C GLU D 466 23.35 -32.66 -42.21
N ALA D 467 24.55 -32.10 -42.28
CA ALA D 467 24.74 -30.78 -42.85
C ALA D 467 24.59 -30.80 -44.38
N VAL D 468 24.47 -29.59 -44.92
CA VAL D 468 24.50 -29.36 -46.37
C VAL D 468 25.71 -30.02 -47.00
N ARG D 469 25.49 -30.59 -48.21
CA ARG D 469 26.56 -31.34 -48.86
C ARG D 469 27.63 -30.37 -49.36
N PRO D 470 28.94 -30.72 -49.25
CA PRO D 470 29.99 -29.71 -49.45
C PRO D 470 30.22 -29.31 -50.90
N THR D 471 30.81 -28.12 -51.06
CA THR D 471 30.96 -27.45 -52.35
C THR D 471 32.33 -26.79 -52.40
N GLY D 472 33.25 -27.26 -51.56
CA GLY D 472 34.64 -26.95 -51.77
C GLY D 472 35.20 -25.99 -50.74
N ILE D 473 34.36 -25.69 -49.73
CA ILE D 473 34.64 -24.65 -48.78
C ILE D 473 35.82 -25.07 -47.90
N ALA D 474 36.25 -26.34 -47.94
CA ALA D 474 37.38 -26.77 -47.13
C ALA D 474 38.68 -26.07 -47.55
N ARG D 475 38.76 -25.67 -48.81
CA ARG D 475 39.92 -24.92 -49.24
C ARG D 475 39.98 -23.69 -48.36
N THR D 476 38.79 -23.03 -48.25
CA THR D 476 38.73 -21.74 -47.57
C THR D 476 38.87 -21.98 -46.06
N TYR D 477 38.25 -23.05 -45.52
CA TYR D 477 38.28 -23.36 -44.10
C TYR D 477 38.68 -24.83 -43.95
N PRO D 478 39.98 -25.14 -44.02
CA PRO D 478 40.40 -26.54 -44.04
C PRO D 478 40.23 -27.27 -42.72
N ASN D 479 39.54 -26.68 -41.74
CA ASN D 479 39.21 -27.40 -40.54
C ASN D 479 37.92 -28.18 -40.74
N LEU D 480 37.22 -27.96 -41.83
CA LEU D 480 36.10 -28.82 -42.18
C LEU D 480 36.70 -30.06 -42.85
N ILE D 481 37.01 -31.07 -42.02
CA ILE D 481 37.71 -32.26 -42.43
C ILE D 481 36.71 -33.31 -42.87
N GLY D 482 35.42 -32.99 -42.79
CA GLY D 482 34.45 -33.97 -43.25
C GLY D 482 33.03 -33.46 -43.13
N ASN D 483 32.16 -34.17 -43.85
CA ASN D 483 30.73 -34.17 -43.66
C ASN D 483 30.30 -35.61 -43.90
N GLU D 484 29.12 -35.98 -43.35
CA GLU D 484 28.43 -37.12 -43.94
C GLU D 484 27.70 -36.68 -45.22
N ALA D 485 26.46 -36.22 -45.04
CA ALA D 485 25.76 -35.46 -46.09
C ALA D 485 25.56 -36.35 -47.31
N ALA D 486 25.27 -37.64 -46.99
CA ALA D 486 25.06 -38.67 -47.96
C ALA D 486 24.74 -40.00 -47.25
N ARG D 487 24.46 -41.04 -48.03
CA ARG D 487 24.10 -42.31 -47.43
C ARG D 487 25.39 -43.04 -47.10
N GLY D 488 25.66 -43.18 -45.78
CA GLY D 488 26.95 -43.70 -45.31
C GLY D 488 26.90 -45.19 -44.92
N THR D 489 27.97 -45.69 -44.28
CA THR D 489 28.05 -47.10 -43.93
C THR D 489 26.96 -47.43 -42.89
N GLN D 490 26.48 -46.41 -42.18
CA GLN D 490 25.44 -46.61 -41.21
C GLN D 490 24.19 -47.24 -41.84
N TYR D 491 23.87 -46.95 -43.09
CA TYR D 491 22.63 -47.48 -43.62
C TYR D 491 22.80 -48.99 -43.84
N GLN D 492 24.06 -49.49 -43.80
CA GLN D 492 24.28 -50.91 -43.90
C GLN D 492 23.77 -51.62 -42.64
N ALA D 493 23.52 -50.87 -41.58
CA ALA D 493 23.00 -51.42 -40.35
C ALA D 493 21.51 -51.16 -40.17
N PHE D 494 20.84 -50.53 -41.14
CA PHE D 494 19.48 -50.07 -40.86
C PHE D 494 18.46 -50.90 -41.61
N GLY D 495 18.79 -52.15 -41.97
CA GLY D 495 17.89 -53.06 -42.68
C GLY D 495 17.45 -52.46 -44.02
N ASN D 496 16.21 -52.81 -44.44
CA ASN D 496 15.71 -52.41 -45.75
C ASN D 496 16.72 -52.88 -46.79
N ASP D 497 17.13 -51.99 -47.71
CA ASP D 497 18.01 -52.33 -48.82
C ASP D 497 19.46 -51.94 -48.48
N ARG D 498 19.72 -51.44 -47.25
CA ARG D 498 21.06 -51.05 -46.90
C ARG D 498 21.62 -50.21 -48.05
N ASN D 499 22.88 -50.41 -48.39
CA ASN D 499 23.49 -49.66 -49.48
C ASN D 499 23.70 -50.63 -50.64
N ASN D 500 23.35 -50.13 -51.83
CA ASN D 500 23.52 -50.93 -53.02
C ASN D 500 25.00 -51.28 -53.17
N ALA D 501 25.25 -52.41 -53.83
CA ALA D 501 26.59 -52.97 -53.87
C ALA D 501 27.55 -52.00 -54.55
N ASN D 502 27.02 -51.20 -55.50
CA ASN D 502 27.82 -50.27 -56.27
C ASN D 502 27.76 -48.84 -55.72
N HIS D 503 27.20 -48.65 -54.53
CA HIS D 503 27.03 -47.30 -54.00
C HIS D 503 28.39 -46.57 -54.01
N VAL D 504 29.45 -47.22 -53.49
CA VAL D 504 30.75 -46.61 -53.35
C VAL D 504 31.44 -46.40 -54.72
N THR D 505 30.82 -46.87 -55.81
CA THR D 505 31.30 -46.56 -57.15
C THR D 505 30.58 -45.37 -57.71
N ILE D 506 29.67 -44.75 -56.95
CA ILE D 506 28.95 -43.61 -57.46
C ILE D 506 29.28 -42.40 -56.62
N LEU D 507 29.46 -42.60 -55.32
CA LEU D 507 29.72 -41.50 -54.41
C LEU D 507 30.88 -40.63 -54.88
N PRO D 508 31.98 -41.19 -55.40
CA PRO D 508 33.12 -40.34 -55.81
C PRO D 508 32.79 -39.45 -57.00
N PHE D 509 31.76 -39.86 -57.80
CA PHE D 509 31.33 -39.05 -58.92
C PHE D 509 30.24 -38.04 -58.59
N THR D 510 29.71 -38.11 -57.33
CA THR D 510 28.62 -37.25 -56.91
C THR D 510 29.00 -36.59 -55.59
N ARG D 511 28.77 -37.27 -54.48
CA ARG D 511 28.89 -36.57 -53.22
C ARG D 511 30.32 -36.08 -52.97
N LEU D 512 31.35 -36.83 -53.40
CA LEU D 512 32.70 -36.42 -53.07
C LEU D 512 33.12 -35.17 -53.85
N ILE D 513 32.38 -34.81 -54.91
CA ILE D 513 32.65 -33.56 -55.58
C ILE D 513 32.21 -32.41 -54.66
N GLY D 514 33.22 -31.77 -54.06
CA GLY D 514 33.00 -30.66 -53.17
C GLY D 514 33.67 -30.88 -51.81
N GLY D 515 33.97 -32.15 -51.47
CA GLY D 515 34.65 -32.43 -50.20
C GLY D 515 34.53 -33.89 -49.75
N PRO D 516 35.43 -34.30 -48.85
CA PRO D 516 35.50 -35.67 -48.37
C PRO D 516 34.26 -36.03 -47.55
N MET D 517 34.05 -37.34 -47.47
CA MET D 517 32.96 -37.89 -46.66
C MET D 517 33.55 -38.78 -45.55
N ASP D 518 32.92 -38.72 -44.39
CA ASP D 518 33.11 -39.64 -43.27
C ASP D 518 32.18 -40.83 -43.52
N TYR D 519 32.64 -41.77 -44.35
CA TYR D 519 31.85 -42.88 -44.88
C TYR D 519 31.76 -44.01 -43.83
N THR D 520 32.77 -43.98 -42.90
CA THR D 520 33.01 -44.96 -41.84
C THR D 520 33.09 -46.37 -42.41
N PRO D 521 34.15 -46.65 -43.18
CA PRO D 521 34.41 -47.97 -43.72
C PRO D 521 35.05 -48.90 -42.69
N GLY D 522 35.46 -50.08 -43.20
CA GLY D 522 36.27 -51.02 -42.44
C GLY D 522 35.46 -52.03 -41.63
N ILE D 523 34.28 -52.43 -42.16
CA ILE D 523 33.47 -53.46 -41.56
C ILE D 523 34.04 -54.84 -41.92
N PHE D 524 34.18 -55.69 -40.91
CA PHE D 524 34.62 -57.06 -41.11
C PHE D 524 33.50 -58.00 -40.71
N GLU D 525 32.67 -57.69 -39.71
CA GLU D 525 31.50 -58.52 -39.42
C GLU D 525 30.29 -57.85 -40.07
N MET D 526 29.75 -58.47 -41.12
CA MET D 526 28.75 -57.83 -41.97
C MET D 526 27.34 -58.12 -41.46
N ASP D 527 27.20 -59.13 -40.59
CA ASP D 527 25.89 -59.58 -40.08
C ASP D 527 25.78 -59.13 -38.62
N VAL D 528 25.22 -57.93 -38.41
CA VAL D 528 25.41 -57.24 -37.14
C VAL D 528 24.32 -57.61 -36.15
N THR D 529 24.40 -57.02 -34.95
CA THR D 529 23.58 -57.46 -33.83
C THR D 529 22.09 -57.42 -34.19
N ASN D 530 21.62 -56.41 -34.93
CA ASN D 530 20.18 -56.23 -35.13
C ASN D 530 19.68 -56.99 -36.36
N GLY D 531 20.54 -57.80 -36.98
CA GLY D 531 20.14 -58.70 -38.05
C GLY D 531 20.48 -58.09 -39.41
N SER D 532 20.69 -56.77 -39.50
CA SER D 532 21.05 -56.13 -40.78
C SER D 532 22.32 -56.70 -41.42
N HIS D 533 22.38 -56.67 -42.75
CA HIS D 533 23.51 -57.26 -43.45
C HIS D 533 24.18 -56.21 -44.33
N VAL D 534 25.44 -55.90 -43.99
CA VAL D 534 26.25 -54.98 -44.78
C VAL D 534 26.59 -55.60 -46.14
N ASN D 535 26.27 -54.87 -47.22
CA ASN D 535 26.46 -55.30 -48.59
C ASN D 535 27.86 -55.00 -49.12
N ALA D 536 28.86 -55.66 -48.55
CA ALA D 536 30.23 -55.47 -48.97
C ALA D 536 31.01 -56.73 -48.62
N THR D 537 32.17 -56.92 -49.28
CA THR D 537 33.12 -57.91 -48.83
C THR D 537 34.18 -57.22 -47.99
N ILE D 538 35.00 -58.03 -47.32
CA ILE D 538 36.06 -57.48 -46.48
C ILE D 538 37.05 -56.70 -47.34
N ALA D 539 37.35 -57.24 -48.52
CA ALA D 539 38.36 -56.61 -49.37
C ALA D 539 37.84 -55.26 -49.80
N ASN D 540 36.53 -55.20 -50.04
CA ASN D 540 35.86 -53.97 -50.39
C ASN D 540 36.16 -52.93 -49.30
N GLN D 541 35.99 -53.33 -48.04
CA GLN D 541 36.04 -52.40 -46.93
C GLN D 541 37.48 -51.92 -46.69
N LEU D 542 38.46 -52.74 -47.07
CA LEU D 542 39.86 -52.32 -47.06
C LEU D 542 40.14 -51.31 -48.17
N ALA D 543 39.44 -51.44 -49.30
CA ALA D 543 39.75 -50.59 -50.45
C ALA D 543 39.23 -49.16 -50.26
N LEU D 544 38.19 -49.01 -49.43
CA LEU D 544 37.57 -47.72 -49.19
C LEU D 544 38.55 -46.73 -48.60
N TYR D 545 39.54 -47.16 -47.80
CA TYR D 545 40.57 -46.27 -47.29
C TYR D 545 41.33 -45.55 -48.41
N VAL D 546 41.26 -46.09 -49.64
CA VAL D 546 41.85 -45.43 -50.81
C VAL D 546 40.74 -44.93 -51.74
N THR D 547 39.63 -45.67 -51.99
CA THR D 547 38.65 -45.24 -52.99
C THR D 547 37.60 -44.23 -52.52
N MET D 548 37.45 -44.04 -51.20
CA MET D 548 36.63 -42.96 -50.65
C MET D 548 37.57 -42.02 -49.91
N TYR D 549 38.10 -41.04 -50.66
CA TYR D 549 39.14 -40.14 -50.20
C TYR D 549 38.59 -39.34 -49.02
N SER D 550 39.40 -39.24 -47.94
CA SER D 550 39.03 -38.53 -46.73
C SER D 550 40.27 -38.35 -45.85
N PRO D 551 40.48 -37.15 -45.26
CA PRO D 551 41.56 -36.93 -44.29
C PRO D 551 41.11 -37.47 -42.95
N LEU D 552 39.86 -37.96 -42.92
CA LEU D 552 39.27 -38.45 -41.68
C LEU D 552 38.72 -39.82 -42.01
N GLN D 553 39.41 -40.84 -41.52
CA GLN D 553 39.10 -42.22 -41.89
C GLN D 553 38.80 -43.05 -40.63
N MET D 554 37.56 -43.57 -40.60
CA MET D 554 37.18 -44.43 -39.52
C MET D 554 37.45 -45.89 -39.86
N ALA D 555 37.76 -46.64 -38.80
CA ALA D 555 37.65 -48.08 -38.81
C ALA D 555 36.49 -48.38 -37.87
N ALA D 556 35.32 -48.58 -38.50
CA ALA D 556 34.03 -48.50 -37.83
C ALA D 556 33.71 -49.72 -36.93
N ASP D 557 34.37 -50.88 -37.16
CA ASP D 557 33.99 -52.12 -36.52
C ASP D 557 34.54 -52.14 -35.10
N PHE D 558 34.23 -53.24 -34.39
CA PHE D 558 34.60 -53.37 -33.01
C PHE D 558 36.06 -53.85 -32.97
N PRO D 559 36.82 -53.47 -31.94
CA PRO D 559 38.20 -53.96 -31.80
C PRO D 559 38.29 -55.50 -31.86
N GLU D 560 37.34 -56.22 -31.22
CA GLU D 560 37.26 -57.69 -31.20
C GLU D 560 37.29 -58.23 -32.62
N ASN D 561 36.56 -57.54 -33.53
CA ASN D 561 36.39 -58.09 -34.88
C ASN D 561 37.69 -57.87 -35.62
N TYR D 562 38.38 -56.78 -35.30
CA TYR D 562 39.68 -56.55 -35.91
C TYR D 562 40.73 -57.54 -35.42
N GLU D 563 40.65 -57.94 -34.14
CA GLU D 563 41.63 -58.82 -33.56
C GLU D 563 41.49 -60.23 -34.16
N ARG D 564 40.27 -60.56 -34.60
CA ARG D 564 39.91 -61.87 -35.09
C ARG D 564 40.44 -62.03 -36.51
N PHE D 565 40.47 -60.91 -37.25
CA PHE D 565 41.01 -60.90 -38.60
C PHE D 565 42.21 -59.97 -38.66
N ALA D 566 43.19 -60.22 -37.78
CA ALA D 566 44.32 -59.32 -37.65
C ALA D 566 45.04 -59.22 -38.98
N ASP D 567 45.15 -60.33 -39.75
CA ASP D 567 45.94 -60.36 -40.97
C ASP D 567 45.43 -59.32 -41.98
N ALA D 568 44.10 -59.29 -42.19
CA ALA D 568 43.44 -58.33 -43.05
C ALA D 568 43.49 -56.90 -42.49
N PHE D 569 43.47 -56.79 -41.17
CA PHE D 569 43.46 -55.48 -40.53
C PHE D 569 44.76 -54.73 -40.80
N GLN D 570 45.79 -55.48 -41.22
CA GLN D 570 47.12 -54.90 -41.40
C GLN D 570 47.07 -53.77 -42.44
N PHE D 571 46.15 -53.88 -43.41
CA PHE D 571 46.02 -52.85 -44.41
C PHE D 571 45.52 -51.55 -43.77
N ILE D 572 44.50 -51.65 -42.93
CA ILE D 572 43.93 -50.49 -42.28
C ILE D 572 45.03 -49.82 -41.46
N LYS D 573 45.90 -50.61 -40.83
CA LYS D 573 46.91 -50.02 -39.98
C LYS D 573 47.96 -49.31 -40.82
N ASP D 574 48.32 -49.93 -41.97
CA ASP D 574 49.38 -49.43 -42.83
C ASP D 574 48.96 -48.17 -43.57
N VAL D 575 47.72 -48.07 -44.01
CA VAL D 575 47.33 -47.14 -45.06
C VAL D 575 47.39 -45.73 -44.49
N ALA D 576 47.82 -44.79 -45.34
CA ALA D 576 47.90 -43.40 -44.94
C ALA D 576 46.55 -42.68 -45.11
N VAL D 577 46.47 -41.48 -44.56
CA VAL D 577 45.25 -40.70 -44.66
C VAL D 577 45.48 -39.39 -45.39
N ASP D 578 46.70 -39.20 -45.91
CA ASP D 578 46.99 -37.98 -46.62
C ASP D 578 48.01 -38.30 -47.71
N TRP D 579 48.00 -37.55 -48.80
CA TRP D 579 48.62 -38.03 -50.03
C TRP D 579 49.42 -36.94 -50.73
N ASP D 580 50.52 -37.33 -51.37
CA ASP D 580 51.36 -36.41 -52.15
C ASP D 580 50.98 -36.52 -53.63
N ASP D 581 50.44 -37.66 -54.06
CA ASP D 581 49.97 -37.85 -55.42
C ASP D 581 48.80 -38.84 -55.48
N SER D 582 48.01 -38.79 -56.54
CA SER D 582 46.88 -39.70 -56.72
C SER D 582 46.66 -39.94 -58.21
N ARG D 583 46.42 -41.19 -58.58
CA ARG D 583 46.15 -41.55 -59.97
C ARG D 583 44.92 -42.44 -60.01
N TYR D 584 43.85 -41.95 -60.64
CA TYR D 584 42.69 -42.77 -60.92
C TYR D 584 43.03 -43.65 -62.11
N LEU D 585 43.12 -44.98 -61.91
CA LEU D 585 43.55 -45.87 -62.97
C LEU D 585 42.38 -46.38 -63.81
N GLU D 586 41.24 -46.60 -63.17
CA GLU D 586 40.06 -47.01 -63.88
C GLU D 586 38.90 -46.41 -63.13
N ALA D 587 37.82 -46.16 -63.87
CA ALA D 587 36.62 -45.63 -63.28
C ALA D 587 35.47 -45.69 -64.28
N GLU D 588 34.34 -46.15 -63.76
CA GLU D 588 33.12 -46.02 -64.52
C GLU D 588 32.02 -45.88 -63.48
N PRO D 589 31.29 -44.74 -63.41
CA PRO D 589 30.34 -44.55 -62.32
C PRO D 589 29.35 -45.72 -62.26
N GLY D 590 29.16 -46.25 -61.04
CA GLY D 590 28.20 -47.31 -60.80
C GLY D 590 28.74 -48.72 -61.09
N GLN D 591 30.00 -48.85 -61.55
CA GLN D 591 30.56 -50.16 -61.92
C GLN D 591 31.87 -50.46 -61.16
N TYR D 592 32.85 -49.56 -61.27
CA TYR D 592 34.10 -49.78 -60.54
C TYR D 592 34.90 -48.48 -60.47
N ILE D 593 35.85 -48.52 -59.53
CA ILE D 593 36.88 -47.50 -59.40
C ILE D 593 38.17 -48.14 -58.90
N THR D 594 39.27 -47.76 -59.52
CA THR D 594 40.60 -48.19 -59.09
C THR D 594 41.50 -46.96 -59.03
N VAL D 595 42.16 -46.78 -57.90
CA VAL D 595 42.97 -45.61 -57.72
C VAL D 595 44.14 -45.96 -56.83
N ALA D 596 45.24 -45.27 -57.06
CA ALA D 596 46.47 -45.42 -56.31
C ALA D 596 46.92 -44.06 -55.85
N ARG D 597 47.49 -44.03 -54.64
CA ARG D 597 47.87 -42.79 -53.99
C ARG D 597 49.18 -42.98 -53.23
N LYS D 598 50.03 -41.97 -53.27
CA LYS D 598 51.33 -41.97 -52.64
C LYS D 598 51.21 -41.27 -51.29
N ALA D 599 51.50 -41.98 -50.21
CA ALA D 599 51.39 -41.43 -48.87
C ALA D 599 52.27 -40.19 -48.74
N LYS D 600 51.71 -39.12 -48.15
CA LYS D 600 52.43 -37.86 -48.00
C LYS D 600 53.73 -38.09 -47.23
N GLY D 601 54.82 -37.48 -47.71
CA GLY D 601 56.13 -37.51 -47.06
C GLY D 601 56.89 -38.82 -47.32
N THR D 602 56.29 -39.77 -48.09
CA THR D 602 56.86 -41.10 -48.25
C THR D 602 57.02 -41.44 -49.73
N ASP D 603 57.64 -42.61 -49.96
CA ASP D 603 57.73 -43.20 -51.29
C ASP D 603 56.81 -44.41 -51.44
N ASN D 604 55.86 -44.54 -50.50
CA ASN D 604 54.96 -45.69 -50.38
C ASN D 604 53.65 -45.44 -51.11
N TRP D 605 53.10 -46.48 -51.74
CA TRP D 605 51.80 -46.34 -52.38
C TRP D 605 50.73 -47.25 -51.80
N PHE D 606 49.48 -46.85 -52.01
CA PHE D 606 48.33 -47.60 -51.57
C PHE D 606 47.30 -47.53 -52.68
N LEU D 607 46.71 -48.67 -52.96
CA LEU D 607 45.86 -48.82 -54.11
C LEU D 607 44.60 -49.46 -53.58
N GLY D 608 43.48 -48.97 -54.11
CA GLY D 608 42.24 -49.66 -53.86
C GLY D 608 41.40 -49.75 -55.13
N ASN D 609 40.58 -50.80 -55.11
CA ASN D 609 39.59 -51.04 -56.15
C ASN D 609 38.28 -51.33 -55.45
N VAL D 610 37.20 -50.79 -56.00
CA VAL D 610 35.91 -51.17 -55.48
C VAL D 610 35.07 -51.51 -56.68
N ASN D 611 34.22 -52.55 -56.55
CA ASN D 611 33.56 -53.06 -57.72
C ASN D 611 32.09 -53.26 -57.41
N GLY D 612 31.29 -53.11 -58.47
CA GLY D 612 29.85 -52.99 -58.38
C GLY D 612 29.16 -54.33 -58.49
N GLU D 613 27.95 -54.33 -59.09
CA GLU D 613 27.08 -55.48 -58.99
C GLU D 613 27.75 -56.65 -59.72
N THR D 614 28.48 -56.35 -60.81
CA THR D 614 28.96 -57.42 -61.70
C THR D 614 30.41 -57.69 -61.36
N ALA D 615 30.68 -58.95 -60.98
CA ALA D 615 32.03 -59.45 -60.76
C ALA D 615 32.88 -59.17 -61.99
N ARG D 616 34.18 -58.85 -61.79
CA ARG D 616 35.02 -58.31 -62.84
C ARG D 616 36.49 -58.57 -62.52
N VAL D 617 37.23 -58.95 -63.55
CA VAL D 617 38.68 -59.06 -63.51
C VAL D 617 39.25 -57.72 -63.98
N SER D 618 40.10 -57.14 -63.16
CA SER D 618 40.66 -55.84 -63.44
C SER D 618 42.11 -56.05 -63.86
N ASN D 619 42.62 -55.22 -64.81
CA ASN D 619 44.03 -55.15 -65.19
C ASN D 619 44.68 -53.83 -64.83
N ILE D 620 45.66 -53.91 -63.91
CA ILE D 620 46.24 -52.79 -63.21
C ILE D 620 47.53 -52.39 -63.92
N ASP D 621 47.53 -51.16 -64.45
CA ASP D 621 48.73 -50.47 -64.87
C ASP D 621 49.44 -50.04 -63.59
N LEU D 622 50.66 -50.55 -63.38
CA LEU D 622 51.50 -50.17 -62.27
C LEU D 622 52.55 -49.15 -62.69
N GLY D 623 52.34 -48.44 -63.81
CA GLY D 623 53.28 -47.44 -64.30
C GLY D 623 53.39 -46.19 -63.41
N PHE D 624 52.52 -46.02 -62.41
CA PHE D 624 52.65 -44.93 -61.47
C PHE D 624 53.83 -45.14 -60.50
N LEU D 625 54.33 -46.40 -60.46
CA LEU D 625 55.48 -46.69 -59.64
C LEU D 625 56.68 -46.13 -60.40
N GLU D 626 57.77 -45.93 -59.63
CA GLU D 626 59.03 -45.42 -60.11
C GLU D 626 59.75 -46.48 -60.92
N LYS D 627 60.21 -46.08 -62.12
CA LYS D 627 61.05 -46.88 -63.01
C LYS D 627 62.23 -47.48 -62.23
N GLY D 628 62.55 -48.76 -62.51
CA GLY D 628 63.75 -49.40 -62.03
C GLY D 628 63.75 -49.67 -60.52
N LYS D 629 62.63 -49.54 -59.83
CA LYS D 629 62.56 -49.80 -58.41
C LYS D 629 61.67 -51.02 -58.17
N LYS D 630 62.11 -51.91 -57.29
CA LYS D 630 61.31 -53.01 -56.81
C LYS D 630 60.44 -52.51 -55.66
N TYR D 631 59.20 -53.01 -55.61
CA TYR D 631 58.32 -52.81 -54.48
C TYR D 631 57.79 -54.15 -53.96
N THR D 632 57.78 -54.27 -52.62
CA THR D 632 57.02 -55.29 -51.88
C THR D 632 55.53 -54.89 -51.91
N ALA D 633 54.71 -55.69 -52.59
CA ALA D 633 53.27 -55.45 -52.60
C ALA D 633 52.58 -56.51 -51.74
N VAL D 634 51.67 -56.08 -50.87
CA VAL D 634 50.77 -57.01 -50.20
C VAL D 634 49.34 -56.79 -50.71
N ILE D 635 48.78 -57.80 -51.39
CA ILE D 635 47.48 -57.68 -52.01
C ILE D 635 46.44 -58.32 -51.10
N TYR D 636 45.46 -57.51 -50.71
CA TYR D 636 44.30 -57.96 -49.95
C TYR D 636 43.09 -57.99 -50.89
N ALA D 637 42.66 -59.21 -51.25
CA ALA D 637 41.72 -59.41 -52.34
C ALA D 637 40.50 -60.23 -51.90
N ASP D 638 39.47 -60.25 -52.74
CA ASP D 638 38.36 -61.19 -52.62
C ASP D 638 38.84 -62.60 -52.99
N ALA D 639 38.46 -63.61 -52.23
CA ALA D 639 38.53 -64.96 -52.76
C ALA D 639 37.60 -65.06 -53.98
N LYS D 640 37.88 -66.02 -54.86
CA LYS D 640 37.09 -66.26 -56.07
C LYS D 640 35.62 -66.51 -55.78
N ASP D 641 35.29 -67.12 -54.62
CA ASP D 641 33.90 -67.38 -54.30
C ASP D 641 33.27 -66.25 -53.45
N ALA D 642 33.99 -65.14 -53.18
CA ALA D 642 33.41 -64.08 -52.36
C ALA D 642 32.23 -63.44 -53.07
N ASN D 643 31.35 -62.88 -52.26
CA ASN D 643 30.16 -62.22 -52.77
C ASN D 643 29.62 -61.30 -51.65
N TYR D 644 29.15 -60.08 -51.94
CA TYR D 644 28.62 -59.13 -50.94
C TYR D 644 27.35 -59.62 -50.22
N LYS D 645 26.65 -60.65 -50.72
CA LYS D 645 25.43 -61.14 -50.08
C LYS D 645 25.73 -62.40 -49.25
N THR D 646 26.33 -63.45 -49.87
CA THR D 646 26.40 -64.78 -49.28
C THR D 646 27.81 -65.18 -48.80
N ASN D 647 28.86 -64.37 -48.94
CA ASN D 647 30.17 -64.86 -48.54
C ASN D 647 31.10 -63.68 -48.35
N THR D 648 30.84 -62.91 -47.32
CA THR D 648 31.41 -61.57 -47.27
C THR D 648 32.82 -61.54 -46.67
N GLN D 649 33.26 -62.63 -46.01
CA GLN D 649 34.53 -62.62 -45.27
C GLN D 649 35.60 -63.50 -45.94
N ALA D 650 35.39 -63.88 -47.19
CA ALA D 650 36.37 -64.66 -47.89
C ALA D 650 37.35 -63.70 -48.62
N TYR D 651 38.52 -63.52 -47.97
CA TYR D 651 39.60 -62.73 -48.50
C TYR D 651 40.86 -63.56 -48.63
N THR D 652 41.76 -63.10 -49.51
CA THR D 652 43.12 -63.64 -49.55
C THR D 652 44.08 -62.50 -49.27
N ILE D 653 45.30 -62.90 -48.89
CA ILE D 653 46.45 -62.03 -48.75
C ILE D 653 47.61 -62.80 -49.37
N ARG D 654 48.27 -62.18 -50.35
CA ARG D 654 49.55 -62.67 -50.81
C ARG D 654 50.52 -61.50 -50.97
N LYS D 655 51.81 -61.86 -50.85
CA LYS D 655 52.93 -60.95 -51.02
C LYS D 655 53.54 -61.26 -52.40
N VAL D 656 53.89 -60.22 -53.12
CA VAL D 656 54.60 -60.36 -54.38
C VAL D 656 55.48 -59.13 -54.55
N VAL D 657 56.63 -59.30 -55.21
CA VAL D 657 57.53 -58.19 -55.52
C VAL D 657 57.26 -57.72 -56.95
N VAL D 658 57.07 -56.39 -57.15
CA VAL D 658 56.76 -55.83 -58.46
C VAL D 658 57.67 -54.67 -58.86
N THR D 659 57.63 -54.32 -60.14
CA THR D 659 58.15 -53.07 -60.67
C THR D 659 57.04 -52.41 -61.47
N SER D 660 57.36 -51.21 -61.99
CA SER D 660 56.45 -50.45 -62.82
C SER D 660 56.02 -51.24 -64.06
N ASN D 661 56.87 -52.19 -64.45
CA ASN D 661 56.67 -52.98 -65.65
C ASN D 661 55.78 -54.19 -65.43
N SER D 662 55.52 -54.57 -64.16
CA SER D 662 54.87 -55.83 -63.85
C SER D 662 53.45 -55.90 -64.37
N LYS D 663 53.07 -57.12 -64.80
CA LYS D 663 51.72 -57.43 -65.25
C LYS D 663 50.95 -58.03 -64.08
N LEU D 664 49.86 -57.38 -63.67
CA LEU D 664 49.16 -57.76 -62.44
C LEU D 664 47.67 -57.59 -62.63
N SER D 665 46.90 -58.62 -62.29
CA SER D 665 45.51 -58.79 -62.67
C SER D 665 44.76 -59.26 -61.41
N GLN D 666 43.52 -58.79 -61.16
CA GLN D 666 42.81 -59.20 -59.93
C GLN D 666 41.28 -59.21 -60.12
N PHE D 667 40.71 -60.36 -59.72
CA PHE D 667 39.29 -60.56 -59.63
C PHE D 667 38.76 -59.65 -58.53
N SER D 668 37.62 -59.01 -58.82
CA SER D 668 36.83 -58.38 -57.80
C SER D 668 35.44 -59.02 -57.80
N ALA D 669 35.01 -59.42 -56.61
CA ALA D 669 33.67 -59.91 -56.42
C ALA D 669 32.66 -58.80 -56.68
N SER D 670 31.44 -59.29 -56.84
CA SER D 670 30.23 -58.52 -56.80
C SER D 670 30.16 -57.80 -55.44
N GLY D 671 30.20 -56.45 -55.48
CA GLY D 671 30.22 -55.66 -54.27
C GLY D 671 31.54 -55.83 -53.50
N GLY D 672 32.58 -56.28 -54.22
CA GLY D 672 33.87 -56.55 -53.61
C GLY D 672 34.88 -55.46 -53.97
N GLY D 673 36.12 -55.87 -54.22
CA GLY D 673 37.21 -54.92 -54.37
C GLY D 673 38.55 -55.51 -53.92
N TYR D 674 39.60 -54.69 -53.90
CA TYR D 674 40.90 -55.13 -53.41
C TYR D 674 41.72 -53.96 -52.90
N ALA D 675 42.75 -54.26 -52.11
CA ALA D 675 43.64 -53.26 -51.54
C ALA D 675 45.08 -53.77 -51.61
N ILE D 676 45.99 -52.86 -51.97
CA ILE D 676 47.41 -53.15 -52.06
C ILE D 676 48.25 -52.06 -51.40
N SER D 677 49.21 -52.48 -50.58
CA SER D 677 50.34 -51.67 -50.15
C SER D 677 51.56 -51.96 -51.01
N PHE D 678 52.29 -50.90 -51.35
CA PHE D 678 53.54 -50.97 -52.09
C PHE D 678 54.64 -50.23 -51.32
N TYR D 679 55.65 -50.97 -50.84
CA TYR D 679 56.79 -50.39 -50.15
C TYR D 679 58.05 -50.60 -50.99
N PRO D 680 58.80 -49.54 -51.32
CA PRO D 680 59.95 -49.73 -52.19
C PRO D 680 61.04 -50.50 -51.43
N VAL D 681 61.79 -51.30 -52.17
CA VAL D 681 63.00 -51.92 -51.67
C VAL D 681 64.15 -50.97 -51.94
N ALA D 682 64.94 -50.60 -50.94
CA ALA D 682 66.27 -50.04 -51.13
C ALA D 682 67.35 -51.14 -51.25
N ASP D 683 68.16 -51.12 -52.34
CA ASP D 683 69.16 -52.13 -52.68
C ASP D 683 70.26 -51.45 -53.50
N ALA D 684 71.38 -52.18 -53.77
CA ALA D 684 72.48 -51.74 -54.65
C ALA D 684 71.95 -51.59 -56.07
N ALA D 685 72.60 -50.78 -56.93
CA ALA D 685 71.91 -50.01 -57.96
C ALA D 685 71.75 -50.78 -59.29
C2 BGC E . -1.66 2.47 19.30
C3 BGC E . -3.03 2.43 19.96
C4 BGC E . -4.15 3.16 19.22
C5 BGC E . -4.36 2.48 17.87
C6 BGC E . -5.52 2.97 17.01
C1 BGC E . -2.01 2.03 17.89
O1 BGC E . -0.85 2.35 17.36
O2 BGC E . -0.57 1.79 20.00
O3 BGC E . -2.72 2.97 21.24
O4 BGC E . -5.30 3.01 20.09
O5 BGC E . -3.11 2.60 17.13
O6 BGC E . -5.89 4.34 17.29
C1 GLC E . -6.19 4.05 20.41
C2 GLC E . -5.86 4.77 21.71
C3 GLC E . -6.13 3.89 22.93
C4 GLC E . -7.61 3.48 22.79
C5 GLC E . -7.98 2.82 21.47
C6 GLC E . -9.48 2.77 21.24
O2 GLC E . -4.55 5.31 21.64
O3 GLC E . -5.84 4.53 24.19
O4 GLC E . -7.88 2.56 23.85
O5 GLC E . -7.56 3.64 20.41
O6 GLC E . -10.12 1.62 21.81
C1 GLC E . -11.28 1.89 22.56
C2 GLC E . -11.88 0.55 23.01
C3 GLC E . -12.20 -0.30 21.80
C4 GLC E . -13.26 0.50 21.08
C5 GLC E . -12.73 1.85 20.65
C6 GLC E . -13.89 2.68 20.17
O2 GLC E . -10.95 -0.20 23.79
O3 GLC E . -12.60 -1.61 22.19
O4 GLC E . -13.88 -0.19 20.02
O5 GLC E . -12.21 2.60 21.76
O6 GLC E . -14.76 3.08 21.28
C2 BGC F . -17.15 41.23 50.51
C3 BGC F . -17.93 40.51 49.41
C4 BGC F . -18.76 39.31 49.87
C5 BGC F . -19.50 39.48 51.21
C6 BGC F . -19.88 38.12 51.79
C1 BGC F . -18.06 41.37 51.74
O1 BGC F . -17.40 41.98 52.75
O2 BGC F . -16.62 42.46 49.99
O3 BGC F . -16.91 40.00 48.56
O4 BGC F . -19.64 38.97 48.76
O5 BGC F . -18.63 40.11 52.19
O6 BGC F . -18.66 37.47 52.26
C1 GLC F . -19.55 37.60 48.48
C2 GLC F . -18.59 37.20 47.36
C3 GLC F . -19.08 37.84 46.06
C4 GLC F . -20.54 37.39 45.76
C5 GLC F . -21.47 37.65 46.96
C6 GLC F . -22.77 36.90 46.89
O2 GLC F . -17.25 37.53 47.69
O3 GLC F . -18.22 37.56 44.94
O4 GLC F . -21.03 38.00 44.55
O5 GLC F . -20.86 37.14 48.14
O6 GLC F . -23.75 37.58 46.08
C1 GLC F . -24.47 36.72 45.25
C2 GLC F . -25.65 37.48 44.67
C3 GLC F . -26.61 37.76 45.81
C4 GLC F . -27.10 36.42 46.38
C5 GLC F . -25.90 35.67 46.98
C6 GLC F . -26.22 34.24 47.31
O2 GLC F . -25.24 38.61 43.88
O3 GLC F . -27.75 38.43 45.31
O4 GLC F . -28.14 36.53 47.34
O5 GLC F . -24.90 35.55 45.97
O6 GLC F . -26.87 33.61 46.23
C2 BGC G . 5.32 5.11 -36.93
C3 BGC G . 6.15 4.39 -35.85
C4 BGC G . 7.66 4.40 -36.24
C5 BGC G . 8.12 5.86 -36.50
C6 BGC G . 9.58 6.11 -36.84
C1 BGC G . 5.95 6.49 -37.33
O1 BGC G . 5.32 7.07 -38.42
O2 BGC G . 3.99 5.16 -36.44
O3 BGC G . 5.60 3.08 -35.62
O4 BGC G . 8.35 3.67 -35.17
O5 BGC G . 7.38 6.41 -37.62
O6 BGC G . 10.17 5.03 -37.59
C1 GLC G . 9.28 2.67 -35.48
C2 GLC G . 8.58 1.30 -35.40
C3 GLC G . 8.17 0.99 -33.95
C4 GLC G . 9.40 1.23 -33.03
C5 GLC G . 10.22 2.51 -33.24
C6 GLC G . 11.57 2.48 -32.53
O2 GLC G . 7.52 1.12 -36.35
O3 GLC G . 7.66 -0.36 -33.82
O4 GLC G . 8.99 1.24 -31.67
O5 GLC G . 10.46 2.72 -34.65
O6 GLC G . 11.47 2.61 -31.07
C1 GLC G . 12.35 1.79 -30.33
C2 GLC G . 12.45 2.22 -28.87
C3 GLC G . 13.02 3.59 -28.75
C4 GLC G . 14.39 3.43 -29.33
C5 GLC G . 14.39 2.96 -30.77
C6 GLC G . 15.77 2.57 -31.20
O2 GLC G . 11.25 2.17 -28.14
O3 GLC G . 12.96 3.86 -27.33
O4 GLC G . 15.25 4.56 -29.38
O5 GLC G . 13.64 1.75 -30.88
O6 GLC G . 16.22 1.38 -30.57
C2 BGC H . 15.90 -45.19 -41.15
C3 BGC H . 16.94 -44.14 -40.70
C4 BGC H . 17.07 -44.02 -39.16
C5 BGC H . 17.26 -45.38 -38.47
C6 BGC H . 17.35 -45.44 -36.94
C1 BGC H . 16.09 -46.45 -40.28
O1 BGC H . 15.08 -47.29 -40.69
O2 BGC H . 16.05 -45.46 -42.56
O3 BGC H . 16.70 -42.93 -41.44
O4 BGC H . 18.22 -43.14 -39.04
O5 BGC H . 16.14 -46.22 -38.82
O6 BGC H . 16.56 -44.43 -36.23
C1 GLC H . 18.02 -42.00 -38.28
C2 GLC H . 17.57 -40.74 -39.04
C3 GLC H . 18.73 -40.31 -39.92
C4 GLC H . 20.09 -40.09 -39.23
C5 GLC H . 20.41 -41.27 -38.30
C6 GLC H . 21.39 -40.93 -37.21
O2 GLC H . 16.34 -40.89 -39.78
O3 GLC H . 18.30 -39.13 -40.61
O4 GLC H . 21.15 -40.03 -40.21
O5 GLC H . 19.25 -41.72 -37.61
O6 GLC H . 22.72 -40.81 -37.75
C1 GLC H . 23.44 -39.66 -37.42
C2 GLC H . 24.91 -39.86 -37.83
C3 GLC H . 25.50 -41.08 -37.16
C4 GLC H . 25.42 -40.69 -35.70
C5 GLC H . 23.99 -40.44 -35.24
C6 GLC H . 23.98 -39.84 -33.85
O2 GLC H . 25.02 -39.97 -39.24
O3 GLC H . 26.84 -41.45 -37.49
O4 GLC H . 25.93 -41.76 -34.95
O5 GLC H . 23.29 -39.49 -36.03
O6 GLC H . 24.59 -38.61 -33.78
CA CA I . -8.77 0.60 24.94
C1 EDO J . -19.56 -9.09 42.27
O1 EDO J . -20.53 -9.37 41.22
C2 EDO J . -18.59 -10.14 42.72
O2 EDO J . -18.62 -11.47 42.10
C1 EDO K . -6.01 -0.21 13.15
O1 EDO K . -6.28 -0.52 11.75
C2 EDO K . -4.57 -0.58 13.55
O2 EDO K . -3.69 0.36 14.21
MG MG L . -3.06 -18.00 7.75
CA CA M . -22.89 39.02 43.50
C1 EDO N . -34.29 43.35 23.80
O1 EDO N . -34.92 44.44 24.49
C2 EDO N . -34.13 42.02 24.50
O2 EDO N . -35.32 41.23 24.46
CA CA O . 8.93 1.15 -29.27
C1 EDO P . 8.50 -6.36 -7.36
O1 EDO P . 8.10 -4.95 -6.95
C2 EDO P . 9.73 -6.55 -8.19
O2 EDO P . 11.01 -6.24 -7.55
C1 EDO Q . -0.62 12.18 -21.17
O1 EDO Q . -1.47 13.42 -20.96
C2 EDO Q . -0.94 11.30 -22.40
O2 EDO Q . -0.88 11.96 -23.76
MG MG R . 2.17 -11.97 8.17
MG MG S . 6.49 26.57 -28.16
CA CA T . 23.32 -39.86 -40.60
C1 EDO U . 41.46 -28.98 -48.70
O1 EDO U . 42.63 -28.07 -48.23
C2 EDO U . 41.43 -29.41 -50.18
O2 EDO U . 42.08 -30.68 -50.63
#